data_9AYV
#
_entry.id   9AYV
#
_cell.length_a   1.00
_cell.length_b   1.00
_cell.length_c   1.00
_cell.angle_alpha   90.00
_cell.angle_beta   90.00
_cell.angle_gamma   90.00
#
_symmetry.space_group_name_H-M   'P 1'
#
loop_
_entity.id
_entity.type
_entity.pdbx_description
1 polymer 'Rabbit Anti-Immune Complex pAb - Predicted Light Chain'
2 polymer 'Transmembrane protein gp41'
3 polymer 'Surface protein gp120'
4 polymer 'Rabbit V1/V3 Epitope pAb - Predicted Light Chain'
5 polymer 'Rabbit V1/V3 Epitope pAb - Predicted Heavy Chain'
6 branched 2-acetamido-2-deoxy-beta-D-glucopyranose-(1-4)-2-acetamido-2-deoxy-beta-D-glucopyranose
7 branched beta-D-mannopyranose-(1-4)-2-acetamido-2-deoxy-beta-D-glucopyranose-(1-4)-2-acetamido-2-deoxy-beta-D-glucopyranose
8 branched alpha-D-mannopyranose-(1-3)-[alpha-D-mannopyranose-(1-6)]beta-D-mannopyranose-(1-4)-2-acetamido-2-deoxy-beta-D-glucopyranose-(1-4)-2-acetamido-2-deoxy-beta-D-glucopyranose
9 branched alpha-D-mannopyranose-(1-6)-beta-D-mannopyranose-(1-4)-2-acetamido-2-deoxy-beta-D-glucopyranose-(1-4)-2-acetamido-2-deoxy-beta-D-glucopyranose
10 non-polymer 2-acetamido-2-deoxy-beta-D-glucopyranose
#
loop_
_entity_poly.entity_id
_entity_poly.type
_entity_poly.pdbx_seq_one_letter_code
_entity_poly.pdbx_strand_id
1 'polypeptide(L)'
;(UNK)(UNK)(UNK)(UNK)(UNK)(UNK)(UNK)(UNK)(UNK)(UNK)(UNK)(UNK)(UNK)(UNK)(UNK)(UNK)
(UNK)(UNK)(UNK)(UNK)(UNK)(UNK)(UNK)(UNK)(UNK)(UNK)(UNK)(UNK)(UNK)(UNK)(UNK)(UNK)
(UNK)(UNK)(UNK)(UNK)(UNK)(UNK)(UNK)(UNK)(UNK)(UNK)(UNK)(UNK)(UNK)(UNK)(UNK)(UNK)
(UNK)(UNK)(UNK)(UNK)(UNK)(UNK)(UNK)(UNK)(UNK)(UNK)(UNK)(UNK)(UNK)(UNK)(UNK)(UNK)
(UNK)(UNK)(UNK)(UNK)(UNK)(UNK)(UNK)(UNK)(UNK)(UNK)(UNK)(UNK)(UNK)(UNK)(UNK)(UNK)
(UNK)(UNK)(UNK)(UNK)(UNK)(UNK)(UNK)(UNK)(UNK)(UNK)(UNK)(UNK)(UNK)(UNK)(UNK)(UNK)
(UNK)(UNK)(UNK)(UNK)(UNK)(UNK)
;
J
2 'polypeptide(L)'
;RRAVGIGAVSLGFLGAAGSTMGAASMTLTVQARNLLSGIVQQQSNLLRAPECQQHLLKDTHWGIKQLQARVLAVEHYLRD
QQLLGIWGCSGKLICCTNVPWNSSWSNRNLSEIWDNMTWLQWDKEISNYTQIIYGLLEESQNQQEKNEQDLLALD
;
B,D,F
3 'polypeptide(L)'
;MDAMKRGLCCVLLLCGAVFVSPSQEIHARFRRGARAENLWVTVYYGVPVWKDAETTLFCASDAKAYETEKRNVWATHCCV
PTDPNPQEIHLENVTEEFNMWKNNMVEQMHEDIISLWDQSLKPCVKLTPLCVTLNCTNATASNSSIIEGMKNCSFNITTE
LRDKREKKNALFYKLDIVQLDGNSSQYRLINCNTSAITQACPKVSFEPIPIHYCAPAGFAILKCNNKTFTGTGPCNNVST
VQCTHGIKPVVSTQLLLNGSLAEGEIIIRSENITNNVKTILVHLNESVKIECTRPNNKTVTSIRIGPGQWFYAYGQVIGD
IREAYCNINESTWNETLGKVVKQLRKHFGNNTIIRFQPSSGGDLEVTTHSFNCGGEFFYCNTSGLFNSTWISNTSVQGSN
STGSNDSITLPCRIKQIINMWQRVGQAMYAPPIQGVIRCVSNITGLILTRDGGKNNTETFRPGGGDMRDNWRSELYKYKV
VKIEPLGVAPTRCKRRVVGRRRR
;
A,C,N
4 'polypeptide(L)'
;(UNK)(UNK)(UNK)(UNK)(UNK)(UNK)(UNK)(UNK)(UNK)(UNK)(UNK)(UNK)(UNK)(UNK)(UNK)(UNK)
(UNK)(UNK)(UNK)(UNK)(UNK)(UNK)(UNK)(UNK)(UNK)(UNK)(UNK)(UNK)(UNK)(UNK)(UNK)(UNK)
(UNK)(UNK)(UNK)(UNK)(UNK)(UNK)(UNK)(UNK)(UNK)(UNK)(UNK)(UNK)(UNK)(UNK)(UNK)(UNK)
(UNK)(UNK)(UNK)(UNK)(UNK)(UNK)(UNK)(UNK)(UNK)(UNK)(UNK)(UNK)(UNK)(UNK)(UNK)(UNK)
(UNK)(UNK)(UNK)(UNK)(UNK)(UNK)(UNK)(UNK)(UNK)(UNK)(UNK)(UNK)(UNK)(UNK)(UNK)(UNK)
(UNK)(UNK)(UNK)(UNK)(UNK)(UNK)(UNK)(UNK)(UNK)(UNK)(UNK)(UNK)(UNK)(UNK)(UNK)(UNK)
(UNK)
;
H,G
5 'polypeptide(L)'
;(UNK)(UNK)(UNK)(UNK)(UNK)(UNK)(UNK)(UNK)(UNK)(UNK)(UNK)(UNK)(UNK)(UNK)(UNK)(UNK)
(UNK)(UNK)(UNK)(UNK)(UNK)(UNK)(UNK)(UNK)(UNK)(UNK)(UNK)(UNK)(UNK)(UNK)(UNK)(UNK)
(UNK)(UNK)(UNK)(UNK)(UNK)(UNK)(UNK)(UNK)(UNK)(UNK)(UNK)(UNK)(UNK)(UNK)(UNK)(UNK)
(UNK)(UNK)(UNK)(UNK)(UNK)(UNK)(UNK)(UNK)(UNK)(UNK)(UNK)(UNK)(UNK)(UNK)(UNK)(UNK)
(UNK)(UNK)(UNK)(UNK)(UNK)(UNK)(UNK)(UNK)(UNK)(UNK)(UNK)(UNK)(UNK)(UNK)(UNK)(UNK)
(UNK)(UNK)(UNK)(UNK)(UNK)(UNK)(UNK)(UNK)(UNK)(UNK)(UNK)(UNK)(UNK)(UNK)(UNK)(UNK)
(UNK)(UNK)(UNK)(UNK)(UNK)(UNK)(UNK)(UNK)(UNK)(UNK)(UNK)(UNK)(UNK)
;
E
#
loop_
_chem_comp.id
_chem_comp.type
_chem_comp.name
_chem_comp.formula
BMA D-saccharide, beta linking beta-D-mannopyranose 'C6 H12 O6'
MAN D-saccharide, alpha linking alpha-D-mannopyranose 'C6 H12 O6'
NAG D-saccharide, beta linking 2-acetamido-2-deoxy-beta-D-glucopyranose 'C8 H15 N O6'
#
# COMPACT_ATOMS: atom_id res chain seq x y z
N UNK A 1 -58.91 -42.06 -43.02
CA UNK A 1 -57.77 -42.81 -42.43
C UNK A 1 -57.01 -43.62 -43.47
N UNK A 2 -57.70 -43.99 -44.56
CA UNK A 2 -57.06 -44.76 -45.61
C UNK A 2 -56.03 -43.90 -46.35
N UNK A 3 -54.97 -44.55 -46.82
CA UNK A 3 -53.88 -43.90 -47.52
C UNK A 3 -53.87 -44.31 -49.00
N UNK A 4 -53.06 -43.59 -49.78
CA UNK A 4 -52.98 -43.84 -51.22
C UNK A 4 -51.60 -43.43 -51.73
N UNK A 5 -51.23 -44.00 -52.87
CA UNK A 5 -49.92 -43.77 -53.45
C UNK A 5 -50.00 -43.94 -54.96
N UNK A 6 -48.92 -43.54 -55.64
CA UNK A 6 -48.84 -43.66 -57.09
C UNK A 6 -47.37 -43.81 -57.48
N UNK A 7 -47.14 -44.37 -58.68
CA UNK A 7 -45.80 -44.57 -59.17
C UNK A 7 -45.84 -44.70 -60.68
N UNK A 8 -44.67 -44.51 -61.31
CA UNK A 8 -44.54 -44.58 -62.76
C UNK A 8 -43.14 -45.06 -63.12
N UNK A 9 -43.03 -45.69 -64.29
CA UNK A 9 -41.75 -46.21 -64.74
C UNK A 9 -40.79 -45.09 -65.08
N UNK A 10 -39.51 -45.31 -64.81
CA UNK A 10 -38.47 -44.31 -65.05
C UNK A 10 -37.24 -44.84 -65.77
N UNK A 11 -36.93 -46.14 -65.68
CA UNK A 11 -35.70 -46.73 -66.24
C UNK A 11 -34.52 -46.01 -65.59
N UNK A 12 -33.48 -45.63 -66.34
CA UNK A 12 -32.37 -44.84 -65.82
C UNK A 12 -32.65 -43.37 -66.13
N UNK A 13 -32.97 -42.60 -65.10
CA UNK A 13 -33.35 -41.20 -65.27
C UNK A 13 -33.39 -40.54 -63.89
N UNK A 14 -33.88 -39.31 -63.86
CA UNK A 14 -34.22 -38.67 -62.60
C UNK A 14 -35.60 -39.13 -62.13
N UNK A 15 -35.70 -39.42 -60.84
CA UNK A 15 -36.93 -39.99 -60.30
C UNK A 15 -38.05 -38.95 -60.25
N UNK A 16 -39.26 -39.42 -60.49
CA UNK A 16 -40.45 -38.60 -60.35
C UNK A 16 -40.81 -38.45 -58.87
N UNK A 17 -41.76 -37.55 -58.59
CA UNK A 17 -42.20 -37.36 -57.22
C UNK A 17 -42.87 -38.62 -56.67
N UNK A 18 -43.73 -39.25 -57.47
CA UNK A 18 -44.50 -40.43 -57.04
C UNK A 18 -45.27 -40.12 -55.75
N UNK A 19 -46.08 -39.06 -55.81
CA UNK A 19 -46.66 -38.49 -54.61
C UNK A 19 -47.66 -39.43 -53.96
N UNK A 20 -47.67 -39.42 -52.63
CA UNK A 20 -48.64 -40.16 -51.85
C UNK A 20 -49.86 -39.30 -51.58
N UNK A 21 -50.91 -39.93 -51.05
CA UNK A 21 -52.15 -39.22 -50.72
C UNK A 21 -52.90 -40.03 -49.68
N UNK A 22 -53.78 -39.34 -48.96
CA UNK A 22 -54.50 -39.98 -47.86
C UNK A 22 -55.86 -39.30 -47.67
N UNK A 23 -56.76 -40.05 -47.03
CA UNK A 23 -58.10 -39.53 -46.76
C UNK A 23 -58.09 -38.58 -45.57
N UNK A 24 -57.25 -38.85 -44.57
CA UNK A 24 -57.20 -38.09 -43.32
C UNK A 24 -55.93 -37.25 -43.29
N UNK A 25 -56.11 -35.93 -43.20
CA UNK A 25 -54.99 -35.01 -43.09
C UNK A 25 -54.71 -34.70 -41.62
N UNK A 26 -53.44 -34.45 -41.32
CA UNK A 26 -53.03 -34.24 -39.93
C UNK A 26 -51.70 -33.50 -39.91
N UNK A 27 -51.40 -32.93 -38.73
CA UNK A 27 -50.09 -32.33 -38.47
C UNK A 27 -49.08 -33.33 -37.92
N UNK A 28 -49.48 -34.56 -37.67
CA UNK A 28 -48.56 -35.58 -37.16
C UNK A 28 -47.51 -35.90 -38.20
N UNK A 29 -46.32 -36.29 -37.73
CA UNK A 29 -45.22 -36.61 -38.63
C UNK A 29 -45.58 -37.80 -39.50
N UNK A 30 -45.32 -37.68 -40.80
CA UNK A 30 -45.62 -38.72 -41.77
C UNK A 30 -44.52 -38.75 -42.81
N UNK A 31 -44.08 -39.95 -43.15
CA UNK A 31 -43.03 -40.13 -44.15
C UNK A 31 -43.08 -41.57 -44.65
N UNK A 32 -42.34 -41.81 -45.73
CA UNK A 32 -42.33 -43.11 -46.37
C UNK A 32 -40.96 -43.37 -46.98
N UNK A 33 -40.69 -44.66 -47.21
CA UNK A 33 -39.47 -45.06 -47.87
C UNK A 33 -39.68 -46.43 -48.50
N UNK A 34 -38.83 -46.75 -49.47
CA UNK A 34 -38.98 -47.95 -50.29
C UNK A 34 -38.08 -49.07 -49.79
N UNK A 35 -38.49 -50.30 -50.08
CA UNK A 35 -37.74 -51.49 -49.70
C UNK A 35 -38.10 -52.63 -50.63
N UNK A 36 -37.14 -53.54 -50.83
CA UNK A 36 -37.35 -54.69 -51.70
C UNK A 36 -36.32 -55.76 -51.36
N UNK A 37 -36.59 -56.97 -51.84
CA UNK A 37 -35.72 -58.13 -51.60
C UNK A 37 -35.54 -58.38 -50.10
N UNK A 38 -36.65 -58.34 -49.38
CA UNK A 38 -36.67 -58.56 -47.93
C UNK A 38 -35.78 -57.56 -47.20
N UNK A 39 -35.87 -56.30 -47.61
CA UNK A 39 -35.09 -55.21 -47.01
C UNK A 39 -35.99 -54.33 -46.15
N UNK A 40 -35.35 -53.52 -45.31
CA UNK A 40 -36.06 -52.54 -44.50
C UNK A 40 -35.97 -51.16 -45.14
N UNK A 41 -37.09 -50.47 -45.19
CA UNK A 41 -37.15 -49.15 -45.80
C UNK A 41 -36.34 -48.15 -44.98
N UNK A 42 -35.79 -47.16 -45.67
CA UNK A 42 -34.94 -46.18 -45.02
C UNK A 42 -35.75 -45.25 -44.12
N UNK A 43 -35.05 -44.58 -43.22
CA UNK A 43 -35.70 -43.63 -42.34
C UNK A 43 -35.79 -42.26 -43.00
N UNK A 44 -37.01 -41.73 -43.07
CA UNK A 44 -37.25 -40.40 -43.61
C UNK A 44 -38.36 -39.76 -42.78
N UNK A 45 -38.42 -38.43 -42.82
CA UNK A 45 -39.37 -37.72 -41.97
C UNK A 45 -39.94 -36.51 -42.70
N UNK A 46 -41.22 -36.27 -42.47
CA UNK A 46 -41.87 -35.04 -42.93
C UNK A 46 -43.06 -34.77 -42.02
N UNK A 47 -43.27 -33.49 -41.74
CA UNK A 47 -44.34 -33.05 -40.85
C UNK A 47 -44.72 -31.63 -41.25
N UNK A 48 -45.77 -31.11 -40.59
CA UNK A 48 -46.45 -29.90 -41.04
C UNK A 48 -45.51 -28.71 -41.23
N UNK A 49 -44.43 -28.66 -40.47
CA UNK A 49 -43.40 -27.64 -40.64
C UNK A 49 -42.01 -28.25 -40.46
N UNK A 50 -41.80 -29.43 -41.03
CA UNK A 50 -40.51 -30.09 -40.88
C UNK A 50 -40.30 -31.09 -42.00
N UNK A 51 -39.02 -31.36 -42.28
CA UNK A 51 -38.63 -32.39 -43.23
C UNK A 51 -37.23 -32.86 -42.85
N UNK A 52 -36.93 -34.11 -43.21
CA UNK A 52 -35.63 -34.68 -42.94
C UNK A 52 -35.40 -35.84 -43.90
N UNK A 53 -34.38 -35.68 -44.75
CA UNK A 53 -34.04 -36.68 -45.75
C UNK A 53 -33.38 -37.89 -45.10
N UNK A 54 -33.44 -39.02 -45.80
CA UNK A 54 -32.77 -40.22 -45.35
C UNK A 54 -31.27 -40.14 -45.62
N UNK A 55 -30.52 -41.02 -44.96
CA UNK A 55 -29.10 -41.15 -45.28
C UNK A 55 -28.91 -41.62 -46.72
N UNK A 56 -29.83 -42.45 -47.21
CA UNK A 56 -29.79 -42.85 -48.61
C UNK A 56 -30.26 -41.71 -49.50
N UNK A 57 -29.58 -41.55 -50.64
CA UNK A 57 -29.92 -40.56 -51.67
C UNK A 57 -29.82 -39.15 -51.05
N UNK A 58 -30.36 -38.12 -51.70
CA UNK A 58 -30.24 -36.73 -51.25
C UNK A 58 -31.52 -35.94 -51.48
N UNK A 59 -32.68 -36.49 -51.12
CA UNK A 59 -33.96 -35.87 -51.44
C UNK A 59 -34.87 -35.82 -50.23
N UNK A 60 -35.72 -34.79 -50.18
CA UNK A 60 -36.79 -34.67 -49.21
C UNK A 60 -37.70 -33.53 -49.63
N UNK A 61 -39.01 -33.79 -49.67
CA UNK A 61 -39.97 -32.76 -50.04
C UNK A 61 -41.36 -33.23 -49.65
N UNK A 62 -42.29 -32.27 -49.63
CA UNK A 62 -43.67 -32.54 -49.25
C UNK A 62 -44.60 -31.57 -49.95
N UNK A 63 -45.87 -31.94 -50.02
CA UNK A 63 -46.90 -31.12 -50.64
C UNK A 63 -48.17 -31.20 -49.81
N UNK A 64 -49.15 -30.37 -50.17
CA UNK A 64 -50.41 -30.33 -49.45
C UNK A 64 -51.13 -31.67 -49.58
N UNK A 65 -51.24 -32.37 -48.45
CA UNK A 65 -51.85 -33.71 -48.41
C UNK A 65 -51.14 -34.68 -49.36
N UNK A 66 -49.82 -34.56 -49.46
CA UNK A 66 -49.07 -35.45 -50.35
C UNK A 66 -47.58 -35.31 -50.08
N UNK A 67 -46.86 -36.43 -50.28
CA UNK A 67 -45.41 -36.43 -50.29
C UNK A 67 -44.91 -36.07 -51.68
N UNK A 68 -43.68 -35.52 -51.73
CA UNK A 68 -43.14 -35.05 -53.01
C UNK A 68 -41.63 -35.28 -53.18
N UNK A 69 -40.99 -36.13 -52.38
CA UNK A 69 -39.55 -36.30 -52.47
C UNK A 69 -39.16 -37.00 -53.76
N UNK A 70 -38.03 -36.57 -54.35
CA UNK A 70 -37.56 -37.14 -55.60
C UNK A 70 -36.06 -36.94 -55.73
N UNK A 71 -35.41 -37.91 -56.37
CA UNK A 71 -33.97 -37.94 -56.56
C UNK A 71 -33.64 -38.58 -57.91
N UNK A 72 -32.40 -39.04 -58.09
CA UNK A 72 -32.04 -39.81 -59.27
C UNK A 72 -32.67 -41.20 -59.18
N UNK A 73 -33.21 -41.66 -60.31
CA UNK A 73 -33.80 -43.01 -60.40
C UNK A 73 -32.73 -43.99 -60.88
N UNK A 74 -31.85 -44.35 -59.95
CA UNK A 74 -30.74 -45.26 -60.20
C UNK A 74 -31.08 -46.60 -59.56
N UNK A 75 -31.67 -47.49 -60.35
CA UNK A 75 -32.15 -48.81 -59.89
C UNK A 75 -33.11 -48.56 -58.73
N UNK A 76 -33.06 -49.35 -57.65
CA UNK A 76 -33.91 -49.12 -56.46
C UNK A 76 -35.39 -49.14 -56.81
N UNK A 77 -35.77 -50.07 -57.71
CA UNK A 77 -37.17 -50.23 -58.10
C UNK A 77 -37.91 -50.97 -57.00
N UNK A 78 -38.22 -50.23 -55.93
CA UNK A 78 -38.85 -50.77 -54.73
C UNK A 78 -40.11 -49.98 -54.40
N UNK A 79 -41.00 -50.61 -53.64
CA UNK A 79 -42.29 -50.05 -53.31
C UNK A 79 -42.25 -49.37 -51.95
N UNK A 80 -42.86 -48.17 -51.88
CA UNK A 80 -42.96 -47.40 -50.66
C UNK A 80 -44.41 -47.05 -50.41
N UNK A 81 -44.79 -46.99 -49.14
CA UNK A 81 -46.15 -46.71 -48.74
C UNK A 81 -46.15 -45.65 -47.63
N UNK A 82 -47.25 -44.90 -47.56
CA UNK A 82 -47.35 -43.83 -46.58
C UNK A 82 -47.44 -44.39 -45.17
N UNK A 83 -47.04 -43.57 -44.20
CA UNK A 83 -47.16 -43.92 -42.79
C UNK A 83 -47.20 -42.64 -41.97
N UNK A 84 -47.73 -42.76 -40.75
CA UNK A 84 -47.84 -41.63 -39.84
C UNK A 84 -47.44 -42.06 -38.45
N UNK A 85 -46.83 -41.13 -37.72
CA UNK A 85 -46.39 -41.34 -36.34
C UNK A 85 -47.09 -40.33 -35.45
N UNK A 86 -47.78 -40.82 -34.43
CA UNK A 86 -48.38 -39.91 -33.45
C UNK A 86 -47.29 -39.12 -32.73
N UNK A 87 -46.19 -39.77 -32.38
CA UNK A 87 -45.06 -39.10 -31.76
C UNK A 87 -43.85 -40.02 -31.82
N UNK A 88 -42.67 -39.40 -31.89
CA UNK A 88 -41.40 -40.11 -31.78
C UNK A 88 -41.23 -41.17 -32.87
N UNK A 89 -41.81 -40.91 -34.05
CA UNK A 89 -41.56 -41.72 -35.24
C UNK A 89 -41.92 -43.19 -35.04
N UNK A 90 -43.05 -43.45 -34.37
CA UNK A 90 -43.49 -44.83 -34.20
C UNK A 90 -43.83 -45.46 -35.55
N UNK A 91 -44.39 -44.67 -36.47
CA UNK A 91 -44.79 -45.15 -37.80
C UNK A 91 -45.80 -46.28 -37.69
N UNK A 92 -46.69 -46.17 -36.70
CA UNK A 92 -47.74 -47.16 -36.51
C UNK A 92 -48.86 -46.97 -37.52
N UNK A 93 -49.60 -48.05 -37.76
CA UNK A 93 -50.70 -48.04 -38.71
C UNK A 93 -50.24 -47.60 -40.09
N UNK A 94 -49.04 -48.04 -40.48
CA UNK A 94 -48.49 -47.68 -41.77
C UNK A 94 -49.34 -48.27 -42.89
N UNK A 95 -49.37 -47.56 -44.01
CA UNK A 95 -50.24 -47.93 -45.11
C UNK A 95 -49.72 -49.16 -45.83
N UNK A 96 -50.66 -49.94 -46.38
CA UNK A 96 -50.35 -50.95 -47.37
C UNK A 96 -50.44 -50.44 -48.80
N UNK A 97 -50.85 -49.17 -48.99
CA UNK A 97 -50.98 -48.59 -50.33
C UNK A 97 -49.58 -48.27 -50.87
N UNK A 98 -48.88 -49.33 -51.26
CA UNK A 98 -47.53 -49.24 -51.76
C UNK A 98 -47.51 -49.15 -53.28
N UNK A 99 -46.49 -48.49 -53.81
CA UNK A 99 -46.33 -48.35 -55.25
C UNK A 99 -44.84 -48.23 -55.55
N UNK A 100 -44.44 -48.78 -56.71
CA UNK A 100 -43.04 -48.83 -57.11
C UNK A 100 -42.90 -48.36 -58.55
N UNK A 101 -41.71 -47.87 -58.87
CA UNK A 101 -41.38 -47.46 -60.23
C UNK A 101 -40.59 -48.56 -60.93
N UNK A 102 -40.94 -48.79 -62.20
CA UNK A 102 -40.26 -49.79 -63.03
C UNK A 102 -39.44 -49.09 -64.11
N GLY B 12 -0.32 -1.47 37.99
CA GLY B 12 -1.30 -0.60 38.61
C GLY B 12 -1.30 0.80 38.01
N PHE B 13 -1.04 0.88 36.71
CA PHE B 13 -1.04 2.15 36.01
C PHE B 13 -2.42 2.78 36.09
N LEU B 14 -2.48 4.03 36.55
CA LEU B 14 -3.72 4.71 36.94
C LEU B 14 -4.43 4.00 38.09
N GLY B 15 -3.76 3.09 38.78
CA GLY B 15 -4.38 2.41 39.89
C GLY B 15 -4.71 3.37 41.02
N ALA B 16 -5.87 3.14 41.63
CA ALA B 16 -6.37 3.98 42.72
C ALA B 16 -6.55 5.43 42.29
N ALA B 17 -6.82 5.67 41.01
CA ALA B 17 -7.04 7.04 40.55
C ALA B 17 -8.26 7.65 41.21
N GLY B 18 -9.24 6.83 41.57
CA GLY B 18 -10.43 7.28 42.27
C GLY B 18 -10.40 7.09 43.77
N SER B 19 -9.24 6.83 44.35
CA SER B 19 -9.17 6.56 45.78
C SER B 19 -9.12 7.84 46.61
N THR B 20 -8.00 8.58 46.52
CA THR B 20 -7.79 9.73 47.39
C THR B 20 -6.54 10.47 46.95
N MET B 21 -6.60 11.79 47.01
CA MET B 21 -5.43 12.60 46.69
C MET B 21 -4.43 12.62 47.83
N GLY B 22 -4.88 12.50 49.07
CA GLY B 22 -3.96 12.55 50.19
C GLY B 22 -2.97 11.42 50.21
N ALA B 23 -3.42 10.21 49.89
CA ALA B 23 -2.61 8.99 49.94
C ALA B 23 -2.34 8.45 48.55
N ALA B 24 -2.06 9.35 47.61
CA ALA B 24 -1.62 8.92 46.29
C ALA B 24 -0.32 8.12 46.39
N SER B 25 0.68 8.69 47.08
CA SER B 25 1.87 7.97 47.53
C SER B 25 2.58 7.20 46.40
N MET B 26 2.61 5.86 46.45
CA MET B 26 3.36 5.09 45.47
C MET B 26 2.86 5.33 44.05
N THR B 27 1.60 5.72 43.90
CA THR B 27 1.06 6.00 42.57
C THR B 27 1.88 7.07 41.87
N LEU B 28 2.44 8.02 42.63
CA LEU B 28 3.27 9.07 42.03
C LEU B 28 4.44 8.46 41.27
N THR B 29 5.02 7.38 41.79
CA THR B 29 6.03 6.66 41.04
C THR B 29 5.42 6.01 39.80
N VAL B 30 4.30 5.32 39.96
CA VAL B 30 3.79 4.41 38.93
C VAL B 30 3.52 5.17 37.64
N GLN B 31 2.86 6.33 37.75
CA GLN B 31 2.58 7.10 36.54
C GLN B 31 3.89 7.60 35.93
N ALA B 32 4.80 8.08 36.76
CA ALA B 32 5.94 8.84 36.26
C ALA B 32 6.85 7.98 35.37
N ARG B 33 6.81 6.67 35.55
CA ARG B 33 7.65 5.76 34.77
C ARG B 33 6.92 5.08 33.62
N ASN B 34 5.61 5.31 33.46
CA ASN B 34 4.83 4.73 32.38
C ASN B 34 4.27 5.77 31.41
N LEU B 35 4.93 6.93 31.31
CA LEU B 35 4.49 8.00 30.40
C LEU B 35 5.60 8.41 29.44
N LEU B 36 6.59 7.56 29.23
CA LEU B 36 7.77 7.95 28.47
C LEU B 36 8.40 6.72 27.84
N SER B 37 9.68 6.84 27.47
CA SER B 37 10.49 5.78 26.88
C SER B 37 10.47 4.46 27.65
N GLY B 38 10.10 4.46 28.92
CA GLY B 38 10.06 3.22 29.68
C GLY B 38 9.06 2.20 29.16
N ILE B 39 8.14 2.64 28.30
CA ILE B 39 7.20 1.76 27.62
C ILE B 39 7.42 1.86 26.11
N VAL B 40 7.91 3.01 25.62
CA VAL B 40 8.13 3.13 24.19
C VAL B 40 9.30 2.25 23.75
N GLN B 41 10.19 1.89 24.69
CA GLN B 41 11.17 0.86 24.37
C GLN B 41 10.48 -0.46 24.03
N GLN B 42 9.47 -0.83 24.83
CA GLN B 42 8.71 -2.04 24.52
C GLN B 42 7.99 -1.90 23.20
N GLN B 43 7.41 -0.74 22.94
CA GLN B 43 6.72 -0.51 21.67
C GLN B 43 7.68 -0.62 20.50
N SER B 44 8.90 -0.07 20.64
CA SER B 44 9.86 -0.10 19.54
C SER B 44 10.40 -1.49 19.30
N ASN B 45 10.68 -2.24 20.38
CA ASN B 45 11.12 -3.63 20.19
C ASN B 45 10.03 -4.46 19.54
N LEU B 46 8.78 -4.28 19.96
CA LEU B 46 7.67 -4.95 19.29
C LEU B 46 7.59 -4.55 17.83
N LEU B 47 7.76 -3.26 17.54
CA LEU B 47 7.68 -2.76 16.17
C LEU B 47 8.77 -3.37 15.29
N ARG B 48 10.00 -3.38 15.78
CA ARG B 48 11.14 -3.90 15.02
C ARG B 48 11.07 -5.41 14.88
N ALA B 49 10.49 -6.10 15.86
CA ALA B 49 10.58 -7.56 15.94
C ALA B 49 10.21 -8.30 14.66
N PRO B 50 9.10 -8.01 13.99
CA PRO B 50 8.79 -8.70 12.72
C PRO B 50 9.50 -8.12 11.49
N GLU B 51 10.48 -7.24 11.67
CA GLU B 51 11.16 -6.57 10.55
C GLU B 51 10.13 -5.85 9.68
N CYS B 52 9.42 -4.90 10.29
CA CYS B 52 8.39 -4.13 9.61
C CYS B 52 8.94 -2.84 9.01
N GLN B 53 10.25 -2.61 9.09
CA GLN B 53 10.80 -1.32 8.69
C GLN B 53 10.48 -1.01 7.24
N GLN B 54 10.55 -2.02 6.37
CA GLN B 54 10.16 -1.83 4.97
C GLN B 54 8.75 -1.27 4.85
N HIS B 55 7.80 -1.82 5.60
CA HIS B 55 6.46 -1.24 5.62
C HIS B 55 6.52 0.21 6.09
N LEU B 56 7.24 0.47 7.18
CA LEU B 56 7.41 1.85 7.66
C LEU B 56 7.97 2.75 6.57
N LEU B 57 8.75 2.19 5.66
CA LEU B 57 9.26 2.93 4.52
C LEU B 57 8.28 2.94 3.36
N LYS B 58 7.64 1.81 3.05
CA LYS B 58 6.73 1.80 1.91
C LYS B 58 5.50 2.65 2.20
N ASP B 59 4.79 2.32 3.27
CA ASP B 59 3.65 3.11 3.73
C ASP B 59 4.23 4.30 4.46
N THR B 60 4.67 5.30 3.68
CA THR B 60 5.34 6.46 4.26
C THR B 60 4.45 7.18 5.25
N HIS B 61 3.17 7.35 4.91
CA HIS B 61 2.26 8.12 5.75
C HIS B 61 2.17 7.53 7.15
N TRP B 62 2.09 6.21 7.24
CA TRP B 62 2.10 5.55 8.54
C TRP B 62 3.41 5.84 9.28
N GLY B 63 4.53 5.87 8.55
CA GLY B 63 5.79 6.16 9.19
C GLY B 63 5.83 7.56 9.78
N ILE B 64 5.38 8.55 9.02
CA ILE B 64 5.39 9.92 9.54
C ILE B 64 4.44 10.04 10.71
N LYS B 65 3.32 9.31 10.69
CA LYS B 65 2.41 9.35 11.83
C LYS B 65 3.07 8.77 13.08
N GLN B 66 3.79 7.64 12.94
CA GLN B 66 4.47 7.07 14.09
C GLN B 66 5.52 8.00 14.65
N LEU B 67 6.32 8.61 13.76
CA LEU B 67 7.32 9.56 14.24
C LEU B 67 6.67 10.76 14.91
N GLN B 68 5.52 11.21 14.39
CA GLN B 68 4.78 12.29 15.03
C GLN B 68 4.39 11.91 16.45
N ALA B 69 3.85 10.70 16.63
CA ALA B 69 3.45 10.26 17.95
C ALA B 69 4.64 10.23 18.91
N ARG B 70 5.75 9.63 18.47
CA ARG B 70 6.90 9.53 19.36
C ARG B 70 7.45 10.90 19.73
N VAL B 71 7.61 11.80 18.75
CA VAL B 71 8.19 13.09 19.07
C VAL B 71 7.26 13.89 19.96
N LEU B 72 5.94 13.76 19.77
CA LEU B 72 5.02 14.48 20.64
C LEU B 72 5.10 13.97 22.07
N ALA B 73 5.20 12.65 22.25
CA ALA B 73 5.36 12.12 23.60
C ALA B 73 6.63 12.65 24.24
N VAL B 74 7.73 12.64 23.49
CA VAL B 74 8.99 13.16 24.01
C VAL B 74 8.85 14.64 24.37
N GLU B 75 8.19 15.40 23.50
CA GLU B 75 8.02 16.83 23.73
C GLU B 75 7.23 17.09 24.99
N HIS B 76 6.18 16.31 25.24
CA HIS B 76 5.40 16.52 26.45
C HIS B 76 6.19 16.16 27.70
N TYR B 77 6.97 15.07 27.64
CA TYR B 77 7.77 14.72 28.80
C TYR B 77 8.79 15.81 29.11
N LEU B 78 9.42 16.36 28.08
CA LEU B 78 10.35 17.47 28.28
C LEU B 78 9.64 18.73 28.74
N ARG B 79 8.42 18.95 28.26
CA ARG B 79 7.55 19.98 28.83
C ARG B 79 7.53 19.88 30.34
N ASP B 80 7.22 18.68 30.82
CA ASP B 80 7.03 18.49 32.24
C ASP B 80 8.33 18.63 33.00
N GLN B 81 9.41 18.07 32.47
CA GLN B 81 10.70 18.18 33.15
C GLN B 81 11.18 19.62 33.21
N GLN B 82 10.99 20.40 32.15
CA GLN B 82 11.39 21.79 32.20
C GLN B 82 10.58 22.56 33.23
N LEU B 83 9.26 22.31 33.27
CA LEU B 83 8.44 23.03 34.24
C LEU B 83 8.83 22.69 35.67
N LEU B 84 9.15 21.41 35.93
CA LEU B 84 9.66 21.08 37.26
C LEU B 84 11.02 21.72 37.52
N GLY B 85 11.89 21.76 36.51
CA GLY B 85 13.23 22.27 36.72
C GLY B 85 13.25 23.75 37.03
N ILE B 86 12.45 24.53 36.29
CA ILE B 86 12.42 25.97 36.52
C ILE B 86 11.80 26.31 37.87
N TRP B 87 11.09 25.37 38.49
CA TRP B 87 10.50 25.59 39.80
C TRP B 87 11.40 25.12 40.94
N GLY B 88 12.62 24.68 40.66
CA GLY B 88 13.47 24.13 41.68
C GLY B 88 13.05 22.76 42.17
N CYS B 89 12.26 22.04 41.38
CA CYS B 89 11.75 20.72 41.75
C CYS B 89 12.33 19.62 40.86
N SER B 90 13.53 19.82 40.34
CA SER B 90 14.14 18.81 39.49
C SER B 90 14.42 17.54 40.29
N GLY B 91 14.08 16.39 39.71
CA GLY B 91 14.34 15.12 40.35
C GLY B 91 13.59 14.88 41.63
N LYS B 92 12.34 15.35 41.73
CA LYS B 92 11.53 15.16 42.93
C LYS B 92 10.09 14.91 42.52
N LEU B 93 9.48 13.92 43.15
CA LEU B 93 8.09 13.58 42.88
C LEU B 93 7.12 14.45 43.67
N ILE B 94 7.46 14.75 44.92
CA ILE B 94 6.69 15.64 45.77
C ILE B 94 7.62 16.77 46.17
N CYS B 95 7.24 18.01 45.87
CA CYS B 95 8.06 19.16 46.23
C CYS B 95 7.16 20.31 46.67
N CYS B 96 7.58 20.99 47.73
CA CYS B 96 6.88 22.13 48.27
C CYS B 96 7.64 23.41 47.99
N THR B 97 6.90 24.51 47.95
CA THR B 97 7.44 25.84 47.68
C THR B 97 7.14 26.77 48.86
N ASN B 98 7.41 28.07 48.65
CA ASN B 98 7.12 29.11 49.64
C ASN B 98 5.96 30.00 49.22
N VAL B 99 5.26 29.66 48.15
CA VAL B 99 4.16 30.47 47.63
C VAL B 99 2.92 30.14 48.44
N PRO B 100 2.29 31.09 49.13
CA PRO B 100 1.10 30.75 49.92
C PRO B 100 -0.10 30.42 49.05
N TRP B 101 -1.00 29.61 49.61
CA TRP B 101 -2.25 29.29 48.92
C TRP B 101 -3.23 30.44 49.05
N ASN B 102 -3.86 30.79 47.93
CA ASN B 102 -4.80 31.89 47.89
C ASN B 102 -6.19 31.43 48.32
N SER B 103 -6.92 32.35 48.94
CA SER B 103 -8.31 32.11 49.27
C SER B 103 -9.16 31.92 48.02
N SER B 104 -8.78 32.53 46.89
CA SER B 104 -9.59 32.46 45.68
C SER B 104 -9.48 31.14 44.95
N TRP B 105 -8.52 30.27 45.34
CA TRP B 105 -8.29 29.02 44.62
C TRP B 105 -9.10 27.89 45.23
N SER B 106 -10.41 28.12 45.36
CA SER B 106 -11.34 27.14 45.91
C SER B 106 -10.92 26.72 47.31
N ASN B 107 -10.82 27.70 48.21
CA ASN B 107 -10.29 27.45 49.55
C ASN B 107 -11.28 26.62 50.37
N ARG B 108 -10.80 25.50 50.87
CA ARG B 108 -11.56 24.68 51.81
C ARG B 108 -10.59 23.99 52.76
N ASN B 109 -11.07 23.73 53.97
CA ASN B 109 -10.24 23.16 55.01
C ASN B 109 -9.76 21.78 54.60
N LEU B 110 -8.51 21.45 54.95
CA LEU B 110 -7.95 20.16 54.60
C LEU B 110 -8.76 19.02 55.20
N SER B 111 -9.32 19.23 56.39
CA SER B 111 -10.27 18.28 56.95
C SER B 111 -11.46 18.06 56.04
N GLU B 112 -11.83 19.06 55.24
CA GLU B 112 -12.98 18.97 54.35
C GLU B 112 -12.64 18.48 52.95
N ILE B 113 -11.38 18.56 52.53
CA ILE B 113 -10.96 18.11 51.20
C ILE B 113 -9.88 17.03 51.27
N TRP B 114 -8.87 17.21 52.12
CA TRP B 114 -7.78 16.23 52.19
C TRP B 114 -8.33 14.92 52.74
N ASP B 115 -8.17 13.86 51.95
CA ASP B 115 -8.69 12.52 52.21
C ASP B 115 -10.21 12.43 52.17
N ASN B 116 -10.90 13.53 51.79
CA ASN B 116 -12.33 13.52 51.49
C ASN B 116 -12.59 13.82 50.02
N MET B 117 -11.56 13.75 49.18
CA MET B 117 -11.68 14.21 47.81
C MET B 117 -10.45 13.70 47.06
N THR B 118 -10.65 13.25 45.82
CA THR B 118 -9.62 12.60 45.05
C THR B 118 -9.32 13.41 43.79
N TRP B 119 -8.15 13.18 43.21
CA TRP B 119 -7.85 13.70 41.88
C TRP B 119 -8.90 13.20 40.90
N LEU B 120 -9.05 13.89 39.76
CA LEU B 120 -10.13 13.73 38.79
C LEU B 120 -11.46 14.33 39.25
N GLN B 121 -11.53 14.79 40.51
CA GLN B 121 -12.75 15.41 41.02
C GLN B 121 -12.55 16.89 41.27
N TRP B 122 -11.30 17.33 41.45
CA TRP B 122 -11.02 18.69 41.86
C TRP B 122 -9.97 19.40 41.02
N ASP B 123 -9.40 18.74 40.01
CA ASP B 123 -8.51 19.46 39.11
C ASP B 123 -9.25 20.61 38.44
N LYS B 124 -10.46 20.33 37.95
CA LYS B 124 -11.30 21.37 37.35
C LYS B 124 -11.58 22.50 38.33
N GLU B 125 -11.59 22.20 39.64
CA GLU B 125 -11.87 23.23 40.62
C GLU B 125 -10.72 24.21 40.78
N ILE B 126 -9.56 23.95 40.17
CA ILE B 126 -8.48 24.93 40.14
C ILE B 126 -8.05 25.22 38.70
N SER B 127 -8.94 25.05 37.74
CA SER B 127 -8.70 25.56 36.40
C SER B 127 -8.83 27.08 36.40
N ASN B 128 -8.18 27.71 35.42
CA ASN B 128 -8.01 29.16 35.28
C ASN B 128 -7.00 29.73 36.27
N TYR B 129 -6.50 28.93 37.22
CA TYR B 129 -5.45 29.33 38.14
C TYR B 129 -4.15 28.57 37.92
N THR B 130 -4.07 27.76 36.86
CA THR B 130 -2.82 27.08 36.57
C THR B 130 -1.72 28.07 36.24
N GLN B 131 -2.02 29.02 35.36
CA GLN B 131 -1.02 30.00 34.92
C GLN B 131 -0.51 30.87 36.06
N ILE B 132 -1.39 31.34 36.95
CA ILE B 132 -0.94 32.22 38.04
C ILE B 132 -0.05 31.45 39.00
N ILE B 133 -0.41 30.21 39.33
CA ILE B 133 0.43 29.39 40.20
C ILE B 133 1.79 29.19 39.54
N TYR B 134 1.78 28.88 38.25
CA TYR B 134 3.04 28.64 37.55
C TYR B 134 3.93 29.88 37.55
N GLY B 135 3.33 31.04 37.30
CA GLY B 135 4.09 32.28 37.32
C GLY B 135 4.68 32.57 38.68
N LEU B 136 3.88 32.38 39.74
CA LEU B 136 4.39 32.59 41.08
C LEU B 136 5.55 31.63 41.38
N LEU B 137 5.43 30.37 40.96
CA LEU B 137 6.50 29.43 41.22
C LEU B 137 7.79 29.83 40.51
N GLU B 138 7.72 30.23 39.23
CA GLU B 138 8.94 30.64 38.55
C GLU B 138 9.55 31.89 39.20
N GLU B 139 8.72 32.88 39.54
CA GLU B 139 9.24 34.08 40.17
C GLU B 139 9.88 33.77 41.51
N SER B 140 9.23 32.93 42.31
CA SER B 140 9.78 32.57 43.62
C SER B 140 11.10 31.83 43.47
N GLN B 141 11.18 30.88 42.54
CA GLN B 141 12.43 30.15 42.34
C GLN B 141 13.54 31.08 41.89
N ASN B 142 13.24 31.99 40.97
CA ASN B 142 14.27 32.92 40.49
C ASN B 142 14.77 33.81 41.62
N GLN B 143 13.86 34.34 42.44
CA GLN B 143 14.27 35.18 43.56
C GLN B 143 15.10 34.37 44.55
N GLN B 144 14.69 33.13 44.82
CA GLN B 144 15.45 32.29 45.73
C GLN B 144 16.86 32.05 45.22
N GLU B 145 16.99 31.79 43.92
CA GLU B 145 18.32 31.51 43.37
C GLU B 145 19.20 32.76 43.42
N LYS B 146 18.63 33.93 43.11
CA LYS B 146 19.40 35.16 43.20
C LYS B 146 19.82 35.43 44.64
N ASN B 147 18.94 35.16 45.59
CA ASN B 147 19.29 35.36 47.00
C ASN B 147 20.41 34.42 47.43
N GLU B 148 20.35 33.15 47.01
CA GLU B 148 21.44 32.23 47.32
C GLU B 148 22.74 32.70 46.70
N GLN B 149 22.68 33.23 45.49
CA GLN B 149 23.88 33.80 44.88
C GLN B 149 24.43 34.94 45.74
N ASP B 150 23.57 35.88 46.13
CA ASP B 150 24.03 37.04 46.89
C ASP B 150 24.59 36.63 48.26
N LEU B 151 24.02 35.59 48.87
CA LEU B 151 24.54 35.11 50.15
C LEU B 151 25.90 34.44 50.01
N LEU B 152 26.36 34.16 48.80
CA LEU B 152 27.59 33.41 48.57
C LEU B 152 28.78 34.37 48.62
N ALA B 153 29.03 34.89 49.81
CA ALA B 153 30.13 35.82 50.03
C ALA B 153 31.46 35.08 50.11
N GLY C 12 7.96 38.75 26.79
CA GLY C 12 9.17 39.53 26.93
C GLY C 12 10.42 38.77 26.52
N PHE C 13 10.27 37.86 25.57
CA PHE C 13 11.39 37.04 25.13
C PHE C 13 12.49 37.92 24.55
N LEU C 14 13.73 37.65 24.97
CA LEU C 14 14.90 38.45 24.64
C LEU C 14 14.77 39.90 25.11
N GLY C 15 13.86 40.18 26.04
CA GLY C 15 13.60 41.56 26.41
C GLY C 15 14.80 42.26 27.02
N ALA C 16 15.70 41.50 27.65
CA ALA C 16 16.90 42.04 28.27
C ALA C 16 18.16 41.79 27.45
N ALA C 17 18.02 41.47 26.16
CA ALA C 17 19.20 41.12 25.36
C ALA C 17 20.16 42.29 25.26
N GLY C 18 19.65 43.49 25.04
CA GLY C 18 20.46 44.69 24.96
C GLY C 18 20.67 45.41 26.27
N SER C 19 20.05 44.96 27.36
CA SER C 19 20.32 45.51 28.67
C SER C 19 21.69 45.03 29.15
N THR C 20 22.24 45.76 30.12
CA THR C 20 23.53 45.36 30.66
C THR C 20 23.40 44.06 31.45
N MET C 21 24.53 43.37 31.58
CA MET C 21 24.55 42.12 32.34
C MET C 21 24.11 42.36 33.77
N GLY C 22 23.35 41.40 34.30
CA GLY C 22 22.67 41.53 35.57
C GLY C 22 21.23 41.98 35.45
N ALA C 23 20.94 42.91 34.54
CA ALA C 23 19.55 43.22 34.22
C ALA C 23 18.82 42.01 33.65
N ALA C 24 19.54 41.09 33.02
CA ALA C 24 18.94 39.89 32.45
C ALA C 24 18.71 38.79 33.47
N SER C 25 19.20 38.95 34.71
CA SER C 25 19.02 37.88 35.69
C SER C 25 17.55 37.64 36.00
N MET C 26 16.82 38.69 36.35
CA MET C 26 15.41 38.56 36.68
C MET C 26 14.56 38.13 35.48
N THR C 27 15.06 38.30 34.26
CA THR C 27 14.38 37.84 33.07
C THR C 27 14.74 36.42 32.67
N LEU C 28 15.61 35.76 33.43
CA LEU C 28 16.14 34.47 33.02
C LEU C 28 15.04 33.43 32.82
N THR C 29 14.06 33.41 33.74
CA THR C 29 12.93 32.49 33.62
C THR C 29 12.19 32.70 32.31
N VAL C 30 12.04 33.95 31.86
CA VAL C 30 11.40 34.20 30.58
C VAL C 30 12.23 33.61 29.46
N GLN C 31 13.55 33.79 29.54
CA GLN C 31 14.42 33.36 28.44
C GLN C 31 14.59 31.85 28.42
N ALA C 32 14.46 31.19 29.58
CA ALA C 32 14.52 29.73 29.61
C ALA C 32 13.37 29.11 28.82
N ARG C 33 12.20 29.74 28.83
CA ARG C 33 11.07 29.27 28.06
C ARG C 33 11.25 29.66 26.60
N ASN C 34 10.43 29.04 25.73
CA ASN C 34 10.35 29.27 24.29
C ASN C 34 11.52 28.69 23.51
N LEU C 35 12.57 28.22 24.18
CA LEU C 35 13.53 27.31 23.57
C LEU C 35 12.90 25.97 23.25
N LEU C 36 12.18 25.43 24.21
CA LEU C 36 11.39 24.22 24.08
C LEU C 36 10.16 24.44 24.93
N SER C 37 9.03 23.86 24.50
CA SER C 37 7.80 23.90 25.29
C SER C 37 7.22 25.28 25.55
N GLY C 38 7.77 26.33 24.92
CA GLY C 38 7.09 27.62 24.90
C GLY C 38 6.45 27.87 23.56
N ILE C 39 7.14 27.49 22.49
CA ILE C 39 6.66 27.61 21.13
C ILE C 39 6.20 26.26 20.57
N VAL C 40 6.72 25.16 21.12
CA VAL C 40 6.45 23.84 20.55
C VAL C 40 5.00 23.43 20.79
N GLN C 41 4.46 23.70 21.98
CA GLN C 41 3.06 23.34 22.21
C GLN C 41 2.12 24.32 21.49
N GLN C 42 2.51 25.59 21.40
CA GLN C 42 1.76 26.53 20.58
C GLN C 42 1.67 26.06 19.14
N GLN C 43 2.82 25.74 18.54
CA GLN C 43 2.83 25.20 17.18
C GLN C 43 2.07 23.89 17.12
N SER C 44 2.18 23.05 18.16
CA SER C 44 1.43 21.80 18.17
C SER C 44 -0.06 22.05 18.02
N ASN C 45 -0.67 22.75 18.99
CA ASN C 45 -2.10 22.99 18.95
C ASN C 45 -2.52 23.74 17.68
N LEU C 46 -1.70 24.71 17.25
CA LEU C 46 -2.01 25.44 16.03
C LEU C 46 -2.04 24.52 14.81
N LEU C 47 -1.17 23.51 14.80
CA LEU C 47 -1.15 22.53 13.68
C LEU C 47 -2.20 21.45 13.94
N ARG C 48 -2.50 21.17 15.22
CA ARG C 48 -3.48 20.12 15.57
C ARG C 48 -4.90 20.57 15.17
N ALA C 49 -5.22 21.84 15.40
CA ALA C 49 -6.60 22.33 15.12
C ALA C 49 -7.00 22.04 13.67
N PRO C 50 -6.20 22.42 12.65
CA PRO C 50 -6.57 22.22 11.25
C PRO C 50 -6.01 20.90 10.71
N GLU C 51 -5.87 19.89 11.57
CA GLU C 51 -5.29 18.59 11.15
C GLU C 51 -4.11 18.85 10.20
N CYS C 52 -3.26 19.81 10.56
CA CYS C 52 -2.06 20.11 9.73
C CYS C 52 -1.16 18.88 9.72
N GLN C 53 -0.43 18.66 8.62
CA GLN C 53 0.45 17.47 8.49
C GLN C 53 -0.44 16.21 8.37
N GLN C 54 -1.63 16.23 8.98
CA GLN C 54 -2.55 15.10 8.86
C GLN C 54 -3.12 15.00 7.46
N HIS C 55 -3.54 16.12 6.90
CA HIS C 55 -3.81 16.23 5.47
C HIS C 55 -2.59 16.64 4.67
N LEU C 56 -1.48 16.97 5.33
CA LEU C 56 -0.20 17.20 4.67
C LEU C 56 0.74 16.01 4.81
N LEU C 57 0.25 14.85 5.27
CA LEU C 57 1.07 13.64 5.23
C LEU C 57 1.50 13.33 3.81
N LYS C 58 0.66 13.63 2.82
CA LYS C 58 1.02 13.38 1.44
C LYS C 58 2.21 14.23 1.01
N ASP C 59 2.35 15.42 1.58
CA ASP C 59 3.53 16.26 1.35
C ASP C 59 4.64 15.70 2.23
N THR C 60 5.25 14.62 1.75
CA THR C 60 6.23 13.88 2.54
C THR C 60 7.44 14.75 2.87
N HIS C 61 7.89 15.55 1.91
CA HIS C 61 9.02 16.46 2.15
C HIS C 61 8.72 17.41 3.29
N TRP C 62 7.53 18.01 3.27
CA TRP C 62 7.19 19.01 4.28
C TRP C 62 7.13 18.38 5.66
N GLY C 63 6.51 17.20 5.76
CA GLY C 63 6.45 16.51 7.04
C GLY C 63 7.81 16.12 7.56
N ILE C 64 8.68 15.60 6.68
CA ILE C 64 10.02 15.21 7.12
C ILE C 64 10.78 16.43 7.62
N LYS C 65 10.64 17.56 6.93
CA LYS C 65 11.33 18.77 7.37
C LYS C 65 10.85 19.20 8.75
N GLN C 66 9.53 19.23 8.96
CA GLN C 66 9.05 19.71 10.25
C GLN C 66 9.43 18.76 11.38
N LEU C 67 9.34 17.45 11.13
CA LEU C 67 9.74 16.50 12.16
C LEU C 67 11.22 16.65 12.48
N GLN C 68 12.06 16.86 11.46
CA GLN C 68 13.48 17.07 11.69
C GLN C 68 13.73 18.32 12.52
N ALA C 69 13.03 19.40 12.22
CA ALA C 69 13.22 20.63 12.98
C ALA C 69 12.83 20.46 14.44
N ARG C 70 11.70 19.81 14.69
CA ARG C 70 11.29 19.57 16.08
C ARG C 70 12.29 18.68 16.79
N VAL C 71 12.79 17.65 16.11
CA VAL C 71 13.79 16.78 16.72
C VAL C 71 15.04 17.58 17.07
N LEU C 72 15.45 18.50 16.20
CA LEU C 72 16.68 19.23 16.47
C LEU C 72 16.50 20.23 17.61
N ALA C 73 15.32 20.82 17.74
CA ALA C 73 15.05 21.62 18.93
C ALA C 73 15.18 20.76 20.18
N VAL C 74 14.60 19.56 20.15
CA VAL C 74 14.70 18.65 21.29
C VAL C 74 16.16 18.34 21.60
N GLU C 75 16.94 18.03 20.56
CA GLU C 75 18.32 17.61 20.76
C GLU C 75 19.18 18.73 21.30
N HIS C 76 18.96 19.96 20.82
CA HIS C 76 19.71 21.07 21.39
C HIS C 76 19.35 21.23 22.86
N TYR C 77 18.07 21.08 23.20
CA TYR C 77 17.68 21.22 24.60
C TYR C 77 18.37 20.15 25.45
N LEU C 78 18.39 18.91 24.97
CA LEU C 78 19.05 17.86 25.74
C LEU C 78 20.54 18.12 25.87
N ARG C 79 21.19 18.57 24.79
CA ARG C 79 22.61 18.85 24.87
C ARG C 79 22.90 19.89 25.94
N ASP C 80 22.10 20.96 25.95
CA ASP C 80 22.36 22.02 26.93
C ASP C 80 22.09 21.54 28.35
N GLN C 81 20.97 20.83 28.55
CA GLN C 81 20.67 20.34 29.90
C GLN C 81 21.73 19.36 30.38
N GLN C 82 22.22 18.50 29.48
CA GLN C 82 23.20 17.50 29.89
C GLN C 82 24.55 18.14 30.20
N LEU C 83 24.94 19.15 29.42
CA LEU C 83 26.15 19.88 29.77
C LEU C 83 26.00 20.57 31.11
N LEU C 84 24.78 21.05 31.44
CA LEU C 84 24.58 21.54 32.80
C LEU C 84 24.73 20.42 33.82
N GLY C 85 24.25 19.23 33.47
CA GLY C 85 24.37 18.10 34.39
C GLY C 85 25.81 17.72 34.69
N ILE C 86 26.63 17.64 33.64
CA ILE C 86 28.00 17.13 33.81
C ILE C 86 28.87 18.15 34.53
N TRP C 87 28.44 19.41 34.60
CA TRP C 87 29.15 20.42 35.39
C TRP C 87 28.63 20.51 36.82
N GLY C 88 27.68 19.67 37.20
CA GLY C 88 27.07 19.76 38.51
C GLY C 88 26.12 20.94 38.62
N CYS C 89 25.22 20.84 39.59
CA CYS C 89 24.35 21.95 39.96
C CYS C 89 23.44 22.32 38.79
N SER C 90 22.89 21.29 38.16
CA SER C 90 21.92 21.49 37.09
C SER C 90 20.54 21.75 37.68
N GLY C 91 19.54 21.85 36.81
CA GLY C 91 18.21 22.20 37.22
C GLY C 91 18.09 23.60 37.77
N LYS C 92 19.06 24.47 37.53
CA LYS C 92 19.06 25.83 38.04
C LYS C 92 19.37 26.80 36.92
N LEU C 93 18.80 28.00 37.03
CA LEU C 93 19.14 29.08 36.13
C LEU C 93 20.36 29.83 36.60
N ILE C 94 20.66 29.77 37.90
CA ILE C 94 21.84 30.37 38.51
C ILE C 94 22.59 29.28 39.23
N CYS C 95 23.90 29.17 38.97
CA CYS C 95 24.74 28.39 39.87
C CYS C 95 26.21 28.72 39.65
N CYS C 96 26.96 28.69 40.75
CA CYS C 96 28.41 28.86 40.73
C CYS C 96 29.10 27.50 40.78
N THR C 97 30.38 27.51 40.46
CA THR C 97 31.27 26.37 40.57
C THR C 97 32.45 26.75 41.47
N ASN C 98 33.42 25.85 41.57
CA ASN C 98 34.63 26.06 42.36
C ASN C 98 35.87 26.31 41.49
N VAL C 99 35.66 26.72 40.24
CA VAL C 99 36.76 26.93 39.29
C VAL C 99 37.09 28.41 39.29
N PRO C 100 38.32 28.82 39.61
CA PRO C 100 38.64 30.25 39.56
C PRO C 100 38.65 30.77 38.14
N TRP C 101 38.35 32.06 38.00
CA TRP C 101 38.39 32.69 36.70
C TRP C 101 39.83 32.94 36.28
N ASN C 102 40.16 32.54 35.06
CA ASN C 102 41.45 32.79 34.44
C ASN C 102 41.36 34.16 33.79
N SER C 103 41.95 35.17 34.44
CA SER C 103 41.82 36.54 33.98
C SER C 103 42.39 36.76 32.59
N SER C 104 43.33 35.92 32.16
CA SER C 104 43.97 36.10 30.86
C SER C 104 42.98 36.04 29.70
N TRP C 105 41.80 35.46 29.91
CA TRP C 105 40.82 35.36 28.84
C TRP C 105 40.33 36.74 28.39
N SER C 106 40.06 37.64 29.33
CA SER C 106 39.67 39.02 29.01
C SER C 106 40.43 40.06 29.82
N ASN C 107 40.87 39.70 31.02
CA ASN C 107 41.56 40.62 31.94
C ASN C 107 40.68 41.82 32.32
N ARG C 108 39.37 41.74 32.12
CA ARG C 108 38.47 42.84 32.47
C ARG C 108 38.00 42.65 33.91
N ASN C 109 38.96 42.76 34.83
CA ASN C 109 38.69 42.50 36.24
C ASN C 109 38.02 43.70 36.91
N LEU C 110 36.81 44.00 36.41
CA LEU C 110 36.10 45.21 36.73
C LEU C 110 34.68 44.85 37.18
N SER C 111 33.99 45.85 37.72
CA SER C 111 32.55 45.74 37.95
C SER C 111 31.74 45.81 36.66
N GLU C 112 32.39 46.04 35.52
CA GLU C 112 31.71 46.10 34.23
C GLU C 112 31.20 44.73 33.78
N ILE C 113 31.60 43.66 34.46
CA ILE C 113 30.93 42.36 34.36
C ILE C 113 29.51 42.38 34.91
N TRP C 114 29.14 43.37 35.73
CA TRP C 114 27.73 43.54 36.05
C TRP C 114 27.26 44.98 35.80
N ASP C 115 27.84 45.64 34.80
CA ASP C 115 27.40 46.99 34.44
C ASP C 115 28.03 47.38 33.11
N ASN C 116 27.39 48.31 32.42
CA ASN C 116 27.95 49.03 31.28
C ASN C 116 28.32 48.13 30.11
N MET C 117 27.76 46.92 30.04
CA MET C 117 28.05 46.02 28.92
C MET C 117 26.97 44.95 28.88
N THR C 118 26.58 44.57 27.67
CA THR C 118 25.49 43.63 27.45
C THR C 118 25.99 42.20 27.33
N TRP C 119 25.08 41.25 27.52
CA TRP C 119 25.45 39.84 27.45
C TRP C 119 25.90 39.44 26.05
N LEU C 120 25.30 40.01 25.02
CA LEU C 120 25.73 39.75 23.65
C LEU C 120 27.20 40.09 23.48
N GLN C 121 27.59 41.31 23.89
CA GLN C 121 28.98 41.73 23.76
C GLN C 121 29.90 40.80 24.51
N TRP C 122 29.50 40.38 25.73
CA TRP C 122 30.38 39.52 26.51
C TRP C 122 30.53 38.16 25.85
N ASP C 123 29.41 37.59 25.36
CA ASP C 123 29.50 36.30 24.72
C ASP C 123 30.42 36.37 23.51
N LYS C 124 30.39 37.48 22.79
CA LYS C 124 31.33 37.65 21.69
C LYS C 124 32.77 37.77 22.20
N GLU C 125 32.97 38.50 23.31
CA GLU C 125 34.32 38.81 23.75
C GLU C 125 35.07 37.56 24.19
N ILE C 126 34.38 36.60 24.81
CA ILE C 126 34.99 35.36 25.25
C ILE C 126 34.46 34.21 24.40
N SER C 127 34.10 34.51 23.15
CA SER C 127 33.52 33.50 22.28
C SER C 127 34.46 32.34 21.99
N ASN C 128 35.78 32.58 22.03
CA ASN C 128 36.76 31.60 21.63
C ASN C 128 37.48 30.93 22.79
N TYR C 129 36.95 31.05 24.02
CA TYR C 129 37.43 30.24 25.14
C TYR C 129 36.35 29.31 25.67
N THR C 130 35.36 28.98 24.86
CA THR C 130 34.22 28.19 25.32
C THR C 130 34.64 26.79 25.75
N GLN C 131 35.42 26.12 24.90
CA GLN C 131 35.84 24.75 25.18
C GLN C 131 36.72 24.64 26.42
N ILE C 132 37.58 25.63 26.67
CA ILE C 132 38.47 25.55 27.82
C ILE C 132 37.68 25.59 29.11
N ILE C 133 36.72 26.53 29.19
CA ILE C 133 35.84 26.60 30.34
C ILE C 133 35.10 25.28 30.50
N TYR C 134 34.64 24.70 29.38
CA TYR C 134 33.86 23.49 29.52
C TYR C 134 34.71 22.37 30.11
N GLY C 135 35.93 22.19 29.60
CA GLY C 135 36.79 21.14 30.12
C GLY C 135 37.11 21.33 31.60
N LEU C 136 37.36 22.59 32.01
CA LEU C 136 37.61 22.85 33.42
C LEU C 136 36.41 22.44 34.27
N LEU C 137 35.20 22.80 33.85
CA LEU C 137 34.01 22.43 34.61
C LEU C 137 33.85 20.93 34.69
N GLU C 138 34.11 20.23 33.59
CA GLU C 138 34.04 18.77 33.57
C GLU C 138 34.96 18.16 34.61
N GLU C 139 36.24 18.55 34.60
CA GLU C 139 37.19 17.96 35.54
C GLU C 139 36.79 18.32 36.98
N SER C 140 36.31 19.55 37.18
CA SER C 140 35.92 19.96 38.52
C SER C 140 34.78 19.10 39.06
N GLN C 141 33.77 18.85 38.24
CA GLN C 141 32.67 18.01 38.70
C GLN C 141 33.13 16.57 38.94
N ASN C 142 34.05 16.07 38.11
CA ASN C 142 34.57 14.73 38.34
C ASN C 142 35.21 14.63 39.71
N GLN C 143 36.08 15.58 40.03
CA GLN C 143 36.73 15.58 41.33
C GLN C 143 35.70 15.71 42.44
N GLN C 144 34.71 16.57 42.26
CA GLN C 144 33.72 16.78 43.32
C GLN C 144 32.92 15.51 43.59
N GLU C 145 32.49 14.81 42.54
CA GLU C 145 31.73 13.58 42.75
C GLU C 145 32.56 12.53 43.45
N LYS C 146 33.82 12.34 43.01
CA LYS C 146 34.64 11.34 43.69
C LYS C 146 34.90 11.73 45.14
N ASN C 147 35.09 13.03 45.40
CA ASN C 147 35.31 13.49 46.77
C ASN C 147 34.10 13.22 47.65
N GLU C 148 32.90 13.48 47.13
CA GLU C 148 31.70 13.20 47.91
C GLU C 148 31.55 11.71 48.18
N GLN C 149 31.84 10.86 47.18
CA GLN C 149 31.75 9.42 47.41
C GLN C 149 32.73 8.98 48.49
N ASP C 150 33.96 9.51 48.47
CA ASP C 150 34.92 9.16 49.50
C ASP C 150 34.47 9.67 50.88
N LEU C 151 33.93 10.90 50.93
CA LEU C 151 33.49 11.45 52.21
C LEU C 151 32.39 10.61 52.82
N LEU C 152 31.41 10.20 52.01
CA LEU C 152 30.37 9.33 52.54
C LEU C 152 30.96 8.00 53.00
N ALA C 153 31.90 7.45 52.25
CA ALA C 153 32.59 6.23 52.64
C ALA C 153 33.77 6.56 53.54
N GLY D 12 41.47 6.47 26.86
CA GLY D 12 40.60 5.93 25.83
C GLY D 12 39.13 6.08 26.17
N PHE D 13 38.27 6.07 25.14
CA PHE D 13 36.84 6.25 25.34
C PHE D 13 36.26 5.13 26.20
N LEU D 14 36.31 3.89 25.71
CA LEU D 14 35.95 2.72 26.54
C LEU D 14 37.17 2.09 27.18
N GLY D 15 38.19 2.90 27.49
CA GLY D 15 39.36 2.37 28.14
C GLY D 15 39.03 1.79 29.50
N ALA D 16 39.75 0.72 29.85
CA ALA D 16 39.61 -0.01 31.10
C ALA D 16 38.27 -0.72 31.22
N ALA D 17 37.48 -0.81 30.15
CA ALA D 17 36.22 -1.53 30.22
C ALA D 17 36.44 -2.99 30.55
N GLY D 18 37.52 -3.58 30.06
CA GLY D 18 37.90 -4.95 30.33
C GLY D 18 39.08 -5.13 31.24
N SER D 19 39.39 -4.16 32.11
CA SER D 19 40.53 -4.25 33.01
C SER D 19 40.14 -4.31 34.48
N THR D 20 39.43 -3.29 34.96
CA THR D 20 39.16 -3.13 36.38
C THR D 20 38.05 -2.11 36.56
N MET D 21 37.19 -2.32 37.56
CA MET D 21 36.06 -1.42 37.71
C MET D 21 36.49 -0.08 38.30
N GLY D 22 37.38 -0.10 39.28
CA GLY D 22 37.73 1.10 40.02
C GLY D 22 38.34 2.17 39.14
N ALA D 23 39.30 1.79 38.30
CA ALA D 23 39.92 2.75 37.42
C ALA D 23 38.97 3.17 36.31
N ALA D 24 38.17 2.24 35.81
CA ALA D 24 37.22 2.57 34.75
C ALA D 24 36.20 3.59 35.22
N SER D 25 35.72 3.45 36.45
CA SER D 25 34.69 4.32 36.99
C SER D 25 35.15 5.75 37.17
N MET D 26 36.45 6.02 37.12
CA MET D 26 36.92 7.39 37.23
C MET D 26 36.41 8.26 36.10
N THR D 27 36.46 7.76 34.86
CA THR D 27 36.04 8.53 33.68
C THR D 27 34.71 7.97 33.20
N LEU D 28 33.63 8.44 33.83
CA LEU D 28 32.28 8.24 33.32
C LEU D 28 31.78 9.45 32.54
N THR D 29 32.55 10.55 32.53
CA THR D 29 32.13 11.76 31.82
C THR D 29 32.01 11.53 30.32
N VAL D 30 33.00 10.85 29.73
CA VAL D 30 33.13 10.81 28.28
C VAL D 30 31.93 10.10 27.65
N GLN D 31 31.44 9.03 28.28
CA GLN D 31 30.34 8.28 27.70
C GLN D 31 29.08 9.14 27.66
N ALA D 32 28.70 9.72 28.81
CA ALA D 32 27.52 10.55 28.88
C ALA D 32 27.61 11.71 27.90
N ARG D 33 28.79 12.29 27.76
CA ARG D 33 28.93 13.39 26.80
C ARG D 33 28.69 12.91 25.38
N ASN D 34 29.29 11.78 25.01
CA ASN D 34 29.20 11.33 23.63
C ASN D 34 27.77 10.94 23.25
N LEU D 35 26.97 10.47 24.22
CA LEU D 35 25.57 10.09 23.92
C LEU D 35 24.78 11.17 23.18
N LEU D 36 25.15 12.45 23.32
CA LEU D 36 24.54 13.55 22.57
C LEU D 36 25.51 14.30 21.68
N SER D 37 26.81 14.32 22.04
CA SER D 37 27.77 15.02 21.21
C SER D 37 27.96 14.33 19.86
N GLY D 38 27.79 13.00 19.81
CA GLY D 38 27.81 12.36 18.51
C GLY D 38 26.69 12.86 17.62
N ILE D 39 25.51 13.04 18.19
CA ILE D 39 24.36 13.52 17.42
C ILE D 39 24.61 14.94 16.91
N VAL D 40 25.09 15.82 17.79
CA VAL D 40 25.28 17.20 17.36
C VAL D 40 26.42 17.30 16.35
N GLN D 41 27.47 16.48 16.50
CA GLN D 41 28.54 16.49 15.51
C GLN D 41 28.05 16.02 14.15
N GLN D 42 27.27 14.94 14.11
CA GLN D 42 26.76 14.45 12.83
C GLN D 42 25.83 15.47 12.18
N GLN D 43 24.98 16.13 12.97
CA GLN D 43 24.11 17.13 12.36
C GLN D 43 24.92 18.35 11.93
N SER D 44 26.02 18.66 12.61
CA SER D 44 26.90 19.72 12.12
C SER D 44 27.49 19.34 10.77
N ASN D 45 27.91 18.07 10.62
CA ASN D 45 28.39 17.59 9.33
C ASN D 45 27.33 17.78 8.25
N LEU D 46 26.07 17.46 8.56
CA LEU D 46 25.00 17.66 7.60
C LEU D 46 24.79 19.15 7.31
N LEU D 47 24.75 19.99 8.34
CA LEU D 47 24.51 21.42 8.18
C LEU D 47 25.57 22.07 7.33
N ARG D 48 26.81 21.58 7.38
CA ARG D 48 27.85 22.12 6.53
C ARG D 48 27.54 21.90 5.04
N ALA D 49 26.72 20.88 4.73
CA ALA D 49 26.38 20.49 3.36
C ALA D 49 24.86 20.46 3.23
N PRO D 50 24.21 21.59 2.96
CA PRO D 50 22.74 21.56 2.79
C PRO D 50 22.29 20.78 1.57
N GLU D 51 23.12 20.66 0.52
CA GLU D 51 22.76 19.79 -0.60
C GLU D 51 22.65 18.34 -0.17
N CYS D 52 23.49 17.91 0.77
CA CYS D 52 23.36 16.57 1.33
C CYS D 52 22.02 16.38 2.01
N GLN D 53 21.61 17.37 2.82
CA GLN D 53 20.29 17.32 3.44
C GLN D 53 19.21 17.28 2.37
N GLN D 54 19.38 18.04 1.29
CA GLN D 54 18.37 18.07 0.25
C GLN D 54 18.20 16.71 -0.43
N HIS D 55 19.30 16.09 -0.84
CA HIS D 55 19.20 14.77 -1.46
C HIS D 55 18.62 13.75 -0.48
N LEU D 56 19.14 13.72 0.75
CA LEU D 56 18.66 12.73 1.70
C LEU D 56 17.21 12.98 2.09
N LEU D 57 16.75 14.22 1.94
CA LEU D 57 15.32 14.50 2.05
C LEU D 57 14.56 13.90 0.88
N LYS D 58 15.06 14.11 -0.34
CA LYS D 58 14.39 13.52 -1.50
C LYS D 58 14.40 12.01 -1.41
N ASP D 59 15.50 11.43 -0.94
CA ASP D 59 15.55 10.01 -0.60
C ASP D 59 14.78 9.84 0.70
N THR D 60 13.45 9.85 0.60
CA THR D 60 12.59 9.89 1.78
C THR D 60 12.82 8.68 2.68
N HIS D 61 13.07 7.51 2.10
CA HIS D 61 13.25 6.31 2.90
C HIS D 61 14.43 6.46 3.86
N TRP D 62 15.56 6.95 3.36
CA TRP D 62 16.71 7.22 4.21
C TRP D 62 16.36 8.22 5.30
N GLY D 63 15.55 9.21 4.95
CA GLY D 63 15.13 10.20 5.93
C GLY D 63 14.36 9.57 7.08
N ILE D 64 13.38 8.72 6.76
CA ILE D 64 12.62 8.07 7.82
C ILE D 64 13.54 7.14 8.63
N LYS D 65 14.46 6.45 7.94
CA LYS D 65 15.38 5.55 8.66
C LYS D 65 16.14 6.32 9.74
N GLN D 66 16.80 7.41 9.35
CA GLN D 66 17.70 8.07 10.30
C GLN D 66 16.95 8.97 11.26
N LEU D 67 15.78 9.46 10.88
CA LEU D 67 14.94 10.13 11.87
C LEU D 67 14.53 9.15 12.96
N GLN D 68 14.19 7.92 12.57
CA GLN D 68 13.88 6.89 13.56
C GLN D 68 15.10 6.62 14.44
N ALA D 69 16.29 6.54 13.84
CA ALA D 69 17.49 6.28 14.63
C ALA D 69 17.73 7.39 15.65
N ARG D 70 17.63 8.65 15.21
CA ARG D 70 17.89 9.77 16.11
C ARG D 70 16.87 9.82 17.25
N VAL D 71 15.59 9.64 16.93
CA VAL D 71 14.58 9.71 17.99
C VAL D 71 14.75 8.53 18.94
N LEU D 72 15.19 7.38 18.44
CA LEU D 72 15.45 6.25 19.33
C LEU D 72 16.60 6.56 20.29
N ALA D 73 17.64 7.23 19.78
CA ALA D 73 18.75 7.61 20.66
C ALA D 73 18.26 8.57 21.75
N VAL D 74 17.47 9.56 21.35
CA VAL D 74 16.90 10.50 22.32
C VAL D 74 16.06 9.74 23.35
N GLU D 75 15.22 8.82 22.89
CA GLU D 75 14.40 7.99 23.77
C GLU D 75 15.23 7.24 24.80
N HIS D 76 16.31 6.58 24.37
CA HIS D 76 17.10 5.81 25.31
C HIS D 76 17.76 6.74 26.34
N TYR D 77 18.23 7.90 25.89
CA TYR D 77 18.85 8.81 26.83
C TYR D 77 17.84 9.28 27.87
N LEU D 78 16.63 9.63 27.43
CA LEU D 78 15.63 10.08 28.39
C LEU D 78 15.18 8.95 29.31
N ARG D 79 15.13 7.72 28.79
CA ARG D 79 14.84 6.56 29.64
C ARG D 79 15.81 6.50 30.80
N ASP D 80 17.11 6.56 30.49
CA ASP D 80 18.10 6.51 31.55
C ASP D 80 17.97 7.71 32.49
N GLN D 81 17.75 8.90 31.93
CA GLN D 81 17.69 10.10 32.76
C GLN D 81 16.51 10.03 33.74
N GLN D 82 15.35 9.58 33.27
CA GLN D 82 14.19 9.52 34.15
C GLN D 82 14.32 8.41 35.17
N LEU D 83 14.95 7.29 34.79
CA LEU D 83 15.25 6.27 35.79
C LEU D 83 16.14 6.82 36.89
N LEU D 84 17.15 7.62 36.52
CA LEU D 84 17.94 8.31 37.53
C LEU D 84 17.07 9.23 38.36
N GLY D 85 16.12 9.92 37.73
CA GLY D 85 15.30 10.88 38.44
C GLY D 85 14.47 10.24 39.54
N ILE D 86 13.86 9.09 39.24
CA ILE D 86 13.02 8.45 40.25
C ILE D 86 13.85 7.88 41.39
N TRP D 87 15.14 7.62 41.15
CA TRP D 87 16.01 7.07 42.19
C TRP D 87 16.70 8.16 43.00
N GLY D 88 16.31 9.41 42.85
CA GLY D 88 16.95 10.48 43.60
C GLY D 88 18.38 10.74 43.21
N CYS D 89 18.76 10.38 41.98
CA CYS D 89 20.13 10.53 41.49
C CYS D 89 20.22 11.42 40.26
N SER D 90 19.23 12.28 40.04
CA SER D 90 19.30 13.20 38.91
C SER D 90 20.46 14.16 39.10
N GLY D 91 21.15 14.47 38.01
CA GLY D 91 22.27 15.38 38.05
C GLY D 91 23.53 14.82 38.67
N LYS D 92 23.65 13.50 38.76
CA LYS D 92 24.85 12.85 39.26
C LYS D 92 25.21 11.68 38.37
N LEU D 93 26.53 11.47 38.23
CA LEU D 93 27.05 10.23 37.67
C LEU D 93 27.39 9.23 38.75
N ILE D 94 27.69 9.70 39.96
CA ILE D 94 27.96 8.87 41.12
C ILE D 94 26.94 9.25 42.19
N CYS D 95 26.24 8.25 42.72
CA CYS D 95 25.32 8.49 43.82
C CYS D 95 25.17 7.21 44.62
N CYS D 96 24.85 7.37 45.90
CA CYS D 96 24.61 6.26 46.82
C CYS D 96 23.19 6.36 47.37
N THR D 97 22.61 5.19 47.64
CA THR D 97 21.27 5.06 48.20
C THR D 97 21.36 4.37 49.56
N ASN D 98 20.20 4.03 50.11
CA ASN D 98 20.09 3.31 51.37
C ASN D 98 19.55 1.90 51.19
N VAL D 99 19.59 1.36 49.97
CA VAL D 99 19.14 0.01 49.69
C VAL D 99 20.32 -0.92 49.97
N PRO D 100 20.19 -1.91 50.86
CA PRO D 100 21.33 -2.79 51.14
C PRO D 100 21.55 -3.77 49.99
N TRP D 101 22.73 -4.38 50.01
CA TRP D 101 23.08 -5.38 49.01
C TRP D 101 22.58 -6.75 49.45
N ASN D 102 21.85 -7.42 48.56
CA ASN D 102 21.33 -8.75 48.85
C ASN D 102 22.39 -9.79 48.49
N SER D 103 22.67 -10.69 49.44
CA SER D 103 23.62 -11.76 49.22
C SER D 103 23.08 -12.84 48.28
N SER D 104 21.79 -12.80 47.94
CA SER D 104 21.18 -13.87 47.16
C SER D 104 21.83 -14.00 45.78
N TRP D 105 22.39 -12.91 45.25
CA TRP D 105 22.85 -12.85 43.87
C TRP D 105 24.37 -12.75 43.76
N SER D 106 25.03 -12.18 44.75
CA SER D 106 26.48 -12.06 44.75
C SER D 106 26.97 -12.03 46.19
N ASN D 107 28.11 -12.67 46.45
CA ASN D 107 28.66 -12.78 47.80
C ASN D 107 30.13 -12.35 47.86
N ARG D 108 30.67 -11.79 46.79
CA ARG D 108 32.03 -11.27 46.81
C ARG D 108 32.11 -10.04 47.70
N ASN D 109 33.32 -9.75 48.18
CA ASN D 109 33.57 -8.51 48.89
C ASN D 109 34.11 -7.47 47.92
N LEU D 110 34.30 -6.24 48.41
CA LEU D 110 34.61 -5.12 47.54
C LEU D 110 35.94 -5.30 46.82
N SER D 111 36.97 -5.79 47.52
CA SER D 111 38.27 -5.99 46.90
C SER D 111 38.25 -7.03 45.80
N GLU D 112 37.25 -7.91 45.77
CA GLU D 112 37.10 -8.91 44.73
C GLU D 112 36.41 -8.39 43.47
N ILE D 113 35.76 -7.23 43.55
CA ILE D 113 35.01 -6.67 42.43
C ILE D 113 35.61 -5.36 41.93
N TRP D 114 35.94 -4.43 42.82
CA TRP D 114 36.45 -3.14 42.36
C TRP D 114 37.88 -3.24 41.88
N ASP D 115 38.59 -4.28 42.30
CA ASP D 115 39.77 -4.77 41.62
C ASP D 115 39.52 -6.21 41.23
N ASN D 116 40.34 -6.72 40.31
CA ASN D 116 40.31 -8.12 39.89
C ASN D 116 39.05 -8.50 39.12
N MET D 117 38.32 -7.54 38.58
CA MET D 117 37.16 -7.85 37.75
C MET D 117 36.77 -6.61 36.94
N THR D 118 36.16 -6.87 35.78
CA THR D 118 35.83 -5.86 34.79
C THR D 118 34.34 -5.51 34.86
N TRP D 119 34.02 -4.28 34.39
CA TRP D 119 32.61 -3.87 34.36
C TRP D 119 31.76 -4.80 33.51
N LEU D 120 32.31 -5.28 32.39
CA LEU D 120 31.57 -6.23 31.55
C LEU D 120 31.28 -7.52 32.32
N GLN D 121 32.29 -8.06 33.00
CA GLN D 121 32.07 -9.20 33.86
C GLN D 121 31.03 -8.89 34.93
N TRP D 122 31.05 -7.66 35.46
CA TRP D 122 30.06 -7.29 36.46
C TRP D 122 28.65 -7.28 35.88
N ASP D 123 28.52 -6.78 34.65
CA ASP D 123 27.22 -6.79 33.98
C ASP D 123 26.71 -8.21 33.84
N LYS D 124 27.60 -9.14 33.48
CA LYS D 124 27.18 -10.54 33.45
C LYS D 124 26.86 -11.05 34.85
N GLU D 125 27.57 -10.56 35.86
CA GLU D 125 27.45 -11.13 37.21
C GLU D 125 26.08 -10.87 37.82
N ILE D 126 25.54 -9.67 37.65
CA ILE D 126 24.27 -9.27 38.24
C ILE D 126 23.22 -8.97 37.17
N SER D 127 23.27 -9.68 36.04
CA SER D 127 22.38 -9.37 34.93
C SER D 127 20.92 -9.53 35.28
N ASN D 128 20.58 -10.44 36.19
CA ASN D 128 19.20 -10.74 36.56
C ASN D 128 18.81 -10.18 37.92
N TYR D 129 19.75 -9.62 38.67
CA TYR D 129 19.47 -8.93 39.93
C TYR D 129 19.03 -7.48 39.71
N THR D 130 19.40 -6.89 38.58
CA THR D 130 19.42 -5.43 38.47
C THR D 130 18.01 -4.84 38.45
N GLN D 131 17.06 -5.53 37.81
CA GLN D 131 15.66 -5.07 37.83
C GLN D 131 15.10 -5.01 39.25
N ILE D 132 15.49 -5.95 40.11
CA ILE D 132 15.10 -5.89 41.50
C ILE D 132 15.64 -4.61 42.13
N ILE D 133 16.87 -4.24 41.77
CA ILE D 133 17.44 -3.00 42.28
C ILE D 133 16.61 -1.81 41.82
N TYR D 134 16.15 -1.83 40.56
CA TYR D 134 15.29 -0.74 40.11
C TYR D 134 14.05 -0.60 41.00
N GLY D 135 13.38 -1.72 41.28
CA GLY D 135 12.20 -1.66 42.13
C GLY D 135 12.51 -1.11 43.52
N LEU D 136 13.55 -1.66 44.17
CA LEU D 136 13.88 -1.22 45.52
C LEU D 136 14.27 0.25 45.57
N LEU D 137 15.07 0.71 44.59
CA LEU D 137 15.43 2.12 44.55
C LEU D 137 14.19 3.00 44.44
N GLU D 138 13.24 2.61 43.58
CA GLU D 138 12.03 3.40 43.45
C GLU D 138 11.28 3.52 44.78
N GLU D 139 11.08 2.38 45.46
CA GLU D 139 10.34 2.43 46.72
C GLU D 139 11.09 3.22 47.78
N SER D 140 12.41 3.06 47.84
CA SER D 140 13.20 3.78 48.83
C SER D 140 13.10 5.29 48.61
N GLN D 141 13.20 5.73 47.35
CA GLN D 141 13.12 7.16 47.07
C GLN D 141 11.74 7.69 47.43
N ASN D 142 10.68 6.94 47.12
CA ASN D 142 9.34 7.41 47.46
C ASN D 142 9.18 7.55 48.98
N GLN D 143 9.68 6.56 49.73
CA GLN D 143 9.59 6.64 51.18
C GLN D 143 10.37 7.83 51.72
N GLN D 144 11.57 8.07 51.18
CA GLN D 144 12.36 9.21 51.63
C GLN D 144 11.63 10.51 51.34
N GLU D 145 10.99 10.60 50.18
CA GLU D 145 10.29 11.85 49.84
C GLU D 145 9.12 12.08 50.77
N LYS D 146 8.35 11.03 51.09
CA LYS D 146 7.26 11.23 52.03
C LYS D 146 7.76 11.63 53.41
N ASN D 147 8.88 11.03 53.83
CA ASN D 147 9.48 11.41 55.11
C ASN D 147 9.88 12.88 55.10
N GLU D 148 10.49 13.34 54.00
CA GLU D 148 10.87 14.74 53.90
C GLU D 148 9.65 15.64 53.95
N GLN D 149 8.58 15.27 53.25
CA GLN D 149 7.38 16.09 53.25
C GLN D 149 6.81 16.21 54.66
N ASP D 150 6.73 15.10 55.38
CA ASP D 150 6.23 15.18 56.76
C ASP D 150 7.20 15.93 57.67
N LEU D 151 8.50 15.92 57.35
CA LEU D 151 9.47 16.62 58.18
C LEU D 151 9.26 18.12 58.17
N LEU D 152 8.94 18.69 57.01
CA LEU D 152 8.88 20.15 56.87
C LEU D 152 7.66 20.69 57.62
N ALA D 153 7.85 20.86 58.93
CA ALA D 153 6.82 21.37 59.82
C ALA D 153 7.16 22.78 60.27
N ASN E 38 39.80 36.78 43.11
CA ASN E 38 38.50 37.06 43.70
C ASN E 38 37.35 36.61 42.81
N LEU E 39 37.59 36.51 41.51
CA LEU E 39 36.56 36.15 40.54
C LEU E 39 36.56 34.65 40.30
N TRP E 40 35.36 34.10 40.12
CA TRP E 40 35.14 32.67 40.00
C TRP E 40 34.08 32.42 38.92
N VAL E 41 34.20 31.27 38.26
CA VAL E 41 33.32 30.93 37.15
C VAL E 41 31.91 30.70 37.65
N THR E 42 30.93 31.23 36.93
CA THR E 42 29.52 30.90 37.14
C THR E 42 28.85 30.65 35.80
N VAL E 43 27.97 29.65 35.76
CA VAL E 43 27.30 29.21 34.55
C VAL E 43 25.84 29.65 34.63
N TYR E 44 25.36 30.32 33.59
CA TYR E 44 24.01 30.83 33.50
C TYR E 44 23.30 30.13 32.36
N TYR E 45 22.05 29.72 32.61
CA TYR E 45 21.21 29.09 31.60
C TYR E 45 20.03 29.99 31.30
N GLY E 46 19.80 30.25 30.02
CA GLY E 46 18.82 31.22 29.60
C GLY E 46 19.35 32.61 29.38
N VAL E 47 20.59 32.75 28.95
CA VAL E 47 21.09 34.09 28.64
C VAL E 47 20.39 34.62 27.39
N PRO E 48 20.03 35.92 27.32
CA PRO E 48 19.38 36.43 26.10
C PRO E 48 20.39 36.85 25.04
N VAL E 49 21.04 35.86 24.42
CA VAL E 49 21.96 36.07 23.31
C VAL E 49 21.64 35.05 22.23
N TRP E 50 22.24 35.26 21.06
CA TRP E 50 21.93 34.45 19.89
C TRP E 50 23.06 34.54 18.87
N LYS E 51 22.98 33.66 17.88
CA LYS E 51 23.94 33.58 16.79
C LYS E 51 23.17 33.50 15.47
N ASP E 52 23.86 33.82 14.37
CA ASP E 52 23.26 33.62 13.06
C ASP E 52 23.09 32.13 12.77
N ALA E 53 22.12 31.80 11.93
CA ALA E 53 21.82 30.40 11.65
C ALA E 53 20.95 30.29 10.42
N GLU E 54 20.60 29.05 10.08
CA GLU E 54 19.67 28.73 9.00
C GLU E 54 18.79 27.58 9.46
N THR E 55 17.50 27.67 9.17
CA THR E 55 16.57 26.63 9.62
C THR E 55 15.32 26.69 8.77
N THR E 56 14.64 25.54 8.68
CA THR E 56 13.33 25.49 8.07
C THR E 56 12.32 26.27 8.91
N LEU E 57 11.94 27.43 8.42
CA LEU E 57 10.86 28.21 9.00
C LEU E 57 9.51 27.58 8.67
N PHE E 58 8.53 27.83 9.53
CA PHE E 58 7.18 27.29 9.31
C PHE E 58 6.33 28.29 8.54
N CYS E 59 5.52 27.78 7.60
CA CYS E 59 4.65 28.62 6.78
C CYS E 59 3.23 28.59 7.32
N ALA E 60 2.62 29.76 7.50
CA ALA E 60 1.26 29.88 8.00
C ALA E 60 0.56 31.01 7.26
N SER E 61 -0.78 31.00 7.31
CA SER E 61 -1.57 32.00 6.60
C SER E 61 -2.97 32.07 7.19
N ASP E 62 -3.33 33.25 7.70
CA ASP E 62 -4.65 33.49 8.29
C ASP E 62 -5.04 32.47 9.34
N LYS E 70 -12.43 26.92 -6.15
CA LYS E 70 -12.95 26.07 -5.09
C LYS E 70 -12.02 26.13 -3.89
N ARG E 71 -10.70 26.13 -4.15
CA ARG E 71 -9.70 26.01 -3.12
C ARG E 71 -8.43 26.77 -3.50
N ASN E 72 -7.84 27.45 -2.51
CA ASN E 72 -6.56 28.15 -2.68
C ASN E 72 -5.41 27.30 -2.18
N VAL E 73 -4.37 27.18 -3.00
CA VAL E 73 -3.34 26.17 -2.78
C VAL E 73 -2.51 26.49 -1.53
N TRP E 74 -2.15 27.75 -1.35
CA TRP E 74 -1.34 28.12 -0.19
C TRP E 74 -2.08 27.89 1.11
N ALA E 75 -3.38 28.20 1.12
CA ALA E 75 -4.17 28.04 2.33
C ALA E 75 -4.16 26.60 2.82
N THR E 76 -4.27 25.64 1.91
CA THR E 76 -4.15 24.23 2.30
C THR E 76 -2.72 23.87 2.70
N HIS E 77 -1.71 24.30 1.93
CA HIS E 77 -0.35 23.90 2.31
C HIS E 77 0.06 24.56 3.63
N CYS E 78 -0.12 25.86 3.74
CA CYS E 78 0.19 26.60 4.96
C CYS E 78 -1.08 26.79 5.79
N CYS E 79 -1.66 25.65 6.18
CA CYS E 79 -2.95 25.61 6.86
C CYS E 79 -2.81 25.71 8.38
N VAL E 80 -2.37 26.86 8.86
CA VAL E 80 -2.19 27.09 10.30
C VAL E 80 -2.50 28.55 10.61
N PRO E 81 -3.18 28.88 11.72
CA PRO E 81 -3.53 30.29 11.95
C PRO E 81 -2.31 31.17 12.20
N THR E 82 -2.45 32.44 11.85
CA THR E 82 -1.50 33.48 12.22
C THR E 82 -2.17 34.62 12.98
N ASP E 83 -3.45 34.50 13.32
CA ASP E 83 -4.15 35.58 14.00
C ASP E 83 -3.55 35.95 15.35
N PRO E 84 -3.26 35.01 16.30
CA PRO E 84 -2.83 35.40 17.64
C PRO E 84 -1.35 35.79 17.72
N ASN E 85 -0.94 36.74 16.88
CA ASN E 85 0.40 37.32 16.93
C ASN E 85 0.30 38.84 16.76
N PRO E 86 -0.30 39.53 17.72
CA PRO E 86 -0.47 40.99 17.59
C PRO E 86 0.74 41.79 18.04
N GLN E 87 1.66 41.19 18.79
CA GLN E 87 2.69 41.92 19.52
C GLN E 87 4.06 41.70 18.90
N GLU E 88 4.96 42.64 19.20
CA GLU E 88 6.38 42.50 18.95
C GLU E 88 7.13 42.97 20.19
N ILE E 89 8.37 42.51 20.33
CA ILE E 89 9.23 42.88 21.44
C ILE E 89 10.29 43.81 20.88
N HIS E 90 10.20 45.09 21.24
CA HIS E 90 11.28 46.00 20.89
C HIS E 90 12.51 45.70 21.74
N LEU E 91 13.68 45.79 21.11
CA LEU E 91 14.95 45.51 21.77
C LEU E 91 15.66 46.83 22.03
N GLU E 92 15.80 47.18 23.31
CA GLU E 92 16.50 48.39 23.67
C GLU E 92 18.01 48.18 23.59
N ASN E 93 18.69 49.07 22.86
CA ASN E 93 20.15 49.09 22.78
C ASN E 93 20.71 47.80 22.20
N VAL E 94 20.18 47.39 21.04
CA VAL E 94 20.73 46.27 20.28
C VAL E 94 21.13 46.81 18.91
N THR E 95 22.26 46.34 18.41
CA THR E 95 22.69 46.58 17.04
C THR E 95 22.97 45.25 16.37
N GLU E 96 22.42 45.05 15.17
CA GLU E 96 22.63 43.82 14.41
C GLU E 96 22.85 44.12 12.95
N GLU E 97 23.79 43.38 12.34
CA GLU E 97 24.15 43.54 10.95
C GLU E 97 23.23 42.67 10.10
N PHE E 98 22.43 43.31 9.25
CA PHE E 98 21.62 42.62 8.26
C PHE E 98 22.36 42.58 6.93
N ASN E 99 22.06 41.55 6.14
CA ASN E 99 22.58 41.46 4.78
C ASN E 99 21.45 40.85 3.94
N MET E 100 20.72 41.71 3.24
CA MET E 100 19.57 41.24 2.48
C MET E 100 19.99 40.42 1.27
N TRP E 101 21.27 40.46 0.89
CA TRP E 101 21.80 39.67 -0.20
C TRP E 101 22.35 38.32 0.23
N LYS E 102 22.22 37.95 1.50
CA LYS E 102 22.61 36.63 1.97
C LYS E 102 21.54 36.00 2.85
N ASN E 103 20.29 36.47 2.76
CA ASN E 103 19.19 35.87 3.49
C ASN E 103 19.01 34.44 3.03
N ASN E 104 18.87 33.52 3.99
CA ASN E 104 18.45 32.17 3.66
C ASN E 104 16.93 32.04 3.61
N MET E 105 16.20 33.04 4.11
CA MET E 105 14.75 32.98 4.04
C MET E 105 14.27 33.07 2.61
N VAL E 106 14.90 33.91 1.80
CA VAL E 106 14.51 34.04 0.40
C VAL E 106 14.74 32.73 -0.34
N GLU E 107 15.87 32.08 -0.08
CA GLU E 107 16.12 30.77 -0.68
C GLU E 107 15.09 29.76 -0.20
N GLN E 108 14.76 29.82 1.10
CA GLN E 108 13.77 28.89 1.62
C GLN E 108 12.44 29.06 0.93
N MET E 109 12.00 30.29 0.70
CA MET E 109 10.68 30.43 0.10
C MET E 109 10.75 30.09 -1.37
N HIS E 110 11.89 30.31 -2.03
CA HIS E 110 11.99 29.87 -3.41
C HIS E 110 11.80 28.36 -3.50
N GLU E 111 12.52 27.61 -2.67
CA GLU E 111 12.37 26.15 -2.70
C GLU E 111 10.99 25.73 -2.21
N ASP E 112 10.40 26.46 -1.26
CA ASP E 112 9.06 26.11 -0.79
C ASP E 112 8.00 26.34 -1.85
N ILE E 113 8.04 27.49 -2.53
CA ILE E 113 7.05 27.75 -3.57
C ILE E 113 7.18 26.74 -4.71
N ILE E 114 8.41 26.42 -5.12
CA ILE E 114 8.52 25.43 -6.20
C ILE E 114 8.03 24.06 -5.71
N SER E 115 8.31 23.72 -4.45
CA SER E 115 7.83 22.45 -3.92
C SER E 115 6.31 22.40 -3.90
N LEU E 116 5.69 23.48 -3.43
CA LEU E 116 4.23 23.58 -3.43
C LEU E 116 3.68 23.47 -4.84
N TRP E 117 4.31 24.15 -5.78
CA TRP E 117 3.86 24.13 -7.17
C TRP E 117 3.90 22.72 -7.72
N ASP E 118 5.03 22.03 -7.52
CA ASP E 118 5.16 20.66 -8.01
C ASP E 118 4.14 19.75 -7.37
N GLN E 119 3.94 19.88 -6.06
CA GLN E 119 2.96 19.03 -5.39
C GLN E 119 1.55 19.30 -5.90
N SER E 120 1.18 20.57 -6.09
CA SER E 120 -0.17 20.89 -6.53
C SER E 120 -0.44 20.38 -7.93
N LEU E 121 0.55 20.48 -8.82
CA LEU E 121 0.38 19.95 -10.16
C LEU E 121 0.46 18.42 -10.20
N LYS E 122 1.08 17.79 -9.21
CA LYS E 122 1.37 16.35 -9.29
C LYS E 122 0.14 15.47 -9.51
N PRO E 123 -0.97 15.62 -8.78
CA PRO E 123 -2.12 14.73 -9.02
C PRO E 123 -3.02 15.15 -10.17
N CYS E 124 -2.72 16.25 -10.85
CA CYS E 124 -3.64 16.78 -11.85
C CYS E 124 -3.48 16.05 -13.19
N VAL E 125 -4.38 16.38 -14.11
CA VAL E 125 -4.50 15.65 -15.37
C VAL E 125 -3.24 15.85 -16.21
N LYS E 126 -2.85 14.80 -16.92
CA LYS E 126 -1.78 14.86 -17.90
C LYS E 126 -2.38 15.03 -19.29
N LEU E 127 -1.66 15.72 -20.17
CA LEU E 127 -2.10 16.01 -21.53
C LEU E 127 -1.21 15.36 -22.58
N THR E 128 -0.57 14.24 -22.26
CA THR E 128 0.26 13.55 -23.25
C THR E 128 -0.49 13.13 -24.52
N PRO E 129 -1.75 12.69 -24.50
CA PRO E 129 -2.39 12.34 -25.79
C PRO E 129 -2.61 13.51 -26.72
N LEU E 130 -2.58 14.75 -26.24
CA LEU E 130 -2.75 15.90 -27.12
C LEU E 130 -1.52 16.20 -27.95
N CYS E 131 -0.38 15.57 -27.67
CA CYS E 131 0.83 15.75 -28.47
C CYS E 131 0.71 14.93 -29.75
N VAL E 132 -0.15 15.41 -30.66
CA VAL E 132 -0.44 14.77 -31.92
C VAL E 132 -0.33 15.82 -33.03
N THR E 133 -0.45 15.35 -34.27
CA THR E 133 -0.44 16.27 -35.40
C THR E 133 -1.70 17.13 -35.38
N LEU E 134 -1.53 18.42 -35.67
CA LEU E 134 -2.62 19.39 -35.68
C LEU E 134 -2.82 19.92 -37.09
N ASN E 135 -4.06 19.93 -37.55
CA ASN E 135 -4.44 20.55 -38.83
C ASN E 135 -5.05 21.90 -38.48
N CYS E 136 -4.37 22.97 -38.88
CA CYS E 136 -4.59 24.30 -38.32
C CYS E 136 -4.96 25.32 -39.38
N THR E 137 -5.60 26.39 -38.94
CA THR E 137 -6.03 27.47 -39.81
C THR E 137 -6.23 28.73 -38.99
N ASN E 138 -6.60 29.82 -39.69
CA ASN E 138 -6.92 31.08 -39.04
C ASN E 138 -8.28 30.98 -38.38
N ALA E 139 -8.39 31.42 -37.13
CA ALA E 139 -9.69 31.53 -36.49
C ALA E 139 -10.34 32.85 -36.85
N THR E 140 -11.64 32.93 -36.61
CA THR E 140 -12.43 34.11 -36.93
C THR E 140 -13.47 34.36 -35.85
N ALA E 141 -13.99 35.58 -35.84
CA ALA E 141 -15.07 35.98 -34.96
C ALA E 141 -15.96 36.97 -35.70
N SER E 142 -17.22 37.03 -35.27
CA SER E 142 -18.23 37.93 -35.85
C SER E 142 -18.34 37.60 -37.34
N ASN E 143 -18.29 38.58 -38.24
CA ASN E 143 -18.46 38.34 -39.67
C ASN E 143 -17.14 37.90 -40.29
N SER E 144 -16.67 36.74 -39.84
CA SER E 144 -15.48 36.08 -40.40
C SER E 144 -14.25 36.98 -40.35
N SER E 145 -14.10 37.72 -39.26
CA SER E 145 -12.95 38.60 -39.08
C SER E 145 -11.81 37.82 -38.45
N ILE E 146 -10.68 37.74 -39.15
CA ILE E 146 -9.57 36.90 -38.73
C ILE E 146 -8.99 37.42 -37.43
N ILE E 147 -8.57 36.50 -36.57
CA ILE E 147 -8.01 36.85 -35.27
C ILE E 147 -6.49 36.94 -35.42
N GLU E 148 -5.88 37.91 -34.74
CA GLU E 148 -4.43 38.05 -34.79
C GLU E 148 -3.74 36.82 -34.23
N GLY E 149 -4.19 36.35 -33.07
CA GLY E 149 -3.71 35.09 -32.53
C GLY E 149 -4.67 33.98 -32.90
N MET E 150 -4.84 33.04 -32.00
CA MET E 150 -5.95 32.09 -32.00
C MET E 150 -5.91 31.21 -33.24
N LYS E 151 -4.84 30.42 -33.35
CA LYS E 151 -4.81 29.39 -34.36
C LYS E 151 -5.84 28.32 -34.04
N ASN E 152 -6.73 28.05 -35.00
CA ASN E 152 -7.81 27.09 -34.85
C ASN E 152 -7.32 25.75 -35.40
N CYS E 153 -7.16 24.77 -34.53
CA CYS E 153 -6.54 23.50 -34.87
C CYS E 153 -7.47 22.34 -34.56
N SER E 154 -7.48 21.36 -35.45
CA SER E 154 -8.23 20.12 -35.31
C SER E 154 -7.24 18.97 -35.14
N PHE E 155 -7.67 17.98 -34.36
CA PHE E 155 -6.78 16.91 -33.93
C PHE E 155 -7.60 15.66 -33.63
N ASN E 156 -7.01 14.51 -33.97
CA ASN E 156 -7.61 13.21 -33.70
C ASN E 156 -7.13 12.74 -32.33
N ILE E 157 -8.07 12.48 -31.43
CA ILE E 157 -7.78 12.10 -30.04
C ILE E 157 -8.51 10.81 -29.71
N THR E 158 -7.88 9.99 -28.88
CA THR E 158 -8.52 8.77 -28.38
C THR E 158 -9.54 9.12 -27.30
N THR E 159 -10.69 8.48 -27.36
CA THR E 159 -11.77 8.67 -26.40
C THR E 159 -11.71 7.58 -25.34
N GLU E 160 -12.78 7.45 -24.55
CA GLU E 160 -12.83 6.47 -23.47
C GLU E 160 -12.53 5.06 -23.97
N LEU E 161 -12.99 4.71 -25.17
CA LEU E 161 -12.63 3.45 -25.79
C LEU E 161 -11.33 3.61 -26.57
N ARG E 162 -10.33 2.80 -26.21
CA ARG E 162 -9.01 2.88 -26.87
C ARG E 162 -9.21 2.65 -28.38
N ASP E 163 -10.09 1.70 -28.73
CA ASP E 163 -10.38 1.42 -30.16
C ASP E 163 -11.43 2.41 -30.67
N LYS E 164 -11.12 3.71 -30.63
CA LYS E 164 -12.10 4.74 -31.05
C LYS E 164 -11.45 6.13 -30.97
N ARG E 165 -11.31 6.81 -32.11
CA ARG E 165 -10.76 8.16 -32.12
C ARG E 165 -11.75 9.13 -32.74
N GLU E 166 -11.68 10.38 -32.29
CA GLU E 166 -12.57 11.43 -32.74
C GLU E 166 -11.78 12.68 -33.10
N LYS E 167 -12.30 13.42 -34.07
CA LYS E 167 -11.77 14.73 -34.42
C LYS E 167 -12.35 15.77 -33.45
N LYS E 168 -11.48 16.57 -32.84
CA LYS E 168 -11.88 17.65 -31.96
C LYS E 168 -11.16 18.92 -32.38
N ASN E 169 -11.81 20.06 -32.15
CA ASN E 169 -11.33 21.37 -32.54
C ASN E 169 -11.04 22.21 -31.31
N ALA E 170 -10.03 23.07 -31.42
CA ALA E 170 -9.70 23.96 -30.32
C ALA E 170 -8.89 25.15 -30.84
N LEU E 171 -9.08 26.29 -30.19
CA LEU E 171 -8.31 27.49 -30.47
C LEU E 171 -7.15 27.58 -29.50
N PHE E 172 -6.00 28.03 -29.99
CA PHE E 172 -4.82 28.22 -29.15
C PHE E 172 -4.13 29.53 -29.49
N TYR E 173 -3.57 30.16 -28.46
CA TYR E 173 -2.62 31.24 -28.66
C TYR E 173 -1.46 30.75 -29.52
N LYS E 174 -1.02 31.60 -30.45
CA LYS E 174 0.02 31.19 -31.39
C LYS E 174 1.36 30.90 -30.72
N LEU E 175 1.57 31.41 -29.51
CA LEU E 175 2.86 31.23 -28.86
C LEU E 175 3.06 29.83 -28.29
N ASP E 176 2.00 29.04 -28.13
CA ASP E 176 2.09 27.70 -27.56
C ASP E 176 2.38 26.63 -28.60
N ILE E 177 2.58 27.00 -29.85
CA ILE E 177 2.54 26.07 -30.98
C ILE E 177 3.67 26.40 -31.93
N VAL E 178 4.26 25.37 -32.52
CA VAL E 178 5.38 25.49 -33.44
C VAL E 178 5.05 24.72 -34.72
N GLN E 179 5.38 25.32 -35.85
CA GLN E 179 5.11 24.72 -37.14
C GLN E 179 6.03 23.53 -37.39
N LEU E 180 5.50 22.52 -38.08
CA LEU E 180 6.23 21.29 -38.35
C LEU E 180 6.94 21.40 -39.68
N ASP E 181 8.25 21.70 -39.63
CA ASP E 181 9.11 21.72 -40.81
C ASP E 181 8.60 22.68 -41.88
N GLY E 182 8.02 23.80 -41.45
CA GLY E 182 7.54 24.80 -42.37
C GLY E 182 6.43 24.37 -43.28
N ASN E 183 5.75 23.26 -42.99
CA ASN E 183 4.66 22.79 -43.82
C ASN E 183 3.37 23.51 -43.46
N SER E 184 2.59 23.84 -44.49
CA SER E 184 1.34 24.56 -44.26
C SER E 184 0.34 23.69 -43.52
N SER E 185 -0.33 24.29 -42.53
CA SER E 185 -1.40 23.62 -41.78
C SER E 185 -0.90 22.35 -41.11
N GLN E 186 0.35 22.38 -40.63
CA GLN E 186 0.92 21.29 -39.84
C GLN E 186 1.67 21.91 -38.67
N TYR E 187 1.30 21.51 -37.46
CA TYR E 187 1.74 22.18 -36.25
C TYR E 187 1.79 21.17 -35.11
N ARG E 188 2.60 21.48 -34.10
CA ARG E 188 2.66 20.69 -32.88
C ARG E 188 2.72 21.63 -31.68
N LEU E 189 2.32 21.11 -30.53
CA LEU E 189 2.47 21.86 -29.29
C LEU E 189 3.95 22.10 -29.01
N ILE E 190 4.26 23.25 -28.44
CA ILE E 190 5.65 23.64 -28.21
C ILE E 190 6.34 22.66 -27.25
N ASN E 191 5.58 22.01 -26.38
CA ASN E 191 6.11 21.03 -25.44
C ASN E 191 6.77 19.83 -26.09
N CYS E 192 6.28 19.39 -27.25
CA CYS E 192 6.37 17.99 -27.64
C CYS E 192 7.80 17.49 -27.78
N ASN E 193 8.79 18.37 -27.88
CA ASN E 193 10.18 17.97 -27.94
C ASN E 193 10.94 18.24 -26.65
N THR E 194 10.24 18.59 -25.56
CA THR E 194 10.87 18.81 -24.26
C THR E 194 10.38 17.83 -23.20
N SER E 195 9.09 17.78 -22.91
CA SER E 195 8.60 16.96 -21.81
C SER E 195 7.08 16.87 -21.90
N ALA E 196 6.53 15.94 -21.12
CA ALA E 196 5.09 15.90 -20.94
C ALA E 196 4.65 17.08 -20.07
N ILE E 197 3.49 17.64 -20.42
CA ILE E 197 2.93 18.79 -19.74
C ILE E 197 1.79 18.33 -18.84
N THR E 198 1.60 19.02 -17.73
CA THR E 198 0.50 18.77 -16.81
C THR E 198 -0.47 19.94 -16.88
N GLN E 199 -1.75 19.63 -16.89
CA GLN E 199 -2.78 20.66 -16.80
C GLN E 199 -3.00 21.03 -15.35
N ALA E 200 -2.83 22.30 -15.02
CA ALA E 200 -3.20 22.76 -13.69
C ALA E 200 -4.69 22.55 -13.48
N CYS E 201 -5.03 21.98 -12.32
CA CYS E 201 -6.43 21.68 -12.04
C CYS E 201 -7.23 22.97 -12.01
N PRO E 202 -8.36 23.09 -12.73
CA PRO E 202 -9.09 24.37 -12.69
C PRO E 202 -9.62 24.72 -11.31
N LYS E 203 -9.84 23.74 -10.44
CA LYS E 203 -10.51 23.99 -9.17
C LYS E 203 -9.59 24.62 -8.13
N VAL E 204 -8.27 24.52 -8.32
CA VAL E 204 -7.31 25.14 -7.41
C VAL E 204 -7.10 26.58 -7.85
N SER E 205 -6.94 27.48 -6.89
CA SER E 205 -6.71 28.90 -7.15
C SER E 205 -5.28 29.26 -6.82
N PHE E 206 -4.55 29.72 -7.84
CA PHE E 206 -3.17 30.18 -7.67
C PHE E 206 -3.08 31.68 -7.43
N GLU E 207 -4.11 32.27 -6.83
CA GLU E 207 -4.03 33.66 -6.42
C GLU E 207 -3.20 33.73 -5.14
N PRO E 208 -2.11 34.50 -5.10
CA PRO E 208 -1.31 34.55 -3.87
C PRO E 208 -2.08 35.19 -2.71
N ILE E 209 -1.77 34.73 -1.50
CA ILE E 209 -2.39 35.23 -0.28
C ILE E 209 -1.26 35.67 0.65
N PRO E 210 -1.57 36.44 1.69
CA PRO E 210 -0.52 36.80 2.65
C PRO E 210 0.02 35.57 3.35
N ILE E 211 1.34 35.47 3.42
CA ILE E 211 2.04 34.36 4.04
C ILE E 211 2.89 34.89 5.18
N HIS E 212 2.86 34.20 6.32
CA HIS E 212 3.66 34.53 7.48
C HIS E 212 4.61 33.37 7.76
N TYR E 213 5.88 33.67 7.94
CA TYR E 213 6.90 32.68 8.24
C TYR E 213 7.30 32.79 9.71
N CYS E 214 7.18 31.68 10.43
CA CYS E 214 7.28 31.65 11.88
C CYS E 214 8.45 30.80 12.34
N ALA E 215 9.15 31.31 13.34
CA ALA E 215 10.30 30.62 13.89
C ALA E 215 9.86 29.33 14.59
N PRO E 216 10.62 28.25 14.48
CA PRO E 216 10.44 27.13 15.40
C PRO E 216 11.05 27.46 16.75
N ALA E 217 10.80 26.59 17.72
CA ALA E 217 11.29 26.85 19.06
C ALA E 217 12.81 26.87 19.10
N GLY E 218 13.35 27.76 19.93
CA GLY E 218 14.78 27.99 19.97
C GLY E 218 15.30 28.93 18.91
N PHE E 219 14.42 29.57 18.14
CA PHE E 219 14.80 30.47 17.06
C PHE E 219 13.91 31.70 17.12
N ALA E 220 14.39 32.80 16.53
CA ALA E 220 13.65 34.05 16.57
C ALA E 220 13.94 34.83 15.30
N ILE E 221 13.03 35.76 14.98
CA ILE E 221 13.12 36.56 13.77
C ILE E 221 13.39 38.00 14.17
N LEU E 222 14.53 38.53 13.75
CA LEU E 222 14.88 39.92 14.00
C LEU E 222 14.51 40.78 12.79
N LYS E 223 13.76 41.85 13.05
CA LYS E 223 13.30 42.77 12.03
C LYS E 223 13.89 44.15 12.29
N CYS E 224 14.57 44.69 11.28
CA CYS E 224 15.05 46.07 11.34
C CYS E 224 13.86 47.00 11.19
N ASN E 225 13.90 48.13 11.90
CA ASN E 225 12.87 49.15 11.84
C ASN E 225 13.42 50.52 11.46
N ASN E 226 14.71 50.59 11.10
CA ASN E 226 15.28 51.83 10.59
C ASN E 226 14.68 52.07 9.21
N LYS E 227 13.83 53.08 9.10
CA LYS E 227 13.10 53.34 7.87
C LYS E 227 14.00 53.72 6.71
N THR E 228 15.25 54.14 6.97
CA THR E 228 16.20 54.51 5.94
C THR E 228 17.20 53.38 5.64
N PHE E 229 16.98 52.20 6.18
CA PHE E 229 17.96 51.12 6.01
C PHE E 229 18.01 50.66 4.56
N THR E 230 19.23 50.47 4.06
CA THR E 230 19.47 50.15 2.66
C THR E 230 19.75 48.66 2.43
N GLY E 231 19.22 47.79 3.29
CA GLY E 231 19.29 46.36 3.08
C GLY E 231 20.54 45.70 3.60
N THR E 232 21.60 46.47 3.89
CA THR E 232 22.86 45.90 4.37
C THR E 232 23.42 46.80 5.47
N GLY E 233 24.17 46.18 6.38
CA GLY E 233 24.88 46.90 7.40
C GLY E 233 24.20 46.83 8.75
N PRO E 234 24.76 47.55 9.74
CA PRO E 234 24.14 47.57 11.07
C PRO E 234 22.77 48.23 11.05
N CYS E 235 21.92 47.76 11.96
CA CYS E 235 20.62 48.36 12.26
C CYS E 235 20.48 48.36 13.77
N ASN E 236 20.19 49.52 14.34
CA ASN E 236 20.16 49.71 15.78
C ASN E 236 18.75 49.97 16.32
N ASN E 237 17.71 49.68 15.52
CA ASN E 237 16.32 49.72 15.98
C ASN E 237 15.69 48.42 15.47
N VAL E 238 15.81 47.37 16.29
CA VAL E 238 15.46 46.01 15.90
C VAL E 238 14.39 45.50 16.84
N SER E 239 13.42 44.78 16.30
CA SER E 239 12.38 44.13 17.08
C SER E 239 12.36 42.65 16.77
N THR E 240 12.23 41.84 17.81
CA THR E 240 12.13 40.39 17.66
C THR E 240 10.68 39.99 17.54
N VAL E 241 10.41 39.05 16.64
CA VAL E 241 9.09 38.51 16.42
C VAL E 241 9.18 36.99 16.30
N GLN E 242 8.03 36.36 16.52
CA GLN E 242 7.87 34.94 16.26
C GLN E 242 7.47 34.66 14.82
N CYS E 243 6.81 35.62 14.15
CA CYS E 243 6.38 35.45 12.77
C CYS E 243 6.57 36.76 12.01
N THR E 244 6.75 36.65 10.70
CA THR E 244 6.81 37.82 9.84
C THR E 244 5.41 38.38 9.61
N HIS E 245 5.35 39.52 8.91
CA HIS E 245 4.05 40.05 8.49
C HIS E 245 3.57 39.27 7.26
N GLY E 246 2.53 39.79 6.63
CA GLY E 246 1.95 39.13 5.47
C GLY E 246 2.60 39.52 4.16
N ILE E 247 3.40 38.63 3.58
CA ILE E 247 4.02 38.82 2.27
C ILE E 247 3.31 37.90 1.29
N LYS E 248 2.84 38.47 0.20
CA LYS E 248 2.16 37.69 -0.83
C LYS E 248 3.17 37.08 -1.78
N PRO E 249 3.16 35.74 -2.01
CA PRO E 249 4.18 35.19 -2.93
C PRO E 249 3.85 35.51 -4.38
N VAL E 250 4.02 36.77 -4.75
CA VAL E 250 3.74 37.22 -6.10
C VAL E 250 4.86 36.77 -7.02
N VAL E 251 4.54 36.57 -8.30
CA VAL E 251 5.51 36.22 -9.33
C VAL E 251 5.48 37.29 -10.41
N SER E 252 6.65 37.76 -10.80
CA SER E 252 6.78 38.84 -11.77
C SER E 252 8.24 38.98 -12.15
N THR E 253 8.48 39.48 -13.37
CA THR E 253 9.83 39.51 -13.93
C THR E 253 10.46 40.86 -13.66
N GLN E 254 9.91 41.97 -14.18
CA GLN E 254 10.66 43.22 -14.23
C GLN E 254 10.01 44.33 -13.41
N LEU E 255 8.69 44.32 -13.26
CA LEU E 255 8.01 45.22 -12.33
C LEU E 255 7.58 44.44 -11.10
N LEU E 256 7.60 45.11 -9.94
CA LEU E 256 7.33 44.49 -8.65
C LEU E 256 5.91 44.83 -8.23
N LEU E 257 5.11 43.80 -7.95
CA LEU E 257 3.66 43.93 -7.82
C LEU E 257 3.18 43.55 -6.43
N ASN E 258 2.13 44.26 -5.98
CA ASN E 258 1.35 43.90 -4.80
C ASN E 258 2.23 43.69 -3.57
N GLY E 259 3.26 44.53 -3.44
CA GLY E 259 4.16 44.49 -2.32
C GLY E 259 3.88 45.58 -1.31
N SER E 260 4.76 45.67 -0.31
CA SER E 260 4.73 46.79 0.60
C SER E 260 5.29 48.02 -0.10
N LEU E 261 4.88 49.19 0.38
CA LEU E 261 5.22 50.46 -0.27
C LEU E 261 6.51 51.03 0.31
N ALA E 262 7.53 50.17 0.37
CA ALA E 262 8.86 50.57 0.77
C ALA E 262 8.83 51.21 2.16
N GLU E 263 9.47 52.37 2.33
CA GLU E 263 9.30 53.22 3.50
C GLU E 263 8.90 54.61 2.99
N GLY E 264 8.96 55.60 3.88
CA GLY E 264 8.56 56.95 3.49
C GLY E 264 9.35 57.50 2.31
N GLU E 265 10.61 57.08 2.17
CA GLU E 265 11.46 57.51 1.08
C GLU E 265 11.68 56.37 0.10
N ILE E 266 11.83 56.71 -1.17
CA ILE E 266 12.17 55.73 -2.19
C ILE E 266 13.58 55.22 -1.95
N ILE E 267 13.76 53.91 -1.97
CA ILE E 267 15.04 53.29 -1.60
C ILE E 267 15.50 52.42 -2.76
N ILE E 268 16.76 52.60 -3.16
CA ILE E 268 17.40 51.75 -4.17
C ILE E 268 18.42 50.88 -3.46
N ARG E 269 18.27 49.57 -3.62
CA ARG E 269 19.09 48.58 -2.95
C ARG E 269 19.88 47.77 -3.97
N SER E 270 21.14 47.52 -3.65
CA SER E 270 22.06 46.80 -4.51
C SER E 270 23.14 46.19 -3.64
N GLU E 271 23.59 44.98 -4.01
CA GLU E 271 24.74 44.40 -3.33
C GLU E 271 26.00 45.19 -3.67
N ASN E 272 26.02 45.82 -4.84
CA ASN E 272 27.07 46.76 -5.20
C ASN E 272 26.48 47.68 -6.27
N ILE E 273 26.25 48.94 -5.92
CA ILE E 273 25.63 49.87 -6.85
C ILE E 273 26.52 50.05 -8.08
N THR E 274 27.85 49.95 -7.90
CA THR E 274 28.75 50.19 -9.02
C THR E 274 28.76 49.02 -9.99
N ASN E 275 28.80 47.79 -9.48
CA ASN E 275 28.96 46.62 -10.33
C ASN E 275 27.73 46.43 -11.21
N ASN E 276 27.98 46.11 -12.48
CA ASN E 276 26.91 45.87 -13.44
C ASN E 276 26.37 44.45 -13.38
N VAL E 277 27.05 43.53 -12.69
CA VAL E 277 26.53 42.18 -12.57
C VAL E 277 25.29 42.16 -11.67
N LYS E 278 25.30 42.97 -10.61
CA LYS E 278 24.23 42.88 -9.62
C LYS E 278 22.98 43.59 -10.10
N THR E 279 21.84 42.95 -9.85
CA THR E 279 20.54 43.55 -10.08
C THR E 279 20.35 44.73 -9.12
N ILE E 280 19.61 45.73 -9.58
CA ILE E 280 19.29 46.91 -8.78
C ILE E 280 17.79 46.87 -8.50
N LEU E 281 17.41 46.94 -7.23
CA LEU E 281 16.00 46.94 -6.84
C LEU E 281 15.61 48.35 -6.43
N VAL E 282 14.50 48.82 -6.96
CA VAL E 282 13.95 50.14 -6.63
C VAL E 282 12.66 49.90 -5.85
N HIS E 283 12.54 50.56 -4.69
CA HIS E 283 11.42 50.41 -3.77
C HIS E 283 10.72 51.75 -3.70
N LEU E 284 9.48 51.79 -4.21
CA LEU E 284 8.71 53.02 -4.28
C LEU E 284 7.91 53.25 -3.01
N ASN E 285 7.88 54.49 -2.57
CA ASN E 285 7.07 54.91 -1.44
C ASN E 285 5.62 55.20 -1.83
N GLU E 286 5.28 55.13 -3.12
CA GLU E 286 3.92 55.29 -3.58
C GLU E 286 3.63 54.24 -4.64
N SER E 287 2.46 53.62 -4.53
CA SER E 287 2.06 52.62 -5.51
C SER E 287 1.65 53.28 -6.81
N VAL E 288 1.82 52.56 -7.91
CA VAL E 288 1.36 52.99 -9.23
C VAL E 288 0.29 52.01 -9.70
N LYS E 289 -0.89 52.52 -10.00
CA LYS E 289 -2.00 51.66 -10.38
C LYS E 289 -1.85 51.23 -11.84
N ILE E 290 -2.02 49.94 -12.09
CA ILE E 290 -2.01 49.39 -13.44
C ILE E 290 -3.22 48.51 -13.62
N GLU E 291 -3.94 48.70 -14.73
CA GLU E 291 -5.14 47.92 -15.04
C GLU E 291 -4.87 47.05 -16.24
N CYS E 292 -4.72 45.74 -16.03
CA CYS E 292 -4.44 44.81 -17.09
C CYS E 292 -5.71 44.05 -17.45
N THR E 293 -5.84 43.69 -18.72
CA THR E 293 -7.08 43.10 -19.20
C THR E 293 -6.86 42.24 -20.44
N ARG E 294 -7.56 41.10 -20.46
CA ARG E 294 -7.86 40.32 -21.64
C ARG E 294 -9.32 40.62 -21.96
N PRO E 295 -9.62 41.43 -22.99
CA PRO E 295 -11.01 41.82 -23.23
C PRO E 295 -11.83 40.81 -24.01
N ASN E 296 -11.21 39.85 -24.68
CA ASN E 296 -11.93 38.97 -25.60
C ASN E 296 -12.80 38.01 -24.80
N ASN E 297 -14.11 38.04 -25.09
CA ASN E 297 -15.06 37.15 -24.44
C ASN E 297 -15.21 35.87 -25.27
N LYS E 298 -14.89 34.75 -24.64
CA LYS E 298 -14.78 33.48 -25.35
C LYS E 298 -15.47 32.36 -24.61
N THR E 299 -15.92 31.37 -25.39
CA THR E 299 -16.39 30.10 -24.87
C THR E 299 -15.21 29.19 -24.53
N VAL E 300 -15.40 28.36 -23.51
CA VAL E 300 -14.43 27.35 -23.12
C VAL E 300 -15.00 25.97 -23.44
N THR E 301 -14.25 25.20 -24.22
CA THR E 301 -14.65 23.86 -24.62
C THR E 301 -14.00 22.83 -23.70
N SER E 302 -14.79 21.86 -23.26
CA SER E 302 -14.38 20.83 -22.30
C SER E 302 -14.36 19.49 -23.03
N ILE E 303 -13.17 18.94 -23.22
CA ILE E 303 -12.94 17.72 -23.98
C ILE E 303 -12.58 16.61 -23.00
N ARG E 304 -13.13 15.42 -23.21
CA ARG E 304 -12.73 14.25 -22.44
C ARG E 304 -11.47 13.66 -23.04
N ILE E 305 -10.48 13.41 -22.19
CA ILE E 305 -9.27 12.73 -22.62
C ILE E 305 -9.39 11.23 -22.43
N GLY E 306 -9.78 10.82 -21.22
CA GLY E 306 -9.82 9.43 -20.84
C GLY E 306 -10.61 9.28 -19.56
N PRO E 307 -10.53 8.12 -18.90
CA PRO E 307 -11.31 7.93 -17.67
C PRO E 307 -10.92 8.90 -16.57
N GLY E 308 -11.83 9.82 -16.22
CA GLY E 308 -11.57 10.81 -15.22
C GLY E 308 -10.60 11.90 -15.62
N GLN E 309 -10.27 11.98 -16.91
CA GLN E 309 -9.28 12.93 -17.42
C GLN E 309 -10.00 13.93 -18.33
N TRP E 310 -9.83 15.22 -18.03
CA TRP E 310 -10.50 16.27 -18.79
C TRP E 310 -9.49 17.33 -19.22
N PHE E 311 -9.67 17.84 -20.44
CA PHE E 311 -8.86 18.89 -21.01
C PHE E 311 -9.79 20.07 -21.29
N TYR E 312 -9.28 21.28 -21.14
CA TYR E 312 -10.07 22.48 -21.38
C TYR E 312 -9.30 23.40 -22.31
N ALA E 313 -9.98 23.85 -23.37
CA ALA E 313 -9.39 24.74 -24.35
C ALA E 313 -10.34 25.88 -24.62
N TYR E 314 -9.86 26.85 -25.39
CA TYR E 314 -10.69 27.97 -25.79
C TYR E 314 -11.54 27.60 -26.99
N GLY E 315 -12.86 27.74 -26.83
CA GLY E 315 -13.81 27.44 -27.88
C GLY E 315 -14.19 28.65 -28.72
N GLN E 316 -15.46 28.73 -29.09
CA GLN E 316 -15.93 29.78 -29.98
C GLN E 316 -15.78 31.16 -29.32
N VAL E 317 -15.36 32.14 -30.12
CA VAL E 317 -15.29 33.52 -29.65
C VAL E 317 -16.69 34.11 -29.67
N ILE E 318 -17.04 34.81 -28.60
CA ILE E 318 -18.40 35.36 -28.46
C ILE E 318 -18.46 36.81 -28.94
N GLY E 319 -17.58 37.66 -28.43
CA GLY E 319 -17.59 39.08 -28.73
C GLY E 319 -16.77 39.42 -29.96
N ASP E 320 -16.37 40.69 -30.04
CA ASP E 320 -15.53 41.18 -31.13
C ASP E 320 -14.06 41.11 -30.72
N ILE E 321 -13.17 41.26 -31.71
CA ILE E 321 -11.74 41.08 -31.50
C ILE E 321 -11.17 42.35 -30.85
N ARG E 322 -10.44 42.16 -29.76
CA ARG E 322 -9.72 43.23 -29.10
C ARG E 322 -8.45 42.68 -28.48
N GLU E 323 -7.37 43.44 -28.58
CA GLU E 323 -6.07 43.02 -28.08
C GLU E 323 -6.05 43.01 -26.56
N ALA E 324 -5.18 42.18 -26.00
CA ALA E 324 -4.92 42.17 -24.56
C ALA E 324 -3.85 43.19 -24.22
N TYR E 325 -4.08 43.93 -23.13
CA TYR E 325 -3.23 45.10 -22.89
C TYR E 325 -3.29 45.51 -21.42
N CYS E 326 -2.40 46.43 -21.05
CA CYS E 326 -2.39 47.04 -19.73
C CYS E 326 -2.39 48.56 -19.84
N ASN E 327 -3.14 49.21 -18.95
CA ASN E 327 -3.23 50.67 -18.88
C ASN E 327 -2.43 51.16 -17.68
N ILE E 328 -1.66 52.22 -17.90
CA ILE E 328 -0.81 52.84 -16.89
C ILE E 328 -0.96 54.35 -17.02
N ASN E 329 -0.99 55.05 -15.89
CA ASN E 329 -1.11 56.50 -15.90
C ASN E 329 0.21 57.13 -16.33
N GLU E 330 0.18 57.86 -17.45
CA GLU E 330 1.40 58.44 -18.02
C GLU E 330 2.07 59.40 -17.05
N SER E 331 1.30 60.35 -16.51
CA SER E 331 1.87 61.34 -15.60
C SER E 331 2.51 60.67 -14.40
N THR E 332 1.76 59.77 -13.75
CA THR E 332 2.27 59.06 -12.57
C THR E 332 3.58 58.38 -12.87
N TRP E 333 3.67 57.72 -14.03
CA TRP E 333 4.91 57.10 -14.45
C TRP E 333 6.02 58.14 -14.56
N ASN E 334 5.68 59.33 -15.05
CA ASN E 334 6.70 60.36 -15.23
C ASN E 334 7.26 60.82 -13.88
N GLU E 335 6.42 61.18 -12.90
CA GLU E 335 7.04 61.68 -11.66
C GLU E 335 7.69 60.54 -10.89
N THR E 336 7.16 59.32 -11.02
CA THR E 336 7.81 58.19 -10.36
C THR E 336 9.22 57.99 -10.91
N LEU E 337 9.36 58.00 -12.24
CA LEU E 337 10.68 57.88 -12.83
C LEU E 337 11.56 59.06 -12.44
N GLY E 338 10.98 60.26 -12.34
CA GLY E 338 11.77 61.41 -11.94
C GLY E 338 12.33 61.27 -10.54
N LYS E 339 11.50 60.83 -9.60
CA LYS E 339 11.97 60.62 -8.23
C LYS E 339 13.03 59.54 -8.17
N VAL E 340 12.82 58.44 -8.92
CA VAL E 340 13.80 57.36 -8.94
C VAL E 340 15.11 57.85 -9.54
N VAL E 341 15.02 58.73 -10.56
CA VAL E 341 16.22 59.27 -11.18
C VAL E 341 16.95 60.19 -10.22
N LYS E 342 16.20 60.95 -9.42
CA LYS E 342 16.84 61.80 -8.40
C LYS E 342 17.61 60.95 -7.40
N GLN E 343 16.97 59.88 -6.90
CA GLN E 343 17.66 59.00 -5.97
C GLN E 343 18.86 58.32 -6.63
N LEU E 344 18.75 57.99 -7.92
CA LEU E 344 19.89 57.46 -8.65
C LEU E 344 21.01 58.48 -8.75
N ARG E 345 20.66 59.75 -8.97
CA ARG E 345 21.65 60.80 -9.05
C ARG E 345 22.41 60.94 -7.74
N LYS E 346 21.71 60.73 -6.62
CA LYS E 346 22.39 60.76 -5.33
C LYS E 346 23.53 59.74 -5.24
N HIS E 347 23.47 58.66 -6.02
CA HIS E 347 24.54 57.68 -6.10
C HIS E 347 25.52 57.95 -7.24
N PHE E 348 25.03 58.44 -8.38
CA PHE E 348 25.80 58.50 -9.61
C PHE E 348 26.21 59.90 -10.02
N GLY E 349 25.83 60.93 -9.27
CA GLY E 349 26.26 62.29 -9.54
C GLY E 349 25.10 63.21 -9.86
N ASN E 350 25.18 64.45 -9.38
CA ASN E 350 24.10 65.39 -9.57
C ASN E 350 24.02 65.89 -11.00
N ASN E 351 25.14 65.98 -11.70
CA ASN E 351 25.17 66.45 -13.08
C ASN E 351 25.10 65.31 -14.09
N THR E 352 24.95 64.07 -13.64
CA THR E 352 24.91 62.93 -14.54
C THR E 352 23.58 62.88 -15.29
N ILE E 353 23.64 62.46 -16.55
CA ILE E 353 22.45 62.19 -17.35
C ILE E 353 22.09 60.73 -17.19
N ILE E 354 20.80 60.46 -17.00
CA ILE E 354 20.31 59.11 -16.72
C ILE E 354 19.17 58.82 -17.68
N ARG E 355 19.28 57.69 -18.39
CA ARG E 355 18.27 57.29 -19.37
C ARG E 355 17.86 55.85 -19.15
N PHE E 356 16.62 55.56 -19.54
CA PHE E 356 16.06 54.22 -19.49
C PHE E 356 15.74 53.75 -20.90
N GLN E 357 16.14 52.53 -21.21
CA GLN E 357 15.98 51.90 -22.51
C GLN E 357 15.38 50.52 -22.31
N PRO E 358 14.70 49.97 -23.32
CA PRO E 358 14.07 48.66 -23.13
C PRO E 358 15.09 47.56 -22.87
N SER E 359 14.59 46.41 -22.44
CA SER E 359 15.45 45.25 -22.25
C SER E 359 16.02 44.83 -23.58
N SER E 360 17.33 44.56 -23.60
CA SER E 360 18.03 44.30 -24.85
C SER E 360 17.52 43.06 -25.57
N GLY E 361 17.45 41.92 -24.89
CA GLY E 361 17.06 40.69 -25.56
C GLY E 361 16.95 39.55 -24.59
N GLY E 362 16.49 38.40 -25.10
CA GLY E 362 16.27 37.22 -24.23
C GLY E 362 14.92 36.60 -24.52
N ASP E 363 14.50 35.60 -23.74
CA ASP E 363 13.16 34.99 -23.92
C ASP E 363 12.10 35.97 -23.40
N LEU E 364 10.83 35.75 -23.75
CA LEU E 364 9.74 36.61 -23.23
C LEU E 364 9.98 36.86 -21.74
N GLU E 365 10.27 35.79 -20.98
CA GLU E 365 10.44 35.93 -19.55
C GLU E 365 11.56 36.91 -19.17
N VAL E 366 12.48 37.20 -20.08
CA VAL E 366 13.54 38.16 -19.83
C VAL E 366 13.12 39.57 -20.20
N THR E 367 12.53 39.75 -21.38
CA THR E 367 12.26 41.07 -21.91
C THR E 367 10.85 41.57 -21.64
N THR E 368 9.85 40.71 -21.63
CA THR E 368 8.48 41.11 -21.36
C THR E 368 8.24 41.15 -19.87
N HIS E 369 7.24 41.93 -19.49
CA HIS E 369 6.75 41.97 -18.12
C HIS E 369 5.76 40.82 -17.96
N SER E 370 6.18 39.76 -17.27
CA SER E 370 5.44 38.51 -17.20
C SER E 370 4.73 38.44 -15.86
N PHE E 371 3.50 37.96 -15.86
CA PHE E 371 2.75 37.90 -14.61
C PHE E 371 1.48 37.11 -14.81
N ASN E 372 0.76 36.91 -13.70
CA ASN E 372 -0.57 36.32 -13.72
C ASN E 372 -1.64 37.37 -13.49
N CYS E 373 -2.79 37.16 -14.11
CA CYS E 373 -3.94 38.07 -14.00
C CYS E 373 -5.20 37.22 -14.15
N GLY E 374 -5.98 37.16 -13.07
CA GLY E 374 -7.21 36.38 -13.09
C GLY E 374 -7.04 34.92 -13.40
N GLY E 375 -5.87 34.35 -13.16
CA GLY E 375 -5.57 32.98 -13.51
C GLY E 375 -4.95 32.79 -14.88
N GLU E 376 -5.02 33.80 -15.74
CA GLU E 376 -4.37 33.77 -17.04
C GLU E 376 -2.95 34.33 -16.91
N PHE E 377 -2.13 34.11 -17.93
CA PHE E 377 -0.71 34.46 -17.90
C PHE E 377 -0.40 35.48 -18.99
N PHE E 378 0.03 36.67 -18.56
CA PHE E 378 0.31 37.80 -19.45
C PHE E 378 1.81 38.00 -19.59
N TYR E 379 2.22 38.49 -20.76
CA TYR E 379 3.59 38.91 -21.06
C TYR E 379 3.46 40.22 -21.83
N CYS E 380 3.85 41.33 -21.21
CA CYS E 380 3.57 42.64 -21.78
C CYS E 380 4.84 43.32 -22.30
N ASN E 381 4.68 44.06 -23.39
CA ASN E 381 5.76 44.84 -24.01
C ASN E 381 5.91 46.13 -23.22
N THR E 382 7.03 46.26 -22.51
CA THR E 382 7.30 47.42 -21.66
C THR E 382 8.16 48.47 -22.35
N SER E 383 8.38 48.34 -23.67
CA SER E 383 9.15 49.34 -24.37
C SER E 383 8.51 50.73 -24.32
N GLY E 384 7.20 50.80 -24.12
CA GLY E 384 6.54 52.08 -23.98
C GLY E 384 6.72 52.76 -22.64
N LEU E 385 7.41 52.11 -21.71
CA LEU E 385 7.71 52.68 -20.40
C LEU E 385 9.17 53.10 -20.26
N PHE E 386 10.10 52.18 -20.53
CA PHE E 386 11.52 52.43 -20.31
C PHE E 386 12.17 52.96 -21.59
N ASN E 387 11.72 54.15 -21.98
CA ASN E 387 12.29 54.92 -23.08
C ASN E 387 12.26 56.37 -22.66
N SER E 388 13.33 56.83 -22.01
CA SER E 388 13.35 58.20 -21.53
C SER E 388 14.78 58.62 -21.24
N THR E 389 15.00 59.93 -21.15
CA THR E 389 16.28 60.50 -20.76
C THR E 389 16.01 61.66 -19.81
N TRP E 390 16.92 61.86 -18.86
CA TRP E 390 16.75 62.82 -17.78
C TRP E 390 18.08 63.55 -17.57
N ILE E 391 18.03 64.87 -17.58
CA ILE E 391 19.22 65.71 -17.56
C ILE E 391 19.40 66.38 -16.19
N SER E 392 18.32 66.70 -15.51
CA SER E 392 18.38 67.38 -14.22
C SER E 392 17.03 67.35 -13.52
N SER E 407 -1.95 57.92 -19.94
CA SER E 407 -2.67 56.97 -20.77
C SER E 407 -1.70 56.15 -21.62
N ILE E 408 -0.83 55.39 -20.96
CA ILE E 408 0.12 54.50 -21.61
C ILE E 408 -0.54 53.13 -21.72
N THR E 409 -0.51 52.56 -22.92
CA THR E 409 -1.05 51.25 -23.21
C THR E 409 0.06 50.30 -23.60
N LEU E 410 0.28 49.28 -22.77
CA LEU E 410 1.24 48.23 -23.07
C LEU E 410 0.51 47.14 -23.85
N PRO E 411 0.88 46.84 -25.10
CA PRO E 411 0.37 45.62 -25.72
C PRO E 411 0.85 44.41 -24.94
N CYS E 412 0.03 43.36 -24.92
CA CYS E 412 0.32 42.19 -24.10
C CYS E 412 -0.04 40.91 -24.84
N ARG E 413 0.93 40.01 -24.91
CA ARG E 413 0.74 38.66 -25.43
C ARG E 413 0.28 37.75 -24.30
N ILE E 414 -0.46 36.71 -24.65
CA ILE E 414 -0.95 35.73 -23.69
C ILE E 414 -0.56 34.35 -24.22
N LYS E 415 0.00 33.52 -23.33
CA LYS E 415 0.34 32.15 -23.67
C LYS E 415 0.03 31.25 -22.49
N GLN E 416 -0.39 30.02 -22.79
CA GLN E 416 -0.92 29.12 -21.78
C GLN E 416 0.06 28.06 -21.31
N ILE E 417 1.14 27.81 -22.05
CA ILE E 417 2.14 26.81 -21.69
C ILE E 417 3.38 27.56 -21.20
N ILE E 418 3.77 27.33 -19.96
CA ILE E 418 4.79 28.11 -19.28
C ILE E 418 5.84 27.18 -18.71
N ASN E 419 7.12 27.50 -18.95
CA ASN E 419 8.25 26.85 -18.29
C ASN E 419 8.65 27.73 -17.12
N MET E 420 7.89 27.65 -16.02
CA MET E 420 8.14 28.54 -14.91
C MET E 420 9.46 28.19 -14.24
N TRP E 421 10.19 29.23 -13.82
CA TRP E 421 11.53 29.14 -13.25
C TRP E 421 12.57 28.63 -14.26
N GLN E 422 12.25 28.68 -15.56
CA GLN E 422 13.20 28.37 -16.63
C GLN E 422 13.77 26.96 -16.48
N ARG E 423 12.94 26.04 -16.01
CA ARG E 423 13.34 24.64 -15.88
C ARG E 423 13.15 23.92 -17.21
N VAL E 424 13.96 22.89 -17.41
CA VAL E 424 13.82 22.00 -18.55
C VAL E 424 12.78 20.95 -18.20
N GLY E 425 11.69 20.92 -18.95
CA GLY E 425 10.59 20.05 -18.62
C GLY E 425 9.76 20.60 -17.48
N GLN E 426 8.86 19.76 -16.97
CA GLN E 426 7.94 20.14 -15.90
C GLN E 426 7.08 21.34 -16.32
N ALA E 427 6.73 21.38 -17.60
CA ALA E 427 5.97 22.51 -18.13
C ALA E 427 4.53 22.46 -17.66
N MET E 428 3.97 23.64 -17.38
CA MET E 428 2.61 23.79 -16.88
C MET E 428 1.71 24.35 -17.98
N TYR E 429 0.54 23.76 -18.14
CA TYR E 429 -0.48 24.24 -19.07
C TYR E 429 -1.57 24.95 -18.29
N ALA E 430 -1.68 26.26 -18.47
CA ALA E 430 -2.69 27.04 -17.78
C ALA E 430 -4.05 26.78 -18.42
N PRO E 431 -5.10 26.48 -17.66
CA PRO E 431 -6.39 26.22 -18.29
C PRO E 431 -7.04 27.53 -18.73
N PRO E 432 -7.96 27.46 -19.69
CA PRO E 432 -8.63 28.69 -20.13
C PRO E 432 -9.63 29.16 -19.10
N ILE E 433 -10.03 30.43 -19.22
CA ILE E 433 -11.01 31.05 -18.33
C ILE E 433 -12.12 31.63 -19.19
N GLN E 434 -13.35 31.14 -19.00
CA GLN E 434 -14.48 31.66 -19.72
C GLN E 434 -14.88 33.02 -19.16
N GLY E 435 -14.91 34.02 -20.03
CA GLY E 435 -15.25 35.38 -19.66
C GLY E 435 -14.08 36.32 -19.78
N VAL E 436 -14.37 37.62 -19.89
CA VAL E 436 -13.32 38.62 -19.96
C VAL E 436 -12.55 38.64 -18.65
N ILE E 437 -11.27 39.01 -18.70
CA ILE E 437 -10.43 39.11 -17.52
C ILE E 437 -9.99 40.57 -17.36
N ARG E 438 -10.16 41.09 -16.16
CA ARG E 438 -9.68 42.42 -15.82
C ARG E 438 -9.16 42.38 -14.38
N CYS E 439 -7.94 42.86 -14.20
CA CYS E 439 -7.32 42.90 -12.88
C CYS E 439 -6.58 44.21 -12.71
N VAL E 440 -6.39 44.60 -11.46
CA VAL E 440 -5.72 45.83 -11.08
C VAL E 440 -4.60 45.48 -10.11
N SER E 441 -3.44 46.10 -10.31
CA SER E 441 -2.27 45.82 -9.50
C SER E 441 -1.57 47.12 -9.11
N ASN E 442 -0.88 47.06 -7.97
CA ASN E 442 -0.03 48.13 -7.47
C ASN E 442 1.41 47.79 -7.82
N ILE E 443 2.06 48.65 -8.60
CA ILE E 443 3.51 48.57 -8.75
C ILE E 443 4.13 49.27 -7.56
N THR E 444 4.98 48.54 -6.84
CA THR E 444 5.70 49.03 -5.68
C THR E 444 7.18 49.19 -5.92
N GLY E 445 7.72 48.56 -6.97
CA GLY E 445 9.15 48.62 -7.20
C GLY E 445 9.50 48.24 -8.61
N LEU E 446 10.79 48.35 -8.91
CA LEU E 446 11.31 48.11 -10.25
C LEU E 446 12.58 47.27 -10.17
N ILE E 447 12.85 46.56 -11.26
CA ILE E 447 14.08 45.79 -11.44
C ILE E 447 14.89 46.47 -12.53
N LEU E 448 16.08 46.96 -12.18
CA LEU E 448 16.93 47.72 -13.08
C LEU E 448 18.26 47.02 -13.27
N THR E 449 18.71 46.98 -14.52
CA THR E 449 20.02 46.45 -14.89
C THR E 449 20.88 47.57 -15.45
N ARG E 450 22.05 47.77 -14.86
CA ARG E 450 22.97 48.83 -15.24
C ARG E 450 24.01 48.27 -16.21
N ASP E 451 24.25 49.00 -17.31
CA ASP E 451 25.18 48.57 -18.34
C ASP E 451 26.54 49.26 -18.24
N GLY E 452 26.59 50.46 -17.66
CA GLY E 452 27.83 51.21 -17.60
C GLY E 452 28.03 52.08 -18.83
N GLY E 453 29.29 52.20 -19.26
CA GLY E 453 29.64 52.90 -20.47
C GLY E 453 30.37 54.21 -20.23
N LYS E 454 30.06 55.22 -21.04
CA LYS E 454 30.80 56.48 -21.02
C LYS E 454 30.61 57.21 -19.68
N ASN E 455 31.61 58.03 -19.34
CA ASN E 455 31.55 58.83 -18.13
C ASN E 455 30.33 59.74 -18.15
N ASN E 456 29.67 59.87 -16.99
CA ASN E 456 28.50 60.71 -16.81
C ASN E 456 27.32 60.30 -17.67
N THR E 457 27.25 59.03 -18.08
CA THR E 457 26.11 58.46 -18.77
C THR E 457 25.72 57.18 -18.06
N GLU E 458 24.46 57.10 -17.63
CA GLU E 458 23.95 55.99 -16.83
C GLU E 458 22.68 55.47 -17.48
N THR E 459 22.79 54.34 -18.17
CA THR E 459 21.67 53.70 -18.85
C THR E 459 21.23 52.49 -18.05
N PHE E 460 19.94 52.44 -17.72
CA PHE E 460 19.33 51.33 -17.00
C PHE E 460 18.25 50.69 -17.86
N ARG E 461 18.08 49.38 -17.69
CA ARG E 461 17.13 48.61 -18.48
C ARG E 461 16.26 47.77 -17.55
N PRO E 462 15.02 47.46 -17.96
CA PRO E 462 14.12 46.72 -17.05
C PRO E 462 14.34 45.21 -17.11
N GLY E 463 15.54 44.79 -16.76
CA GLY E 463 15.85 43.38 -16.74
C GLY E 463 14.99 42.63 -15.74
N GLY E 464 14.75 41.35 -16.06
CA GLY E 464 13.94 40.53 -15.17
C GLY E 464 14.63 40.11 -13.89
N GLY E 465 15.96 40.09 -13.89
CA GLY E 465 16.68 39.66 -12.72
C GLY E 465 16.42 38.19 -12.42
N ASP E 466 16.80 37.79 -11.22
CA ASP E 466 16.52 36.47 -10.70
C ASP E 466 15.11 36.42 -10.14
N MET E 467 14.54 35.21 -10.08
CA MET E 467 13.25 35.05 -9.44
C MET E 467 13.32 35.42 -7.97
N ARG E 468 14.40 35.04 -7.28
CA ARG E 468 14.57 35.36 -5.87
C ARG E 468 14.52 36.85 -5.61
N ASP E 469 14.94 37.68 -6.57
CA ASP E 469 14.88 39.12 -6.38
C ASP E 469 13.46 39.63 -6.25
N ASN E 470 12.48 38.89 -6.76
CA ASN E 470 11.09 39.24 -6.51
C ASN E 470 10.76 39.23 -5.03
N TRP E 471 11.46 38.43 -4.22
CA TRP E 471 11.13 38.24 -2.83
C TRP E 471 12.19 38.78 -1.87
N ARG E 472 13.45 38.90 -2.31
CA ARG E 472 14.42 39.69 -1.56
C ARG E 472 13.88 41.09 -1.31
N SER E 473 13.12 41.62 -2.26
CA SER E 473 12.50 42.92 -2.11
C SER E 473 11.55 43.02 -0.91
N GLU E 474 11.05 41.89 -0.41
CA GLU E 474 10.11 41.89 0.70
C GLU E 474 10.72 41.45 2.03
N LEU E 475 11.73 40.59 2.00
CA LEU E 475 12.32 40.03 3.22
C LEU E 475 13.62 40.72 3.64
N TYR E 476 13.96 41.86 3.03
CA TYR E 476 15.21 42.53 3.36
C TYR E 476 15.27 42.96 4.83
N LYS E 477 14.12 43.11 5.48
CA LYS E 477 14.08 43.54 6.86
C LYS E 477 14.36 42.40 7.85
N TYR E 478 14.26 41.14 7.42
CA TYR E 478 14.20 40.01 8.32
C TYR E 478 15.50 39.22 8.37
N LYS E 479 15.80 38.69 9.55
CA LYS E 479 16.92 37.79 9.77
C LYS E 479 16.48 36.70 10.74
N VAL E 480 17.07 35.52 10.62
CA VAL E 480 16.81 34.38 11.52
C VAL E 480 17.99 34.24 12.47
N VAL E 481 17.70 33.98 13.74
CA VAL E 481 18.76 33.80 14.73
C VAL E 481 18.43 32.63 15.64
N LYS E 482 19.48 31.88 15.98
CA LYS E 482 19.43 30.77 16.91
C LYS E 482 19.73 31.27 18.31
N ILE E 483 18.83 30.97 19.24
CA ILE E 483 19.03 31.33 20.64
C ILE E 483 20.12 30.44 21.21
N GLU E 484 20.99 31.03 22.03
CA GLU E 484 22.08 30.32 22.69
C GLU E 484 21.89 30.53 24.19
N PRO E 485 21.08 29.70 24.85
CA PRO E 485 20.67 30.02 26.23
C PRO E 485 21.79 29.96 27.23
N LEU E 486 22.90 29.31 26.90
CA LEU E 486 23.97 29.03 27.84
C LEU E 486 25.02 30.12 27.79
N GLY E 487 25.53 30.48 28.96
CA GLY E 487 26.59 31.47 29.05
C GLY E 487 27.37 31.25 30.33
N VAL E 488 28.49 31.96 30.42
CA VAL E 488 29.40 31.85 31.56
C VAL E 488 29.97 33.23 31.85
N ALA E 489 30.35 33.45 33.11
CA ALA E 489 30.88 34.76 33.48
C ALA E 489 31.67 34.63 34.78
N PRO E 490 32.53 35.60 35.09
CA PRO E 490 33.10 35.66 36.45
C PRO E 490 32.14 36.33 37.41
N THR E 491 32.32 36.02 38.69
CA THR E 491 31.61 36.72 39.75
C THR E 491 32.35 36.50 41.05
N ARG E 492 32.03 37.33 42.05
CA ARG E 492 32.63 37.20 43.37
C ARG E 492 32.26 35.91 44.08
N CYS E 493 31.23 35.20 43.59
CA CYS E 493 30.68 34.07 44.30
C CYS E 493 31.29 32.76 43.81
N LYS E 494 31.45 31.81 44.73
CA LYS E 494 32.04 30.51 44.44
C LYS E 494 31.19 29.44 45.09
N ARG E 495 31.11 28.28 44.43
CA ARG E 495 30.33 27.17 44.95
C ARG E 495 30.83 26.76 46.33
N ARG E 496 29.88 26.50 47.23
CA ARG E 496 30.22 26.10 48.58
C ARG E 496 30.79 24.68 48.60
N VAL E 497 31.58 24.40 49.63
CA VAL E 497 32.19 23.08 49.82
C VAL E 497 33.05 22.73 48.61
N ASN F 38 -1.66 28.56 58.19
CA ASN F 38 -1.93 28.95 56.81
C ASN F 38 -1.65 27.77 55.88
N LEU F 39 -1.79 27.97 54.57
CA LEU F 39 -1.62 26.93 53.57
C LEU F 39 -0.66 27.39 52.49
N TRP F 40 0.04 26.44 51.88
CA TRP F 40 1.05 26.73 50.86
C TRP F 40 0.93 25.74 49.72
N VAL F 41 1.65 26.02 48.64
CA VAL F 41 1.52 25.24 47.41
C VAL F 41 2.52 24.08 47.44
N THR F 42 2.05 22.90 47.03
CA THR F 42 2.90 21.74 46.77
C THR F 42 2.63 21.32 45.33
N VAL F 43 3.69 20.89 44.64
CA VAL F 43 3.60 20.41 43.27
C VAL F 43 3.86 18.91 43.29
N TYR F 44 2.89 18.15 42.78
CA TYR F 44 3.00 16.70 42.66
C TYR F 44 3.20 16.35 41.19
N TYR F 45 4.12 15.41 40.94
CA TYR F 45 4.37 14.90 39.60
C TYR F 45 4.11 13.40 39.59
N GLY F 46 3.36 12.95 38.59
CA GLY F 46 2.92 11.57 38.53
C GLY F 46 1.51 11.41 39.08
N VAL F 47 0.73 12.47 38.98
CA VAL F 47 -0.64 12.42 39.51
C VAL F 47 -1.49 11.55 38.61
N PRO F 48 -2.44 10.75 39.14
CA PRO F 48 -3.28 9.94 38.24
C PRO F 48 -4.55 10.68 37.79
N VAL F 49 -4.38 11.55 36.80
CA VAL F 49 -5.51 12.21 36.15
C VAL F 49 -5.33 12.14 34.64
N TRP F 50 -6.41 12.47 33.94
CA TRP F 50 -6.39 12.47 32.49
C TRP F 50 -7.37 13.52 31.98
N LYS F 51 -7.24 13.82 30.69
CA LYS F 51 -8.19 14.66 29.99
C LYS F 51 -8.49 14.08 28.62
N ASP F 52 -9.66 14.40 28.11
CA ASP F 52 -10.04 13.96 26.77
C ASP F 52 -9.06 14.53 25.76
N ALA F 53 -8.68 13.71 24.79
CA ALA F 53 -7.61 14.09 23.88
C ALA F 53 -7.78 13.38 22.55
N GLU F 54 -7.14 13.94 21.53
CA GLU F 54 -7.04 13.36 20.21
C GLU F 54 -5.58 12.99 19.99
N THR F 55 -5.34 11.78 19.50
CA THR F 55 -3.98 11.37 19.17
C THR F 55 -4.01 10.24 18.16
N THR F 56 -2.95 10.16 17.38
CA THR F 56 -2.74 8.99 16.55
C THR F 56 -2.55 7.78 17.44
N LEU F 57 -3.05 6.64 16.99
CA LEU F 57 -2.87 5.36 17.65
C LEU F 57 -2.02 4.44 16.77
N PHE F 58 -1.79 3.22 17.24
CA PHE F 58 -1.18 2.21 16.38
C PHE F 58 -1.94 0.89 16.54
N CYS F 59 -1.72 -0.01 15.58
CA CYS F 59 -2.49 -1.23 15.46
C CYS F 59 -1.57 -2.44 15.48
N ALA F 60 -2.04 -3.49 16.17
CA ALA F 60 -1.28 -4.69 16.41
C ALA F 60 -2.16 -5.90 16.18
N SER F 61 -1.53 -7.02 15.81
CA SER F 61 -2.27 -8.23 15.52
C SER F 61 -1.41 -9.44 15.86
N ASP F 62 -2.07 -10.58 16.07
CA ASP F 62 -1.38 -11.80 16.42
C ASP F 62 -0.73 -12.43 15.18
N ALA F 63 0.35 -13.16 15.43
CA ALA F 63 1.06 -13.82 14.34
C ALA F 63 0.23 -14.96 13.78
N LYS F 64 0.39 -15.18 12.47
CA LYS F 64 -0.32 -16.26 11.79
C LYS F 64 0.39 -17.59 12.04
N LYS F 70 -2.49 -16.35 2.66
CA LYS F 70 -1.12 -15.99 2.34
C LYS F 70 -1.00 -14.51 2.00
N ARG F 71 -0.05 -13.82 2.62
CA ARG F 71 0.10 -12.38 2.50
C ARG F 71 -1.22 -11.67 2.85
N ASN F 72 -1.73 -11.94 4.04
CA ASN F 72 -2.90 -11.20 4.51
C ASN F 72 -2.48 -9.78 4.84
N VAL F 73 -3.17 -8.81 4.24
CA VAL F 73 -2.73 -7.43 4.33
C VAL F 73 -2.87 -6.92 5.76
N TRP F 74 -3.87 -7.41 6.49
CA TRP F 74 -4.11 -6.95 7.85
C TRP F 74 -2.93 -7.29 8.75
N ALA F 75 -2.41 -8.52 8.64
CA ALA F 75 -1.23 -8.88 9.40
C ALA F 75 -0.04 -8.03 8.98
N THR F 76 0.09 -7.75 7.68
CA THR F 76 1.22 -6.98 7.19
C THR F 76 1.22 -5.58 7.78
N HIS F 77 0.09 -4.88 7.70
CA HIS F 77 0.06 -3.49 8.16
C HIS F 77 0.20 -3.42 9.68
N CYS F 78 -0.60 -4.19 10.41
CA CYS F 78 -0.50 -4.23 11.86
C CYS F 78 0.58 -5.25 12.25
N CYS F 79 1.80 -4.90 11.85
CA CYS F 79 2.97 -5.73 12.12
C CYS F 79 3.21 -5.93 13.60
N VAL F 80 2.88 -4.94 14.43
CA VAL F 80 3.25 -4.97 15.85
C VAL F 80 2.58 -6.17 16.51
N PRO F 81 3.32 -7.08 17.16
CA PRO F 81 2.65 -8.17 17.85
C PRO F 81 1.96 -7.69 19.11
N THR F 82 0.88 -8.37 19.46
CA THR F 82 0.06 -8.01 20.61
C THR F 82 0.68 -8.59 21.88
N ASP F 83 0.14 -8.17 23.01
CA ASP F 83 0.55 -8.73 24.28
C ASP F 83 0.03 -10.16 24.39
N PRO F 84 0.89 -11.17 24.61
CA PRO F 84 0.36 -12.52 24.86
C PRO F 84 -0.48 -12.62 26.11
N ASN F 85 -0.32 -11.70 27.06
CA ASN F 85 -1.09 -11.68 28.30
C ASN F 85 -1.62 -10.27 28.58
N PRO F 86 -2.61 -9.81 27.79
CA PRO F 86 -3.12 -8.44 27.99
C PRO F 86 -3.68 -8.24 29.39
N GLN F 87 -3.38 -7.06 29.94
CA GLN F 87 -3.76 -6.71 31.30
C GLN F 87 -4.90 -5.70 31.28
N GLU F 88 -5.66 -5.70 32.37
CA GLU F 88 -6.73 -4.74 32.56
C GLU F 88 -6.75 -4.33 34.03
N ILE F 89 -6.82 -3.03 34.27
CA ILE F 89 -6.79 -2.48 35.62
C ILE F 89 -8.17 -1.92 35.91
N HIS F 90 -8.88 -2.52 36.86
CA HIS F 90 -10.15 -1.98 37.28
C HIS F 90 -9.95 -0.71 38.10
N LEU F 91 -10.77 0.29 37.82
CA LEU F 91 -10.68 1.61 38.47
C LEU F 91 -11.82 1.73 39.46
N GLU F 92 -11.50 1.52 40.74
CA GLU F 92 -12.50 1.59 41.78
C GLU F 92 -12.93 3.03 42.03
N ASN F 93 -14.24 3.24 42.15
CA ASN F 93 -14.81 4.55 42.46
C ASN F 93 -14.43 5.60 41.42
N VAL F 94 -14.46 5.23 40.15
CA VAL F 94 -14.19 6.15 39.04
C VAL F 94 -15.37 6.10 38.09
N THR F 95 -15.77 7.26 37.59
CA THR F 95 -16.81 7.39 36.59
C THR F 95 -16.31 8.32 35.50
N GLU F 96 -16.87 8.16 34.29
CA GLU F 96 -16.38 8.95 33.17
C GLU F 96 -17.43 9.03 32.08
N GLU F 97 -17.44 10.16 31.39
CA GLU F 97 -18.38 10.43 30.31
C GLU F 97 -17.83 9.89 29.00
N PHE F 98 -18.63 9.06 28.32
CA PHE F 98 -18.32 8.55 26.99
C PHE F 98 -19.38 8.98 25.99
N ASN F 99 -18.93 9.27 24.77
CA ASN F 99 -19.79 9.70 23.68
C ASN F 99 -19.35 8.91 22.44
N MET F 100 -20.13 7.88 22.10
CA MET F 100 -19.74 6.99 21.02
C MET F 100 -19.88 7.64 19.64
N TRP F 101 -20.57 8.79 19.54
CA TRP F 101 -20.74 9.48 18.27
C TRP F 101 -19.71 10.56 18.02
N LYS F 102 -18.90 10.92 19.03
CA LYS F 102 -17.81 11.88 18.87
C LYS F 102 -16.47 11.23 19.12
N ASN F 103 -16.40 9.91 19.02
CA ASN F 103 -15.19 9.17 19.38
C ASN F 103 -14.21 9.24 18.22
N ASN F 104 -13.01 9.77 18.49
CA ASN F 104 -12.01 9.89 17.43
C ASN F 104 -11.53 8.54 16.93
N MET F 105 -11.76 7.47 17.70
CA MET F 105 -11.37 6.13 17.26
C MET F 105 -11.96 5.78 15.90
N VAL F 106 -13.24 6.08 15.67
CA VAL F 106 -13.85 5.65 14.42
C VAL F 106 -13.33 6.44 13.23
N GLU F 107 -13.05 7.73 13.42
CA GLU F 107 -12.50 8.49 12.31
C GLU F 107 -11.08 8.03 11.98
N GLN F 108 -10.29 7.74 13.02
CA GLN F 108 -9.01 7.07 12.76
C GLN F 108 -9.21 5.74 12.07
N MET F 109 -10.29 5.03 12.41
CA MET F 109 -10.53 3.74 11.79
C MET F 109 -10.75 3.92 10.30
N HIS F 110 -11.65 4.82 9.93
CA HIS F 110 -11.95 5.08 8.52
C HIS F 110 -10.69 5.49 7.78
N GLU F 111 -9.94 6.45 8.34
CA GLU F 111 -8.76 6.96 7.66
C GLU F 111 -7.69 5.88 7.50
N ASP F 112 -7.40 5.14 8.56
CA ASP F 112 -6.38 4.11 8.46
C ASP F 112 -6.77 3.01 7.49
N ILE F 113 -8.03 2.56 7.53
CA ILE F 113 -8.44 1.48 6.67
C ILE F 113 -8.39 1.90 5.20
N ILE F 114 -8.88 3.11 4.87
CA ILE F 114 -8.81 3.53 3.47
C ILE F 114 -7.36 3.72 3.04
N SER F 115 -6.51 4.25 3.93
CA SER F 115 -5.10 4.42 3.58
C SER F 115 -4.47 3.07 3.28
N LEU F 116 -4.78 2.06 4.09
CA LEU F 116 -4.25 0.74 3.83
C LEU F 116 -4.77 0.16 2.51
N TRP F 117 -6.05 0.34 2.21
CA TRP F 117 -6.57 -0.24 0.98
C TRP F 117 -5.90 0.39 -0.24
N ASP F 118 -5.71 1.72 -0.20
CA ASP F 118 -4.99 2.37 -1.28
C ASP F 118 -3.55 1.88 -1.35
N GLN F 119 -2.91 1.73 -0.20
CA GLN F 119 -1.53 1.26 -0.19
C GLN F 119 -1.42 -0.14 -0.77
N SER F 120 -2.38 -1.01 -0.47
CA SER F 120 -2.35 -2.37 -0.98
C SER F 120 -2.58 -2.41 -2.48
N LEU F 121 -3.50 -1.60 -2.99
CA LEU F 121 -3.73 -1.62 -4.43
C LEU F 121 -2.65 -0.91 -5.23
N LYS F 122 -1.90 0.00 -4.60
CA LYS F 122 -0.95 0.84 -5.33
C LYS F 122 0.08 0.08 -6.16
N PRO F 123 0.73 -0.98 -5.68
CA PRO F 123 1.71 -1.70 -6.51
C PRO F 123 1.13 -2.81 -7.37
N CYS F 124 -0.18 -3.02 -7.39
CA CYS F 124 -0.75 -4.15 -8.11
C CYS F 124 -0.92 -3.83 -9.59
N VAL F 125 -1.30 -4.87 -10.35
CA VAL F 125 -1.44 -4.74 -11.80
C VAL F 125 -2.55 -3.75 -12.12
N LYS F 126 -2.35 -2.98 -13.19
CA LYS F 126 -3.34 -2.01 -13.66
C LYS F 126 -4.05 -2.56 -14.89
N LEU F 127 -5.38 -2.48 -14.88
CA LEU F 127 -6.19 -2.86 -16.03
C LEU F 127 -6.56 -1.64 -16.87
N THR F 128 -5.72 -0.60 -16.87
CA THR F 128 -5.97 0.59 -17.67
C THR F 128 -6.18 0.32 -19.15
N PRO F 129 -5.34 -0.46 -19.85
CA PRO F 129 -5.58 -0.68 -21.28
C PRO F 129 -6.80 -1.51 -21.59
N LEU F 130 -7.42 -2.14 -20.59
CA LEU F 130 -8.61 -2.94 -20.82
C LEU F 130 -9.85 -2.05 -20.84
N CYS F 131 -10.00 -1.34 -21.97
CA CYS F 131 -11.21 -0.58 -22.25
C CYS F 131 -11.34 -0.48 -23.77
N VAL F 132 -12.04 -1.45 -24.34
CA VAL F 132 -12.21 -1.57 -25.78
C VAL F 132 -13.62 -2.04 -26.07
N THR F 133 -14.03 -1.91 -27.33
CA THR F 133 -15.32 -2.41 -27.74
C THR F 133 -15.37 -3.92 -27.57
N LEU F 134 -16.47 -4.40 -27.00
CA LEU F 134 -16.64 -5.80 -26.67
C LEU F 134 -17.83 -6.39 -27.43
N ASN F 135 -17.59 -7.45 -28.22
CA ASN F 135 -18.70 -8.33 -28.60
C ASN F 135 -19.05 -9.30 -27.51
N CYS F 136 -20.19 -9.05 -26.87
CA CYS F 136 -20.72 -9.91 -25.82
C CYS F 136 -21.97 -10.59 -26.30
N THR F 137 -22.14 -11.86 -25.92
CA THR F 137 -23.37 -12.62 -26.15
C THR F 137 -23.73 -13.36 -24.88
N ASN F 138 -24.86 -14.06 -24.90
CA ASN F 138 -25.30 -14.80 -23.73
C ASN F 138 -24.28 -15.88 -23.41
N ALA F 139 -23.90 -15.97 -22.13
CA ALA F 139 -22.98 -17.00 -21.68
C ALA F 139 -23.76 -18.24 -21.27
N THR F 140 -23.20 -19.41 -21.63
CA THR F 140 -23.85 -20.68 -21.42
C THR F 140 -22.94 -21.62 -20.65
N ALA F 141 -23.54 -22.60 -19.99
CA ALA F 141 -22.85 -23.58 -19.19
C ALA F 141 -23.24 -24.98 -19.62
N SER F 142 -22.26 -25.87 -19.65
CA SER F 142 -22.48 -27.30 -19.91
C SER F 142 -23.23 -27.51 -21.23
N ASN F 143 -24.52 -27.86 -21.18
CA ASN F 143 -25.28 -28.22 -22.37
C ASN F 143 -25.97 -26.98 -22.93
N SER F 144 -25.17 -25.95 -23.18
CA SER F 144 -25.62 -24.72 -23.84
C SER F 144 -26.80 -24.08 -23.12
N SER F 145 -26.80 -24.18 -21.79
CA SER F 145 -27.89 -23.66 -20.98
C SER F 145 -27.58 -22.22 -20.60
N ILE F 146 -28.56 -21.34 -20.80
CA ILE F 146 -28.36 -19.91 -20.58
C ILE F 146 -28.04 -19.64 -19.13
N ILE F 147 -27.11 -18.71 -18.88
CA ILE F 147 -26.77 -18.24 -17.54
C ILE F 147 -27.29 -16.81 -17.44
N GLU F 148 -28.26 -16.60 -16.55
CA GLU F 148 -28.72 -15.25 -16.29
C GLU F 148 -27.62 -14.47 -15.59
N GLY F 149 -27.41 -13.23 -16.02
CA GLY F 149 -26.50 -12.32 -15.34
C GLY F 149 -25.05 -12.40 -15.79
N MET F 150 -24.72 -13.24 -16.77
CA MET F 150 -23.38 -13.34 -17.31
C MET F 150 -23.40 -13.09 -18.81
N LYS F 151 -22.24 -12.73 -19.36
CA LYS F 151 -22.08 -12.57 -20.80
C LYS F 151 -20.68 -13.02 -21.21
N ASN F 152 -20.62 -13.77 -22.31
CA ASN F 152 -19.37 -14.21 -22.93
C ASN F 152 -18.93 -13.11 -23.89
N CYS F 153 -17.82 -12.45 -23.58
CA CYS F 153 -17.33 -11.29 -24.30
C CYS F 153 -16.00 -11.61 -24.97
N SER F 154 -15.94 -11.34 -26.26
CA SER F 154 -14.72 -11.35 -27.05
C SER F 154 -14.26 -9.92 -27.29
N PHE F 155 -12.94 -9.73 -27.23
CA PHE F 155 -12.35 -8.41 -27.36
C PHE F 155 -10.93 -8.52 -27.87
N ASN F 156 -10.47 -7.43 -28.50
CA ASN F 156 -9.09 -7.33 -28.97
C ASN F 156 -8.24 -6.74 -27.85
N ILE F 157 -7.14 -7.41 -27.53
CA ILE F 157 -6.26 -7.00 -26.43
C ILE F 157 -4.83 -7.04 -26.91
N THR F 158 -4.02 -6.15 -26.35
CA THR F 158 -2.59 -6.15 -26.59
C THR F 158 -1.94 -7.36 -25.94
N THR F 159 -0.62 -7.45 -26.07
CA THR F 159 0.15 -8.58 -25.55
C THR F 159 1.52 -8.03 -25.16
N GLU F 160 2.51 -8.93 -25.06
CA GLU F 160 3.86 -8.52 -24.70
C GLU F 160 4.37 -7.42 -25.63
N LEU F 161 4.27 -7.63 -26.93
CA LEU F 161 4.73 -6.67 -27.92
C LEU F 161 3.61 -5.66 -28.21
N ARG F 162 3.97 -4.38 -28.19
CA ARG F 162 2.98 -3.33 -28.37
C ARG F 162 2.31 -3.37 -29.74
N ASP F 163 2.99 -3.91 -30.75
CA ASP F 163 2.48 -3.93 -32.11
C ASP F 163 1.68 -5.19 -32.42
N LYS F 164 1.53 -6.10 -31.47
CA LYS F 164 0.81 -7.34 -31.65
C LYS F 164 -0.47 -7.29 -30.84
N ARG F 165 -1.57 -7.73 -31.46
CA ARG F 165 -2.88 -7.80 -30.82
C ARG F 165 -3.40 -9.22 -30.96
N GLU F 166 -4.37 -9.57 -30.11
CA GLU F 166 -4.97 -10.89 -30.17
C GLU F 166 -6.40 -10.81 -29.66
N LYS F 167 -7.24 -11.71 -30.16
CA LYS F 167 -8.63 -11.80 -29.75
C LYS F 167 -8.72 -12.75 -28.56
N LYS F 168 -9.33 -12.28 -27.47
CA LYS F 168 -9.44 -13.06 -26.24
C LYS F 168 -10.88 -13.01 -25.73
N ASN F 169 -11.24 -14.07 -25.00
CA ASN F 169 -12.59 -14.32 -24.54
C ASN F 169 -12.61 -14.38 -23.01
N ALA F 170 -13.72 -13.91 -22.43
CA ALA F 170 -13.88 -13.96 -21.00
C ALA F 170 -15.35 -13.77 -20.65
N LEU F 171 -15.76 -14.32 -19.51
CA LEU F 171 -17.11 -14.13 -18.99
C LEU F 171 -17.11 -12.97 -18.00
N PHE F 172 -18.15 -12.16 -18.05
CA PHE F 172 -18.32 -11.03 -17.15
C PHE F 172 -19.75 -10.96 -16.63
N TYR F 173 -19.90 -10.34 -15.47
CA TYR F 173 -21.22 -10.13 -14.88
C TYR F 173 -21.88 -8.90 -15.49
N LYS F 174 -23.20 -8.95 -15.60
CA LYS F 174 -23.93 -7.83 -16.18
C LYS F 174 -23.76 -6.56 -15.36
N LEU F 175 -23.53 -6.70 -14.06
CA LEU F 175 -23.43 -5.51 -13.21
C LEU F 175 -22.13 -4.74 -13.41
N ASP F 176 -21.18 -5.29 -14.16
CA ASP F 176 -19.92 -4.63 -14.46
C ASP F 176 -19.83 -4.11 -15.90
N ILE F 177 -20.89 -4.23 -16.68
CA ILE F 177 -20.85 -3.93 -18.11
C ILE F 177 -22.04 -3.04 -18.45
N VAL F 178 -21.80 -2.08 -19.35
CA VAL F 178 -22.82 -1.18 -19.86
C VAL F 178 -22.81 -1.30 -21.38
N GLN F 179 -23.96 -1.04 -21.99
CA GLN F 179 -24.16 -1.23 -23.42
C GLN F 179 -23.85 0.06 -24.18
N LEU F 180 -22.98 -0.04 -25.18
CA LEU F 180 -22.68 1.12 -26.02
C LEU F 180 -23.84 1.46 -26.96
N ASP F 181 -24.46 0.45 -27.56
CA ASP F 181 -25.54 0.66 -28.53
C ASP F 181 -26.73 -0.19 -28.10
N GLY F 182 -27.87 0.48 -27.91
CA GLY F 182 -29.04 -0.20 -27.38
C GLY F 182 -29.59 -1.30 -28.27
N ASN F 183 -29.23 -1.30 -29.56
CA ASN F 183 -29.73 -2.27 -30.52
C ASN F 183 -28.62 -3.13 -31.12
N SER F 184 -27.51 -3.31 -30.40
CA SER F 184 -26.39 -4.10 -30.89
C SER F 184 -25.63 -4.66 -29.69
N SER F 185 -24.54 -5.36 -29.97
CA SER F 185 -23.83 -6.16 -28.98
C SER F 185 -22.50 -5.53 -28.56
N GLN F 186 -22.31 -4.24 -28.77
CA GLN F 186 -21.09 -3.56 -28.32
C GLN F 186 -21.27 -3.13 -26.86
N TYR F 187 -20.27 -3.40 -26.04
CA TYR F 187 -20.33 -3.18 -24.60
C TYR F 187 -18.99 -2.67 -24.10
N ARG F 188 -19.02 -2.07 -22.91
CA ARG F 188 -17.79 -1.63 -22.25
C ARG F 188 -17.95 -1.82 -20.74
N LEU F 189 -16.84 -1.64 -20.03
CA LEU F 189 -16.87 -1.71 -18.58
C LEU F 189 -17.33 -0.38 -17.99
N ILE F 190 -18.11 -0.47 -16.91
CA ILE F 190 -18.75 0.70 -16.33
C ILE F 190 -17.72 1.71 -15.84
N ASN F 191 -16.52 1.27 -15.50
CA ASN F 191 -15.45 2.15 -15.07
C ASN F 191 -15.06 3.22 -16.09
N CYS F 192 -15.23 2.97 -17.39
CA CYS F 192 -14.39 3.64 -18.39
C CYS F 192 -14.65 5.13 -18.45
N ASN F 193 -15.78 5.62 -17.92
CA ASN F 193 -16.06 7.05 -17.89
C ASN F 193 -15.96 7.65 -16.49
N THR F 194 -15.32 6.97 -15.54
CA THR F 194 -14.95 7.58 -14.25
C THR F 194 -13.46 7.56 -14.01
N SER F 195 -12.79 6.41 -14.11
CA SER F 195 -11.36 6.35 -13.84
C SER F 195 -10.85 4.97 -14.19
N ALA F 196 -9.53 4.88 -14.35
CA ALA F 196 -8.91 3.57 -14.52
C ALA F 196 -9.04 2.77 -13.23
N ILE F 197 -9.13 1.45 -13.40
CA ILE F 197 -9.31 0.51 -12.29
C ILE F 197 -8.02 -0.24 -12.04
N THR F 198 -7.80 -0.59 -10.78
CA THR F 198 -6.67 -1.39 -10.35
C THR F 198 -7.17 -2.77 -9.91
N GLN F 199 -6.51 -3.81 -10.41
CA GLN F 199 -6.82 -5.17 -10.00
C GLN F 199 -6.12 -5.44 -8.68
N ALA F 200 -6.87 -5.95 -7.70
CA ALA F 200 -6.24 -6.37 -6.46
C ALA F 200 -5.30 -7.55 -6.73
N CYS F 201 -4.18 -7.56 -6.03
CA CYS F 201 -3.14 -8.55 -6.31
C CYS F 201 -3.68 -9.95 -6.01
N PRO F 202 -3.54 -10.91 -6.93
CA PRO F 202 -4.26 -12.18 -6.77
C PRO F 202 -3.78 -13.01 -5.60
N LYS F 203 -2.56 -12.79 -5.12
CA LYS F 203 -1.97 -13.57 -4.03
C LYS F 203 -2.06 -12.87 -2.69
N VAL F 204 -2.88 -11.82 -2.58
CA VAL F 204 -3.02 -11.04 -1.35
C VAL F 204 -4.40 -11.32 -0.77
N SER F 205 -4.42 -11.86 0.45
CA SER F 205 -5.67 -12.17 1.13
C SER F 205 -6.23 -10.94 1.82
N PHE F 206 -7.55 -10.80 1.77
CA PHE F 206 -8.26 -9.73 2.47
C PHE F 206 -9.24 -10.29 3.49
N GLU F 207 -8.94 -11.45 4.04
CA GLU F 207 -9.73 -12.03 5.10
C GLU F 207 -9.57 -11.18 6.36
N PRO F 208 -10.64 -10.64 6.95
CA PRO F 208 -10.46 -9.85 8.17
C PRO F 208 -9.86 -10.67 9.31
N ILE F 209 -9.01 -10.01 10.09
CA ILE F 209 -8.36 -10.59 11.26
C ILE F 209 -8.62 -9.64 12.42
N PRO F 210 -8.71 -10.14 13.66
CA PRO F 210 -8.89 -9.21 14.78
C PRO F 210 -7.69 -8.27 14.88
N ILE F 211 -7.98 -6.98 15.00
CA ILE F 211 -6.96 -5.94 15.10
C ILE F 211 -7.14 -5.27 16.45
N HIS F 212 -6.07 -5.21 17.21
CA HIS F 212 -6.07 -4.59 18.53
C HIS F 212 -5.46 -3.21 18.39
N TYR F 213 -6.08 -2.21 19.01
CA TYR F 213 -5.78 -0.81 18.78
C TYR F 213 -5.21 -0.20 20.05
N CYS F 214 -3.97 0.25 19.98
CA CYS F 214 -3.15 0.52 21.15
C CYS F 214 -2.73 1.99 21.15
N ALA F 215 -2.66 2.54 22.36
CA ALA F 215 -2.25 3.91 22.55
C ALA F 215 -0.73 4.03 22.48
N PRO F 216 -0.19 5.18 22.06
CA PRO F 216 1.22 5.44 22.29
C PRO F 216 1.45 5.82 23.75
N ALA F 217 2.71 6.08 24.08
CA ALA F 217 3.04 6.45 25.46
C ALA F 217 2.40 7.78 25.83
N GLY F 218 2.04 7.90 27.10
CA GLY F 218 1.41 9.10 27.62
C GLY F 218 -0.09 9.11 27.51
N PHE F 219 -0.69 8.13 26.84
CA PHE F 219 -2.12 8.04 26.66
C PHE F 219 -2.61 6.72 27.22
N ALA F 220 -3.93 6.58 27.32
CA ALA F 220 -4.52 5.35 27.81
C ALA F 220 -5.92 5.22 27.24
N ILE F 221 -6.45 4.00 27.29
CA ILE F 221 -7.78 3.70 26.76
C ILE F 221 -8.67 3.36 27.94
N LEU F 222 -9.84 3.97 27.99
CA LEU F 222 -10.81 3.72 29.06
C LEU F 222 -12.01 2.99 28.46
N LYS F 223 -12.33 1.84 29.06
CA LYS F 223 -13.37 0.94 28.58
C LYS F 223 -14.50 0.89 29.59
N CYS F 224 -15.73 1.06 29.09
CA CYS F 224 -16.92 0.94 29.91
C CYS F 224 -17.13 -0.52 30.26
N ASN F 225 -17.61 -0.78 31.47
CA ASN F 225 -18.04 -2.11 31.88
C ASN F 225 -19.47 -2.10 32.40
N ASN F 226 -20.26 -1.10 32.01
CA ASN F 226 -21.70 -1.09 32.25
C ASN F 226 -22.35 -1.84 31.09
N LYS F 227 -23.06 -2.92 31.40
CA LYS F 227 -23.52 -3.82 30.36
C LYS F 227 -24.58 -3.18 29.48
N THR F 228 -25.45 -2.33 30.04
CA THR F 228 -26.54 -1.71 29.30
C THR F 228 -26.19 -0.30 28.87
N PHE F 229 -24.93 -0.03 28.55
CA PHE F 229 -24.50 1.33 28.25
C PHE F 229 -24.86 1.70 26.81
N THR F 230 -25.64 2.78 26.67
CA THR F 230 -26.20 3.19 25.40
C THR F 230 -25.44 4.33 24.75
N GLY F 231 -24.28 4.71 25.27
CA GLY F 231 -23.56 5.84 24.72
C GLY F 231 -24.15 7.15 25.18
N THR F 232 -23.36 8.20 24.97
CA THR F 232 -23.74 9.58 25.26
C THR F 232 -24.14 9.72 26.74
N GLY F 233 -23.20 9.38 27.62
CA GLY F 233 -23.47 9.50 29.03
C GLY F 233 -22.36 9.01 29.92
N PRO F 234 -22.61 9.06 31.23
CA PRO F 234 -21.61 8.56 32.19
C PRO F 234 -21.59 7.04 32.25
N CYS F 235 -20.44 6.52 32.64
CA CYS F 235 -20.24 5.10 32.90
C CYS F 235 -19.57 5.00 34.27
N ASN F 236 -20.05 4.08 35.09
CA ASN F 236 -19.62 3.93 36.47
C ASN F 236 -18.59 2.83 36.61
N ASN F 237 -18.75 1.73 35.87
CA ASN F 237 -17.82 0.60 35.92
C ASN F 237 -16.88 0.77 34.74
N VAL F 238 -15.66 1.23 35.01
CA VAL F 238 -14.71 1.62 33.98
C VAL F 238 -13.37 0.97 34.30
N SER F 239 -12.64 0.59 33.24
CA SER F 239 -11.32 0.00 33.39
C SER F 239 -10.36 0.65 32.40
N THR F 240 -9.07 0.65 32.75
CA THR F 240 -8.01 1.14 31.89
C THR F 240 -7.38 -0.03 31.14
N VAL F 241 -7.11 0.18 29.85
CA VAL F 241 -6.42 -0.79 29.02
C VAL F 241 -5.44 -0.07 28.13
N GLN F 242 -4.50 -0.86 27.61
CA GLN F 242 -3.49 -0.39 26.66
C GLN F 242 -3.88 -0.72 25.23
N CYS F 243 -4.71 -1.74 25.01
CA CYS F 243 -5.17 -2.12 23.69
C CYS F 243 -6.59 -2.66 23.77
N THR F 244 -7.30 -2.56 22.66
CA THR F 244 -8.68 -3.03 22.59
C THR F 244 -8.73 -4.55 22.49
N HIS F 245 -9.95 -5.09 22.44
CA HIS F 245 -10.12 -6.54 22.52
C HIS F 245 -9.85 -7.25 21.20
N GLY F 246 -9.67 -6.53 20.09
CA GLY F 246 -9.48 -7.14 18.79
C GLY F 246 -10.74 -7.07 17.95
N ILE F 247 -10.71 -6.23 16.93
CA ILE F 247 -11.88 -5.93 16.11
C ILE F 247 -11.59 -6.39 14.69
N LYS F 248 -12.54 -7.11 14.10
CA LYS F 248 -12.38 -7.58 12.74
C LYS F 248 -12.87 -6.50 11.77
N PRO F 249 -12.00 -5.94 10.91
CA PRO F 249 -12.49 -4.86 10.04
C PRO F 249 -13.40 -5.37 8.93
N VAL F 250 -14.58 -5.81 9.32
CA VAL F 250 -15.55 -6.37 8.40
C VAL F 250 -16.32 -5.24 7.74
N VAL F 251 -16.66 -5.42 6.47
CA VAL F 251 -17.33 -4.40 5.67
C VAL F 251 -18.76 -4.87 5.41
N SER F 252 -19.73 -4.03 5.76
CA SER F 252 -21.13 -4.36 5.48
C SER F 252 -21.93 -3.07 5.45
N THR F 253 -23.13 -3.16 4.88
CA THR F 253 -23.97 -2.01 4.62
C THR F 253 -25.28 -2.01 5.37
N GLN F 254 -25.96 -3.15 5.47
CA GLN F 254 -27.28 -3.26 6.09
C GLN F 254 -27.26 -4.00 7.40
N LEU F 255 -26.37 -4.97 7.57
CA LEU F 255 -26.28 -5.76 8.79
C LEU F 255 -24.86 -5.69 9.34
N LEU F 256 -24.75 -5.84 10.65
CA LEU F 256 -23.46 -5.88 11.33
C LEU F 256 -23.04 -7.34 11.49
N LEU F 257 -21.88 -7.70 10.95
CA LEU F 257 -21.41 -9.07 10.87
C LEU F 257 -20.15 -9.27 11.71
N ASN F 258 -20.04 -10.44 12.31
CA ASN F 258 -18.81 -10.91 12.96
C ASN F 258 -18.32 -9.93 14.03
N GLY F 259 -19.27 -9.27 14.70
CA GLY F 259 -18.98 -8.37 15.78
C GLY F 259 -19.12 -9.03 17.14
N SER F 260 -19.29 -8.20 18.16
CA SER F 260 -19.49 -8.66 19.52
C SER F 260 -20.96 -8.58 19.89
N LEU F 261 -21.38 -9.52 20.74
CA LEU F 261 -22.77 -9.62 21.17
C LEU F 261 -22.97 -8.85 22.46
N ALA F 262 -24.18 -8.32 22.63
CA ALA F 262 -24.52 -7.60 23.85
C ALA F 262 -24.63 -8.56 25.02
N GLU F 263 -24.07 -8.17 26.16
CA GLU F 263 -24.07 -9.05 27.32
C GLU F 263 -25.48 -9.25 27.86
N GLY F 264 -26.26 -8.19 27.96
CA GLY F 264 -27.62 -8.24 28.45
C GLY F 264 -28.61 -8.55 27.35
N GLU F 265 -29.72 -7.81 27.36
CA GLU F 265 -30.69 -7.90 26.28
C GLU F 265 -30.18 -7.17 25.05
N ILE F 266 -31.03 -7.09 24.02
CA ILE F 266 -30.68 -6.36 22.81
C ILE F 266 -30.65 -4.87 23.13
N ILE F 267 -29.62 -4.19 22.65
CA ILE F 267 -29.38 -2.79 22.98
C ILE F 267 -29.55 -1.96 21.71
N ILE F 268 -30.23 -0.83 21.83
CA ILE F 268 -30.50 0.06 20.71
C ILE F 268 -29.84 1.40 21.03
N ARG F 269 -29.02 1.87 20.09
CA ARG F 269 -28.20 3.06 20.26
C ARG F 269 -28.45 4.04 19.13
N SER F 270 -28.44 5.32 19.47
CA SER F 270 -28.69 6.38 18.51
C SER F 270 -28.14 7.68 19.03
N GLU F 271 -27.58 8.49 18.12
CA GLU F 271 -27.15 9.83 18.49
C GLU F 271 -28.34 10.67 18.91
N ASN F 272 -29.47 10.49 18.24
CA ASN F 272 -30.71 11.20 18.58
C ASN F 272 -31.85 10.22 18.32
N ILE F 273 -32.37 9.61 19.39
CA ILE F 273 -33.39 8.59 19.23
C ILE F 273 -34.64 9.18 18.60
N THR F 274 -35.02 10.39 19.00
CA THR F 274 -36.25 11.01 18.49
C THR F 274 -36.12 11.54 17.08
N ASN F 275 -34.94 12.03 16.70
CA ASN F 275 -34.72 12.51 15.33
C ASN F 275 -34.53 11.29 14.44
N ASN F 276 -35.46 11.10 13.50
CA ASN F 276 -35.43 9.93 12.64
C ASN F 276 -34.34 10.02 11.57
N VAL F 277 -33.68 11.16 11.39
CA VAL F 277 -32.64 11.26 10.38
C VAL F 277 -31.43 10.42 10.74
N LYS F 278 -31.13 10.26 12.02
CA LYS F 278 -29.95 9.50 12.45
C LYS F 278 -30.17 8.02 12.26
N THR F 279 -29.07 7.29 12.12
CA THR F 279 -29.14 5.84 12.06
C THR F 279 -29.36 5.27 13.47
N ILE F 280 -29.77 4.01 13.50
CA ILE F 280 -30.10 3.30 14.72
C ILE F 280 -29.32 2.00 14.69
N LEU F 281 -28.47 1.79 15.70
CA LEU F 281 -27.63 0.60 15.78
C LEU F 281 -28.24 -0.34 16.80
N VAL F 282 -28.46 -1.60 16.40
CA VAL F 282 -29.04 -2.62 17.26
C VAL F 282 -27.99 -3.69 17.46
N HIS F 283 -27.59 -3.90 18.71
CA HIS F 283 -26.70 -4.99 19.09
C HIS F 283 -27.51 -6.13 19.65
N LEU F 284 -27.36 -7.31 19.06
CA LEU F 284 -28.04 -8.51 19.50
C LEU F 284 -27.22 -9.20 20.58
N ASN F 285 -27.93 -9.83 21.51
CA ASN F 285 -27.31 -10.72 22.50
C ASN F 285 -27.30 -12.17 22.05
N GLU F 286 -27.80 -12.46 20.84
CA GLU F 286 -27.69 -13.79 20.25
C GLU F 286 -27.56 -13.60 18.75
N SER F 287 -26.54 -14.21 18.17
CA SER F 287 -26.25 -14.03 16.75
C SER F 287 -27.23 -14.82 15.89
N VAL F 288 -27.23 -14.49 14.60
CA VAL F 288 -27.99 -15.24 13.60
C VAL F 288 -26.99 -15.81 12.60
N LYS F 289 -26.98 -17.13 12.44
CA LYS F 289 -26.05 -17.81 11.56
C LYS F 289 -26.62 -17.83 10.15
N ILE F 290 -25.97 -17.13 9.22
CA ILE F 290 -26.44 -17.02 7.84
C ILE F 290 -25.40 -17.65 6.94
N GLU F 291 -25.87 -18.44 5.97
CA GLU F 291 -25.01 -19.02 4.94
C GLU F 291 -25.15 -18.16 3.69
N CYS F 292 -24.08 -18.04 2.93
CA CYS F 292 -24.12 -17.38 1.64
C CYS F 292 -23.21 -18.12 0.68
N THR F 293 -23.58 -18.14 -0.59
CA THR F 293 -22.86 -18.97 -1.55
C THR F 293 -23.00 -18.42 -2.97
N ARG F 294 -21.90 -18.57 -3.71
CA ARG F 294 -21.88 -18.53 -5.16
C ARG F 294 -21.67 -19.99 -5.58
N PRO F 295 -22.73 -20.69 -5.99
CA PRO F 295 -22.62 -22.14 -6.17
C PRO F 295 -21.97 -22.58 -7.47
N ASN F 296 -22.05 -21.79 -8.55
CA ASN F 296 -21.58 -22.24 -9.85
C ASN F 296 -20.07 -22.50 -9.80
N ASN F 297 -19.66 -23.66 -10.29
CA ASN F 297 -18.24 -24.00 -10.36
C ASN F 297 -17.65 -23.40 -11.63
N LYS F 298 -16.83 -22.37 -11.47
CA LYS F 298 -16.32 -21.58 -12.59
C LYS F 298 -14.87 -21.91 -12.84
N THR F 299 -14.48 -21.93 -14.11
CA THR F 299 -13.08 -22.01 -14.51
C THR F 299 -12.52 -20.60 -14.65
N VAL F 300 -11.29 -20.41 -14.18
CA VAL F 300 -10.62 -19.11 -14.20
C VAL F 300 -9.55 -19.15 -15.27
N THR F 301 -9.47 -18.07 -16.05
CA THR F 301 -8.49 -17.90 -17.11
C THR F 301 -7.68 -16.64 -16.85
N SER F 302 -6.50 -16.57 -17.47
CA SER F 302 -5.58 -15.47 -17.26
C SER F 302 -4.95 -15.08 -18.59
N ILE F 303 -4.67 -13.79 -18.72
CA ILE F 303 -4.14 -13.19 -19.94
C ILE F 303 -2.92 -12.36 -19.57
N ARG F 304 -1.90 -12.40 -20.42
CA ARG F 304 -0.73 -11.54 -20.26
C ARG F 304 -0.98 -10.24 -21.01
N ILE F 305 -1.45 -9.21 -20.29
CA ILE F 305 -1.82 -7.96 -20.93
C ILE F 305 -0.64 -7.00 -21.09
N GLY F 306 0.51 -7.29 -20.49
CA GLY F 306 1.61 -6.38 -20.55
C GLY F 306 2.89 -7.00 -20.03
N PRO F 307 3.94 -6.20 -19.94
CA PRO F 307 5.23 -6.72 -19.49
C PRO F 307 5.19 -7.04 -18.02
N GLY F 308 4.78 -8.26 -17.69
CA GLY F 308 4.59 -8.67 -16.32
C GLY F 308 3.22 -8.37 -15.76
N GLN F 309 2.29 -7.89 -16.58
CA GLN F 309 0.95 -7.51 -16.15
C GLN F 309 0.00 -8.66 -16.50
N TRP F 310 -0.60 -9.26 -15.48
CA TRP F 310 -1.51 -10.38 -15.63
C TRP F 310 -2.93 -9.92 -15.32
N PHE F 311 -3.87 -10.29 -16.18
CA PHE F 311 -5.29 -10.01 -15.99
C PHE F 311 -6.05 -11.32 -15.86
N TYR F 312 -6.79 -11.48 -14.76
CA TYR F 312 -7.54 -12.69 -14.49
C TYR F 312 -9.02 -12.45 -14.75
N ALA F 313 -9.70 -13.47 -15.26
CA ALA F 313 -11.11 -13.38 -15.57
C ALA F 313 -11.75 -14.75 -15.46
N TYR F 314 -13.07 -14.78 -15.49
CA TYR F 314 -13.79 -16.04 -15.42
C TYR F 314 -13.91 -16.68 -16.79
N GLY F 315 -13.33 -17.86 -16.93
CA GLY F 315 -13.42 -18.64 -18.16
C GLY F 315 -14.80 -19.21 -18.36
N GLN F 316 -14.87 -20.36 -19.01
CA GLN F 316 -16.15 -21.04 -19.15
C GLN F 316 -16.59 -21.58 -17.78
N VAL F 317 -17.77 -22.17 -17.74
CA VAL F 317 -18.36 -22.70 -16.51
C VAL F 317 -18.84 -24.11 -16.77
N ILE F 318 -18.97 -24.89 -15.70
CA ILE F 318 -19.37 -26.29 -15.78
C ILE F 318 -20.45 -26.57 -14.73
N GLY F 319 -21.08 -27.72 -14.89
CA GLY F 319 -22.16 -28.11 -14.00
C GLY F 319 -23.47 -27.48 -14.39
N ASP F 320 -24.48 -27.73 -13.57
CA ASP F 320 -25.81 -27.21 -13.82
C ASP F 320 -25.84 -25.72 -13.50
N ILE F 321 -26.90 -25.04 -13.94
CA ILE F 321 -27.10 -23.64 -13.65
C ILE F 321 -27.50 -23.50 -12.19
N ARG F 322 -26.80 -22.63 -11.47
CA ARG F 322 -27.09 -22.31 -10.08
C ARG F 322 -26.89 -20.82 -9.89
N GLU F 323 -27.52 -20.28 -8.84
CA GLU F 323 -27.55 -18.84 -8.61
C GLU F 323 -27.01 -18.53 -7.22
N ALA F 324 -26.42 -17.36 -7.09
CA ALA F 324 -25.87 -16.94 -5.80
C ALA F 324 -26.99 -16.54 -4.86
N TYR F 325 -26.84 -16.89 -3.59
CA TYR F 325 -27.91 -16.57 -2.64
C TYR F 325 -27.37 -16.55 -1.22
N CYS F 326 -28.25 -16.14 -0.30
CA CYS F 326 -27.99 -16.21 1.13
C CYS F 326 -29.15 -16.91 1.81
N ASN F 327 -28.84 -18.02 2.48
CA ASN F 327 -29.81 -18.85 3.18
C ASN F 327 -29.82 -18.44 4.64
N ILE F 328 -31.02 -18.27 5.20
CA ILE F 328 -31.22 -17.78 6.55
C ILE F 328 -32.30 -18.63 7.20
N ASN F 329 -32.09 -18.97 8.47
CA ASN F 329 -33.09 -19.73 9.22
C ASN F 329 -34.25 -18.79 9.57
N GLU F 330 -35.43 -19.09 9.03
CA GLU F 330 -36.56 -18.18 9.14
C GLU F 330 -36.97 -17.98 10.59
N SER F 331 -37.00 -19.07 11.37
CA SER F 331 -37.37 -18.98 12.78
C SER F 331 -36.49 -17.99 13.51
N THR F 332 -35.19 -18.30 13.60
CA THR F 332 -34.25 -17.50 14.37
C THR F 332 -34.33 -16.03 13.99
N TRP F 333 -34.52 -15.76 12.70
CA TRP F 333 -34.76 -14.39 12.27
C TRP F 333 -36.01 -13.82 12.92
N ASN F 334 -37.10 -14.61 12.96
CA ASN F 334 -38.34 -14.03 13.48
C ASN F 334 -38.26 -13.76 14.97
N GLU F 335 -37.71 -14.70 15.76
CA GLU F 335 -37.56 -14.38 17.19
C GLU F 335 -36.58 -13.23 17.40
N THR F 336 -35.50 -13.15 16.61
CA THR F 336 -34.59 -12.02 16.77
C THR F 336 -35.31 -10.70 16.53
N LEU F 337 -36.08 -10.62 15.45
CA LEU F 337 -36.76 -9.37 15.13
C LEU F 337 -37.85 -9.09 16.16
N GLY F 338 -38.47 -10.13 16.70
CA GLY F 338 -39.46 -9.93 17.74
C GLY F 338 -38.86 -9.34 19.00
N LYS F 339 -37.73 -9.87 19.44
CA LYS F 339 -37.04 -9.28 20.58
C LYS F 339 -36.61 -7.85 20.26
N VAL F 340 -36.20 -7.59 19.01
CA VAL F 340 -35.79 -6.24 18.64
C VAL F 340 -36.94 -5.26 18.75
N VAL F 341 -38.14 -5.66 18.28
CA VAL F 341 -39.26 -4.74 18.38
C VAL F 341 -39.69 -4.56 19.83
N LYS F 342 -39.60 -5.64 20.63
CA LYS F 342 -39.89 -5.51 22.05
C LYS F 342 -38.98 -4.48 22.69
N GLN F 343 -37.70 -4.48 22.32
CA GLN F 343 -36.79 -3.49 22.89
C GLN F 343 -36.96 -2.11 22.25
N LEU F 344 -37.41 -2.05 20.99
CA LEU F 344 -37.79 -0.76 20.43
C LEU F 344 -38.90 -0.11 21.22
N ARG F 345 -39.80 -0.92 21.77
CA ARG F 345 -40.90 -0.39 22.56
C ARG F 345 -40.46 0.22 23.88
N LYS F 346 -39.17 0.14 24.26
CA LYS F 346 -38.69 0.91 25.38
C LYS F 346 -38.54 2.39 25.04
N HIS F 347 -38.15 2.71 23.80
CA HIS F 347 -38.04 4.08 23.33
C HIS F 347 -39.23 4.55 22.53
N PHE F 348 -40.07 3.63 22.04
CA PHE F 348 -41.30 3.96 21.34
C PHE F 348 -42.48 3.37 22.09
N GLY F 349 -43.68 3.85 21.76
CA GLY F 349 -44.85 3.55 22.56
C GLY F 349 -45.17 2.07 22.57
N ASN F 350 -45.76 1.63 23.70
CA ASN F 350 -46.18 0.24 23.82
C ASN F 350 -47.18 -0.13 22.74
N ASN F 351 -48.16 0.73 22.48
CA ASN F 351 -49.23 0.46 21.51
C ASN F 351 -48.86 0.97 20.12
N THR F 352 -47.69 1.56 19.94
CA THR F 352 -47.27 2.04 18.64
C THR F 352 -47.09 0.87 17.69
N ILE F 353 -47.54 1.04 16.45
CA ILE F 353 -47.34 0.03 15.41
C ILE F 353 -45.90 0.12 14.94
N ILE F 354 -45.24 -1.02 14.78
CA ILE F 354 -43.85 -1.06 14.31
C ILE F 354 -43.81 -1.82 13.00
N ARG F 355 -43.50 -1.11 11.91
CA ARG F 355 -43.50 -1.71 10.57
C ARG F 355 -42.08 -1.73 10.03
N PHE F 356 -41.78 -2.75 9.22
CA PHE F 356 -40.46 -2.97 8.66
C PHE F 356 -40.58 -3.12 7.14
N GLN F 357 -39.93 -2.24 6.40
CA GLN F 357 -39.97 -2.17 4.96
C GLN F 357 -38.56 -2.20 4.40
N PRO F 358 -38.38 -2.65 3.15
CA PRO F 358 -37.03 -2.57 2.56
C PRO F 358 -36.64 -1.13 2.28
N SER F 359 -35.37 -0.95 1.95
CA SER F 359 -34.87 0.37 1.58
C SER F 359 -35.57 0.85 0.33
N SER F 360 -35.97 2.13 0.33
CA SER F 360 -36.75 2.67 -0.78
C SER F 360 -35.98 2.66 -2.09
N GLY F 361 -34.71 3.04 -2.08
CA GLY F 361 -33.95 3.08 -3.31
C GLY F 361 -32.63 3.81 -3.16
N GLY F 362 -31.82 3.79 -4.22
CA GLY F 362 -30.50 4.37 -4.26
C GLY F 362 -29.55 3.47 -5.00
N ASP F 363 -28.26 3.67 -4.77
CA ASP F 363 -27.25 2.84 -5.42
C ASP F 363 -27.36 1.40 -4.92
N LEU F 364 -26.86 0.48 -5.75
CA LEU F 364 -26.87 -0.94 -5.36
C LEU F 364 -26.09 -1.16 -4.07
N GLU F 365 -25.10 -0.32 -3.80
CA GLU F 365 -24.28 -0.50 -2.60
C GLU F 365 -25.11 -0.34 -1.33
N VAL F 366 -26.02 0.62 -1.30
CA VAL F 366 -26.79 0.93 -0.10
C VAL F 366 -28.17 0.28 -0.10
N THR F 367 -28.80 0.10 -1.26
CA THR F 367 -30.10 -0.54 -1.30
C THR F 367 -30.01 -1.98 -0.81
N THR F 368 -28.97 -2.68 -1.22
CA THR F 368 -28.79 -4.10 -0.91
C THR F 368 -27.91 -4.26 0.32
N HIS F 369 -27.91 -5.47 0.84
CA HIS F 369 -26.92 -5.92 1.83
C HIS F 369 -25.67 -6.30 1.05
N SER F 370 -24.62 -5.51 1.20
CA SER F 370 -23.37 -5.69 0.46
C SER F 370 -22.32 -6.22 1.41
N PHE F 371 -21.58 -7.24 0.96
CA PHE F 371 -20.55 -7.77 1.84
C PHE F 371 -19.53 -8.57 1.05
N ASN F 372 -18.47 -8.96 1.74
CA ASN F 372 -17.39 -9.75 1.17
C ASN F 372 -17.52 -11.19 1.65
N CYS F 373 -17.38 -12.13 0.72
CA CYS F 373 -17.45 -13.56 0.99
C CYS F 373 -16.25 -14.21 0.29
N GLY F 374 -15.24 -14.56 1.08
CA GLY F 374 -14.09 -15.28 0.57
C GLY F 374 -13.33 -14.58 -0.54
N GLY F 375 -13.43 -13.25 -0.61
CA GLY F 375 -12.80 -12.46 -1.65
C GLY F 375 -13.74 -12.00 -2.75
N GLU F 376 -14.92 -12.60 -2.86
CA GLU F 376 -15.94 -12.16 -3.80
C GLU F 376 -16.83 -11.14 -3.13
N PHE F 377 -17.51 -10.32 -3.95
CA PHE F 377 -18.41 -9.27 -3.46
C PHE F 377 -19.85 -9.66 -3.76
N PHE F 378 -20.68 -9.69 -2.72
CA PHE F 378 -22.07 -10.09 -2.81
C PHE F 378 -22.98 -8.89 -2.55
N TYR F 379 -24.11 -8.86 -3.25
CA TYR F 379 -25.14 -7.85 -3.06
C TYR F 379 -26.49 -8.56 -3.02
N CYS F 380 -27.15 -8.58 -1.85
CA CYS F 380 -28.36 -9.36 -1.64
C CYS F 380 -29.55 -8.46 -1.32
N ASN F 381 -30.73 -8.86 -1.81
CA ASN F 381 -31.90 -7.97 -1.78
C ASN F 381 -32.36 -7.66 -0.36
N THR F 382 -32.40 -8.66 0.51
CA THR F 382 -32.94 -8.52 1.86
C THR F 382 -34.42 -8.17 1.89
N SER F 383 -35.14 -8.36 0.78
CA SER F 383 -36.58 -8.11 0.81
C SER F 383 -37.27 -9.04 1.78
N GLY F 384 -36.81 -10.29 1.89
CA GLY F 384 -37.42 -11.25 2.77
C GLY F 384 -37.13 -11.06 4.24
N LEU F 385 -36.30 -10.09 4.60
CA LEU F 385 -35.95 -9.83 6.00
C LEU F 385 -36.70 -8.66 6.60
N PHE F 386 -37.08 -7.67 5.79
CA PHE F 386 -37.64 -6.43 6.31
C PHE F 386 -38.98 -6.11 5.67
N ASN F 387 -39.88 -7.08 5.64
CA ASN F 387 -41.25 -6.88 5.17
C ASN F 387 -42.17 -7.48 6.23
N SER F 388 -42.53 -6.66 7.22
CA SER F 388 -43.37 -7.17 8.31
C SER F 388 -44.06 -6.01 9.01
N THR F 389 -45.07 -6.35 9.80
CA THR F 389 -45.76 -5.41 10.66
C THR F 389 -45.90 -6.06 12.03
N TRP F 390 -45.78 -5.25 13.09
CA TRP F 390 -45.79 -5.73 14.46
C TRP F 390 -46.80 -4.93 15.26
N ILE F 391 -47.77 -5.66 15.81
CA ILE F 391 -48.91 -5.15 16.55
C ILE F 391 -48.93 -5.89 17.88
N SER F 392 -48.87 -5.16 18.99
CA SER F 392 -48.97 -5.75 20.31
C SER F 392 -47.93 -6.84 20.55
N ASN F 405 -38.01 -25.70 10.74
CA ASN F 405 -38.63 -26.29 9.55
C ASN F 405 -38.62 -25.29 8.39
N ASP F 406 -38.96 -24.05 8.69
CA ASP F 406 -39.05 -23.02 7.67
C ASP F 406 -37.69 -22.34 7.49
N SER F 407 -37.39 -21.97 6.25
CA SER F 407 -36.15 -21.26 5.95
C SER F 407 -36.41 -20.29 4.81
N ILE F 408 -35.59 -19.25 4.73
CA ILE F 408 -35.75 -18.19 3.74
C ILE F 408 -34.45 -18.01 2.98
N THR F 409 -34.57 -17.52 1.76
CA THR F 409 -33.44 -17.34 0.86
C THR F 409 -33.53 -15.97 0.19
N LEU F 410 -32.43 -15.24 0.24
CA LEU F 410 -32.27 -13.97 -0.43
C LEU F 410 -31.53 -14.17 -1.74
N PRO F 411 -32.07 -13.80 -2.91
CA PRO F 411 -31.24 -13.79 -4.11
C PRO F 411 -30.11 -12.77 -3.98
N CYS F 412 -28.98 -13.07 -4.63
CA CYS F 412 -27.79 -12.23 -4.54
C CYS F 412 -27.15 -12.10 -5.91
N ARG F 413 -26.53 -10.94 -6.13
CA ARG F 413 -25.83 -10.60 -7.35
C ARG F 413 -24.35 -10.44 -7.05
N ILE F 414 -23.53 -10.67 -8.08
CA ILE F 414 -22.08 -10.65 -7.99
C ILE F 414 -21.57 -9.52 -8.88
N LYS F 415 -20.70 -8.69 -8.32
CA LYS F 415 -20.18 -7.50 -8.99
C LYS F 415 -18.70 -7.39 -8.69
N GLN F 416 -17.87 -7.44 -9.73
CA GLN F 416 -16.43 -7.42 -9.54
C GLN F 416 -15.84 -6.01 -9.47
N ILE F 417 -16.51 -5.02 -10.06
CA ILE F 417 -16.04 -3.64 -10.04
C ILE F 417 -16.67 -2.97 -8.84
N ILE F 418 -15.84 -2.51 -7.90
CA ILE F 418 -16.29 -2.03 -6.60
C ILE F 418 -15.90 -0.58 -6.47
N ASN F 419 -16.89 0.30 -6.28
CA ASN F 419 -16.64 1.70 -5.93
C ASN F 419 -16.55 1.80 -4.41
N MET F 420 -15.46 1.25 -3.88
CA MET F 420 -15.30 1.11 -2.44
C MET F 420 -15.18 2.46 -1.76
N TRP F 421 -15.79 2.56 -0.58
CA TRP F 421 -15.93 3.79 0.20
C TRP F 421 -16.69 4.89 -0.53
N GLN F 422 -17.65 4.51 -1.39
CA GLN F 422 -18.44 5.42 -2.23
C GLN F 422 -17.61 6.57 -2.82
N ARG F 423 -16.37 6.29 -3.20
CA ARG F 423 -15.53 7.29 -3.83
C ARG F 423 -15.67 7.25 -5.34
N VAL F 424 -15.63 8.44 -5.94
CA VAL F 424 -15.69 8.59 -7.38
C VAL F 424 -14.32 8.29 -7.94
N GLY F 425 -14.26 7.35 -8.88
CA GLY F 425 -12.98 6.91 -9.41
C GLY F 425 -12.24 6.01 -8.44
N GLN F 426 -11.04 5.62 -8.85
CA GLN F 426 -10.18 4.72 -8.06
C GLN F 426 -10.90 3.41 -7.75
N ALA F 427 -11.72 2.95 -8.69
CA ALA F 427 -12.50 1.74 -8.46
C ALA F 427 -11.64 0.50 -8.54
N MET F 428 -12.01 -0.50 -7.76
CA MET F 428 -11.24 -1.74 -7.62
C MET F 428 -11.88 -2.84 -8.47
N TYR F 429 -11.05 -3.73 -8.98
CA TYR F 429 -11.50 -4.94 -9.64
C TYR F 429 -11.20 -6.14 -8.75
N ALA F 430 -12.24 -6.73 -8.18
CA ALA F 430 -12.06 -7.92 -7.37
C ALA F 430 -11.71 -9.09 -8.29
N PRO F 431 -10.62 -9.81 -8.07
CA PRO F 431 -10.21 -10.83 -9.04
C PRO F 431 -11.17 -12.01 -8.99
N PRO F 432 -11.25 -12.80 -10.05
CA PRO F 432 -12.09 -14.00 -9.99
C PRO F 432 -11.52 -14.99 -9.00
N ILE F 433 -12.38 -15.92 -8.57
CA ILE F 433 -12.00 -16.96 -7.62
C ILE F 433 -12.36 -18.30 -8.22
N GLN F 434 -11.35 -19.16 -8.38
CA GLN F 434 -11.58 -20.50 -8.90
C GLN F 434 -12.46 -21.26 -7.94
N GLY F 435 -13.37 -22.06 -8.50
CA GLY F 435 -14.16 -22.99 -7.70
C GLY F 435 -15.54 -22.50 -7.34
N VAL F 436 -16.01 -22.95 -6.17
CA VAL F 436 -17.35 -22.67 -5.67
C VAL F 436 -17.22 -22.03 -4.30
N ILE F 437 -17.94 -20.93 -4.08
CA ILE F 437 -17.74 -20.09 -2.91
C ILE F 437 -18.86 -20.36 -1.91
N ARG F 438 -18.49 -20.68 -0.67
CA ARG F 438 -19.43 -20.87 0.42
C ARG F 438 -18.85 -20.25 1.67
N CYS F 439 -19.61 -19.37 2.32
CA CYS F 439 -19.18 -18.75 3.56
C CYS F 439 -20.35 -18.64 4.52
N VAL F 440 -20.01 -18.53 5.80
CA VAL F 440 -20.98 -18.48 6.89
C VAL F 440 -20.61 -17.32 7.79
N SER F 441 -21.61 -16.55 8.21
CA SER F 441 -21.37 -15.37 9.03
C SER F 441 -22.43 -15.23 10.11
N ASN F 442 -22.03 -14.63 11.22
CA ASN F 442 -22.92 -14.32 12.32
C ASN F 442 -23.37 -12.87 12.20
N ILE F 443 -24.66 -12.66 11.96
CA ILE F 443 -25.23 -11.34 12.18
C ILE F 443 -25.25 -11.11 13.67
N THR F 444 -24.59 -10.04 14.12
CA THR F 444 -24.64 -9.60 15.51
C THR F 444 -25.48 -8.36 15.70
N GLY F 445 -25.74 -7.60 14.64
CA GLY F 445 -26.47 -6.36 14.82
C GLY F 445 -26.96 -5.81 13.50
N LEU F 446 -27.81 -4.80 13.62
CA LEU F 446 -28.53 -4.23 12.48
C LEU F 446 -28.40 -2.72 12.48
N ILE F 447 -28.41 -2.16 11.27
CA ILE F 447 -28.46 -0.71 11.06
C ILE F 447 -29.84 -0.40 10.50
N LEU F 448 -30.56 0.51 11.15
CA LEU F 448 -31.93 0.81 10.78
C LEU F 448 -32.12 2.32 10.72
N THR F 449 -32.87 2.78 9.73
CA THR F 449 -33.31 4.17 9.65
C THR F 449 -34.83 4.20 9.79
N ARG F 450 -35.34 5.35 10.23
CA ARG F 450 -36.73 5.47 10.65
C ARG F 450 -37.46 6.48 9.78
N ASP F 451 -38.73 6.17 9.51
CA ASP F 451 -39.69 7.08 8.89
C ASP F 451 -40.88 7.21 9.82
N GLY F 452 -41.23 8.45 10.16
CA GLY F 452 -42.28 8.74 11.11
C GLY F 452 -43.39 9.59 10.51
N GLY F 453 -43.96 10.48 11.32
CA GLY F 453 -45.05 11.30 10.87
C GLY F 453 -46.29 10.53 10.52
N LYS F 454 -46.64 9.52 11.32
CA LYS F 454 -47.80 8.67 11.09
C LYS F 454 -48.63 8.58 12.36
N ASN F 455 -49.85 8.06 12.20
CA ASN F 455 -50.81 8.00 13.31
C ASN F 455 -50.38 6.90 14.28
N ASN F 456 -49.40 7.25 15.11
CA ASN F 456 -48.84 6.32 16.10
C ASN F 456 -48.33 5.05 15.44
N THR F 457 -47.62 5.24 14.32
CA THR F 457 -46.95 4.15 13.63
C THR F 457 -45.56 4.61 13.26
N GLU F 458 -44.59 3.69 13.31
CA GLU F 458 -43.22 3.99 12.94
C GLU F 458 -42.73 2.93 11.97
N THR F 459 -42.23 3.38 10.82
CA THR F 459 -41.68 2.49 9.81
C THR F 459 -40.17 2.50 9.95
N PHE F 460 -39.54 1.35 9.74
CA PHE F 460 -38.10 1.21 9.77
C PHE F 460 -37.62 0.50 8.52
N ARG F 461 -36.46 0.93 8.01
CA ARG F 461 -35.85 0.40 6.81
C ARG F 461 -34.37 0.17 7.08
N PRO F 462 -33.69 -0.66 6.26
CA PRO F 462 -32.25 -0.87 6.50
C PRO F 462 -31.45 0.42 6.42
N GLY F 463 -31.50 1.11 5.29
CA GLY F 463 -30.78 2.36 5.15
C GLY F 463 -29.29 2.16 5.36
N GLY F 464 -28.73 2.92 6.29
CA GLY F 464 -27.33 2.72 6.66
C GLY F 464 -26.40 3.08 5.54
N GLY F 465 -25.39 2.25 5.34
CA GLY F 465 -24.40 2.45 4.30
C GLY F 465 -23.15 3.17 4.73
N ASP F 466 -23.18 3.90 5.85
CA ASP F 466 -22.02 4.59 6.36
C ASP F 466 -21.20 3.59 7.17
N MET F 467 -20.03 3.21 6.63
CA MET F 467 -19.21 2.18 7.25
C MET F 467 -18.77 2.55 8.66
N ARG F 468 -18.67 3.84 8.97
CA ARG F 468 -18.25 4.27 10.30
C ARG F 468 -19.07 3.61 11.39
N ASP F 469 -20.40 3.59 11.21
CA ASP F 469 -21.28 3.01 12.20
C ASP F 469 -20.92 1.56 12.50
N ASN F 470 -20.47 0.80 11.49
CA ASN F 470 -20.05 -0.57 11.74
C ASN F 470 -18.98 -0.60 12.82
N TRP F 471 -17.94 0.22 12.67
CA TRP F 471 -16.89 0.21 13.66
C TRP F 471 -17.38 0.79 14.99
N ARG F 472 -18.38 1.67 14.94
CA ARG F 472 -18.97 2.14 16.20
C ARG F 472 -19.50 0.98 17.02
N SER F 473 -20.01 -0.06 16.35
CA SER F 473 -20.56 -1.20 17.07
C SER F 473 -19.52 -1.90 17.93
N GLU F 474 -18.23 -1.72 17.64
CA GLU F 474 -17.16 -2.27 18.45
C GLU F 474 -16.25 -1.21 19.05
N LEU F 475 -16.69 0.05 19.08
CA LEU F 475 -15.89 1.13 19.64
C LEU F 475 -16.66 2.06 20.55
N TYR F 476 -17.95 1.82 20.77
CA TYR F 476 -18.69 2.62 21.73
C TYR F 476 -18.14 2.49 23.14
N LYS F 477 -17.52 1.37 23.46
CA LYS F 477 -17.01 1.15 24.81
C LYS F 477 -15.76 1.96 25.14
N TYR F 478 -14.98 2.35 24.14
CA TYR F 478 -13.62 2.85 24.36
C TYR F 478 -13.57 4.37 24.26
N LYS F 479 -12.64 4.95 24.99
CA LYS F 479 -12.34 6.38 24.93
C LYS F 479 -10.83 6.57 25.09
N VAL F 480 -10.26 7.48 24.30
CA VAL F 480 -8.85 7.82 24.37
C VAL F 480 -8.68 8.97 25.35
N VAL F 481 -7.65 8.90 26.20
CA VAL F 481 -7.36 10.02 27.10
C VAL F 481 -5.87 10.22 27.23
N LYS F 482 -5.51 11.47 27.56
CA LYS F 482 -4.13 11.89 27.73
C LYS F 482 -3.86 12.08 29.22
N ILE F 483 -2.77 11.48 29.69
CA ILE F 483 -2.37 11.58 31.09
C ILE F 483 -1.80 12.98 31.31
N GLU F 484 -2.19 13.60 32.43
CA GLU F 484 -1.70 14.92 32.83
C GLU F 484 -0.98 14.73 34.17
N PRO F 485 0.27 14.25 34.16
CA PRO F 485 0.90 13.82 35.41
C PRO F 485 1.28 14.96 36.34
N LEU F 486 1.09 16.22 35.94
CA LEU F 486 1.51 17.37 36.73
C LEU F 486 0.30 17.97 37.43
N GLY F 487 0.45 18.25 38.73
CA GLY F 487 -0.63 18.87 39.46
C GLY F 487 -0.10 19.58 40.68
N VAL F 488 -1.00 20.28 41.37
CA VAL F 488 -0.65 21.02 42.58
C VAL F 488 -1.73 20.78 43.62
N ALA F 489 -1.40 21.09 44.87
CA ALA F 489 -2.33 20.91 45.97
C ALA F 489 -1.94 21.84 47.11
N PRO F 490 -2.86 22.14 48.03
CA PRO F 490 -2.49 22.87 49.24
C PRO F 490 -1.82 21.95 50.25
N THR F 491 -1.05 22.56 51.15
CA THR F 491 -0.34 21.82 52.17
C THR F 491 -0.16 22.67 53.42
N ARG F 492 0.11 21.96 54.52
CA ARG F 492 0.58 22.54 55.77
C ARG F 492 2.10 22.73 55.81
N CYS F 493 2.81 22.33 54.76
CA CYS F 493 4.26 22.28 54.77
C CYS F 493 4.85 23.51 54.07
N LYS F 494 6.17 23.66 54.18
CA LYS F 494 6.86 24.87 53.73
C LYS F 494 8.25 24.53 53.23
N ARG F 495 8.72 25.31 52.27
CA ARG F 495 10.05 25.15 51.73
C ARG F 495 11.10 25.69 52.69
N ARG F 496 12.28 25.08 52.67
CA ARG F 496 13.36 25.40 53.59
C ARG F 496 14.58 25.84 52.80
N VAL F 497 15.35 26.77 53.38
CA VAL F 497 16.46 27.42 52.69
C VAL F 497 15.91 28.10 51.45
N ASN G 38 28.40 -4.36 56.32
CA ASN G 38 27.33 -4.42 55.33
C ASN G 38 27.68 -3.61 54.10
N LEU G 39 26.96 -3.88 53.00
CA LEU G 39 27.18 -3.23 51.73
C LEU G 39 25.85 -2.70 51.19
N TRP G 40 25.92 -1.56 50.51
CA TRP G 40 24.73 -0.86 50.05
C TRP G 40 24.88 -0.51 48.57
N VAL G 41 23.72 -0.36 47.92
CA VAL G 41 23.69 -0.14 46.49
C VAL G 41 24.22 1.25 46.16
N THR G 42 25.05 1.33 45.14
CA THR G 42 25.47 2.58 44.54
C THR G 42 25.25 2.49 43.04
N VAL G 43 24.69 3.56 42.46
CA VAL G 43 24.23 3.58 41.08
C VAL G 43 25.22 4.39 40.26
N TYR G 44 25.62 3.85 39.10
CA TYR G 44 26.60 4.47 38.23
C TYR G 44 25.97 4.74 36.87
N TYR G 45 26.23 5.93 36.35
CA TYR G 45 25.78 6.36 35.03
C TYR G 45 27.01 6.77 34.23
N GLY G 46 27.05 6.40 32.95
CA GLY G 46 28.22 6.56 32.14
C GLY G 46 29.12 5.34 32.09
N VAL G 47 28.55 4.15 32.27
CA VAL G 47 29.35 2.93 32.43
C VAL G 47 29.95 2.55 31.08
N PRO G 48 31.19 2.00 31.03
CA PRO G 48 31.67 1.40 29.77
C PRO G 48 31.35 -0.10 29.67
N VAL G 49 30.09 -0.40 29.39
CA VAL G 49 29.66 -1.75 29.02
C VAL G 49 28.75 -1.64 27.80
N TRP G 50 28.50 -2.79 27.19
CA TRP G 50 27.73 -2.82 25.96
C TRP G 50 27.09 -4.18 25.77
N LYS G 51 26.20 -4.24 24.78
CA LYS G 51 25.54 -5.46 24.36
C LYS G 51 25.53 -5.57 22.85
N ASP G 52 25.44 -6.80 22.37
CA ASP G 52 25.14 -7.04 20.97
C ASP G 52 23.82 -6.36 20.64
N ALA G 53 23.76 -5.71 19.49
CA ALA G 53 22.57 -4.96 19.10
C ALA G 53 22.46 -4.93 17.59
N GLU G 54 21.25 -4.71 17.12
CA GLU G 54 20.94 -4.48 15.71
C GLU G 54 20.36 -3.08 15.62
N THR G 55 21.06 -2.20 14.92
CA THR G 55 20.67 -0.80 14.82
C THR G 55 20.88 -0.32 13.39
N THR G 56 20.33 0.86 13.11
CA THR G 56 20.44 1.48 11.80
C THR G 56 21.69 2.34 11.77
N LEU G 57 22.55 2.09 10.77
CA LEU G 57 23.77 2.86 10.58
C LEU G 57 23.53 3.94 9.53
N PHE G 58 24.60 4.68 9.20
CA PHE G 58 24.56 5.55 8.03
C PHE G 58 25.90 5.51 7.31
N CYS G 59 25.90 6.04 6.09
CA CYS G 59 27.01 5.89 5.17
C CYS G 59 27.61 7.24 4.83
N ALA G 60 28.93 7.30 4.85
CA ALA G 60 29.68 8.53 4.61
C ALA G 60 30.90 8.20 3.77
N SER G 61 31.11 8.96 2.70
CA SER G 61 32.18 8.69 1.75
C SER G 61 32.92 9.98 1.46
N ASP G 62 34.17 10.07 1.90
CA ASP G 62 34.98 11.28 1.75
C ASP G 62 34.26 12.50 2.30
N LYS G 70 30.69 14.36 -11.53
CA LYS G 70 30.24 13.56 -12.66
C LYS G 70 28.99 12.75 -12.35
N ARG G 71 28.27 13.14 -11.30
CA ARG G 71 27.03 12.47 -10.88
C ARG G 71 27.28 11.00 -10.58
N ASN G 72 28.07 10.74 -9.55
CA ASN G 72 28.23 9.40 -9.00
C ASN G 72 27.18 9.19 -7.93
N VAL G 73 26.43 8.09 -8.02
CA VAL G 73 25.39 7.82 -7.04
C VAL G 73 25.97 7.68 -5.65
N TRP G 74 27.15 7.07 -5.55
CA TRP G 74 27.71 6.78 -4.23
C TRP G 74 28.10 8.05 -3.49
N ALA G 75 28.73 9.00 -4.19
CA ALA G 75 29.07 10.26 -3.57
C ALA G 75 27.82 11.01 -3.14
N THR G 76 26.76 10.95 -3.97
CA THR G 76 25.54 11.67 -3.63
C THR G 76 24.88 11.07 -2.39
N HIS G 77 24.69 9.74 -2.36
CA HIS G 77 23.92 9.14 -1.29
C HIS G 77 24.65 9.22 0.05
N CYS G 78 25.94 8.87 0.06
CA CYS G 78 26.76 8.96 1.26
C CYS G 78 27.46 10.32 1.32
N CYS G 79 26.64 11.37 1.17
CA CYS G 79 27.16 12.72 1.11
C CYS G 79 27.69 13.21 2.46
N VAL G 80 27.39 12.50 3.54
CA VAL G 80 27.93 12.89 4.85
C VAL G 80 29.45 12.80 4.79
N PRO G 81 30.21 13.85 5.14
CA PRO G 81 31.67 13.73 5.08
C PRO G 81 32.18 12.76 6.12
N THR G 82 33.33 12.17 5.82
CA THR G 82 33.99 11.21 6.68
C THR G 82 35.02 11.92 7.56
N ASP G 83 35.39 11.25 8.65
CA ASP G 83 36.43 11.78 9.51
C ASP G 83 37.76 11.70 8.76
N PRO G 84 38.47 12.81 8.54
CA PRO G 84 39.80 12.70 7.93
C PRO G 84 40.78 11.93 8.80
N ASN G 85 40.65 12.01 10.12
CA ASN G 85 41.52 11.33 11.06
C ASN G 85 40.67 10.48 12.00
N PRO G 86 40.24 9.29 11.56
CA PRO G 86 39.57 8.38 12.49
C PRO G 86 40.49 8.00 13.63
N GLN G 87 39.92 7.93 14.83
CA GLN G 87 40.68 7.68 16.05
C GLN G 87 40.30 6.31 16.58
N GLU G 88 40.95 5.28 16.05
CA GLU G 88 40.88 3.95 16.65
C GLU G 88 41.50 4.03 18.03
N ILE G 89 40.83 3.41 19.00
CA ILE G 89 41.28 3.38 20.39
C ILE G 89 41.33 1.92 20.82
N HIS G 90 42.52 1.42 21.07
CA HIS G 90 42.68 0.04 21.53
C HIS G 90 42.10 -0.11 22.93
N LEU G 91 41.27 -1.13 23.11
CA LEU G 91 40.69 -1.46 24.42
C LEU G 91 41.55 -2.55 25.03
N GLU G 92 42.43 -2.17 25.95
CA GLU G 92 43.31 -3.15 26.59
C GLU G 92 42.50 -4.09 27.46
N ASN G 93 42.84 -5.37 27.40
CA ASN G 93 42.24 -6.44 28.21
C ASN G 93 40.78 -6.69 27.87
N VAL G 94 40.30 -6.24 26.72
CA VAL G 94 38.93 -6.48 26.27
C VAL G 94 38.96 -7.61 25.25
N THR G 95 38.02 -8.53 25.37
CA THR G 95 37.81 -9.60 24.40
C THR G 95 36.36 -9.56 23.94
N GLU G 96 36.13 -9.95 22.69
CA GLU G 96 34.79 -9.88 22.13
C GLU G 96 34.57 -11.02 21.16
N GLU G 97 33.41 -11.66 21.25
CA GLU G 97 33.06 -12.74 20.35
C GLU G 97 32.45 -12.16 19.07
N PHE G 98 32.97 -12.61 17.92
CA PHE G 98 32.45 -12.22 16.62
C PHE G 98 31.91 -13.44 15.90
N ASN G 99 30.92 -13.20 15.03
CA ASN G 99 30.37 -14.25 14.17
C ASN G 99 29.91 -13.55 12.90
N MET G 100 30.78 -13.56 11.88
CA MET G 100 30.50 -12.77 10.69
C MET G 100 29.31 -13.29 9.89
N TRP G 101 28.92 -14.55 10.04
CA TRP G 101 27.71 -15.01 9.35
C TRP G 101 26.43 -14.78 10.14
N LYS G 102 26.51 -14.17 11.33
CA LYS G 102 25.36 -13.55 11.97
C LYS G 102 25.46 -12.03 12.00
N ASN G 103 26.44 -11.44 11.32
CA ASN G 103 26.67 -10.00 11.39
C ASN G 103 25.54 -9.28 10.67
N ASN G 104 24.73 -8.54 11.43
CA ASN G 104 23.58 -7.84 10.85
C ASN G 104 23.99 -6.71 9.92
N MET G 105 25.24 -6.27 9.92
CA MET G 105 25.59 -5.15 9.04
C MET G 105 25.49 -5.53 7.58
N VAL G 106 25.66 -6.81 7.23
CA VAL G 106 25.56 -7.19 5.83
C VAL G 106 24.14 -7.00 5.34
N GLU G 107 23.14 -7.26 6.19
CA GLU G 107 21.77 -7.05 5.78
C GLU G 107 21.49 -5.57 5.52
N GLN G 108 21.97 -4.70 6.41
CA GLN G 108 21.80 -3.27 6.20
C GLN G 108 22.56 -2.81 4.96
N MET G 109 23.74 -3.37 4.73
CA MET G 109 24.50 -3.11 3.52
C MET G 109 23.68 -3.46 2.29
N HIS G 110 23.11 -4.66 2.29
CA HIS G 110 22.35 -5.15 1.13
C HIS G 110 21.15 -4.25 0.86
N GLU G 111 20.38 -3.95 1.92
CA GLU G 111 19.19 -3.13 1.76
C GLU G 111 19.56 -1.74 1.27
N ASP G 112 20.60 -1.13 1.85
CA ASP G 112 20.97 0.22 1.47
C ASP G 112 21.38 0.26 0.00
N ILE G 113 22.18 -0.71 -0.44
CA ILE G 113 22.66 -0.67 -1.81
C ILE G 113 21.51 -0.91 -2.80
N ILE G 114 20.65 -1.90 -2.54
CA ILE G 114 19.57 -2.15 -3.48
C ILE G 114 18.62 -0.96 -3.51
N SER G 115 18.43 -0.31 -2.36
CA SER G 115 17.66 0.93 -2.35
C SER G 115 18.32 1.98 -3.21
N LEU G 116 19.64 2.06 -3.17
CA LEU G 116 20.33 3.08 -3.97
C LEU G 116 20.15 2.82 -5.46
N TRP G 117 20.32 1.56 -5.89
CA TRP G 117 20.11 1.25 -7.30
C TRP G 117 18.68 1.54 -7.72
N ASP G 118 17.71 1.15 -6.89
CA ASP G 118 16.32 1.39 -7.25
C ASP G 118 16.01 2.88 -7.31
N GLN G 119 16.56 3.67 -6.37
CA GLN G 119 16.29 5.10 -6.36
C GLN G 119 16.96 5.81 -7.52
N SER G 120 18.19 5.42 -7.86
CA SER G 120 18.89 6.08 -8.95
C SER G 120 18.17 5.89 -10.27
N LEU G 121 17.57 4.72 -10.48
CA LEU G 121 16.78 4.47 -11.68
C LEU G 121 15.40 5.09 -11.62
N LYS G 122 14.99 5.65 -10.48
CA LYS G 122 13.62 6.14 -10.34
C LYS G 122 13.25 7.23 -11.34
N PRO G 123 14.03 8.29 -11.55
CA PRO G 123 13.65 9.29 -12.56
C PRO G 123 14.07 8.99 -13.98
N CYS G 124 14.81 7.90 -14.22
CA CYS G 124 15.39 7.66 -15.53
C CYS G 124 14.31 7.22 -16.53
N VAL G 125 14.70 7.27 -17.81
CA VAL G 125 13.74 7.04 -18.89
C VAL G 125 13.31 5.58 -18.91
N LYS G 126 12.02 5.37 -19.15
CA LYS G 126 11.49 4.03 -19.38
C LYS G 126 11.61 3.68 -20.85
N LEU G 127 11.87 2.41 -21.14
CA LEU G 127 11.96 1.90 -22.50
C LEU G 127 10.76 1.04 -22.89
N THR G 128 9.65 1.15 -22.18
CA THR G 128 8.46 0.38 -22.54
C THR G 128 7.97 0.63 -23.97
N PRO G 129 8.07 1.83 -24.55
CA PRO G 129 7.61 1.96 -25.95
C PRO G 129 8.43 1.16 -26.94
N LEU G 130 9.65 0.77 -26.59
CA LEU G 130 10.53 0.05 -27.50
C LEU G 130 10.19 -1.43 -27.63
N CYS G 131 9.36 -1.98 -26.75
CA CYS G 131 9.08 -3.41 -26.75
C CYS G 131 8.15 -3.72 -27.92
N VAL G 132 8.75 -3.82 -29.11
CA VAL G 132 8.03 -4.02 -30.36
C VAL G 132 8.73 -5.12 -31.14
N THR G 133 8.00 -5.74 -32.07
CA THR G 133 8.57 -6.77 -32.93
C THR G 133 9.77 -6.20 -33.68
N LEU G 134 10.85 -6.97 -33.73
CA LEU G 134 12.13 -6.52 -34.27
C LEU G 134 12.43 -7.25 -35.57
N ASN G 135 12.77 -6.48 -36.61
CA ASN G 135 13.19 -7.04 -37.89
C ASN G 135 14.72 -7.04 -37.88
N CYS G 136 15.32 -8.22 -37.71
CA CYS G 136 16.74 -8.35 -37.43
C CYS G 136 17.46 -9.14 -38.50
N THR G 137 18.75 -8.84 -38.65
CA THR G 137 19.67 -9.57 -39.50
C THR G 137 21.04 -9.60 -38.83
N ASN G 138 21.93 -10.42 -39.38
CA ASN G 138 23.32 -10.40 -38.94
C ASN G 138 23.89 -9.00 -39.11
N ALA G 139 24.43 -8.45 -38.03
CA ALA G 139 25.12 -7.18 -38.14
C ALA G 139 26.42 -7.36 -38.90
N THR G 140 27.01 -6.26 -39.37
CA THR G 140 28.23 -6.29 -40.16
C THR G 140 29.08 -5.08 -39.84
N ALA G 141 30.28 -5.07 -40.39
CA ALA G 141 31.27 -4.02 -40.15
C ALA G 141 31.96 -3.73 -41.48
N SER G 142 33.12 -3.06 -41.40
CA SER G 142 33.89 -2.74 -42.59
C SER G 142 34.24 -3.99 -43.39
N ASN G 143 34.16 -3.88 -44.71
CA ASN G 143 34.38 -4.99 -45.63
C ASN G 143 33.39 -6.14 -45.40
N SER G 144 32.20 -5.81 -44.89
CA SER G 144 31.13 -6.78 -44.69
C SER G 144 31.56 -7.94 -43.80
N SER G 145 32.43 -7.66 -42.84
CA SER G 145 32.84 -8.69 -41.89
C SER G 145 31.67 -9.09 -41.01
N ILE G 146 31.42 -10.39 -40.94
CA ILE G 146 30.30 -10.92 -40.15
C ILE G 146 30.68 -10.89 -38.68
N ILE G 147 29.99 -10.04 -37.92
CA ILE G 147 30.28 -9.86 -36.51
C ILE G 147 29.56 -10.96 -35.74
N GLU G 148 30.29 -11.61 -34.82
CA GLU G 148 29.69 -12.62 -33.96
C GLU G 148 29.15 -11.95 -32.70
N GLY G 149 27.91 -12.26 -32.35
CA GLY G 149 27.29 -11.81 -31.12
C GLY G 149 26.33 -10.65 -31.26
N MET G 150 26.40 -9.89 -32.35
CA MET G 150 25.52 -8.75 -32.58
C MET G 150 24.42 -9.10 -33.57
N LYS G 151 23.40 -8.25 -33.58
CA LYS G 151 22.33 -8.27 -34.57
C LYS G 151 21.97 -6.83 -34.92
N ASN G 152 21.86 -6.55 -36.22
CA ASN G 152 21.33 -5.27 -36.70
C ASN G 152 19.82 -5.45 -36.73
N CYS G 153 19.13 -4.79 -35.80
CA CYS G 153 17.69 -4.88 -35.66
C CYS G 153 17.06 -3.52 -35.95
N SER G 154 15.98 -3.53 -36.70
CA SER G 154 15.21 -2.35 -37.04
C SER G 154 13.81 -2.46 -36.45
N PHE G 155 13.24 -1.31 -36.10
CA PHE G 155 11.97 -1.27 -35.40
C PHE G 155 11.25 0.02 -35.73
N ASN G 156 9.92 -0.05 -35.68
CA ASN G 156 9.05 1.11 -35.85
C ASN G 156 8.81 1.69 -34.46
N ILE G 157 9.19 2.96 -34.28
CA ILE G 157 9.13 3.64 -32.99
C ILE G 157 8.27 4.89 -33.14
N THR G 158 7.52 5.19 -32.09
CA THR G 158 6.74 6.42 -32.06
C THR G 158 7.66 7.63 -31.90
N THR G 159 7.48 8.62 -32.75
CA THR G 159 8.26 9.84 -32.69
C THR G 159 7.67 10.75 -31.61
N GLU G 160 8.08 12.02 -31.60
CA GLU G 160 7.59 12.96 -30.58
C GLU G 160 6.07 13.12 -30.68
N LEU G 161 5.53 13.19 -31.89
CA LEU G 161 4.10 13.17 -32.09
C LEU G 161 3.60 11.74 -32.01
N ARG G 162 2.63 11.50 -31.13
CA ARG G 162 2.17 10.13 -30.91
C ARG G 162 1.45 9.53 -32.10
N ASP G 163 1.04 10.34 -33.07
CA ASP G 163 0.28 9.86 -34.22
C ASP G 163 1.20 9.48 -35.38
N LYS G 164 2.52 9.55 -35.19
CA LYS G 164 3.48 9.27 -36.25
C LYS G 164 4.55 8.32 -35.73
N ARG G 165 5.04 7.47 -36.62
CA ARG G 165 6.08 6.49 -36.31
C ARG G 165 7.13 6.50 -37.41
N GLU G 166 8.33 6.07 -37.03
CA GLU G 166 9.49 6.08 -37.92
C GLU G 166 10.25 4.77 -37.75
N LYS G 167 10.87 4.32 -38.83
CA LYS G 167 11.74 3.16 -38.78
C LYS G 167 13.13 3.58 -38.34
N LYS G 168 13.65 2.95 -37.29
CA LYS G 168 14.99 3.18 -36.79
C LYS G 168 15.75 1.86 -36.79
N ASN G 169 17.08 1.96 -36.73
CA ASN G 169 17.98 0.81 -36.77
C ASN G 169 18.99 0.91 -35.64
N ALA G 170 19.38 -0.24 -35.09
CA ALA G 170 20.34 -0.26 -34.00
C ALA G 170 20.94 -1.65 -33.88
N LEU G 171 22.16 -1.69 -33.35
CA LEU G 171 22.84 -2.94 -33.06
C LEU G 171 22.50 -3.38 -31.64
N PHE G 172 22.40 -4.68 -31.44
CA PHE G 172 22.19 -5.24 -30.12
C PHE G 172 22.97 -6.54 -29.94
N TYR G 173 23.31 -6.80 -28.69
CA TYR G 173 23.88 -8.08 -28.30
C TYR G 173 22.83 -9.18 -28.44
N LYS G 174 23.22 -10.27 -29.12
CA LYS G 174 22.28 -11.36 -29.35
C LYS G 174 21.83 -12.02 -28.05
N LEU G 175 22.65 -11.95 -27.01
CA LEU G 175 22.30 -12.52 -25.72
C LEU G 175 21.15 -11.80 -25.04
N ASP G 176 20.85 -10.56 -25.44
CA ASP G 176 19.73 -9.80 -24.89
C ASP G 176 18.46 -9.91 -25.72
N ILE G 177 18.46 -10.73 -26.78
CA ILE G 177 17.35 -10.82 -27.72
C ILE G 177 17.01 -12.29 -27.91
N VAL G 178 15.72 -12.58 -28.03
CA VAL G 178 15.25 -13.98 -28.26
C VAL G 178 14.31 -13.97 -29.48
N GLN G 179 14.34 -15.05 -30.27
CA GLN G 179 13.49 -15.11 -31.49
C GLN G 179 12.03 -14.94 -31.08
N LEU G 180 11.30 -14.03 -31.74
CA LEU G 180 9.89 -13.78 -31.35
C LEU G 180 9.08 -15.07 -31.44
N ASP G 181 9.18 -15.79 -32.57
CA ASP G 181 8.38 -17.02 -32.76
C ASP G 181 9.10 -17.95 -33.75
N GLY G 182 9.04 -19.27 -33.50
CA GLY G 182 9.65 -20.24 -34.43
C GLY G 182 11.04 -19.80 -34.87
N ASN G 183 11.27 -19.74 -36.18
CA ASN G 183 12.57 -19.28 -36.72
C ASN G 183 12.32 -18.14 -37.71
N SER G 184 11.86 -16.99 -37.22
CA SER G 184 11.59 -15.83 -38.10
C SER G 184 12.48 -14.65 -37.67
N SER G 185 12.99 -13.88 -38.64
CA SER G 185 13.81 -12.69 -38.32
C SER G 185 13.08 -11.84 -37.27
N GLN G 186 11.79 -12.11 -37.05
CA GLN G 186 11.02 -11.39 -36.00
C GLN G 186 11.62 -11.76 -34.64
N TYR G 187 12.05 -10.75 -33.88
CA TYR G 187 12.70 -11.03 -32.56
C TYR G 187 12.19 -10.06 -31.51
N ARG G 188 12.41 -10.38 -30.22
CA ARG G 188 11.99 -9.50 -29.14
C ARG G 188 13.09 -9.43 -28.10
N LEU G 189 12.98 -8.44 -27.22
CA LEU G 189 13.84 -8.38 -26.05
C LEU G 189 13.40 -9.40 -25.02
N ILE G 190 14.38 -9.95 -24.30
CA ILE G 190 14.10 -11.03 -23.35
C ILE G 190 13.19 -10.54 -22.24
N ASN G 191 13.29 -9.28 -21.85
CA ASN G 191 12.53 -8.73 -20.74
C ASN G 191 11.03 -8.64 -20.99
N CYS G 192 10.60 -8.59 -22.25
CA CYS G 192 9.26 -8.11 -22.58
C CYS G 192 8.17 -8.97 -21.97
N ASN G 193 8.46 -10.23 -21.66
CA ASN G 193 7.52 -11.11 -20.99
C ASN G 193 7.76 -11.20 -19.48
N THR G 194 8.63 -10.35 -18.93
CA THR G 194 8.88 -10.32 -17.49
C THR G 194 8.48 -9.00 -16.86
N SER G 195 9.05 -7.88 -17.29
CA SER G 195 8.73 -6.59 -16.68
C SER G 195 9.20 -5.46 -17.58
N ALA G 196 8.63 -4.29 -17.34
CA ALA G 196 9.12 -3.08 -17.98
C ALA G 196 10.53 -2.79 -17.52
N ILE G 197 11.31 -2.15 -18.39
CA ILE G 197 12.73 -1.95 -18.17
C ILE G 197 13.02 -0.45 -18.20
N THR G 198 13.93 -0.02 -17.34
CA THR G 198 14.39 1.36 -17.28
C THR G 198 15.86 1.41 -17.64
N GLN G 199 16.21 2.26 -18.60
CA GLN G 199 17.61 2.48 -18.91
C GLN G 199 18.24 3.29 -17.78
N ALA G 200 19.43 2.87 -17.35
CA ALA G 200 20.17 3.68 -16.41
C ALA G 200 20.55 5.00 -17.06
N CYS G 201 20.49 6.07 -16.29
CA CYS G 201 20.70 7.40 -16.84
C CYS G 201 22.15 7.52 -17.32
N PRO G 202 22.39 7.87 -18.59
CA PRO G 202 23.78 7.88 -19.08
C PRO G 202 24.66 8.91 -18.39
N LYS G 203 24.07 9.99 -17.87
CA LYS G 203 24.84 11.01 -17.17
C LYS G 203 25.16 10.62 -15.73
N VAL G 204 24.69 9.48 -15.26
CA VAL G 204 24.88 9.04 -13.88
C VAL G 204 25.97 7.97 -13.86
N SER G 205 26.97 8.17 -13.02
CA SER G 205 28.07 7.24 -12.87
C SER G 205 27.78 6.25 -11.76
N PHE G 206 28.23 5.00 -11.94
CA PHE G 206 28.13 3.96 -10.93
C PHE G 206 29.48 3.36 -10.59
N GLU G 207 30.55 4.15 -10.68
CA GLU G 207 31.86 3.67 -10.28
C GLU G 207 31.86 3.45 -8.76
N PRO G 208 32.32 2.29 -8.27
CA PRO G 208 32.43 2.14 -6.81
C PRO G 208 33.43 3.11 -6.22
N ILE G 209 33.14 3.55 -5.00
CA ILE G 209 34.06 4.36 -4.19
C ILE G 209 34.00 3.82 -2.77
N PRO G 210 35.07 4.00 -1.99
CA PRO G 210 35.04 3.49 -0.61
C PRO G 210 33.95 4.18 0.19
N ILE G 211 33.21 3.39 0.96
CA ILE G 211 32.11 3.89 1.77
C ILE G 211 32.41 3.53 3.21
N HIS G 212 32.40 4.52 4.09
CA HIS G 212 32.62 4.33 5.52
C HIS G 212 31.27 4.28 6.22
N TYR G 213 31.06 3.25 7.03
CA TYR G 213 29.78 3.02 7.68
C TYR G 213 29.86 3.35 9.17
N CYS G 214 29.08 4.36 9.55
CA CYS G 214 29.21 5.07 10.80
C CYS G 214 27.99 4.78 11.66
N ALA G 215 28.22 4.56 12.96
CA ALA G 215 27.14 4.28 13.88
C ALA G 215 26.48 5.59 14.33
N PRO G 216 25.21 5.54 14.76
CA PRO G 216 24.66 6.69 15.47
C PRO G 216 25.18 6.72 16.90
N ALA G 217 24.93 7.83 17.57
CA ALA G 217 25.37 7.96 18.95
C ALA G 217 24.69 6.91 19.82
N GLY G 218 25.39 6.47 20.85
CA GLY G 218 24.94 5.37 21.67
C GLY G 218 25.29 4.00 21.11
N PHE G 219 25.97 3.94 19.98
CA PHE G 219 26.45 2.70 19.40
C PHE G 219 27.89 2.89 18.93
N ALA G 220 28.69 1.84 19.08
CA ALA G 220 30.09 1.87 18.72
C ALA G 220 30.42 0.63 17.89
N ILE G 221 31.40 0.77 16.97
CA ILE G 221 31.81 -0.33 16.11
C ILE G 221 33.06 -0.95 16.70
N LEU G 222 32.96 -2.19 17.14
CA LEU G 222 34.10 -2.95 17.63
C LEU G 222 34.80 -3.63 16.46
N LYS G 223 36.09 -3.33 16.30
CA LYS G 223 36.92 -3.87 15.23
C LYS G 223 37.89 -4.88 15.82
N CYS G 224 37.92 -6.07 15.20
CA CYS G 224 38.85 -7.13 15.60
C CYS G 224 40.11 -7.03 14.75
N ASN G 225 41.27 -7.04 15.41
CA ASN G 225 42.56 -6.89 14.75
C ASN G 225 43.36 -8.20 14.72
N ASN G 226 42.76 -9.32 15.13
CA ASN G 226 43.44 -10.60 15.07
C ASN G 226 43.65 -10.95 13.61
N LYS G 227 44.91 -10.88 13.16
CA LYS G 227 45.21 -11.10 11.75
C LYS G 227 44.84 -12.51 11.29
N THR G 228 44.79 -13.47 12.21
CA THR G 228 44.50 -14.87 11.88
C THR G 228 43.05 -15.24 12.16
N PHE G 229 42.15 -14.26 12.30
CA PHE G 229 40.78 -14.56 12.65
C PHE G 229 40.09 -15.31 11.52
N THR G 230 39.30 -16.33 11.89
CA THR G 230 38.61 -17.19 10.94
C THR G 230 37.12 -16.88 10.83
N GLY G 231 36.70 -15.69 11.24
CA GLY G 231 35.33 -15.28 11.08
C GLY G 231 34.38 -15.73 12.17
N THR G 232 34.86 -16.46 13.17
CA THR G 232 33.98 -16.92 14.24
C THR G 232 34.80 -17.16 15.50
N GLY G 233 34.22 -16.76 16.64
CA GLY G 233 34.81 -17.03 17.93
C GLY G 233 35.30 -15.78 18.63
N PRO G 234 35.99 -15.97 19.75
CA PRO G 234 36.55 -14.82 20.47
C PRO G 234 37.64 -14.12 19.67
N CYS G 235 37.80 -12.82 19.92
CA CYS G 235 38.88 -12.01 19.42
C CYS G 235 39.47 -11.25 20.59
N ASN G 236 40.81 -11.27 20.70
CA ASN G 236 41.53 -10.73 21.84
C ASN G 236 42.29 -9.45 21.46
N ASN G 237 42.02 -8.88 20.29
CA ASN G 237 42.56 -7.58 19.90
C ASN G 237 41.35 -6.79 19.39
N VAL G 238 40.66 -6.14 20.32
CA VAL G 238 39.42 -5.43 20.05
C VAL G 238 39.68 -3.95 20.24
N SER G 239 39.28 -3.14 19.25
CA SER G 239 39.35 -1.70 19.35
C SER G 239 37.98 -1.13 19.04
N THR G 240 37.75 0.10 19.46
CA THR G 240 36.53 0.83 19.15
C THR G 240 36.80 1.80 18.00
N VAL G 241 35.81 1.96 17.14
CA VAL G 241 35.88 2.89 16.03
C VAL G 241 34.49 3.46 15.78
N GLN G 242 34.49 4.61 15.13
CA GLN G 242 33.26 5.32 14.79
C GLN G 242 32.74 4.86 13.44
N CYS G 243 33.63 4.67 12.47
CA CYS G 243 33.25 4.33 11.11
C CYS G 243 34.21 3.28 10.57
N THR G 244 33.70 2.49 9.64
CA THR G 244 34.48 1.40 9.05
C THR G 244 35.61 1.96 8.18
N HIS G 245 36.53 1.08 7.80
CA HIS G 245 37.74 1.52 7.12
C HIS G 245 37.48 2.03 5.71
N GLY G 246 36.31 1.74 5.14
CA GLY G 246 36.00 2.13 3.78
C GLY G 246 35.95 0.95 2.85
N ILE G 247 34.74 0.53 2.49
CA ILE G 247 34.51 -0.69 1.70
C ILE G 247 33.93 -0.25 0.37
N LYS G 248 34.58 -0.64 -0.72
CA LYS G 248 34.09 -0.27 -2.03
C LYS G 248 32.94 -1.19 -2.44
N PRO G 249 31.77 -0.65 -2.83
CA PRO G 249 30.64 -1.57 -3.11
C PRO G 249 30.80 -2.30 -4.43
N VAL G 250 31.77 -3.21 -4.46
CA VAL G 250 32.05 -4.00 -5.65
C VAL G 250 31.05 -5.14 -5.72
N VAL G 251 30.53 -5.41 -6.92
CA VAL G 251 29.55 -6.46 -7.16
C VAL G 251 30.19 -7.49 -8.08
N SER G 252 30.29 -8.72 -7.60
CA SER G 252 30.86 -9.80 -8.39
C SER G 252 30.26 -11.12 -7.91
N THR G 253 30.52 -12.17 -8.69
CA THR G 253 29.87 -13.47 -8.49
C THR G 253 30.82 -14.56 -8.03
N GLN G 254 31.95 -14.75 -8.71
CA GLN G 254 32.82 -15.88 -8.45
C GLN G 254 34.10 -15.45 -7.76
N LEU G 255 34.79 -14.46 -8.32
CA LEU G 255 36.03 -13.94 -7.77
C LEU G 255 35.79 -12.57 -7.14
N LEU G 256 36.38 -12.36 -5.97
CA LEU G 256 36.23 -11.12 -5.23
C LEU G 256 37.28 -10.13 -5.74
N LEU G 257 36.83 -8.94 -6.14
CA LEU G 257 37.66 -7.95 -6.80
C LEU G 257 37.83 -6.70 -5.94
N ASN G 258 38.96 -6.03 -6.15
CA ASN G 258 39.22 -4.69 -5.62
C ASN G 258 39.18 -4.63 -4.09
N GLY G 259 39.21 -5.77 -3.42
CA GLY G 259 38.97 -5.82 -1.99
C GLY G 259 40.23 -5.58 -1.18
N SER G 260 40.10 -5.79 0.12
CA SER G 260 41.22 -5.71 1.04
C SER G 260 41.90 -7.08 1.14
N LEU G 261 43.20 -7.05 1.40
CA LEU G 261 44.00 -8.26 1.50
C LEU G 261 44.12 -8.70 2.95
N ALA G 262 44.33 -9.99 3.16
CA ALA G 262 44.53 -10.52 4.50
C ALA G 262 45.87 -10.05 5.05
N GLU G 263 45.89 -9.71 6.33
CA GLU G 263 47.13 -9.28 6.96
C GLU G 263 48.08 -10.46 7.15
N GLY G 264 47.56 -11.61 7.53
CA GLY G 264 48.33 -12.82 7.72
C GLY G 264 48.46 -13.61 6.43
N GLU G 265 48.33 -14.92 6.54
CA GLU G 265 48.34 -15.78 5.36
C GLU G 265 46.98 -15.75 4.68
N ILE G 266 46.77 -16.67 3.74
CA ILE G 266 45.45 -16.83 3.14
C ILE G 266 44.53 -17.51 4.16
N ILE G 267 43.36 -16.91 4.39
CA ILE G 267 42.39 -17.44 5.35
C ILE G 267 41.20 -17.98 4.59
N ILE G 268 40.74 -19.17 5.01
CA ILE G 268 39.56 -19.81 4.43
C ILE G 268 38.50 -19.81 5.51
N ARG G 269 37.33 -19.22 5.21
CA ARG G 269 36.28 -19.08 6.27
C ARG G 269 34.96 -19.72 5.81
N SER G 270 34.31 -20.47 6.70
CA SER G 270 32.99 -21.08 6.40
C SER G 270 32.34 -21.53 7.72
N GLU G 271 31.01 -21.37 7.85
CA GLU G 271 30.34 -21.73 9.11
C GLU G 271 30.63 -23.18 9.47
N ASN G 272 30.43 -24.09 8.51
CA ASN G 272 30.74 -25.53 8.74
C ASN G 272 31.60 -26.04 7.59
N ILE G 273 32.90 -26.24 7.84
CA ILE G 273 33.81 -26.77 6.80
C ILE G 273 33.32 -28.17 6.40
N THR G 274 32.83 -28.95 7.36
CA THR G 274 32.34 -30.32 7.09
C THR G 274 31.06 -30.26 6.24
N ASN G 275 30.14 -29.35 6.56
CA ASN G 275 28.87 -29.25 5.82
C ASN G 275 29.10 -28.46 4.53
N ASN G 276 29.13 -29.14 3.39
CA ASN G 276 29.44 -28.46 2.14
C ASN G 276 28.28 -27.65 1.60
N VAL G 277 27.12 -27.65 2.26
CA VAL G 277 26.02 -26.82 1.81
C VAL G 277 26.39 -25.35 1.88
N LYS G 278 27.17 -24.95 2.87
CA LYS G 278 27.59 -23.57 3.01
C LYS G 278 28.66 -23.24 1.97
N THR G 279 28.69 -21.98 1.56
CA THR G 279 29.77 -21.49 0.72
C THR G 279 31.05 -21.36 1.55
N ILE G 280 32.16 -21.19 0.84
CA ILE G 280 33.47 -21.01 1.44
C ILE G 280 34.08 -19.75 0.85
N LEU G 281 34.57 -18.87 1.73
CA LEU G 281 35.17 -17.60 1.31
C LEU G 281 36.67 -17.69 1.48
N VAL G 282 37.40 -17.41 0.39
CA VAL G 282 38.84 -17.40 0.37
C VAL G 282 39.28 -15.93 0.40
N HIS G 283 39.99 -15.54 1.47
CA HIS G 283 40.54 -14.19 1.59
C HIS G 283 42.05 -14.33 1.44
N LEU G 284 42.57 -13.80 0.33
CA LEU G 284 43.97 -13.96 -0.02
C LEU G 284 44.82 -12.92 0.69
N ASN G 285 46.08 -13.28 0.96
CA ASN G 285 47.07 -12.33 1.42
C ASN G 285 47.87 -11.70 0.29
N GLU G 286 47.62 -12.09 -0.95
CA GLU G 286 48.28 -11.54 -2.12
C GLU G 286 47.27 -11.39 -3.25
N SER G 287 47.29 -10.25 -3.92
CA SER G 287 46.33 -9.97 -4.98
C SER G 287 46.86 -10.43 -6.32
N VAL G 288 45.94 -10.59 -7.28
CA VAL G 288 46.26 -11.01 -8.64
C VAL G 288 45.70 -9.96 -9.60
N LYS G 289 46.56 -9.46 -10.49
CA LYS G 289 46.11 -8.49 -11.47
C LYS G 289 45.33 -9.20 -12.57
N ILE G 290 44.18 -8.63 -12.94
CA ILE G 290 43.34 -9.16 -14.03
C ILE G 290 42.99 -8.00 -14.95
N GLU G 291 43.13 -8.22 -16.25
CA GLU G 291 42.87 -7.20 -17.26
C GLU G 291 41.73 -7.64 -18.16
N CYS G 292 40.62 -6.92 -18.12
CA CYS G 292 39.44 -7.24 -18.91
C CYS G 292 39.19 -6.14 -19.93
N THR G 293 38.57 -6.49 -21.04
CA THR G 293 38.35 -5.52 -22.08
C THR G 293 37.25 -5.96 -23.03
N ARG G 294 36.49 -4.97 -23.49
CA ARG G 294 35.71 -5.04 -24.73
C ARG G 294 36.51 -4.19 -25.71
N PRO G 295 37.24 -4.79 -26.64
CA PRO G 295 38.23 -4.01 -27.39
C PRO G 295 37.68 -3.28 -28.61
N ASN G 296 36.55 -3.69 -29.15
CA ASN G 296 36.06 -3.11 -30.40
C ASN G 296 35.62 -1.68 -30.20
N ASN G 297 36.04 -0.80 -31.12
CA ASN G 297 35.68 0.62 -31.07
C ASN G 297 34.29 0.78 -31.65
N LYS G 298 33.33 1.14 -30.81
CA LYS G 298 31.93 1.27 -31.20
C LYS G 298 31.50 2.73 -31.10
N THR G 299 30.44 3.07 -31.83
CA THR G 299 29.80 4.37 -31.74
C THR G 299 28.36 4.17 -31.24
N VAL G 300 27.73 5.28 -30.86
CA VAL G 300 26.43 5.27 -30.20
C VAL G 300 25.46 6.10 -31.03
N THR G 301 24.27 5.55 -31.25
CA THR G 301 23.16 6.24 -31.90
C THR G 301 22.16 6.68 -30.84
N SER G 302 21.63 7.89 -31.00
CA SER G 302 20.74 8.52 -30.03
C SER G 302 19.36 8.66 -30.67
N ILE G 303 18.41 7.87 -30.18
CA ILE G 303 17.05 7.81 -30.74
C ILE G 303 16.10 8.41 -29.72
N ARG G 304 15.19 9.25 -30.19
CA ARG G 304 14.16 9.81 -29.33
C ARG G 304 13.07 8.79 -29.08
N ILE G 305 12.71 8.61 -27.82
CA ILE G 305 11.51 7.89 -27.44
C ILE G 305 10.30 8.81 -27.41
N GLY G 306 10.37 9.88 -26.64
CA GLY G 306 9.25 10.77 -26.40
C GLY G 306 9.71 12.20 -26.19
N PRO G 307 8.88 13.02 -25.56
CA PRO G 307 9.23 14.44 -25.40
C PRO G 307 10.54 14.70 -24.68
N GLY G 308 10.87 13.90 -23.67
CA GLY G 308 12.12 14.05 -22.93
C GLY G 308 12.77 12.72 -22.65
N GLN G 309 12.54 11.76 -23.54
CA GLN G 309 12.95 10.37 -23.35
C GLN G 309 13.80 9.95 -24.55
N TRP G 310 15.04 9.53 -24.28
CA TRP G 310 16.00 9.22 -25.33
C TRP G 310 16.59 7.84 -25.11
N PHE G 311 16.49 6.99 -26.13
CA PHE G 311 17.03 5.64 -26.11
C PHE G 311 18.39 5.63 -26.80
N TYR G 312 19.34 4.89 -26.23
CA TYR G 312 20.72 4.87 -26.67
C TYR G 312 21.14 3.44 -27.00
N ALA G 313 21.78 3.26 -28.15
CA ALA G 313 22.20 1.95 -28.60
C ALA G 313 23.41 2.08 -29.49
N TYR G 314 24.06 0.95 -29.73
CA TYR G 314 25.26 0.93 -30.58
C TYR G 314 24.88 1.14 -32.04
N GLY G 315 25.24 2.30 -32.57
CA GLY G 315 24.96 2.61 -33.95
C GLY G 315 25.75 1.76 -34.93
N GLN G 316 27.01 1.52 -34.62
CA GLN G 316 27.92 0.85 -35.54
C GLN G 316 29.20 0.51 -34.80
N VAL G 317 29.94 -0.45 -35.34
CA VAL G 317 31.30 -0.75 -34.91
C VAL G 317 32.19 -0.63 -36.15
N ILE G 318 33.43 -0.22 -35.94
CA ILE G 318 34.29 0.15 -37.07
C ILE G 318 34.71 -1.09 -37.85
N GLY G 319 35.39 -2.01 -37.20
CA GLY G 319 35.85 -3.22 -37.86
C GLY G 319 37.01 -3.82 -37.09
N ASP G 320 37.67 -4.77 -37.75
CA ASP G 320 38.76 -5.54 -37.14
C ASP G 320 38.26 -6.20 -35.86
N ILE G 321 37.13 -6.90 -35.99
CA ILE G 321 36.40 -7.42 -34.84
C ILE G 321 37.25 -8.41 -34.07
N ARG G 322 37.05 -8.45 -32.75
CA ARG G 322 37.57 -9.51 -31.90
C ARG G 322 36.69 -9.58 -30.66
N GLU G 323 36.80 -10.68 -29.94
CA GLU G 323 35.88 -10.93 -28.83
C GLU G 323 36.34 -10.20 -27.57
N ALA G 324 35.37 -9.84 -26.73
CA ALA G 324 35.68 -9.31 -25.41
C ALA G 324 36.20 -10.43 -24.51
N TYR G 325 37.19 -10.10 -23.69
CA TYR G 325 37.89 -11.15 -22.94
C TYR G 325 38.55 -10.56 -21.71
N CYS G 326 38.95 -11.45 -20.81
CA CYS G 326 39.81 -11.12 -19.68
C CYS G 326 41.10 -11.91 -19.79
N ASN G 327 42.12 -11.43 -19.08
CA ASN G 327 43.47 -12.00 -19.12
C ASN G 327 44.04 -12.04 -17.72
N ILE G 328 44.68 -13.18 -17.39
CA ILE G 328 45.26 -13.45 -16.09
C ILE G 328 46.67 -13.99 -16.29
N ASN G 329 47.59 -13.61 -15.41
CA ASN G 329 48.94 -14.15 -15.43
C ASN G 329 48.90 -15.62 -15.02
N GLU G 330 49.55 -16.48 -15.83
CA GLU G 330 49.49 -17.91 -15.57
C GLU G 330 50.22 -18.28 -14.28
N SER G 331 51.46 -17.81 -14.13
CA SER G 331 52.25 -18.19 -12.97
C SER G 331 51.62 -17.68 -11.68
N THR G 332 51.11 -16.45 -11.70
CA THR G 332 50.45 -15.92 -10.51
C THR G 332 49.24 -16.76 -10.13
N TRP G 333 48.43 -17.15 -11.12
CA TRP G 333 47.27 -17.97 -10.84
C TRP G 333 47.67 -19.32 -10.28
N ASN G 334 48.69 -19.94 -10.87
CA ASN G 334 49.11 -21.26 -10.40
C ASN G 334 49.62 -21.18 -8.96
N GLU G 335 50.41 -20.16 -8.65
CA GLU G 335 50.93 -20.04 -7.28
C GLU G 335 49.81 -19.75 -6.29
N THR G 336 48.88 -18.86 -6.65
CA THR G 336 47.77 -18.55 -5.76
C THR G 336 46.92 -19.78 -5.51
N LEU G 337 46.63 -20.54 -6.58
CA LEU G 337 45.82 -21.72 -6.42
C LEU G 337 46.55 -22.76 -5.59
N GLY G 338 47.88 -22.84 -5.72
CA GLY G 338 48.65 -23.73 -4.87
C GLY G 338 48.58 -23.36 -3.40
N LYS G 339 48.67 -22.06 -3.10
CA LYS G 339 48.64 -21.65 -1.70
C LYS G 339 47.27 -21.90 -1.08
N VAL G 340 46.20 -21.56 -1.79
CA VAL G 340 44.86 -21.88 -1.28
C VAL G 340 44.69 -23.38 -1.16
N VAL G 341 45.30 -24.15 -2.06
CA VAL G 341 45.23 -25.61 -1.94
C VAL G 341 45.96 -26.07 -0.69
N LYS G 342 47.05 -25.39 -0.33
CA LYS G 342 47.74 -25.73 0.91
C LYS G 342 46.83 -25.49 2.10
N GLN G 343 46.12 -24.37 2.11
CA GLN G 343 45.18 -24.11 3.22
C GLN G 343 44.04 -25.12 3.22
N LEU G 344 43.54 -25.50 2.05
CA LEU G 344 42.51 -26.53 1.97
C LEU G 344 43.04 -27.87 2.51
N ARG G 345 44.32 -28.16 2.24
CA ARG G 345 44.94 -29.34 2.81
C ARG G 345 45.01 -29.25 4.33
N LYS G 346 45.34 -28.06 4.84
CA LYS G 346 45.36 -27.85 6.28
C LYS G 346 44.02 -28.16 6.90
N HIS G 347 42.93 -27.75 6.25
CA HIS G 347 41.61 -28.04 6.79
C HIS G 347 41.20 -29.50 6.61
N PHE G 348 41.49 -30.10 5.44
CA PHE G 348 40.92 -31.39 5.06
C PHE G 348 41.89 -32.55 5.15
N GLY G 349 43.12 -32.35 5.62
CA GLY G 349 44.06 -33.43 5.84
C GLY G 349 45.10 -33.50 4.75
N ASN G 350 46.34 -33.79 5.15
CA ASN G 350 47.47 -33.66 4.24
C ASN G 350 47.42 -34.67 3.09
N ASN G 351 47.01 -35.90 3.36
CA ASN G 351 46.99 -36.94 2.34
C ASN G 351 45.65 -37.01 1.60
N THR G 352 44.89 -35.92 1.57
CA THR G 352 43.64 -35.85 0.85
C THR G 352 43.86 -35.23 -0.52
N ILE G 353 43.22 -35.82 -1.53
CA ILE G 353 43.30 -35.31 -2.90
C ILE G 353 42.41 -34.08 -3.00
N ILE G 354 42.83 -33.10 -3.78
CA ILE G 354 42.03 -31.90 -4.04
C ILE G 354 41.91 -31.72 -5.55
N ARG G 355 40.76 -31.22 -5.99
CA ARG G 355 40.51 -31.01 -7.40
C ARG G 355 39.62 -29.79 -7.59
N PHE G 356 39.76 -29.15 -8.74
CA PHE G 356 38.97 -27.99 -9.12
C PHE G 356 38.34 -28.23 -10.48
N GLN G 357 37.05 -27.95 -10.57
CA GLN G 357 36.24 -28.10 -11.76
C GLN G 357 35.44 -26.82 -11.96
N PRO G 358 34.96 -26.57 -13.19
CA PRO G 358 34.10 -25.39 -13.39
C PRO G 358 32.76 -25.55 -12.68
N SER G 359 31.90 -24.54 -12.85
CA SER G 359 30.62 -24.53 -12.18
C SER G 359 29.74 -25.67 -12.66
N SER G 360 28.92 -26.20 -11.75
CA SER G 360 28.10 -27.36 -12.06
C SER G 360 26.90 -27.01 -12.93
N GLY G 361 26.37 -25.81 -12.81
CA GLY G 361 25.21 -25.43 -13.60
C GLY G 361 24.61 -24.14 -13.09
N GLY G 362 23.52 -23.74 -13.75
CA GLY G 362 22.83 -22.50 -13.46
C GLY G 362 22.90 -21.54 -14.64
N ASP G 363 22.34 -20.35 -14.42
CA ASP G 363 22.34 -19.33 -15.44
C ASP G 363 23.70 -18.64 -15.49
N LEU G 364 23.82 -17.62 -16.35
CA LEU G 364 25.09 -16.91 -16.48
C LEU G 364 25.44 -16.16 -15.21
N GLU G 365 24.46 -15.85 -14.37
CA GLU G 365 24.74 -15.09 -13.15
C GLU G 365 25.62 -15.88 -12.19
N VAL G 366 25.56 -17.21 -12.23
CA VAL G 366 26.33 -18.05 -11.31
C VAL G 366 27.35 -18.92 -12.01
N THR G 367 27.12 -19.34 -13.26
CA THR G 367 28.10 -20.15 -13.96
C THR G 367 29.31 -19.36 -14.42
N THR G 368 29.11 -18.15 -14.93
CA THR G 368 30.20 -17.29 -15.35
C THR G 368 30.61 -16.38 -14.20
N HIS G 369 31.78 -15.76 -14.37
CA HIS G 369 32.17 -14.61 -13.55
C HIS G 369 31.58 -13.35 -14.15
N SER G 370 30.69 -12.69 -13.43
CA SER G 370 30.03 -11.49 -13.93
C SER G 370 30.55 -10.27 -13.19
N PHE G 371 30.63 -9.15 -13.91
CA PHE G 371 31.02 -7.91 -13.25
C PHE G 371 30.59 -6.71 -14.08
N ASN G 372 30.66 -5.54 -13.44
CA ASN G 372 30.39 -4.26 -14.10
C ASN G 372 31.73 -3.61 -14.44
N CYS G 373 31.91 -3.28 -15.72
CA CYS G 373 33.12 -2.67 -16.25
C CYS G 373 32.70 -1.35 -16.91
N GLY G 374 32.87 -0.26 -16.18
CA GLY G 374 32.59 1.05 -16.71
C GLY G 374 31.14 1.30 -17.06
N GLY G 375 30.23 0.50 -16.52
CA GLY G 375 28.83 0.54 -16.87
C GLY G 375 28.38 -0.59 -17.75
N GLU G 376 29.29 -1.23 -18.47
CA GLU G 376 28.93 -2.37 -19.30
C GLU G 376 28.98 -3.59 -18.39
N PHE G 377 28.36 -4.70 -18.81
CA PHE G 377 28.26 -5.89 -17.96
C PHE G 377 28.89 -7.10 -18.65
N PHE G 378 29.96 -7.60 -18.05
CA PHE G 378 30.72 -8.74 -18.54
C PHE G 378 30.25 -10.01 -17.83
N TYR G 379 30.36 -11.14 -18.55
CA TYR G 379 30.11 -12.49 -18.03
C TYR G 379 31.16 -13.37 -18.68
N CYS G 380 32.15 -13.82 -17.91
CA CYS G 380 33.31 -14.52 -18.45
C CYS G 380 33.30 -15.99 -18.06
N ASN G 381 33.64 -16.84 -19.03
CA ASN G 381 33.61 -18.29 -18.87
C ASN G 381 34.85 -18.73 -18.10
N THR G 382 34.67 -19.01 -16.81
CA THR G 382 35.77 -19.38 -15.93
C THR G 382 36.16 -20.85 -16.05
N SER G 383 35.71 -21.55 -17.10
CA SER G 383 36.14 -22.92 -17.31
C SER G 383 37.64 -23.03 -17.46
N GLY G 384 38.29 -22.05 -18.10
CA GLY G 384 39.74 -22.03 -18.17
C GLY G 384 40.42 -21.99 -16.82
N LEU G 385 39.75 -21.50 -15.80
CA LEU G 385 40.20 -21.57 -14.43
C LEU G 385 39.50 -22.72 -13.72
N PHE G 386 40.01 -23.08 -12.56
CA PHE G 386 39.41 -24.12 -11.72
C PHE G 386 39.28 -25.44 -12.48
N ASN G 387 40.38 -25.83 -13.13
CA ASN G 387 40.46 -27.12 -13.82
C ASN G 387 41.81 -27.71 -13.44
N SER G 388 41.86 -28.43 -12.32
CA SER G 388 43.16 -28.86 -11.82
C SER G 388 43.00 -30.02 -10.86
N THR G 389 44.11 -30.75 -10.69
CA THR G 389 44.25 -31.80 -9.69
C THR G 389 45.45 -31.45 -8.81
N TRP G 390 45.36 -31.77 -7.52
CA TRP G 390 46.38 -31.47 -6.53
C TRP G 390 46.54 -32.70 -5.65
N ILE G 391 47.69 -33.35 -5.82
CA ILE G 391 48.13 -34.47 -5.00
C ILE G 391 49.60 -34.26 -4.70
N SER G 392 49.90 -33.82 -3.47
CA SER G 392 51.26 -33.48 -3.07
C SER G 392 51.87 -32.45 -4.01
N ASN G 393 51.05 -31.51 -4.46
CA ASN G 393 51.45 -30.49 -5.42
C ASN G 393 52.01 -31.12 -6.69
N SER G 404 55.93 -22.18 -18.48
CA SER G 404 54.56 -21.77 -18.18
C SER G 404 54.50 -20.24 -18.07
N ASN G 405 55.17 -19.55 -19.00
CA ASN G 405 55.20 -18.09 -19.02
C ASN G 405 54.13 -17.51 -19.93
N ASP G 406 53.02 -18.22 -20.10
CA ASP G 406 51.91 -17.76 -20.93
C ASP G 406 50.87 -17.06 -20.06
N SER G 407 49.76 -16.69 -20.67
CA SER G 407 48.66 -16.02 -20.00
C SER G 407 47.36 -16.77 -20.26
N ILE G 408 46.50 -16.81 -19.24
CA ILE G 408 45.19 -17.44 -19.34
C ILE G 408 44.22 -16.41 -19.89
N THR G 409 43.52 -16.79 -20.95
CA THR G 409 42.52 -15.95 -21.59
C THR G 409 41.13 -16.48 -21.25
N LEU G 410 40.25 -15.58 -20.88
CA LEU G 410 38.88 -15.88 -20.49
C LEU G 410 37.95 -15.29 -21.54
N PRO G 411 37.30 -16.07 -22.40
CA PRO G 411 36.28 -15.48 -23.27
C PRO G 411 35.15 -14.91 -22.44
N CYS G 412 34.63 -13.76 -22.88
CA CYS G 412 33.64 -13.03 -22.12
C CYS G 412 32.48 -12.62 -23.01
N ARG G 413 31.30 -13.11 -22.65
CA ARG G 413 30.04 -12.65 -23.22
C ARG G 413 29.74 -11.32 -22.55
N ILE G 414 28.95 -10.48 -23.21
CA ILE G 414 28.68 -9.15 -22.70
C ILE G 414 27.17 -8.95 -22.85
N LYS G 415 26.52 -8.41 -21.81
CA LYS G 415 25.07 -8.21 -21.85
C LYS G 415 24.70 -6.78 -21.44
N GLN G 416 23.63 -6.27 -22.05
CA GLN G 416 23.05 -4.98 -21.68
C GLN G 416 21.80 -5.12 -20.82
N ILE G 417 21.17 -6.28 -20.79
CA ILE G 417 19.94 -6.52 -20.03
C ILE G 417 20.32 -7.27 -18.78
N ILE G 418 20.11 -6.64 -17.62
CA ILE G 418 20.53 -7.19 -16.33
C ILE G 418 19.34 -7.19 -15.39
N ASN G 419 19.07 -8.34 -14.79
CA ASN G 419 18.13 -8.44 -13.67
C ASN G 419 18.97 -8.45 -12.40
N MET G 420 19.32 -7.25 -11.94
CA MET G 420 20.27 -7.10 -10.85
C MET G 420 19.67 -7.65 -9.56
N TRP G 421 20.53 -8.28 -8.75
CA TRP G 421 20.17 -8.94 -7.49
C TRP G 421 19.27 -10.14 -7.69
N GLN G 422 19.12 -10.64 -8.92
CA GLN G 422 18.34 -11.84 -9.21
C GLN G 422 16.89 -11.69 -8.75
N ARG G 423 16.33 -10.50 -8.95
CA ARG G 423 14.90 -10.28 -8.78
C ARG G 423 14.18 -10.51 -10.10
N VAL G 424 12.97 -11.03 -10.00
CA VAL G 424 12.11 -11.19 -11.17
C VAL G 424 11.51 -9.82 -11.49
N GLY G 425 11.81 -9.31 -12.68
CA GLY G 425 11.38 -7.99 -13.06
C GLY G 425 12.32 -6.92 -12.54
N GLN G 426 11.90 -5.67 -12.73
CA GLN G 426 12.71 -4.51 -12.38
C GLN G 426 14.06 -4.55 -13.09
N ALA G 427 14.05 -5.01 -14.33
CA ALA G 427 15.28 -5.12 -15.10
C ALA G 427 15.87 -3.75 -15.37
N MET G 428 17.16 -3.73 -15.72
CA MET G 428 17.88 -2.50 -16.00
C MET G 428 18.65 -2.67 -17.31
N TYR G 429 18.55 -1.68 -18.18
CA TYR G 429 19.22 -1.69 -19.47
C TYR G 429 20.49 -0.83 -19.36
N ALA G 430 21.65 -1.46 -19.53
CA ALA G 430 22.90 -0.73 -19.46
C ALA G 430 23.07 0.13 -20.71
N PRO G 431 23.29 1.43 -20.60
CA PRO G 431 23.45 2.23 -21.81
C PRO G 431 24.72 1.84 -22.53
N PRO G 432 24.80 2.08 -23.84
CA PRO G 432 26.04 1.78 -24.55
C PRO G 432 27.13 2.77 -24.16
N ILE G 433 28.36 2.42 -24.51
CA ILE G 433 29.52 3.29 -24.29
C ILE G 433 30.33 3.33 -25.57
N GLN G 434 30.51 4.53 -26.12
CA GLN G 434 31.35 4.69 -27.29
C GLN G 434 32.80 4.41 -26.92
N GLY G 435 33.58 3.99 -27.92
CA GLY G 435 35.00 3.77 -27.72
C GLY G 435 35.35 2.33 -27.39
N VAL G 436 36.38 2.16 -26.57
CA VAL G 436 36.92 0.86 -26.23
C VAL G 436 37.02 0.75 -24.71
N ILE G 437 36.58 -0.37 -24.17
CA ILE G 437 36.41 -0.55 -22.73
C ILE G 437 37.57 -1.40 -22.21
N ARG G 438 38.23 -0.92 -21.15
CA ARG G 438 39.31 -1.65 -20.50
C ARG G 438 39.20 -1.44 -19.00
N CYS G 439 39.11 -2.55 -18.26
CA CYS G 439 39.18 -2.57 -16.80
C CYS G 439 40.44 -3.29 -16.35
N VAL G 440 41.03 -2.77 -15.28
CA VAL G 440 42.13 -3.39 -14.56
C VAL G 440 41.67 -3.58 -13.11
N SER G 441 41.85 -4.78 -12.58
CA SER G 441 41.32 -5.08 -11.25
C SER G 441 42.27 -5.98 -10.49
N ASN G 442 42.10 -5.95 -9.16
CA ASN G 442 42.83 -6.82 -8.24
C ASN G 442 41.88 -7.88 -7.72
N ILE G 443 42.17 -9.14 -8.03
CA ILE G 443 41.51 -10.27 -7.39
C ILE G 443 42.12 -10.43 -6.01
N THR G 444 41.28 -10.43 -4.99
CA THR G 444 41.72 -10.56 -3.59
C THR G 444 41.14 -11.77 -2.90
N GLY G 445 40.28 -12.54 -3.55
CA GLY G 445 39.64 -13.65 -2.88
C GLY G 445 38.77 -14.42 -3.85
N LEU G 446 38.16 -15.48 -3.32
CA LEU G 446 37.38 -16.41 -4.11
C LEU G 446 36.14 -16.86 -3.36
N ILE G 447 35.13 -17.26 -4.12
CA ILE G 447 33.93 -17.88 -3.59
C ILE G 447 33.89 -19.30 -4.12
N LEU G 448 34.03 -20.29 -3.23
CA LEU G 448 34.05 -21.69 -3.61
C LEU G 448 32.93 -22.47 -2.92
N THR G 449 32.59 -23.59 -3.52
CA THR G 449 31.71 -24.59 -2.92
C THR G 449 32.35 -25.95 -3.09
N ARG G 450 31.97 -26.87 -2.21
CA ARG G 450 32.63 -28.18 -2.10
C ARG G 450 31.64 -29.28 -2.47
N ASP G 451 32.15 -30.31 -3.14
CA ASP G 451 31.34 -31.43 -3.57
C ASP G 451 31.32 -32.52 -2.50
N GLY G 452 30.43 -33.50 -2.67
CA GLY G 452 30.29 -34.62 -1.77
C GLY G 452 30.78 -35.94 -2.32
N GLY G 453 31.69 -35.94 -3.30
CA GLY G 453 32.10 -37.20 -3.92
C GLY G 453 32.81 -38.14 -2.96
N LYS G 454 33.56 -37.60 -2.01
CA LYS G 454 34.34 -38.40 -1.04
C LYS G 454 35.35 -39.22 -1.87
N ASN G 455 35.49 -40.52 -1.63
CA ASN G 455 36.57 -41.33 -2.17
C ASN G 455 37.93 -40.65 -2.00
N ASN G 456 38.13 -40.03 -0.84
CA ASN G 456 39.37 -39.36 -0.44
C ASN G 456 39.66 -38.13 -1.27
N THR G 457 38.70 -37.61 -2.02
CA THR G 457 38.90 -36.47 -2.90
C THR G 457 37.85 -35.41 -2.61
N GLU G 458 38.31 -34.18 -2.45
CA GLU G 458 37.44 -33.02 -2.21
C GLU G 458 37.53 -32.11 -3.43
N THR G 459 36.46 -32.10 -4.23
CA THR G 459 36.40 -31.31 -5.45
C THR G 459 35.71 -29.99 -5.16
N PHE G 460 36.25 -28.91 -5.72
CA PHE G 460 35.79 -27.55 -5.45
C PHE G 460 35.40 -26.85 -6.74
N ARG G 461 34.35 -26.04 -6.66
CA ARG G 461 33.75 -25.36 -7.80
C ARG G 461 33.52 -23.90 -7.46
N PRO G 462 33.45 -23.02 -8.46
CA PRO G 462 33.01 -21.63 -8.18
C PRO G 462 31.58 -21.61 -7.67
N GLY G 463 31.32 -20.69 -6.74
CA GLY G 463 30.01 -20.56 -6.14
C GLY G 463 29.25 -19.34 -6.64
N GLY G 464 28.86 -18.47 -5.72
CA GLY G 464 28.17 -17.23 -6.04
C GLY G 464 26.68 -17.37 -5.84
N GLY G 465 25.97 -16.37 -6.36
CA GLY G 465 24.52 -16.34 -6.32
C GLY G 465 23.92 -15.56 -5.17
N ASP G 466 24.70 -15.25 -4.14
CA ASP G 466 24.24 -14.48 -3.00
C ASP G 466 25.26 -13.38 -2.75
N MET G 467 24.97 -12.16 -3.23
CA MET G 467 25.95 -11.04 -3.13
C MET G 467 26.25 -10.71 -1.66
N ARG G 468 25.38 -11.13 -0.74
CA ARG G 468 25.58 -10.76 0.70
C ARG G 468 26.96 -11.26 1.15
N ASP G 469 27.39 -12.41 0.64
CA ASP G 469 28.74 -12.95 0.98
C ASP G 469 29.80 -11.93 0.56
N ASN G 470 29.61 -11.29 -0.59
CA ASN G 470 30.60 -10.31 -1.09
C ASN G 470 30.78 -9.18 -0.06
N TRP G 471 29.66 -8.60 0.39
CA TRP G 471 29.73 -7.51 1.39
C TRP G 471 30.32 -8.05 2.69
N ARG G 472 29.91 -9.26 3.08
CA ARG G 472 30.39 -9.88 4.34
C ARG G 472 31.91 -10.08 4.28
N SER G 473 32.41 -10.54 3.13
CA SER G 473 33.86 -10.82 2.99
C SER G 473 34.69 -9.63 3.52
N GLU G 474 34.17 -8.42 3.36
CA GLU G 474 34.91 -7.23 3.79
C GLU G 474 34.63 -6.86 5.24
N LEU G 475 33.45 -7.19 5.76
CA LEU G 475 32.98 -6.74 7.06
C LEU G 475 33.12 -7.82 8.13
N TYR G 476 34.03 -8.76 7.95
CA TYR G 476 34.15 -9.86 8.91
C TYR G 476 34.62 -9.39 10.28
N LYS G 477 35.43 -8.34 10.33
CA LYS G 477 36.10 -7.91 11.56
C LYS G 477 35.36 -6.83 12.32
N TYR G 478 34.18 -6.38 11.85
CA TYR G 478 33.43 -5.32 12.49
C TYR G 478 32.16 -5.88 13.12
N LYS G 479 31.82 -5.33 14.29
CA LYS G 479 30.57 -5.63 14.99
C LYS G 479 30.02 -4.32 15.53
N VAL G 480 28.71 -4.24 15.70
CA VAL G 480 28.04 -3.05 16.23
C VAL G 480 27.52 -3.41 17.62
N VAL G 481 27.76 -2.52 18.60
CA VAL G 481 27.34 -2.76 19.97
C VAL G 481 26.70 -1.51 20.55
N LYS G 482 25.61 -1.74 21.29
CA LYS G 482 24.91 -0.68 22.00
C LYS G 482 25.56 -0.48 23.36
N ILE G 483 25.84 0.78 23.70
CA ILE G 483 26.37 1.11 25.02
C ILE G 483 25.22 1.09 26.01
N GLU G 484 25.49 0.62 27.23
CA GLU G 484 24.53 0.61 28.34
C GLU G 484 25.12 1.42 29.48
N PRO G 485 24.88 2.73 29.53
CA PRO G 485 25.57 3.56 30.52
C PRO G 485 25.23 3.23 31.97
N LEU G 486 24.12 2.56 32.24
CA LEU G 486 23.66 2.34 33.60
C LEU G 486 24.23 1.09 34.22
N GLY G 487 24.46 1.16 35.53
CA GLY G 487 24.90 0.01 36.30
C GLY G 487 24.73 0.27 37.77
N VAL G 488 24.93 -0.78 38.55
CA VAL G 488 24.86 -0.71 40.01
C VAL G 488 25.99 -1.57 40.58
N ALA G 489 26.30 -1.32 41.85
CA ALA G 489 27.35 -2.08 42.52
C ALA G 489 27.17 -1.95 44.03
N PRO G 490 27.87 -2.76 44.82
CA PRO G 490 27.89 -2.52 46.26
C PRO G 490 29.02 -1.61 46.68
N THR G 491 28.80 -0.88 47.76
CA THR G 491 29.82 -0.02 48.38
C THR G 491 29.66 -0.12 49.89
N ARG G 492 30.62 0.47 50.60
CA ARG G 492 30.70 0.36 52.05
C ARG G 492 29.99 1.50 52.77
N CYS G 493 29.04 2.17 52.13
CA CYS G 493 28.36 3.30 52.75
C CYS G 493 26.98 3.44 52.14
N LYS G 494 26.10 4.12 52.89
CA LYS G 494 24.72 4.35 52.49
C LYS G 494 24.45 5.86 52.43
N ARG G 495 23.38 6.21 51.73
CA ARG G 495 22.94 7.60 51.69
C ARG G 495 22.60 8.07 53.10
N ARG G 496 22.96 9.33 53.39
CA ARG G 496 22.73 9.85 54.73
C ARG G 496 21.24 9.96 55.05
N VAL G 497 20.44 10.43 54.10
CA VAL G 497 19.00 10.60 54.29
C VAL G 497 18.72 11.53 55.46
N UNK H 1 -28.49 -46.11 -35.26
CA UNK H 1 -27.39 -46.01 -36.26
C UNK H 1 -27.27 -47.30 -37.05
N UNK H 2 -27.46 -48.43 -36.36
CA UNK H 2 -27.38 -49.73 -36.99
C UNK H 2 -28.29 -50.69 -36.25
N UNK H 3 -28.68 -51.76 -36.94
CA UNK H 3 -29.51 -52.80 -36.33
C UNK H 3 -29.22 -54.11 -37.05
N UNK H 4 -29.52 -55.21 -36.38
CA UNK H 4 -29.27 -56.53 -36.93
C UNK H 4 -30.28 -57.52 -36.37
N UNK H 5 -30.60 -58.53 -37.16
CA UNK H 5 -31.57 -59.56 -36.81
C UNK H 5 -31.05 -60.93 -37.20
N UNK H 6 -31.57 -61.96 -36.53
CA UNK H 6 -31.17 -63.34 -36.79
C UNK H 6 -32.16 -64.04 -37.71
N UNK H 7 -31.64 -64.92 -38.55
CA UNK H 7 -32.50 -65.70 -39.44
C UNK H 7 -33.28 -66.73 -38.63
N UNK H 8 -34.26 -67.35 -39.27
CA UNK H 8 -35.13 -68.30 -38.59
C UNK H 8 -35.90 -69.12 -39.60
N UNK H 9 -36.58 -70.14 -39.10
CA UNK H 9 -37.43 -71.00 -39.92
C UNK H 9 -38.85 -70.46 -39.99
N UNK H 10 -39.58 -70.90 -41.02
CA UNK H 10 -40.93 -70.43 -41.30
C UNK H 10 -41.93 -71.46 -40.80
N UNK H 11 -42.55 -71.19 -39.65
CA UNK H 11 -43.58 -72.05 -39.08
C UNK H 11 -43.07 -73.48 -38.90
N UNK H 12 -41.89 -73.59 -38.29
CA UNK H 12 -41.29 -74.91 -38.07
C UNK H 12 -42.16 -75.78 -37.18
N UNK H 13 -42.73 -75.20 -36.12
CA UNK H 13 -43.55 -75.96 -35.20
C UNK H 13 -44.54 -75.02 -34.52
N UNK H 14 -45.67 -75.57 -34.11
CA UNK H 14 -46.66 -74.81 -33.34
C UNK H 14 -46.24 -74.78 -31.87
N UNK H 15 -46.70 -73.73 -31.18
CA UNK H 15 -46.44 -73.56 -29.75
C UNK H 15 -44.94 -73.48 -29.47
N UNK H 16 -44.23 -72.67 -30.26
CA UNK H 16 -42.79 -72.51 -30.11
C UNK H 16 -42.39 -71.15 -30.67
N UNK H 17 -41.26 -70.63 -30.18
CA UNK H 17 -40.79 -69.33 -30.62
C UNK H 17 -39.34 -69.15 -30.22
N UNK H 18 -38.68 -68.22 -30.93
CA UNK H 18 -37.32 -67.80 -30.62
C UNK H 18 -37.00 -66.61 -31.50
N UNK H 19 -36.21 -65.67 -30.97
CA UNK H 19 -35.87 -64.47 -31.74
C UNK H 19 -34.66 -63.81 -31.10
N UNK H 20 -34.04 -62.92 -31.87
CA UNK H 20 -32.89 -62.16 -31.41
C UNK H 20 -32.75 -60.91 -32.27
N UNK H 21 -32.03 -59.93 -31.75
CA UNK H 21 -31.74 -58.70 -32.48
C UNK H 21 -30.56 -58.00 -31.82
N UNK H 22 -30.12 -56.92 -32.45
CA UNK H 22 -28.98 -56.16 -31.94
C UNK H 22 -29.06 -54.74 -32.47
N UNK H 23 -28.52 -53.80 -31.69
CA UNK H 23 -28.59 -52.39 -32.01
C UNK H 23 -27.31 -51.70 -31.59
N UNK H 24 -27.07 -50.52 -32.19
CA UNK H 24 -25.83 -49.80 -31.94
C UNK H 24 -25.78 -49.25 -30.52
N UNK H 25 -26.89 -48.68 -30.04
CA UNK H 25 -26.92 -48.04 -28.73
C UNK H 25 -28.31 -48.20 -28.12
N UNK H 26 -28.37 -48.06 -26.80
CA UNK H 26 -29.62 -48.30 -26.09
C UNK H 26 -30.67 -47.27 -26.47
N UNK H 27 -31.89 -47.75 -26.70
CA UNK H 27 -33.01 -46.88 -27.03
C UNK H 27 -34.30 -47.64 -26.80
N UNK H 28 -35.09 -47.20 -25.82
CA UNK H 28 -36.34 -47.88 -25.50
C UNK H 28 -37.45 -47.63 -26.51
N UNK H 29 -37.27 -46.67 -27.43
CA UNK H 29 -38.35 -46.33 -28.35
C UNK H 29 -38.58 -47.42 -29.38
N UNK H 30 -37.56 -48.21 -29.69
CA UNK H 30 -37.67 -49.20 -30.75
C UNK H 30 -38.64 -50.31 -30.37
N UNK H 31 -39.22 -50.96 -31.38
CA UNK H 31 -40.11 -52.08 -31.17
C UNK H 31 -40.29 -52.84 -32.47
N UNK H 32 -40.48 -54.16 -32.33
CA UNK H 32 -40.58 -55.03 -33.49
C UNK H 32 -41.84 -54.74 -34.28
N UNK H 33 -41.75 -54.87 -35.60
CA UNK H 33 -42.85 -54.65 -36.52
C UNK H 33 -43.33 -55.97 -37.10
N UNK H 34 -44.59 -55.99 -37.52
CA UNK H 34 -45.25 -57.18 -38.06
C UNK H 34 -45.31 -57.07 -39.58
N UNK H 35 -44.40 -57.77 -40.26
CA UNK H 35 -44.34 -57.78 -41.70
C UNK H 35 -45.11 -58.97 -42.26
N UNK H 36 -45.15 -59.06 -43.58
CA UNK H 36 -45.89 -60.10 -44.28
C UNK H 36 -45.39 -60.18 -45.71
N UNK H 37 -45.94 -61.15 -46.46
CA UNK H 37 -45.60 -61.26 -47.87
C UNK H 37 -46.06 -60.02 -48.65
N UNK H 38 -47.20 -59.45 -48.27
CA UNK H 38 -47.69 -58.22 -48.86
C UNK H 38 -48.33 -57.39 -47.76
N UNK H 39 -48.43 -56.08 -48.00
CA UNK H 39 -48.96 -55.13 -47.03
C UNK H 39 -48.17 -55.17 -45.72
N UNK H 40 -46.84 -55.34 -45.85
CA UNK H 40 -45.96 -55.46 -44.69
C UNK H 40 -45.83 -54.10 -44.01
N UNK H 41 -46.88 -53.74 -43.26
CA UNK H 41 -46.98 -52.44 -42.62
C UNK H 41 -47.59 -52.50 -41.22
N UNK H 42 -47.72 -53.68 -40.62
CA UNK H 42 -48.33 -53.81 -39.31
C UNK H 42 -47.29 -53.75 -38.21
N UNK H 43 -47.72 -53.31 -37.04
CA UNK H 43 -46.87 -53.18 -35.86
C UNK H 43 -47.10 -54.34 -34.91
N UNK H 44 -46.00 -54.95 -34.48
CA UNK H 44 -46.05 -56.06 -33.53
C UNK H 44 -45.94 -55.59 -32.08
N UNK H 45 -45.32 -54.44 -31.84
CA UNK H 45 -45.23 -53.89 -30.50
C UNK H 45 -44.98 -52.39 -30.58
N UNK H 46 -45.42 -51.68 -29.55
CA UNK H 46 -45.22 -50.24 -29.41
C UNK H 46 -44.33 -50.03 -28.20
N UNK H 47 -43.04 -49.78 -28.45
CA UNK H 47 -42.03 -49.62 -27.41
C UNK H 47 -42.04 -50.81 -26.45
N UNK H 48 -42.11 -52.01 -27.03
CA UNK H 48 -42.12 -53.30 -26.34
C UNK H 48 -43.44 -53.60 -25.64
N UNK H 49 -44.49 -52.80 -25.87
CA UNK H 49 -45.84 -53.13 -25.46
C UNK H 49 -46.62 -53.65 -26.65
N UNK H 50 -47.44 -54.68 -26.43
CA UNK H 50 -48.14 -55.34 -27.52
C UNK H 50 -49.06 -54.37 -28.24
N UNK H 51 -48.99 -54.38 -29.57
CA UNK H 51 -49.75 -53.44 -30.41
C UNK H 51 -51.12 -54.04 -30.77
N UNK H 52 -51.90 -54.34 -29.73
CA UNK H 52 -53.23 -54.92 -29.90
C UNK H 52 -53.16 -56.26 -30.63
N UNK H 53 -52.08 -57.00 -30.42
CA UNK H 53 -51.92 -58.30 -31.04
C UNK H 53 -52.59 -59.38 -30.20
N UNK H 54 -52.81 -60.54 -30.82
CA UNK H 54 -53.38 -61.66 -30.08
C UNK H 54 -52.38 -62.25 -29.09
N UNK H 55 -51.14 -62.48 -29.52
CA UNK H 55 -50.09 -63.03 -28.67
C UNK H 55 -48.80 -62.30 -28.99
N UNK H 56 -47.96 -62.12 -27.97
CA UNK H 56 -46.78 -61.29 -28.11
C UNK H 56 -45.74 -61.68 -27.07
N UNK H 57 -44.52 -61.21 -27.30
CA UNK H 57 -43.42 -61.33 -26.35
C UNK H 57 -42.56 -60.08 -26.47
N UNK H 58 -42.03 -59.62 -25.34
CA UNK H 58 -41.33 -58.34 -25.26
C UNK H 58 -40.04 -58.50 -24.47
N UNK H 59 -39.26 -59.55 -24.79
CA UNK H 59 -38.00 -59.80 -24.10
C UNK H 59 -36.89 -58.85 -24.51
N UNK H 60 -37.13 -57.96 -25.47
CA UNK H 60 -36.08 -57.07 -25.95
C UNK H 60 -35.56 -56.16 -24.84
N UNK H 61 -34.27 -55.88 -24.89
CA UNK H 61 -33.65 -54.87 -24.03
C UNK H 61 -33.48 -53.57 -24.81
N UNK H 62 -33.03 -52.54 -24.09
CA UNK H 62 -32.82 -51.24 -24.73
C UNK H 62 -31.73 -51.32 -25.79
N UNK H 63 -30.63 -52.02 -25.48
CA UNK H 63 -29.52 -52.21 -26.40
C UNK H 63 -29.45 -53.63 -26.95
N UNK H 64 -29.62 -54.63 -26.09
CA UNK H 64 -29.66 -56.03 -26.52
C UNK H 64 -31.09 -56.39 -26.91
N UNK H 65 -31.47 -55.90 -28.10
CA UNK H 65 -32.82 -56.14 -28.60
C UNK H 65 -33.04 -57.63 -28.85
N UNK H 66 -34.29 -58.05 -28.74
CA UNK H 66 -34.69 -59.43 -28.94
C UNK H 66 -35.62 -59.64 -30.12
N UNK H 67 -36.50 -58.66 -30.40
CA UNK H 67 -37.58 -58.84 -31.37
C UNK H 67 -38.36 -60.10 -31.04
N UNK H 68 -38.72 -60.22 -29.76
CA UNK H 68 -39.20 -61.49 -29.21
C UNK H 68 -40.46 -61.96 -29.93
N UNK H 69 -40.54 -63.28 -30.11
CA UNK H 69 -41.60 -63.92 -30.88
C UNK H 69 -42.52 -64.70 -29.94
N UNK H 70 -43.82 -64.56 -30.16
CA UNK H 70 -44.81 -65.30 -29.40
C UNK H 70 -44.88 -66.73 -29.91
N UNK H 71 -45.39 -67.63 -29.05
CA UNK H 71 -45.44 -69.05 -29.35
C UNK H 71 -46.62 -69.45 -30.25
N UNK H 72 -47.52 -68.51 -30.57
CA UNK H 72 -48.68 -68.85 -31.38
C UNK H 72 -48.26 -69.34 -32.76
N UNK H 73 -49.02 -70.29 -33.28
CA UNK H 73 -48.68 -70.92 -34.55
C UNK H 73 -49.00 -69.98 -35.72
N UNK H 74 -48.60 -70.42 -36.92
CA UNK H 74 -48.92 -69.75 -38.17
C UNK H 74 -48.26 -68.38 -38.28
N UNK H 75 -46.99 -68.30 -37.88
CA UNK H 75 -46.15 -67.15 -38.15
C UNK H 75 -45.60 -67.18 -39.56
N UNK H 76 -44.42 -66.60 -39.73
CA UNK H 76 -43.77 -66.65 -41.03
C UNK H 76 -42.33 -66.20 -40.93
N UNK H 77 -41.46 -66.93 -41.63
CA UNK H 77 -40.12 -66.50 -42.04
C UNK H 77 -39.28 -65.87 -40.93
N UNK H 78 -38.46 -64.88 -41.26
CA UNK H 78 -37.54 -64.25 -40.31
C UNK H 78 -37.56 -62.75 -40.55
N UNK H 79 -36.88 -62.03 -39.65
CA UNK H 79 -36.92 -60.57 -39.67
C UNK H 79 -35.82 -59.99 -40.54
N UNK H 80 -36.11 -58.83 -41.13
CA UNK H 80 -35.23 -58.16 -42.07
C UNK H 80 -34.43 -57.04 -41.45
N UNK H 81 -34.17 -57.08 -40.14
CA UNK H 81 -33.54 -55.97 -39.43
C UNK H 81 -34.43 -54.73 -39.57
N UNK H 82 -33.87 -53.53 -39.41
CA UNK H 82 -34.68 -52.33 -39.56
C UNK H 82 -33.77 -51.11 -39.63
N UNK H 83 -34.34 -50.03 -40.15
CA UNK H 83 -33.71 -48.72 -40.15
C UNK H 83 -34.34 -47.85 -39.08
N UNK H 84 -33.54 -46.98 -38.49
CA UNK H 84 -34.02 -46.09 -37.44
C UNK H 84 -33.40 -44.71 -37.63
N UNK H 85 -34.12 -43.69 -37.18
CA UNK H 85 -33.70 -42.30 -37.32
C UNK H 85 -32.80 -41.95 -36.15
N UNK H 86 -31.49 -41.89 -36.40
CA UNK H 86 -30.57 -41.43 -35.37
C UNK H 86 -30.70 -39.94 -35.11
N UNK H 87 -31.19 -39.17 -36.08
CA UNK H 87 -31.46 -37.75 -35.90
C UNK H 87 -32.81 -37.47 -35.27
N UNK H 88 -33.59 -38.51 -34.97
CA UNK H 88 -34.87 -38.37 -34.29
C UNK H 88 -34.96 -39.51 -33.27
N UNK H 89 -36.15 -39.71 -32.71
CA UNK H 89 -36.36 -40.86 -31.84
C UNK H 89 -36.15 -42.15 -32.62
N UNK H 90 -35.16 -42.94 -32.21
CA UNK H 90 -34.80 -44.15 -32.94
C UNK H 90 -35.79 -45.28 -32.65
N UNK H 91 -37.04 -45.05 -33.07
CA UNK H 91 -38.13 -45.97 -32.81
C UNK H 91 -38.31 -46.93 -33.99
N UNK H 92 -37.48 -47.97 -34.00
CA UNK H 92 -37.61 -49.03 -35.00
C UNK H 92 -36.78 -50.23 -34.58
N UNK H 93 -37.35 -51.41 -34.75
CA UNK H 93 -36.63 -52.66 -34.53
C UNK H 93 -37.00 -53.64 -35.64
N UNK H 94 -36.48 -54.86 -35.52
CA UNK H 94 -36.60 -55.84 -36.59
C UNK H 94 -38.06 -56.14 -36.92
N UNK H 95 -38.34 -56.31 -38.21
CA UNK H 95 -39.68 -56.54 -38.73
C UNK H 95 -39.80 -58.00 -39.17
N UNK H 96 -40.49 -58.81 -38.38
CA UNK H 96 -40.62 -60.23 -38.64
C UNK H 96 -41.67 -60.45 -39.73
N UNK H 97 -41.23 -61.10 -40.82
CA UNK H 97 -42.12 -61.40 -41.95
C UNK H 97 -42.55 -62.86 -41.93
N UNK I 1 -22.77 -42.17 -16.44
CA UNK I 1 -22.04 -42.44 -15.16
C UNK I 1 -22.86 -43.37 -14.28
N UNK I 2 -22.77 -43.21 -12.96
CA UNK I 2 -23.65 -43.88 -12.01
C UNK I 2 -23.48 -45.39 -12.06
N UNK I 3 -22.25 -45.84 -11.87
CA UNK I 3 -22.00 -47.26 -11.72
C UNK I 3 -22.61 -47.76 -10.40
N UNK I 4 -22.99 -49.03 -10.39
CA UNK I 4 -23.59 -49.65 -9.22
C UNK I 4 -22.55 -50.45 -8.45
N UNK I 5 -22.71 -50.49 -7.14
CA UNK I 5 -21.86 -51.30 -6.30
C UNK I 5 -22.12 -52.78 -6.54
N UNK I 6 -21.39 -53.63 -5.80
CA UNK I 6 -21.59 -55.07 -5.91
C UNK I 6 -23.00 -55.43 -5.49
N UNK I 7 -23.65 -56.28 -6.30
CA UNK I 7 -25.06 -56.60 -6.09
C UNK I 7 -25.23 -57.80 -5.17
N UNK I 8 -26.40 -57.83 -4.51
CA UNK I 8 -26.83 -58.99 -3.72
C UNK I 8 -25.93 -59.24 -2.52
N UNK I 9 -25.57 -58.18 -1.81
CA UNK I 9 -24.75 -58.29 -0.62
C UNK I 9 -25.61 -58.48 0.63
N UNK I 10 -24.99 -58.96 1.69
CA UNK I 10 -25.68 -59.12 2.97
C UNK I 10 -24.65 -59.40 4.06
N UNK I 11 -25.00 -59.01 5.28
CA UNK I 11 -24.12 -59.20 6.43
C UNK I 11 -24.95 -59.07 7.70
N UNK I 12 -24.46 -59.68 8.78
CA UNK I 12 -25.14 -59.70 10.08
C UNK I 12 -24.33 -58.92 11.10
N UNK I 13 -24.86 -57.77 11.51
CA UNK I 13 -24.29 -56.96 12.58
C UNK I 13 -22.83 -56.59 12.29
N UNK I 14 -22.59 -56.18 11.04
CA UNK I 14 -21.25 -55.80 10.60
C UNK I 14 -21.35 -54.61 9.66
N UNK I 15 -20.29 -53.81 9.63
CA UNK I 15 -20.20 -52.65 8.75
C UNK I 15 -19.68 -53.10 7.38
N UNK I 16 -20.57 -53.70 6.61
CA UNK I 16 -20.25 -54.23 5.29
C UNK I 16 -20.48 -53.15 4.25
N UNK I 17 -19.40 -52.63 3.68
CA UNK I 17 -19.45 -51.58 2.68
C UNK I 17 -19.22 -52.15 1.29
N UNK I 18 -19.89 -51.54 0.30
CA UNK I 18 -19.73 -51.88 -1.10
C UNK I 18 -19.44 -50.60 -1.88
N UNK I 19 -18.47 -50.69 -2.79
CA UNK I 19 -17.98 -49.53 -3.53
C UNK I 19 -18.52 -49.53 -4.95
N UNK I 20 -18.94 -48.35 -5.39
CA UNK I 20 -19.42 -48.13 -6.75
C UNK I 20 -18.38 -47.36 -7.55
N UNK I 21 -18.11 -47.84 -8.77
CA UNK I 21 -17.07 -47.25 -9.59
C UNK I 21 -17.47 -45.84 -10.02
N UNK I 22 -16.53 -44.90 -9.88
CA UNK I 22 -16.78 -43.50 -10.21
C UNK I 22 -16.62 -43.32 -11.71
N UNK I 23 -17.64 -43.77 -12.44
CA UNK I 23 -17.65 -43.56 -13.89
C UNK I 23 -17.66 -42.08 -14.20
N UNK I 24 -16.76 -41.65 -15.09
CA UNK I 24 -16.61 -40.26 -15.52
C UNK I 24 -15.97 -39.36 -14.46
N UNK I 25 -15.59 -39.91 -13.30
CA UNK I 25 -14.87 -39.17 -12.27
C UNK I 25 -15.67 -37.96 -11.78
N UNK I 26 -16.82 -38.23 -11.18
CA UNK I 26 -17.63 -37.17 -10.59
C UNK I 26 -16.91 -36.57 -9.39
N UNK I 27 -16.99 -35.24 -9.26
CA UNK I 27 -16.28 -34.57 -8.18
C UNK I 27 -16.97 -34.76 -6.83
N UNK I 28 -18.29 -34.87 -6.82
CA UNK I 28 -19.04 -35.06 -5.59
C UNK I 28 -20.24 -35.97 -5.87
N UNK I 29 -20.58 -36.79 -4.88
CA UNK I 29 -21.68 -37.74 -5.01
C UNK I 29 -22.34 -37.93 -3.66
N UNK I 30 -23.57 -38.42 -3.70
CA UNK I 30 -24.35 -38.66 -2.50
C UNK I 30 -25.33 -39.79 -2.76
N UNK I 31 -25.62 -40.56 -1.71
CA UNK I 31 -26.50 -41.72 -1.85
C UNK I 31 -27.01 -42.11 -0.47
N UNK I 32 -28.12 -42.84 -0.46
CA UNK I 32 -28.66 -43.36 0.78
C UNK I 32 -29.75 -44.36 0.47
N UNK I 33 -30.05 -45.19 1.48
CA UNK I 33 -31.02 -46.26 1.32
C UNK I 33 -32.43 -45.72 1.24
N UNK I 34 -33.23 -46.31 0.35
CA UNK I 34 -34.65 -46.04 0.27
C UNK I 34 -35.47 -46.89 1.23
N UNK I 35 -34.92 -48.02 1.69
CA UNK I 35 -35.59 -48.87 2.68
C UNK I 35 -36.94 -49.38 2.16
N UNK I 36 -37.09 -49.44 0.84
CA UNK I 36 -38.32 -49.91 0.19
C UNK I 36 -39.53 -49.05 0.54
N UNK I 37 -39.30 -47.82 1.02
CA UNK I 37 -40.38 -46.88 1.33
C UNK I 37 -40.23 -45.56 0.58
N UNK I 38 -39.05 -44.94 0.66
CA UNK I 38 -38.78 -43.66 0.02
C UNK I 38 -37.33 -43.30 0.25
N UNK I 39 -36.78 -42.48 -0.63
CA UNK I 39 -35.38 -42.09 -0.56
C UNK I 39 -35.10 -41.32 0.74
N UNK I 40 -33.94 -41.59 1.35
CA UNK I 40 -33.55 -40.92 2.59
C UNK I 40 -32.63 -39.73 2.36
N UNK I 41 -31.69 -39.85 1.40
CA UNK I 41 -30.76 -38.78 1.07
C UNK I 41 -29.91 -38.36 2.29
N UNK I 42 -29.52 -39.35 3.09
CA UNK I 42 -28.72 -39.08 4.28
C UNK I 42 -27.30 -38.65 3.93
N UNK I 43 -26.51 -39.50 3.29
CA UNK I 43 -25.09 -39.23 3.08
C UNK I 43 -24.90 -38.24 1.93
N UNK I 44 -24.92 -36.96 2.30
CA UNK I 44 -24.72 -35.87 1.35
C UNK I 44 -23.22 -35.55 1.27
N UNK I 45 -22.55 -36.20 0.32
CA UNK I 45 -21.10 -36.06 0.14
C UNK I 45 -20.35 -36.40 1.43
N UNK I 46 -20.80 -37.49 2.07
CA UNK I 46 -20.30 -37.97 3.35
C UNK I 46 -20.66 -37.05 4.51
N UNK I 47 -21.70 -36.21 4.36
CA UNK I 47 -22.18 -35.43 5.48
C UNK I 47 -22.88 -36.30 6.51
N UNK I 48 -23.68 -37.26 6.06
CA UNK I 48 -24.32 -38.25 6.92
C UNK I 48 -25.23 -37.59 7.95
N UNK I 49 -26.28 -36.91 7.45
CA UNK I 49 -27.25 -36.30 8.33
C UNK I 49 -28.13 -37.36 8.98
N UNK I 50 -28.05 -37.46 10.31
CA UNK I 50 -28.85 -38.40 11.08
C UNK I 50 -28.59 -39.84 10.67
N UNK I 51 -27.32 -40.25 10.70
CA UNK I 51 -26.94 -41.60 10.33
C UNK I 51 -25.62 -41.96 11.00
N UNK I 52 -25.43 -43.25 11.25
CA UNK I 52 -24.22 -43.78 11.87
C UNK I 52 -23.24 -44.36 10.86
N UNK I 53 -23.49 -44.22 9.56
CA UNK I 53 -22.65 -44.86 8.57
C UNK I 53 -21.40 -44.03 8.27
N UNK I 54 -20.25 -44.67 8.35
CA UNK I 54 -19.02 -44.06 7.84
C UNK I 54 -19.01 -44.15 6.32
N UNK I 55 -18.26 -43.25 5.69
CA UNK I 55 -18.26 -43.16 4.23
C UNK I 55 -16.92 -42.64 3.74
N UNK I 56 -16.65 -42.87 2.45
CA UNK I 56 -15.43 -42.38 1.83
C UNK I 56 -15.54 -42.52 0.32
N UNK I 57 -15.04 -41.50 -0.39
CA UNK I 57 -15.03 -41.48 -1.85
C UNK I 57 -13.99 -40.47 -2.30
N UNK I 58 -13.40 -40.73 -3.47
CA UNK I 58 -12.35 -39.87 -4.01
C UNK I 58 -12.49 -39.72 -5.53
N UNK I 59 -13.73 -39.76 -6.03
CA UNK I 59 -14.01 -39.64 -7.46
C UNK I 59 -13.38 -40.78 -8.27
N UNK I 60 -13.07 -41.89 -7.60
CA UNK I 60 -12.63 -43.12 -8.25
C UNK I 60 -13.54 -44.26 -7.80
N UNK I 61 -13.95 -44.21 -6.53
CA UNK I 61 -14.97 -45.10 -6.00
C UNK I 61 -15.65 -44.36 -4.86
N UNK I 62 -16.69 -45.00 -4.31
CA UNK I 62 -17.44 -44.42 -3.21
C UNK I 62 -18.12 -45.54 -2.43
N UNK I 63 -17.88 -45.59 -1.12
CA UNK I 63 -18.40 -46.67 -0.30
C UNK I 63 -18.74 -46.12 1.08
N UNK I 64 -19.54 -46.90 1.81
CA UNK I 64 -20.00 -46.51 3.13
C UNK I 64 -20.65 -47.69 3.83
N UNK I 65 -20.60 -47.69 5.15
CA UNK I 65 -21.28 -48.72 5.93
C UNK I 65 -21.21 -48.41 7.43
N UNK I 66 -22.05 -49.12 8.17
CA UNK I 66 -21.96 -49.26 9.62
C UNK I 66 -22.77 -50.49 10.01
N UNK I 67 -22.47 -51.04 11.19
CA UNK I 67 -23.20 -52.20 11.67
C UNK I 67 -24.64 -51.84 12.00
N UNK I 68 -25.57 -52.69 11.58
CA UNK I 68 -26.99 -52.43 11.78
C UNK I 68 -27.77 -53.74 11.68
N UNK I 69 -29.00 -53.70 12.22
CA UNK I 69 -29.91 -54.84 12.18
C UNK I 69 -30.99 -54.72 11.12
N UNK I 70 -31.00 -53.64 10.33
CA UNK I 70 -32.00 -53.47 9.29
C UNK I 70 -31.42 -52.61 8.17
N UNK I 71 -31.61 -53.06 6.93
CA UNK I 71 -31.08 -52.37 5.77
C UNK I 71 -31.74 -52.92 4.52
N UNK I 72 -31.94 -52.05 3.53
CA UNK I 72 -32.58 -52.45 2.29
C UNK I 72 -32.49 -51.31 1.30
N UNK I 73 -32.39 -51.68 0.01
CA UNK I 73 -32.37 -50.73 -1.09
C UNK I 73 -31.26 -49.69 -0.91
N UNK I 74 -30.09 -50.16 -0.47
CA UNK I 74 -28.97 -49.26 -0.21
C UNK I 74 -28.39 -48.82 -1.55
N UNK I 75 -28.94 -47.73 -2.06
CA UNK I 75 -28.52 -47.21 -3.36
C UNK I 75 -27.18 -46.50 -3.26
N UNK I 76 -26.56 -46.30 -4.42
CA UNK I 76 -25.24 -45.67 -4.54
C UNK I 76 -25.30 -44.59 -5.61
N UNK I 77 -26.33 -43.76 -5.52
CA UNK I 77 -26.64 -42.83 -6.60
C UNK I 77 -25.53 -41.81 -6.81
N UNK I 78 -25.42 -41.35 -8.04
CA UNK I 78 -24.41 -40.38 -8.45
C UNK I 78 -25.01 -38.97 -8.44
N UNK I 79 -24.12 -37.98 -8.60
CA UNK I 79 -24.50 -36.58 -8.65
C UNK I 79 -23.76 -35.90 -9.80
N UNK I 80 -23.82 -36.53 -10.97
CA UNK I 80 -23.28 -35.89 -12.17
C UNK I 80 -24.08 -34.64 -12.48
N UNK I 81 -23.49 -33.77 -13.28
CA UNK I 81 -24.17 -32.53 -13.67
C UNK I 81 -25.46 -32.85 -14.43
N UNK I 82 -26.33 -31.85 -14.49
CA UNK I 82 -27.64 -32.05 -15.13
C UNK I 82 -27.51 -32.46 -16.58
N UNK I 83 -26.43 -32.07 -17.27
CA UNK I 83 -26.25 -32.47 -18.66
C UNK I 83 -26.13 -33.98 -18.82
N UNK I 84 -25.64 -34.68 -17.81
CA UNK I 84 -25.53 -36.13 -17.88
C UNK I 84 -26.92 -36.76 -17.88
N UNK I 85 -26.97 -38.10 -17.87
CA UNK I 85 -28.26 -38.81 -17.84
C UNK I 85 -28.20 -40.00 -16.88
N UNK I 86 -29.32 -40.34 -16.23
CA UNK I 86 -29.39 -41.51 -15.33
C UNK I 86 -28.23 -41.48 -14.31
N UNK I 87 -28.18 -40.45 -13.47
CA UNK I 87 -27.13 -40.37 -12.43
C UNK I 87 -27.61 -41.07 -11.15
N UNK I 88 -27.96 -42.35 -11.25
CA UNK I 88 -28.44 -43.11 -10.07
C UNK I 88 -27.92 -44.55 -10.13
N UNK I 89 -27.53 -45.13 -8.99
CA UNK I 89 -27.01 -46.51 -8.95
C UNK I 89 -27.79 -47.34 -7.94
N UNK I 90 -28.31 -48.50 -8.36
CA UNK I 90 -29.07 -49.38 -7.45
C UNK I 90 -28.14 -49.96 -6.38
N UNK I 91 -26.89 -50.25 -6.75
CA UNK I 91 -25.94 -50.86 -5.78
C UNK I 91 -26.51 -52.18 -5.26
N UNK I 92 -26.62 -52.33 -3.94
CA UNK I 92 -27.19 -53.57 -3.35
C UNK I 92 -28.05 -53.21 -2.14
N UNK I 93 -29.01 -54.07 -1.79
CA UNK I 93 -29.88 -53.83 -0.62
C UNK I 93 -29.10 -54.05 0.67
N UNK I 94 -27.95 -54.73 0.59
CA UNK I 94 -27.15 -55.04 1.80
C UNK I 94 -28.10 -55.49 2.91
N UNK I 95 -28.88 -56.55 2.66
CA UNK I 95 -29.86 -57.02 3.62
C UNK I 95 -29.17 -57.57 4.88
N UNK I 96 -29.72 -57.20 6.04
CA UNK I 96 -29.24 -57.74 7.29
C UNK I 96 -29.41 -59.24 7.33
N UNK I 97 -28.36 -59.94 7.74
CA UNK I 97 -28.36 -61.41 7.76
C UNK I 97 -28.56 -61.93 9.18
N UNK J 1 -43.00 -31.31 3.85
CA UNK J 1 -42.68 -30.07 3.09
C UNK J 1 -43.02 -30.23 1.60
N UNK J 2 -42.88 -31.46 1.09
CA UNK J 2 -43.13 -31.76 -0.33
C UNK J 2 -44.31 -32.72 -0.41
N UNK J 3 -45.36 -32.32 -1.11
CA UNK J 3 -46.58 -33.10 -1.23
C UNK J 3 -46.59 -33.87 -2.54
N UNK J 4 -47.14 -35.08 -2.49
CA UNK J 4 -47.20 -35.93 -3.67
C UNK J 4 -48.17 -35.35 -4.69
N UNK J 5 -47.99 -35.77 -5.94
CA UNK J 5 -48.86 -35.34 -7.02
C UNK J 5 -50.01 -36.33 -7.20
N UNK J 6 -50.88 -36.02 -8.17
CA UNK J 6 -51.93 -36.94 -8.56
C UNK J 6 -51.42 -37.93 -9.60
N UNK J 7 -52.20 -38.98 -9.84
CA UNK J 7 -51.83 -40.01 -10.80
C UNK J 7 -53.02 -40.89 -11.10
N UNK J 8 -53.13 -41.32 -12.35
CA UNK J 8 -54.20 -42.20 -12.78
C UNK J 8 -53.75 -42.96 -14.02
N UNK J 9 -54.29 -44.16 -14.19
CA UNK J 9 -53.81 -45.04 -15.24
C UNK J 9 -54.26 -44.54 -16.62
N UNK J 10 -53.47 -44.89 -17.64
CA UNK J 10 -53.80 -44.58 -19.01
C UNK J 10 -53.07 -45.56 -19.92
N UNK J 11 -53.56 -45.69 -21.16
CA UNK J 11 -53.02 -46.65 -22.13
C UNK J 11 -52.60 -45.90 -23.39
N UNK J 12 -51.29 -45.77 -23.58
CA UNK J 12 -50.70 -45.19 -24.79
C UNK J 12 -51.25 -43.78 -25.06
N UNK J 13 -51.36 -42.99 -23.99
CA UNK J 13 -52.04 -41.70 -24.06
C UNK J 13 -51.33 -40.69 -23.17
N UNK J 14 -51.70 -39.42 -23.34
CA UNK J 14 -51.11 -38.34 -22.57
C UNK J 14 -51.61 -38.37 -21.13
N UNK J 15 -50.72 -37.99 -20.21
CA UNK J 15 -51.09 -37.81 -18.82
C UNK J 15 -50.27 -36.66 -18.25
N UNK J 16 -50.83 -36.02 -17.22
CA UNK J 16 -50.18 -34.88 -16.59
C UNK J 16 -50.59 -34.81 -15.13
N UNK J 17 -49.66 -34.40 -14.30
CA UNK J 17 -49.90 -34.29 -12.86
C UNK J 17 -49.06 -33.13 -12.33
N UNK J 18 -49.18 -32.90 -11.03
CA UNK J 18 -48.42 -31.83 -10.40
C UNK J 18 -48.31 -32.08 -8.91
N UNK J 19 -47.09 -31.91 -8.39
CA UNK J 19 -46.86 -31.97 -6.96
C UNK J 19 -47.32 -30.67 -6.32
N UNK J 20 -47.01 -30.48 -5.05
CA UNK J 20 -47.39 -29.26 -4.36
C UNK J 20 -46.47 -29.05 -3.17
N UNK J 21 -45.95 -27.83 -3.05
CA UNK J 21 -45.07 -27.50 -1.94
C UNK J 21 -45.87 -27.22 -0.69
N UNK J 22 -45.66 -28.04 0.34
CA UNK J 22 -46.29 -27.79 1.63
C UNK J 22 -45.59 -26.70 2.43
N UNK J 23 -44.25 -26.65 2.38
CA UNK J 23 -43.48 -25.61 3.06
C UNK J 23 -42.35 -25.04 2.21
N UNK J 24 -41.92 -25.76 1.17
CA UNK J 24 -40.67 -25.42 0.49
C UNK J 24 -40.74 -24.05 -0.17
N UNK J 25 -41.84 -23.75 -0.86
CA UNK J 25 -42.09 -22.49 -1.55
C UNK J 25 -41.35 -22.36 -2.87
N UNK J 26 -40.48 -23.32 -3.23
CA UNK J 26 -39.91 -23.42 -4.57
C UNK J 26 -39.13 -22.17 -4.97
N UNK J 27 -38.00 -21.95 -4.30
CA UNK J 27 -37.12 -20.84 -4.64
C UNK J 27 -35.68 -21.16 -4.28
N UNK J 28 -34.75 -20.76 -5.16
CA UNK J 28 -33.31 -20.87 -4.90
C UNK J 28 -32.88 -22.30 -4.62
N UNK J 29 -33.58 -23.26 -5.22
CA UNK J 29 -33.30 -24.67 -4.99
C UNK J 29 -33.99 -25.49 -6.06
N UNK J 30 -33.22 -26.33 -6.74
CA UNK J 30 -33.76 -27.14 -7.82
C UNK J 30 -34.78 -28.13 -7.27
N UNK J 31 -35.75 -28.49 -8.11
CA UNK J 31 -36.76 -29.48 -7.76
C UNK J 31 -36.95 -30.40 -8.95
N UNK J 32 -37.22 -31.68 -8.68
CA UNK J 32 -37.34 -32.64 -9.76
C UNK J 32 -38.18 -33.83 -9.34
N UNK J 33 -38.83 -34.44 -10.33
CA UNK J 33 -39.66 -35.62 -10.14
C UNK J 33 -38.89 -36.85 -10.60
N UNK J 34 -38.49 -37.68 -9.64
CA UNK J 34 -37.78 -38.91 -9.94
C UNK J 34 -38.77 -40.08 -10.02
N UNK J 35 -38.50 -41.00 -10.94
CA UNK J 35 -39.38 -42.13 -11.22
C UNK J 35 -38.69 -43.43 -10.86
N UNK J 36 -39.49 -44.46 -10.59
CA UNK J 36 -38.98 -45.75 -10.16
C UNK J 36 -39.97 -46.86 -10.50
N UNK J 37 -39.42 -48.03 -10.78
CA UNK J 37 -40.20 -49.25 -10.99
C UNK J 37 -39.24 -50.42 -11.11
N UNK J 38 -39.70 -51.58 -10.63
CA UNK J 38 -38.94 -52.83 -10.73
C UNK J 38 -37.54 -52.69 -10.13
N UNK J 39 -37.47 -52.03 -8.97
CA UNK J 39 -36.24 -51.90 -8.21
C UNK J 39 -35.19 -51.10 -8.97
N UNK J 40 -35.55 -49.91 -9.41
CA UNK J 40 -34.61 -49.01 -10.06
C UNK J 40 -35.14 -47.59 -9.97
N UNK J 41 -34.29 -46.63 -10.32
CA UNK J 41 -34.70 -45.23 -10.28
C UNK J 41 -33.84 -44.41 -11.23
N UNK J 42 -34.50 -43.46 -11.90
CA UNK J 42 -33.84 -42.48 -12.74
C UNK J 42 -34.69 -41.22 -12.70
N UNK J 43 -34.08 -40.10 -13.09
CA UNK J 43 -34.76 -38.83 -12.91
C UNK J 43 -34.18 -37.75 -13.82
N UNK J 44 -35.07 -37.04 -14.50
CA UNK J 44 -34.72 -35.79 -15.13
C UNK J 44 -34.37 -34.76 -14.06
N UNK J 45 -33.39 -33.91 -14.36
CA UNK J 45 -33.03 -32.85 -13.43
C UNK J 45 -34.17 -31.86 -13.26
N UNK J 46 -35.03 -31.73 -14.27
CA UNK J 46 -36.26 -30.94 -14.20
C UNK J 46 -35.91 -29.48 -13.97
N UNK J 47 -36.54 -28.79 -13.02
CA UNK J 47 -36.38 -27.35 -12.87
C UNK J 47 -35.26 -27.03 -11.90
N UNK J 48 -34.46 -26.02 -12.25
CA UNK J 48 -33.38 -25.52 -11.42
C UNK J 48 -33.36 -24.00 -11.53
N UNK J 49 -32.89 -23.36 -10.46
CA UNK J 49 -32.89 -21.91 -10.34
C UNK J 49 -34.29 -21.37 -10.64
N UNK J 50 -35.22 -21.71 -9.73
CA UNK J 50 -36.64 -21.54 -10.01
C UNK J 50 -37.02 -20.09 -10.34
N UNK J 51 -36.23 -19.12 -9.88
CA UNK J 51 -36.47 -17.74 -10.29
C UNK J 51 -36.18 -17.55 -11.77
N UNK J 52 -35.02 -18.03 -12.25
CA UNK J 52 -34.68 -17.95 -13.66
C UNK J 52 -35.39 -19.00 -14.52
N UNK J 53 -36.02 -19.98 -13.90
CA UNK J 53 -36.80 -21.00 -14.61
C UNK J 53 -35.91 -21.85 -15.52
N UNK J 54 -34.67 -22.11 -15.10
CA UNK J 54 -33.82 -22.96 -15.91
C UNK J 54 -34.33 -24.40 -15.82
N UNK J 55 -34.09 -25.17 -16.87
CA UNK J 55 -34.64 -26.52 -16.94
C UNK J 55 -33.63 -27.44 -17.60
N UNK J 56 -33.76 -28.73 -17.30
CA UNK J 56 -32.93 -29.75 -17.92
C UNK J 56 -33.67 -31.08 -17.89
N UNK J 57 -33.32 -31.96 -18.82
CA UNK J 57 -33.89 -33.30 -18.87
C UNK J 57 -32.95 -34.18 -19.67
N UNK J 58 -33.06 -35.50 -19.47
CA UNK J 58 -32.14 -36.43 -20.11
C UNK J 58 -32.81 -37.79 -20.27
N UNK J 59 -32.31 -38.54 -21.26
CA UNK J 59 -32.73 -39.93 -21.48
C UNK J 59 -34.24 -40.01 -21.73
N UNK J 60 -34.76 -39.09 -22.54
CA UNK J 60 -36.17 -39.09 -22.88
C UNK J 60 -36.38 -38.23 -24.11
N UNK J 61 -37.18 -38.75 -25.04
CA UNK J 61 -37.47 -38.00 -26.25
C UNK J 61 -38.37 -36.80 -25.97
N UNK J 62 -39.37 -36.96 -25.10
CA UNK J 62 -40.32 -35.89 -24.86
C UNK J 62 -40.98 -36.04 -23.51
N UNK J 63 -40.97 -34.95 -22.75
CA UNK J 63 -41.67 -34.81 -21.48
C UNK J 63 -41.67 -33.33 -21.16
N UNK J 64 -42.42 -32.93 -20.13
CA UNK J 64 -42.59 -31.52 -19.84
C UNK J 64 -42.61 -31.29 -18.34
N UNK J 65 -42.01 -30.17 -17.93
CA UNK J 65 -42.02 -29.71 -16.55
C UNK J 65 -42.22 -28.20 -16.54
N UNK J 66 -42.85 -27.72 -15.47
CA UNK J 66 -43.14 -26.30 -15.33
C UNK J 66 -43.28 -25.94 -13.86
N UNK J 67 -42.93 -24.69 -13.53
CA UNK J 67 -42.98 -24.26 -12.14
C UNK J 67 -44.41 -24.27 -11.61
N UNK J 68 -45.33 -23.61 -12.32
CA UNK J 68 -46.76 -23.63 -11.98
C UNK J 68 -47.02 -23.11 -10.57
N UNK J 69 -46.43 -21.96 -10.25
CA UNK J 69 -46.71 -21.25 -9.00
C UNK J 69 -46.39 -22.10 -7.77
N UNK J 70 -45.13 -22.53 -7.68
CA UNK J 70 -44.67 -23.37 -6.58
C UNK J 70 -45.49 -24.65 -6.49
N UNK J 71 -45.68 -25.31 -7.64
CA UNK J 71 -46.36 -26.59 -7.72
C UNK J 71 -45.56 -27.67 -8.43
N UNK J 72 -44.68 -27.29 -9.36
CA UNK J 72 -43.82 -28.24 -10.08
C UNK J 72 -44.67 -29.26 -10.86
N UNK J 73 -45.41 -28.74 -11.82
CA UNK J 73 -46.23 -29.58 -12.68
C UNK J 73 -45.36 -30.33 -13.69
N UNK J 74 -45.79 -31.54 -14.03
CA UNK J 74 -45.09 -32.37 -15.00
C UNK J 74 -46.10 -33.07 -15.88
N UNK J 75 -45.64 -33.48 -17.06
CA UNK J 75 -46.52 -34.14 -18.02
C UNK J 75 -45.70 -35.05 -18.92
N UNK J 76 -46.32 -36.16 -19.32
CA UNK J 76 -45.68 -37.14 -20.20
C UNK J 76 -46.77 -37.73 -21.09
N UNK J 77 -46.35 -38.61 -22.00
CA UNK J 77 -47.30 -39.18 -22.95
C UNK J 77 -46.84 -40.54 -23.46
N UNK J 78 -47.77 -41.49 -23.44
CA UNK J 78 -47.65 -42.76 -24.15
C UNK J 78 -46.49 -43.59 -23.62
N UNK J 79 -46.46 -43.76 -22.31
CA UNK J 79 -45.46 -44.62 -21.70
C UNK J 79 -45.80 -46.10 -21.95
N UNK J 80 -44.77 -46.89 -22.20
CA UNK J 80 -44.89 -48.34 -22.31
C UNK J 80 -44.53 -49.06 -21.02
N UNK J 81 -44.26 -48.33 -19.93
CA UNK J 81 -43.87 -48.94 -18.67
C UNK J 81 -44.48 -48.15 -17.52
N UNK J 82 -45.20 -48.86 -16.65
CA UNK J 82 -45.77 -48.26 -15.46
C UNK J 82 -44.68 -47.73 -14.55
N UNK J 83 -45.05 -46.86 -13.62
CA UNK J 83 -44.04 -46.33 -12.72
C UNK J 83 -44.66 -45.59 -11.55
N UNK J 84 -43.90 -45.52 -10.46
CA UNK J 84 -44.14 -44.58 -9.39
C UNK J 84 -43.23 -43.38 -9.59
N UNK J 85 -43.66 -42.22 -9.10
CA UNK J 85 -42.89 -41.00 -9.26
C UNK J 85 -43.12 -40.10 -8.07
N UNK J 86 -42.09 -39.33 -7.72
CA UNK J 86 -42.14 -38.48 -6.53
C UNK J 86 -41.26 -37.26 -6.74
N UNK J 87 -41.72 -36.12 -6.22
CA UNK J 87 -40.95 -34.89 -6.29
C UNK J 87 -39.90 -34.85 -5.19
N UNK J 88 -38.89 -34.02 -5.38
CA UNK J 88 -37.83 -33.84 -4.39
C UNK J 88 -37.11 -32.53 -4.66
N UNK J 89 -36.34 -32.09 -3.67
CA UNK J 89 -35.62 -30.82 -3.69
C UNK J 89 -34.12 -31.04 -3.48
N UNK J 90 -33.33 -30.13 -4.04
CA UNK J 90 -31.88 -30.19 -3.91
C UNK J 90 -31.43 -29.61 -2.59
N UNK J 91 -30.18 -29.93 -2.19
CA UNK J 91 -29.57 -29.46 -0.95
C UNK J 91 -28.12 -29.04 -1.22
N UNK J 92 -27.92 -28.24 -2.26
CA UNK J 92 -26.60 -27.77 -2.70
C UNK J 92 -25.80 -28.90 -3.35
N UNK J 93 -26.50 -29.77 -4.09
CA UNK J 93 -25.85 -30.80 -4.88
C UNK J 93 -26.69 -31.03 -6.14
N UNK J 94 -26.08 -31.69 -7.12
CA UNK J 94 -26.77 -31.92 -8.38
C UNK J 94 -27.92 -32.92 -8.21
N UNK J 95 -27.73 -33.94 -7.38
CA UNK J 95 -28.72 -35.00 -7.20
C UNK J 95 -28.87 -35.33 -5.72
N UNK J 96 -29.07 -34.31 -4.89
CA UNK J 96 -29.32 -34.54 -3.48
C UNK J 96 -30.61 -35.31 -3.26
N UNK J 97 -31.70 -34.86 -3.89
CA UNK J 97 -33.02 -35.47 -3.74
C UNK J 97 -33.46 -35.50 -2.28
N UNK J 98 -33.22 -34.40 -1.57
CA UNK J 98 -33.63 -34.29 -0.19
C UNK J 98 -35.11 -33.98 -0.08
N UNK J 99 -35.72 -34.43 1.02
CA UNK J 99 -37.13 -34.17 1.31
C UNK J 99 -38.03 -34.70 0.20
N UNK J 100 -37.74 -35.92 -0.24
CA UNK J 100 -38.53 -36.54 -1.30
C UNK J 100 -39.94 -36.84 -0.80
N UNK J 101 -40.93 -36.41 -1.58
CA UNK J 101 -42.32 -36.58 -1.19
C UNK J 101 -42.75 -38.03 -1.37
N UNK J 102 -43.98 -38.32 -0.92
CA UNK J 102 -44.56 -39.63 -1.17
C UNK J 102 -44.82 -39.80 -2.65
N UNK J 103 -44.75 -41.06 -3.10
CA UNK J 103 -44.80 -41.34 -4.53
C UNK J 103 -46.21 -41.67 -4.99
N UNK J 104 -46.60 -41.07 -6.10
CA UNK J 104 -47.83 -41.39 -6.81
C UNK J 104 -47.51 -42.24 -8.02
N UNK J 105 -48.38 -43.22 -8.29
CA UNK J 105 -48.09 -44.25 -9.27
C UNK J 105 -49.14 -44.25 -10.38
N UNK J 106 -48.67 -44.57 -11.59
CA UNK J 106 -49.51 -44.64 -12.77
C UNK J 106 -49.14 -45.87 -13.57
N UNK J 107 -50.15 -46.55 -14.10
CA UNK J 107 -49.98 -47.79 -14.84
C UNK J 107 -50.07 -47.54 -16.34
N UNK J 108 -49.41 -48.42 -17.10
CA UNK J 108 -49.45 -48.35 -18.55
C UNK J 108 -50.73 -48.95 -19.13
N UNK J 109 -51.47 -49.74 -18.36
CA UNK J 109 -52.76 -50.28 -18.79
C UNK J 109 -52.65 -51.10 -20.08
C1 NAG K . -12.63 26.40 -35.70
C2 NAG K . -13.88 27.29 -35.79
C3 NAG K . -15.13 26.46 -35.59
C4 NAG K . -15.16 25.29 -36.57
C5 NAG K . -13.85 24.50 -36.50
C6 NAG K . -13.74 23.44 -37.58
C7 NAG K . -13.43 29.61 -35.10
C8 NAG K . -13.45 30.59 -33.97
N2 NAG K . -13.81 28.36 -34.81
O3 NAG K . -16.27 27.27 -35.77
O4 NAG K . -16.23 24.43 -36.19
O5 NAG K . -12.73 25.38 -36.67
O6 NAG K . -14.07 23.97 -38.85
O7 NAG K . -13.09 29.94 -36.24
C1 NAG K . -17.22 24.22 -37.24
C2 NAG K . -18.47 25.06 -36.99
C3 NAG K . -19.55 24.66 -37.98
C4 NAG K . -19.01 24.79 -39.39
C5 NAG K . -17.74 23.96 -39.55
C6 NAG K . -17.15 24.14 -40.95
C7 NAG K . -18.53 25.65 -34.64
C8 NAG K . -17.88 24.94 -33.48
N2 NAG K . -18.94 24.88 -35.63
O3 NAG K . -20.69 25.50 -37.82
O4 NAG K . -20.00 24.33 -40.33
O5 NAG K . -16.76 24.36 -38.58
O6 NAG K . -16.01 23.28 -41.09
O7 NAG K . -18.66 26.87 -34.67
C1 NAG L . -8.20 11.76 -38.44
C2 NAG L . -7.85 12.95 -39.33
C3 NAG L . -8.62 12.88 -40.64
C4 NAG L . -8.40 11.54 -41.32
C5 NAG L . -8.73 10.41 -40.37
C6 NAG L . -8.39 9.06 -41.00
C7 NAG L . -7.31 14.80 -37.85
C8 NAG L . -7.77 16.12 -37.29
N2 NAG L . -8.16 14.19 -38.67
O3 NAG L . -8.19 13.93 -41.51
O4 NAG L . -9.28 11.45 -42.43
O5 NAG L . -8.00 10.53 -39.15
O6 NAG L . -8.85 8.01 -40.14
O7 NAG L . -6.21 14.34 -37.58
C1 NAG L . -8.61 11.25 -43.69
C2 NAG L . -9.69 11.38 -44.76
C3 NAG L . -9.10 11.23 -46.14
C4 NAG L . -7.99 12.25 -46.32
C5 NAG L . -6.96 12.10 -45.21
C6 NAG L . -5.86 13.14 -45.33
C7 NAG L . -11.60 9.97 -45.39
C8 NAG L . -11.49 8.54 -45.81
N2 NAG L . -10.71 10.38 -44.48
O3 NAG L . -10.09 11.44 -47.15
O4 NAG L . -7.40 12.17 -47.64
O5 NAG L . -7.58 12.21 -43.93
O6 NAG L . -4.83 12.86 -44.38
O7 NAG L . -12.45 10.72 -45.85
C1 BMA L . -6.73 10.95 -48.01
C2 BMA L . -7.36 10.38 -49.28
C3 BMA L . -6.67 9.09 -49.66
C4 BMA L . -5.18 9.34 -49.81
C5 BMA L . -4.62 9.94 -48.51
C6 BMA L . -3.14 10.25 -48.65
O2 BMA L . -7.21 11.33 -50.35
O3 BMA L . -7.20 8.59 -50.89
O4 BMA L . -4.51 8.11 -50.10
O5 BMA L . -5.33 11.14 -48.19
O6 BMA L . -2.41 9.05 -48.93
C1 NAG M . 11.99 51.54 16.47
C2 NAG M . 11.24 52.72 15.86
C3 NAG M . 9.99 53.01 16.67
C4 NAG M . 9.15 51.73 16.73
C5 NAG M . 9.96 50.59 17.32
C6 NAG M . 9.15 49.30 17.32
C7 NAG M . 12.99 54.04 14.84
C8 NAG M . 14.25 54.76 15.22
N2 NAG M . 12.10 53.88 15.82
O3 NAG M . 9.25 54.06 16.05
O4 NAG M . 8.01 51.97 17.57
O5 NAG M . 11.14 50.39 16.54
O6 NAG M . 9.88 48.26 17.95
O7 NAG M . 12.80 53.60 13.72
C1 NAG M . 6.85 52.12 16.73
C2 NAG M . 5.62 51.67 17.48
C3 NAG M . 4.38 51.84 16.61
C4 NAG M . 4.30 53.28 16.15
C5 NAG M . 5.59 53.68 15.44
C6 NAG M . 5.56 55.16 15.03
C7 NAG M . 6.34 49.94 19.03
C8 NAG M . 6.28 48.49 19.38
N2 NAG M . 5.74 50.28 17.89
O3 NAG M . 3.21 51.50 17.34
O4 NAG M . 3.18 53.44 15.26
O5 NAG M . 6.70 53.47 16.29
O6 NAG M . 4.43 55.40 14.19
O7 NAG M . 6.91 50.76 19.74
C1 NAG N . -3.12 42.45 -6.28
C2 NAG N . -3.40 41.22 -7.14
C3 NAG N . -4.73 41.36 -7.84
C4 NAG N . -5.80 41.53 -6.78
C5 NAG N . -5.46 42.75 -5.94
C6 NAG N . -6.53 43.03 -4.89
C7 NAG N . -1.21 40.39 -7.80
C8 NAG N . -0.01 40.73 -8.63
N2 NAG N . -2.34 41.03 -8.11
O3 NAG N . -4.97 40.20 -8.64
O4 NAG N . -7.09 41.67 -7.37
O5 NAG N . -4.18 42.58 -5.33
O6 NAG N . -6.62 41.90 -4.01
O7 NAG N . -1.16 39.57 -6.90
C1 NAG N . -7.74 40.40 -7.34
C2 NAG N . -9.24 40.55 -7.07
C3 NAG N . -9.90 39.19 -7.00
C4 NAG N . -9.63 38.44 -8.29
C5 NAG N . -8.12 38.35 -8.51
C6 NAG N . -7.79 37.60 -9.80
C7 NAG N . -9.60 42.59 -5.82
C8 NAG N . -10.22 43.16 -4.57
N2 NAG N . -9.46 41.27 -5.84
O3 NAG N . -11.31 39.34 -6.82
O4 NAG N . -10.18 37.13 -8.19
O5 NAG N . -7.54 39.66 -8.55
O6 NAG N . -8.23 38.38 -10.91
O7 NAG N . -9.25 43.29 -6.74
C1 BMA N . -11.24 36.96 -9.14
C2 BMA N . -11.19 35.54 -9.67
C3 BMA N . -12.30 35.31 -10.68
C4 BMA N . -13.63 35.65 -10.01
C5 BMA N . -13.60 37.06 -9.47
C6 BMA N . -14.91 37.39 -8.75
O2 BMA N . -11.32 34.62 -8.58
O3 BMA N . -12.30 33.95 -11.11
O4 BMA N . -14.69 35.51 -10.97
O5 BMA N . -12.52 37.22 -8.56
O6 BMA N . -15.09 36.48 -7.66
C1 NAG O . 7.74 45.91 -28.40
C2 NAG O . 8.88 44.91 -28.54
C3 NAG O . 9.98 45.48 -29.41
C4 NAG O . 9.42 45.93 -30.76
C5 NAG O . 8.25 46.88 -30.54
C6 NAG O . 7.55 47.25 -31.83
C7 NAG O . 8.96 43.47 -26.55
C8 NAG O . 9.62 43.24 -25.22
N2 NAG O . 9.40 44.52 -27.24
O3 NAG O . 10.99 44.49 -29.61
O4 NAG O . 10.43 46.61 -31.50
O5 NAG O . 7.25 46.26 -29.70
O6 NAG O . 6.57 48.26 -31.62
O7 NAG O . 8.07 42.74 -26.97
C1 NAG O . 10.76 45.84 -32.68
C2 NAG O . 11.16 46.80 -33.80
C3 NAG O . 11.49 46.00 -35.04
C4 NAG O . 12.58 44.98 -34.72
C5 NAG O . 12.14 44.09 -33.57
C6 NAG O . 13.22 43.12 -33.16
C7 NAG O . 10.02 48.89 -33.41
C8 NAG O . 8.95 49.82 -33.88
N2 NAG O . 10.10 47.74 -34.07
O3 NAG O . 11.94 46.87 -36.08
O4 NAG O . 12.85 44.19 -35.87
O5 NAG O . 11.81 44.90 -32.43
O6 NAG O . 13.61 42.32 -34.30
O7 NAG O . 10.77 49.17 -32.49
C1 NAG P . 36.22 58.69 -16.57
C2 NAG P . 36.72 57.34 -17.08
C3 NAG P . 37.79 56.80 -16.14
C4 NAG P . 38.91 57.82 -15.98
C5 NAG P . 38.34 59.19 -15.56
C6 NAG P . 39.38 60.28 -15.57
C7 NAG P . 34.94 56.23 -18.34
C8 NAG P . 33.86 55.20 -18.31
N2 NAG P . 35.63 56.38 -17.21
O3 NAG P . 38.32 55.58 -16.66
O4 NAG P . 39.81 57.39 -14.97
O5 NAG P . 37.31 59.60 -16.48
O6 NAG P . 38.82 61.53 -15.21
O7 NAG P . 35.16 56.91 -19.35
C1 NAG P . 41.10 57.09 -15.55
C2 NAG P . 42.20 57.41 -14.54
C3 NAG P . 43.56 57.11 -15.15
C4 NAG P . 43.60 55.67 -15.61
C5 NAG P . 42.45 55.41 -16.59
C6 NAG P . 42.45 53.96 -17.02
C7 NAG P . 41.35 59.19 -13.12
C8 NAG P . 41.59 60.58 -12.63
N2 NAG P . 42.12 58.80 -14.13
O3 NAG P . 44.58 57.35 -14.17
O4 NAG P . 44.84 55.39 -16.24
O5 NAG P . 41.20 55.73 -15.97
O6 NAG P . 43.73 53.60 -17.52
O7 NAG P . 40.51 58.46 -12.61
C1 NAG Q . 12.43 22.07 -29.53
C2 NAG Q . 13.86 22.25 -30.01
C3 NAG Q . 14.25 23.73 -30.00
C4 NAG Q . 13.23 24.52 -30.82
C5 NAG Q . 11.83 24.26 -30.28
C6 NAG Q . 10.76 24.96 -31.08
C7 NAG Q . 15.08 20.20 -29.44
C8 NAG Q . 16.05 19.56 -28.49
N2 NAG Q . 14.79 21.48 -29.19
O3 NAG Q . 15.55 23.87 -30.56
O4 NAG Q . 13.49 25.92 -30.76
O5 NAG Q . 11.55 22.86 -30.32
O6 NAG Q . 10.80 26.36 -30.89
O7 NAG Q . 14.56 19.57 -30.35
C1 NAG Q . 14.48 26.40 -31.69
C2 NAG Q . 13.85 26.90 -32.99
C3 NAG Q . 14.90 27.57 -33.88
C4 NAG Q . 15.65 28.65 -33.11
C5 NAG Q . 16.23 28.06 -31.83
C6 NAG Q . 16.91 29.10 -30.97
C7 NAG Q . 12.07 25.94 -34.38
C8 NAG Q . 11.55 24.71 -35.06
N2 NAG Q . 13.22 25.81 -33.70
O3 NAG Q . 14.26 28.14 -35.01
O4 NAG Q . 16.69 29.19 -33.91
O5 NAG Q . 15.19 27.48 -31.05
O6 NAG Q . 17.90 29.82 -31.69
O7 NAG Q . 11.46 27.00 -34.43
C1 NAG R . 19.69 54.10 9.95
C2 NAG R . 19.78 55.22 10.97
C3 NAG R . 20.66 56.34 10.45
C4 NAG R . 22.01 55.78 10.07
C5 NAG R . 21.85 54.64 9.06
C6 NAG R . 23.19 54.03 8.72
C7 NAG R . 17.69 55.15 12.22
C8 NAG R . 16.22 55.48 12.15
N2 NAG R . 18.45 55.73 11.30
O3 NAG R . 20.81 57.34 11.46
O4 NAG R . 22.81 56.79 9.46
O5 NAG R . 20.99 53.63 9.59
O6 NAG R . 23.02 53.06 7.67
O7 NAG R . 18.15 54.39 13.06
C1 NAG R . 23.89 57.18 10.34
C2 NAG R . 25.08 57.64 9.51
C3 NAG R . 26.22 58.03 10.43
C4 NAG R . 25.74 59.09 11.41
C5 NAG R . 24.52 58.57 12.17
C6 NAG R . 23.98 59.63 13.12
C7 NAG R . 24.96 56.49 7.39
C8 NAG R . 25.68 55.55 6.46
N2 NAG R . 25.50 56.61 8.60
O3 NAG R . 27.31 58.55 9.66
O4 NAG R . 26.80 59.41 12.31
O5 NAG R . 23.50 58.20 11.26
O6 NAG R . 25.01 60.06 14.02
O7 NAG R . 23.96 57.09 7.05
C1 NAG S . -14.88 -27.56 -10.19
C2 NAG S . -14.74 -28.48 -8.99
C3 NAG S . -13.29 -28.88 -8.79
C4 NAG S . -12.72 -29.45 -10.08
C5 NAG S . -12.96 -28.51 -11.25
C6 NAG S . -12.56 -29.09 -12.59
C7 NAG S . -16.46 -28.11 -7.26
C8 NAG S . -16.81 -27.34 -6.03
N2 NAG S . -15.25 -27.84 -7.78
O3 NAG S . -13.20 -29.85 -7.76
O4 NAG S . -11.30 -29.62 -9.94
O5 NAG S . -14.37 -28.20 -11.34
O6 NAG S . -11.15 -29.20 -12.70
O7 NAG S . -17.23 -28.91 -7.76
C1 NAG S . -10.95 -30.95 -9.51
C2 NAG S . -9.60 -30.85 -8.83
C3 NAG S . -9.15 -32.22 -8.35
C4 NAG S . -10.21 -32.87 -7.49
C5 NAG S . -11.56 -32.86 -8.22
C6 NAG S . -12.70 -33.37 -7.38
C7 NAG S . -7.53 -29.61 -9.27
C8 NAG S . -6.61 -29.06 -10.32
N2 NAG S . -8.61 -30.26 -9.71
O3 NAG S . -7.94 -32.08 -7.59
O4 NAG S . -9.85 -34.21 -7.18
O5 NAG S . -11.90 -31.53 -8.62
O6 NAG S . -13.41 -32.29 -6.77
O7 NAG S . -7.31 -29.46 -8.07
C1 NAG T . -29.38 -29.91 -24.08
C2 NAG T . -30.52 -30.67 -23.41
C3 NAG T . -31.59 -31.02 -24.43
C4 NAG T . -32.03 -29.78 -25.20
C5 NAG T . -30.82 -29.06 -25.77
C6 NAG T . -31.16 -27.75 -26.44
C7 NAG T . -29.64 -31.93 -21.49
C8 NAG T . -29.14 -33.25 -21.00
N2 NAG T . -30.02 -31.87 -22.78
O3 NAG T . -32.71 -31.58 -23.76
O4 NAG T . -32.86 -30.19 -26.28
O5 NAG T . -29.89 -28.75 -24.72
O6 NAG T . -31.88 -26.89 -25.58
O7 NAG T . -29.69 -30.94 -20.76
C1 NAG T . -34.22 -29.75 -26.15
C2 NAG T . -34.80 -30.00 -27.52
C3 NAG T . -36.28 -29.62 -27.54
C4 NAG T . -37.01 -30.43 -26.48
C5 NAG T . -36.38 -30.13 -25.12
C6 NAG T . -37.00 -30.94 -24.00
C7 NAG T . -33.29 -29.85 -29.44
C8 NAG T . -32.61 -28.95 -30.41
N2 NAG T . -34.08 -29.27 -28.54
O3 NAG T . -36.77 -29.86 -28.86
O4 NAG T . -38.42 -30.18 -26.46
O5 NAG T . -34.98 -30.45 -25.15
O6 NAG T . -36.83 -30.31 -22.74
O7 NAG T . -33.10 -31.07 -29.45
C1 BMA T . -39.24 -30.56 -27.62
C2 BMA T . -38.90 -32.00 -28.18
C3 BMA T . -39.80 -32.32 -29.38
C4 BMA T . -41.26 -32.10 -29.00
C5 BMA T . -41.48 -30.69 -28.43
C6 BMA T . -42.91 -30.48 -28.00
O2 BMA T . -39.16 -33.00 -27.21
O3 BMA T . -39.64 -33.69 -29.93
O4 BMA T . -42.07 -32.26 -30.14
O5 BMA T . -40.62 -30.50 -27.29
O6 BMA T . -43.02 -29.23 -27.34
C1 MAN T . -38.30 -34.24 -29.82
C2 MAN T . -37.41 -33.56 -30.89
C3 MAN T . -37.87 -34.00 -32.25
C4 MAN T . -37.84 -35.52 -32.38
C5 MAN T . -38.69 -36.16 -31.29
C6 MAN T . -38.52 -37.65 -31.23
O2 MAN T . -36.07 -34.01 -30.77
O3 MAN T . -37.08 -33.41 -33.27
O4 MAN T . -38.35 -35.90 -33.64
O5 MAN T . -38.29 -35.66 -29.99
O6 MAN T . -38.57 -38.14 -32.57
C1 MAN T . -43.81 -28.30 -28.12
C2 MAN T . -43.82 -26.96 -27.36
C3 MAN T . -44.74 -27.06 -26.14
C4 MAN T . -46.12 -27.57 -26.54
C5 MAN T . -45.97 -28.94 -27.19
C6 MAN T . -47.29 -29.53 -27.65
O2 MAN T . -44.36 -25.92 -28.17
O3 MAN T . -44.85 -25.82 -25.47
O4 MAN T . -46.96 -27.68 -25.40
O5 MAN T . -45.13 -28.80 -28.35
O6 MAN T . -48.16 -29.60 -26.53
C1 NAG U . -11.04 -7.60 -33.18
C2 NAG U . -12.32 -7.03 -33.75
C3 NAG U . -12.74 -7.82 -34.98
C4 NAG U . -11.59 -7.91 -35.98
C5 NAG U . -10.32 -8.40 -35.28
C6 NAG U . -9.11 -8.36 -36.19
C7 NAG U . -13.69 -5.99 -32.00
C8 NAG U . -14.83 -6.18 -31.04
N2 NAG U . -13.38 -7.04 -32.76
O3 NAG U . -13.85 -7.17 -35.59
O4 NAG U . -11.94 -8.85 -36.99
O5 NAG U . -10.02 -7.57 -34.16
O6 NAG U . -7.90 -8.27 -35.43
O7 NAG U . -13.09 -4.92 -32.10
C1 NAG U . -12.05 -8.29 -38.31
C2 NAG U . -12.79 -9.34 -39.15
C3 NAG U . -12.95 -8.83 -40.58
C4 NAG U . -13.63 -7.46 -40.58
C5 NAG U . -12.88 -6.51 -39.66
C6 NAG U . -13.59 -5.18 -39.50
C7 NAG U . -12.72 -11.79 -39.27
C8 NAG U . -11.84 -13.00 -39.23
N2 NAG U . -12.09 -10.61 -39.14
O3 NAG U . -13.74 -9.76 -41.32
O4 NAG U . -13.60 -6.93 -41.90
O5 NAG U . -12.77 -7.06 -38.35
O6 NAG U . -12.89 -4.32 -38.60
O7 NAG U . -13.93 -11.87 -39.43
C1 BMA U . -14.91 -7.08 -42.49
C2 BMA U . -15.13 -5.84 -43.36
C3 BMA U . -16.35 -6.00 -44.23
C4 BMA U . -16.33 -7.34 -44.98
C5 BMA U . -16.19 -8.47 -43.95
C6 BMA U . -16.15 -9.86 -44.59
O2 BMA U . -14.02 -5.66 -44.23
O3 BMA U . -16.44 -4.91 -45.17
O4 BMA U . -17.53 -7.50 -45.72
O5 BMA U . -14.96 -8.28 -43.25
O6 BMA U . -16.29 -10.84 -43.56
C1 MAN U . -17.79 -4.52 -45.50
C2 MAN U . -17.68 -3.37 -46.51
C3 MAN U . -17.09 -2.13 -45.84
C4 MAN U . -17.84 -1.78 -44.53
C5 MAN U . -17.92 -3.03 -43.63
C6 MAN U . -18.78 -2.81 -42.40
O2 MAN U . -18.96 -2.96 -46.99
O3 MAN U . -17.10 -1.01 -46.71
O4 MAN U . -17.13 -0.76 -43.86
O5 MAN U . -18.52 -4.10 -44.36
O6 MAN U . -18.21 -1.77 -41.62
C1 MAN U . -17.59 -11.47 -43.71
C2 MAN U . -17.87 -12.22 -42.39
C3 MAN U . -16.99 -13.46 -42.30
C4 MAN U . -17.10 -14.31 -43.56
C5 MAN U . -16.73 -13.47 -44.78
C6 MAN U . -16.88 -14.22 -46.08
O2 MAN U . -19.21 -12.71 -42.35
O3 MAN U . -17.29 -14.24 -41.15
O4 MAN U . -16.23 -15.43 -43.48
O5 MAN U . -17.61 -12.33 -44.84
O6 MAN U . -16.17 -15.46 -45.97
C1 NAG V . -25.43 1.80 33.64
C2 NAG V . -25.70 1.45 35.10
C3 NAG V . -27.17 1.63 35.42
C4 NAG V . -27.62 3.04 35.05
C5 NAG V . -27.25 3.34 33.60
C6 NAG V . -27.56 4.77 33.22
C7 NAG V . -24.08 -0.21 35.92
C8 NAG V . -23.81 -1.66 36.15
N2 NAG V . -25.27 0.08 35.39
O3 NAG V . -27.39 1.39 36.81
O4 NAG V . -29.03 3.16 35.21
O5 NAG V . -25.85 3.14 33.40
O6 NAG V . -27.17 5.04 31.87
O7 NAG V . -23.26 0.65 36.20
C1 NAG V . -29.28 3.94 36.39
C2 NAG V . -30.62 4.68 36.20
C3 NAG V . -30.98 5.45 37.47
C4 NAG V . -30.94 4.53 38.68
C5 NAG V . -29.58 3.84 38.76
C6 NAG V . -29.47 2.86 39.89
C7 NAG V . -31.61 5.94 34.34
C8 NAG V . -31.35 6.88 33.21
N2 NAG V . -30.54 5.58 35.06
O3 NAG V . -32.28 6.00 37.33
O4 NAG V . -31.15 5.29 39.87
O5 NAG V . -29.36 3.11 37.54
O6 NAG V . -29.60 3.51 41.15
O7 NAG V . -32.73 5.54 34.61
C1 NAG W . -16.94 -14.21 9.81
C2 NAG W . -16.51 -13.99 8.37
C3 NAG W . -16.46 -15.33 7.63
C4 NAG W . -15.64 -16.35 8.39
C5 NAG W . -16.15 -16.46 9.82
C6 NAG W . -15.33 -17.39 10.68
C7 NAG W . -16.97 -12.08 6.91
C8 NAG W . -18.04 -11.23 6.29
N2 NAG W . -17.40 -13.07 7.70
O3 NAG W . -15.90 -15.11 6.34
O4 NAG W . -15.75 -17.63 7.77
O5 NAG W . -16.09 -15.16 10.44
O6 NAG W . -15.89 -17.53 11.97
O7 NAG W . -15.79 -11.87 6.69
C1 NAG W . -14.46 -18.01 7.28
C2 NAG W . -14.44 -19.53 7.13
C3 NAG W . -13.10 -19.98 6.57
C4 NAG W . -12.82 -19.26 5.25
C5 NAG W . -12.91 -17.76 5.46
C6 NAG W . -12.74 -16.97 4.18
C7 NAG W . -15.51 -21.23 8.53
C8 NAG W . -15.68 -21.76 9.93
N2 NAG W . -14.71 -20.17 8.40
O3 NAG W . -13.13 -21.39 6.36
O4 NAG W . -11.52 -19.57 4.74
O5 NAG W . -14.19 -17.41 6.01
O6 NAG W . -13.56 -17.49 3.15
O7 NAG W . -16.08 -21.74 7.57
C1 BMA W . -11.31 -20.86 4.10
C2 BMA W . -12.24 -21.05 2.86
C3 BMA W . -11.78 -22.21 2.00
C4 BMA W . -10.31 -22.11 1.69
C5 BMA W . -9.53 -22.10 3.00
C6 BMA W . -8.02 -22.04 2.78
O2 BMA W . -12.20 -19.90 2.02
O3 BMA W . -12.52 -22.31 0.80
O4 BMA W . -9.88 -23.20 0.89
O5 BMA W . -9.92 -20.94 3.76
O6 BMA W . -7.80 -21.81 1.38
C1 MAN W . -6.42 -21.48 1.12
C2 MAN W . -6.27 -19.94 1.20
C3 MAN W . -7.08 -19.31 0.08
C4 MAN W . -6.68 -19.89 -1.29
C5 MAN W . -6.83 -21.42 -1.26
C6 MAN W . -6.35 -22.07 -2.54
O2 MAN W . -4.92 -19.55 0.98
O3 MAN W . -6.94 -17.89 0.07
O4 MAN W . -7.52 -19.36 -2.30
O5 MAN W . -6.06 -21.96 -0.16
O6 MAN W . -7.07 -21.51 -3.63
C1 NAG X . -45.47 0.05 28.75
C2 NAG X . -45.08 -1.38 29.11
C3 NAG X . -44.61 -1.42 30.56
C4 NAG X . -43.55 -0.36 30.83
C5 NAG X . -43.95 1.00 30.24
C6 NAG X . -42.80 2.00 30.25
C7 NAG X . -46.30 -3.08 27.83
C8 NAG X . -47.51 -3.96 27.77
N2 NAG X . -46.19 -2.29 28.90
O3 NAG X . -44.10 -2.72 30.82
O4 NAG X . -43.41 -0.16 32.24
O5 NAG X . -44.36 0.88 28.88
O6 NAG X . -43.20 3.25 29.72
O7 NAG X . -45.45 -3.09 26.93
C1 NAG X . -42.84 -1.25 33.00
C2 NAG X . -43.96 -1.87 33.86
C3 NAG X . -43.42 -3.03 34.69
C4 NAG X . -42.71 -4.04 33.80
C5 NAG X . -41.64 -3.34 32.95
C6 NAG X . -40.99 -4.27 31.96
C7 NAG X . -45.78 -1.01 35.28
C8 NAG X . -46.25 0.12 36.14
N2 NAG X . -44.57 -0.86 34.73
O3 NAG X . -44.48 -3.66 35.38
O4 NAG X . -42.08 -5.04 34.59
O5 NAG X . -42.25 -2.28 32.19
O6 NAG X . -40.51 -5.44 32.59
O7 NAG X . -46.46 -2.02 35.10
C1 NAG Y . -54.53 9.62 10.40
C2 NAG Y . -54.14 9.30 8.94
C3 NAG Y . -55.00 10.09 7.97
C4 NAG Y . -56.48 9.82 8.25
C5 NAG Y . -56.77 10.27 9.66
C6 NAG Y . -58.22 10.08 10.06
C7 NAG Y . -51.78 8.66 8.70
C8 NAG Y . -50.38 9.16 8.43
N2 NAG Y . -52.73 9.60 8.71
O3 NAG Y . -54.68 9.70 6.63
O4 NAG Y . -57.29 10.55 7.33
O5 NAG Y . -55.97 9.49 10.57
O6 NAG Y . -59.05 11.07 9.46
O7 NAG Y . -52.02 7.48 8.88
C1 NAG Y . -58.18 9.92 6.31
C2 NAG Y . -58.02 8.39 6.09
C3 NAG Y . -59.03 7.91 5.07
C4 NAG Y . -60.45 8.32 5.48
C5 NAG Y . -60.53 9.82 5.73
C6 NAG Y . -61.88 10.26 6.26
C7 NAG Y . -56.07 6.91 6.05
C8 NAG Y . -54.68 6.71 5.54
N2 NAG Y . -56.67 8.05 5.69
O3 NAG Y . -58.96 6.49 4.95
O4 NAG Y . -61.37 7.96 4.45
O5 NAG Y . -59.56 10.21 6.71
O6 NAG Y . -62.92 9.92 5.35
O7 NAG Y . -56.63 6.08 6.76
C1 NAG Z . 6.92 -0.20 -40.11
C2 NAG Z . 7.43 -1.59 -40.48
C3 NAG Z . 7.45 -1.76 -42.00
C4 NAG Z . 6.09 -1.41 -42.61
C5 NAG Z . 5.66 -0.02 -42.14
C6 NAG Z . 4.28 0.35 -42.59
C7 NAG Z . 8.98 -2.38 -38.75
C8 NAG Z . 10.42 -2.54 -38.36
N2 NAG Z . 8.76 -1.81 -39.94
O3 NAG Z . 7.79 -3.10 -42.32
O4 NAG Z . 6.23 -1.41 -44.02
O5 NAG Z . 5.64 0.02 -40.70
O6 NAG Z . 3.33 -0.67 -42.32
O7 NAG Z . 8.06 -2.73 -38.01
C1 NAG Z . 5.30 -2.19 -44.84
C2 NAG Z . 5.32 -3.70 -44.50
C3 NAG Z . 4.36 -4.45 -45.41
C4 NAG Z . 2.97 -3.82 -45.35
C5 NAG Z . 3.04 -2.33 -45.64
C6 NAG Z . 1.71 -1.63 -45.49
C7 NAG Z . 7.03 -5.40 -44.06
C8 NAG Z . 8.45 -5.81 -44.27
N2 NAG Z . 6.67 -4.23 -44.61
O3 NAG Z . 4.28 -5.82 -45.02
O4 NAG Z . 2.12 -4.44 -46.30
O5 NAG Z . 3.95 -1.69 -44.72
O6 NAG Z . 1.29 -1.59 -44.14
O7 NAG Z . 6.24 -6.09 -43.43
C1 NAG AA . 43.86 -14.78 17.56
C2 NAG AA . 44.13 -14.77 19.05
C3 NAG AA . 45.08 -15.90 19.42
C4 NAG AA . 44.50 -17.23 18.93
C5 NAG AA . 44.16 -17.15 17.45
C6 NAG AA . 43.45 -18.38 16.93
C7 NAG AA . 45.76 -12.92 18.94
C8 NAG AA . 46.16 -11.59 19.50
N2 NAG AA . 44.67 -13.48 19.48
O3 NAG AA . 45.24 -15.93 20.84
O4 NAG AA . 45.46 -18.27 19.12
O5 NAG AA . 43.28 -16.04 17.19
O6 NAG AA . 42.25 -18.62 17.63
O7 NAG AA . 46.40 -13.46 18.05
C1 NAG AA . 44.99 -19.35 19.98
C2 NAG AA . 45.22 -19.05 21.45
C3 NAG AA . 44.90 -20.28 22.28
C4 NAG AA . 43.49 -20.74 21.96
C5 NAG AA . 43.32 -20.98 20.46
C6 NAG AA . 41.88 -21.35 20.13
C7 NAG AA . 47.20 -18.56 22.81
C8 NAG AA . 48.45 -19.38 22.94
N2 NAG AA . 46.60 -18.60 21.63
O3 NAG AA . 44.98 -20.00 23.68
O4 NAG AA . 43.21 -21.96 22.66
O5 NAG AA . 43.67 -19.80 19.73
O6 NAG AA . 41.78 -21.64 18.73
O7 NAG AA . 46.76 -17.89 23.75
C1 NAG BA . 37.84 -1.63 -9.42
C2 NAG BA . 39.19 -1.27 -9.96
C3 NAG BA . 39.03 -0.20 -11.03
C4 NAG BA . 37.99 -0.62 -12.08
C5 NAG BA . 36.75 -1.25 -11.44
C6 NAG BA . 35.89 -1.98 -12.45
C7 NAG BA . 39.82 0.19 -8.08
C8 NAG BA . 40.86 0.51 -7.06
N2 NAG BA . 40.09 -0.82 -8.91
O3 NAG BA . 40.30 0.01 -11.64
O4 NAG BA . 37.52 0.52 -12.80
O5 NAG BA . 37.08 -2.20 -10.42
O6 NAG BA . 34.92 -2.80 -11.80
O7 NAG BA . 38.77 0.83 -8.16
C1 NAG BA . 38.49 1.39 -13.44
C2 NAG BA . 37.78 2.21 -14.53
C3 NAG BA . 38.74 3.23 -15.13
C4 NAG BA . 39.36 4.09 -14.05
C5 NAG BA . 40.04 3.20 -13.02
C6 NAG BA . 40.62 3.97 -11.85
C7 NAG BA . 36.31 1.77 -16.43
C8 NAG BA . 35.87 0.78 -17.47
N2 NAG BA . 37.24 1.35 -15.57
O3 NAG BA . 38.05 4.05 -16.07
O4 NAG BA . 40.31 4.99 -14.61
O5 NAG BA . 39.08 2.28 -12.47
O6 NAG BA . 41.73 4.75 -12.25
O7 NAG BA . 35.85 2.91 -16.39
C1 BMA BA . 39.71 6.23 -15.09
C2 BMA BA . 40.61 6.72 -16.25
C3 BMA BA . 40.00 7.98 -16.86
C4 BMA BA . 38.54 7.77 -17.23
C5 BMA BA . 37.76 7.30 -16.01
C6 BMA BA . 36.31 7.03 -16.31
O2 BMA BA . 40.65 5.76 -17.30
O3 BMA BA . 40.74 8.43 -17.99
O4 BMA BA . 37.98 8.97 -17.72
O5 BMA BA . 38.36 6.08 -15.53
O6 BMA BA . 35.85 8.04 -17.19
C1 NAG CA . 51.21 -15.01 2.00
C2 NAG CA . 52.51 -14.22 2.11
C3 NAG CA . 53.67 -15.04 1.56
C4 NAG CA . 53.74 -16.40 2.26
C5 NAG CA . 52.39 -17.10 2.21
C6 NAG CA . 52.36 -18.36 3.05
C7 NAG CA . 52.05 -11.81 2.01
C8 NAG CA . 52.00 -10.60 1.14
N2 NAG CA . 52.41 -12.95 1.41
O3 NAG CA . 54.89 -14.33 1.76
O4 NAG CA . 54.71 -17.21 1.61
O5 NAG CA . 51.35 -16.24 2.72
O6 NAG CA . 51.07 -18.94 3.07
O7 NAG CA . 51.78 -11.77 3.21
C1 NAG CA . 55.60 -17.83 2.55
C2 NAG CA . 56.37 -18.92 1.81
C3 NAG CA . 57.33 -19.61 2.76
C4 NAG CA . 58.25 -18.59 3.41
C5 NAG CA . 57.43 -17.50 4.09
C6 NAG CA . 58.27 -16.38 4.64
C7 NAG CA . 55.16 -19.88 -0.11
C8 NAG CA . 54.22 -20.95 -0.56
N2 NAG CA . 55.47 -19.88 1.19
O3 NAG CA . 58.11 -20.58 2.04
O4 NAG CA . 59.08 -19.23 4.38
O5 NAG CA . 56.53 -16.90 3.14
O6 NAG CA . 57.60 -15.69 5.69
O7 NAG CA . 55.63 -19.05 -0.90
C1 NAG DA . 9.94 -15.29 -20.76
C2 NAG DA . 9.63 -16.68 -20.18
C3 NAG DA . 10.92 -17.42 -19.88
C4 NAG DA . 11.84 -17.43 -21.10
C5 NAG DA . 12.02 -16.02 -21.64
C6 NAG DA . 12.80 -15.97 -22.92
C7 NAG DA . 7.74 -15.78 -18.89
C8 NAG DA . 7.02 -15.78 -17.57
N2 NAG DA . 8.81 -16.57 -18.98
O3 NAG DA . 10.61 -18.76 -19.50
O4 NAG DA . 13.11 -17.94 -20.73
O5 NAG DA . 10.74 -15.44 -21.91
O6 NAG DA . 11.96 -16.02 -24.06
O7 NAG DA . 7.37 -15.07 -19.83
C1 NAG DA . 13.25 -19.31 -21.17
C2 NAG DA . 14.66 -19.51 -21.73
C3 NAG DA . 14.84 -20.95 -22.18
C4 NAG DA . 14.53 -21.88 -21.02
C5 NAG DA . 13.13 -21.60 -20.48
C6 NAG DA . 12.82 -22.46 -19.26
C7 NAG DA . 14.28 -18.74 -24.02
C8 NAG DA . 15.17 -18.76 -25.23
N2 NAG DA . 14.91 -18.62 -22.86
O3 NAG DA . 16.19 -21.15 -22.60
O4 NAG DA . 14.62 -23.24 -21.46
O5 NAG DA . 13.00 -20.22 -20.12
O6 NAG DA . 12.99 -23.85 -19.59
O7 NAG DA . 13.07 -18.83 -24.11
C1 NAG EA . -4.83 36.13 45.59
C2 NAG EA . -3.58 36.82 46.13
C3 NAG EA . -3.79 38.33 46.22
C4 NAG EA . -4.27 38.88 44.88
C5 NAG EA . -5.50 38.10 44.41
C6 NAG EA . -5.96 38.52 43.03
C7 NAG EA . -2.33 35.27 47.56
C8 NAG EA . -2.05 34.83 48.96
N2 NAG EA . -3.18 36.29 47.42
O3 NAG EA . -2.59 38.96 46.60
O4 NAG EA . -4.60 40.25 45.00
O5 NAG EA . -5.19 36.70 44.33
O6 NAG EA . -6.26 39.91 42.99
O7 NAG EA . -1.82 34.70 46.59
C1 NAG FA . -12.94 28.84 34.82
C2 NAG FA . -13.82 28.51 36.02
C3 NAG FA . -15.13 27.89 35.55
C4 NAG FA . -15.82 28.81 34.56
C5 NAG FA . -14.88 29.14 33.40
C6 NAG FA . -15.47 30.13 32.43
C7 NAG FA . -13.00 27.86 38.24
C8 NAG FA . -12.26 26.84 39.04
N2 NAG FA . -13.14 27.62 36.94
O3 NAG FA . -15.97 27.65 36.68
O4 NAG FA . -17.00 28.19 34.05
O5 NAG FA . -13.66 29.71 33.91
O6 NAG FA . -16.78 29.77 32.04
O7 NAG FA . -13.48 28.88 38.77
C1 NAG GA . 44.94 30.61 31.67
C2 NAG GA . 46.16 30.81 32.58
C3 NAG GA . 47.45 30.56 31.80
C4 NAG GA . 47.41 29.20 31.12
C5 NAG GA . 46.16 29.09 30.25
C6 NAG GA . 46.00 27.74 29.61
C7 NAG GA . 45.74 32.41 34.41
C8 NAG GA . 45.81 33.84 34.83
N2 NAG GA . 46.16 32.14 33.17
O3 NAG GA . 48.56 30.63 32.69
O4 NAG GA . 48.57 29.02 30.32
O5 NAG GA . 45.00 29.32 31.06
O6 NAG GA . 45.01 27.76 28.59
O7 NAG GA . 45.30 31.53 35.15
C1 NAG HA . 17.02 -10.95 49.22
C2 NAG HA . 16.75 -10.73 50.71
C3 NAG HA . 15.76 -11.76 51.22
C4 NAG HA . 14.50 -11.77 50.37
C5 NAG HA . 14.86 -11.95 48.90
C6 NAG HA . 13.67 -11.85 47.98
C7 NAG HA . 18.70 -9.68 51.77
C8 NAG HA . 19.94 -9.91 52.57
N2 NAG HA . 17.98 -10.76 51.48
O3 NAG HA . 15.43 -11.46 52.58
O4 NAG HA . 13.64 -12.82 50.78
O5 NAG HA . 15.78 -10.93 48.50
O6 NAG HA . 12.84 -13.00 48.06
O7 NAG HA . 18.37 -8.56 51.40
C1 NAG IA . 37.59 -10.97 50.07
C2 NAG IA . 38.69 -10.40 50.99
C3 NAG IA . 40.01 -11.10 50.70
C4 NAG IA . 39.86 -12.61 50.84
C5 NAG IA . 38.71 -13.10 49.97
C6 NAG IA . 38.40 -14.57 50.17
C7 NAG IA . 38.26 -8.08 51.65
C8 NAG IA . 38.50 -6.63 51.33
N2 NAG IA . 38.81 -8.96 50.82
O3 NAG IA . 41.00 -10.62 51.60
O4 NAG IA . 41.06 -13.26 50.46
O5 NAG IA . 37.50 -12.38 50.27
O6 NAG IA . 39.58 -15.36 50.14
O7 NAG IA . 37.59 -8.42 52.62
C1 NAG JA . -4.21 33.85 -42.19
C2 NAG JA . -3.67 32.94 -43.29
C3 NAG JA . -2.36 33.47 -43.81
C4 NAG JA . -2.56 34.91 -44.28
C5 NAG JA . -3.13 35.76 -43.16
C6 NAG JA . -3.41 37.18 -43.62
C7 NAG JA . -4.48 30.69 -42.77
C8 NAG JA . -4.16 29.40 -42.09
N2 NAG JA . -3.48 31.59 -42.78
O3 NAG JA . -1.90 32.68 -44.89
O4 NAG JA . -1.29 35.45 -44.71
O5 NAG JA . -4.35 35.19 -42.68
O6 NAG JA . -2.20 37.77 -44.13
O7 NAG JA . -5.56 30.93 -43.27
C1 NAG KA . -3.82 60.03 -14.28
C2 NAG KA . -5.18 60.07 -14.97
C3 NAG KA . -5.70 61.50 -14.99
C4 NAG KA . -5.73 62.02 -13.56
C5 NAG KA . -4.35 61.91 -12.92
C6 NAG KA . -4.37 62.38 -11.48
C7 NAG KA . -5.15 58.25 -16.57
C8 NAG KA . -4.11 57.71 -17.50
N2 NAG KA . -5.07 59.56 -16.32
O3 NAG KA . -7.01 61.53 -15.56
O4 NAG KA . -6.15 63.39 -13.58
O5 NAG KA . -3.90 60.56 -12.96
O6 NAG KA . -4.86 63.72 -11.40
O7 NAG KA . -6.01 57.55 -16.06
C1 NAG LA . 12.10 55.79 -27.95
C2 NAG LA . 13.18 54.93 -28.62
C3 NAG LA . 13.64 55.59 -29.92
C4 NAG LA . 12.45 55.92 -30.81
C5 NAG LA . 11.44 56.76 -30.05
C6 NAG LA . 10.19 57.05 -30.84
C7 NAG LA . 14.47 53.61 -27.00
C8 NAG LA . 15.69 53.58 -26.13
N2 NAG LA . 14.29 54.72 -27.74
O3 NAG LA . 14.53 54.72 -30.60
O4 NAG LA . 12.89 56.65 -31.96
O5 NAG LA . 11.03 56.05 -28.88
O6 NAG LA . 10.49 57.77 -32.03
O7 NAG LA . 13.66 52.69 -27.02
C1 NAG MA . -2.72 50.01 -3.77
C2 NAG MA . -3.29 49.09 -2.70
C3 NAG MA . -4.51 49.72 -2.04
C4 NAG MA . -4.15 51.09 -1.49
C5 NAG MA . -3.55 51.96 -2.59
C6 NAG MA . -3.03 53.28 -2.07
C7 NAG MA . -2.83 46.71 -3.09
C8 NAG MA . -3.32 45.44 -3.72
N2 NAG MA . -3.61 47.78 -3.23
O3 NAG MA . -4.98 48.88 -1.00
O4 NAG MA . -5.31 51.73 -0.97
O5 NAG MA . -2.42 51.30 -3.19
O6 NAG MA . -3.77 53.73 -0.94
O7 NAG MA . -1.77 46.75 -2.48
C1 NAG NA . -7.21 20.16 -42.89
C2 NAG NA . -6.50 19.44 -44.04
C3 NAG NA . -6.99 19.99 -45.37
C4 NAG NA . -8.51 19.93 -45.46
C5 NAG NA . -9.13 20.62 -44.25
C6 NAG NA . -10.63 20.49 -44.21
C7 NAG NA . -4.25 18.60 -43.51
C8 NAG NA . -2.78 18.92 -43.48
N2 NAG NA . -5.05 19.57 -43.94
O3 NAG NA . -6.41 19.24 -46.44
O4 NAG NA . -8.96 20.55 -46.65
O5 NAG NA . -8.62 20.03 -43.04
O6 NAG NA . -11.21 20.69 -45.49
O7 NAG NA . -4.68 17.51 -43.17
C1 NAG OA . 23.07 67.09 -5.05
C2 NAG OA . 24.20 67.33 -4.05
C3 NAG OA . 23.71 67.07 -2.63
C4 NAG OA . 22.50 67.95 -2.37
C5 NAG OA . 21.42 67.70 -3.42
C6 NAG OA . 20.22 68.61 -3.21
C7 NAG OA . 26.25 66.80 -5.23
C8 NAG OA . 27.14 65.67 -5.70
N2 NAG OA . 25.33 66.46 -4.34
O3 NAG OA . 24.75 67.38 -1.70
O4 NAG OA . 21.99 67.67 -1.06
O5 NAG OA . 21.95 67.92 -4.72
O6 NAG OA . 19.70 68.44 -1.89
O7 NAG OA . 26.37 67.93 -5.64
C1 NAG PA . -19.42 36.36 -22.50
C2 NAG PA . -20.19 37.42 -21.73
C3 NAG PA . -21.09 36.75 -20.71
C4 NAG PA . -22.01 35.78 -21.42
C5 NAG PA . -21.18 34.77 -22.21
C6 NAG PA . -22.07 33.81 -22.99
C7 NAG PA . -18.90 39.47 -21.62
C8 NAG PA . -18.18 40.43 -20.72
N2 NAG PA . -19.28 38.33 -21.06
O3 NAG PA . -21.86 37.74 -20.03
O4 NAG PA . -22.82 35.10 -20.46
O5 NAG PA . -20.33 35.45 -23.13
O6 NAG PA . -22.96 33.13 -22.09
O7 NAG PA . -19.10 39.71 -22.80
C1 NAG QA . -33.63 -23.08 12.85
C2 NAG QA . -33.64 -24.44 12.11
C3 NAG QA . -34.36 -25.49 12.95
C4 NAG QA . -33.78 -25.56 14.35
C5 NAG QA . -33.81 -24.18 15.00
C6 NAG QA . -33.17 -24.15 16.37
C7 NAG QA . -34.05 -25.18 9.82
C8 NAG QA . -34.79 -24.90 8.55
N2 NAG QA . -34.27 -24.31 10.81
O3 NAG QA . -34.24 -26.76 12.32
O4 NAG QA . -34.53 -26.46 15.15
O5 NAG QA . -33.08 -23.26 14.18
O6 NAG QA . -33.58 -25.28 17.14
O7 NAG QA . -33.31 -26.14 9.95
C1 NAG RA . -36.08 -7.04 -4.26
C2 NAG RA . -35.63 -6.05 -5.35
C3 NAG RA . -36.81 -5.20 -5.83
C4 NAG RA . -37.98 -6.09 -6.24
C5 NAG RA . -38.34 -7.03 -5.09
C6 NAG RA . -39.43 -8.00 -5.46
C7 NAG RA . -33.27 -5.37 -5.18
C8 NAG RA . -32.32 -4.38 -4.59
N2 NAG RA . -34.56 -5.19 -4.86
O3 NAG RA . -36.40 -4.41 -6.93
O4 NAG RA . -39.10 -5.28 -6.55
O5 NAG RA . -37.19 -7.81 -4.75
O6 NAG RA . -40.57 -7.32 -6.00
O7 NAG RA . -32.89 -6.28 -5.92
C1 NAG SA . -20.57 -17.58 15.23
C2 NAG SA . -19.17 -17.47 15.82
C3 NAG SA . -18.69 -18.85 16.24
C4 NAG SA . -19.67 -19.49 17.21
C5 NAG SA . -21.06 -19.52 16.58
C6 NAG SA . -22.12 -20.02 17.55
C7 NAG SA . -18.00 -15.54 14.89
C8 NAG SA . -17.02 -15.06 13.86
N2 NAG SA . -18.25 -16.85 14.89
O3 NAG SA . -17.41 -18.72 16.87
O4 NAG SA . -19.26 -20.81 17.52
O5 NAG SA . -21.47 -18.20 16.19
O6 NAG SA . -21.61 -21.08 18.35
O7 NAG SA . -18.56 -14.77 15.66
C1 NAG TA . -43.27 -14.17 12.73
C2 NAG TA . -44.33 -15.11 12.13
C3 NAG TA . -45.60 -14.33 11.79
C4 NAG TA . -46.08 -13.53 12.99
C5 NAG TA . -44.96 -12.67 13.56
C6 NAG TA . -45.37 -11.94 14.82
C7 NAG TA . -43.10 -16.92 11.02
C8 NAG TA . -42.66 -17.49 9.70
N2 NAG TA . -43.83 -15.79 10.96
O3 NAG TA . -46.61 -15.24 11.37
O4 NAG TA . -47.16 -12.69 12.61
O5 NAG TA . -43.82 -13.49 13.88
O6 NAG TA . -46.74 -11.59 14.80
O7 NAG TA . -42.81 -17.45 12.08
C1 NAG UA . -13.61 2.90 46.86
C2 NAG UA . -12.21 2.77 47.44
C3 NAG UA . -12.21 1.80 48.61
C4 NAG UA . -13.26 2.20 49.64
C5 NAG UA . -14.62 2.35 48.96
C6 NAG UA . -15.69 2.87 49.90
C7 NAG UA . -9.97 2.68 46.44
C8 NAG UA . -9.14 2.16 45.31
N2 NAG UA . -11.27 2.35 46.42
O3 NAG UA . -10.92 1.79 49.22
O4 NAG UA . -13.36 1.21 50.66
O5 NAG UA . -14.53 3.30 47.88
O6 NAG UA . -15.72 2.13 51.11
O7 NAG UA . -9.49 3.36 47.34
C1 NAG VA . -18.18 -7.57 -33.21
C2 NAG VA . -17.30 -7.15 -34.44
C3 NAG VA . -18.17 -6.85 -35.67
C4 NAG VA . -19.16 -7.97 -35.95
C5 NAG VA . -20.03 -8.21 -34.73
C6 NAG VA . -20.96 -9.37 -34.91
C7 NAG VA . -16.97 -4.83 -33.70
C8 NAG VA . -15.97 -3.72 -33.43
N2 NAG VA . -16.46 -6.00 -34.13
O3 NAG VA . -17.35 -6.61 -36.80
O4 NAG VA . -19.97 -7.67 -37.09
O5 NAG VA . -19.19 -8.55 -33.63
O6 NAG VA . -21.86 -9.21 -36.00
O7 NAG VA . -18.17 -4.66 -33.52
C1 NAG WA . -21.00 6.62 -17.40
C2 NAG WA . -21.55 7.68 -16.46
C3 NAG WA . -22.83 7.19 -15.81
C4 NAG WA . -23.83 6.78 -16.88
C5 NAG WA . -23.20 5.76 -17.84
C6 NAG WA . -24.10 5.45 -19.01
C7 NAG WA . -19.70 9.06 -15.60
C8 NAG WA . -18.77 9.30 -14.45
N2 NAG WA . -20.58 8.05 -15.45
O3 NAG WA . -23.37 8.23 -15.00
O4 NAG WA . -24.99 6.20 -16.28
O5 NAG WA . -21.98 6.28 -18.38
O6 NAG WA . -25.45 5.26 -18.61
O7 NAG WA . -19.67 9.74 -16.63
C1 NAG XA . -17.21 -4.12 36.76
C2 NAG XA . -18.33 -5.02 37.26
C3 NAG XA . -17.75 -6.21 38.00
C4 NAG XA . -16.76 -6.95 37.11
C5 NAG XA . -15.70 -5.98 36.59
C6 NAG XA . -14.76 -6.61 35.60
C7 NAG XA . -20.36 -3.70 37.69
C8 NAG XA . -21.18 -2.98 38.72
N2 NAG XA . -19.24 -4.28 38.13
O3 NAG XA . -18.81 -7.09 38.38
O4 NAG XA . -16.12 -7.98 37.84
O5 NAG XA . -16.33 -4.88 35.92
O6 NAG XA . -14.41 -7.93 35.99
O7 NAG XA . -20.71 -3.75 36.51
C1 NAG YA . -32.89 15.56 18.51
C2 NAG YA . -32.82 15.94 19.99
C3 NAG YA . -33.89 16.98 20.32
C4 NAG YA . -33.79 18.16 19.37
C5 NAG YA . -33.84 17.67 17.92
C6 NAG YA . -33.65 18.78 16.92
C7 NAG YA . -31.97 14.05 21.32
C8 NAG YA . -32.33 12.87 22.16
N2 NAG YA . -32.99 14.75 20.83
O3 NAG YA . -33.72 17.41 21.66
O4 NAG YA . -34.87 19.06 19.59
O5 NAG YA . -32.78 16.74 17.70
O6 NAG YA . -34.76 19.68 16.92
O7 NAG YA . -30.80 14.36 21.10
C1 NAG ZA . -17.53 -17.49 -26.23
C2 NAG ZA . -16.96 -18.76 -25.61
C3 NAG ZA . -15.91 -19.39 -26.54
C4 NAG ZA . -16.53 -19.64 -27.91
C5 NAG ZA . -17.09 -18.33 -28.47
C6 NAG ZA . -17.79 -18.53 -29.79
C7 NAG ZA . -17.01 -18.71 -23.15
C8 NAG ZA . -16.24 -18.37 -21.90
N2 NAG ZA . -16.36 -18.48 -24.31
O3 NAG ZA . -15.46 -20.61 -25.98
O4 NAG ZA . -15.54 -20.14 -28.80
O5 NAG ZA . -18.05 -17.78 -27.55
O6 NAG ZA . -17.21 -19.58 -30.53
O7 NAG ZA . -18.14 -19.17 -23.11
C1 NAG AB . -31.28 -11.90 25.20
C2 NAG AB . -31.27 -13.25 25.91
C3 NAG AB . -32.70 -13.77 26.05
C4 NAG AB . -33.58 -12.74 26.74
C5 NAG AB . -33.49 -11.41 26.00
C6 NAG AB . -34.25 -10.29 26.69
C7 NAG AB . -29.18 -14.46 25.49
C8 NAG AB . -28.48 -15.48 24.65
N2 NAG AB . -30.46 -14.20 25.18
O3 NAG AB . -32.68 -14.97 26.81
O4 NAG AB . -34.93 -13.17 26.76
O5 NAG AB . -32.12 -10.98 25.92
O6 NAG AB . -35.64 -10.61 26.79
O7 NAG AB . -28.61 -13.90 26.43
C1 NAG BB . -30.14 -14.04 -24.76
C2 NAG BB . -30.82 -14.42 -26.08
C3 NAG BB . -32.08 -13.59 -26.28
C4 NAG BB . -33.00 -13.72 -25.08
C5 NAG BB . -32.25 -13.35 -23.80
C6 NAG BB . -33.08 -13.54 -22.56
C7 NAG BB . -29.13 -15.27 -27.64
C8 NAG BB . -28.26 -14.94 -28.81
N2 NAG BB . -29.91 -14.27 -27.19
O3 NAG BB . -32.75 -14.03 -27.45
O4 NAG BB . -34.12 -12.87 -25.23
O5 NAG BB . -31.08 -14.17 -23.67
O6 NAG BB . -34.42 -13.11 -22.76
O7 NAG BB . -29.14 -16.38 -27.13
C1 NAG CB . -44.78 -7.76 1.96
C2 NAG CB . -44.60 -7.45 0.48
C3 NAG CB . -45.95 -7.18 -0.17
C4 NAG CB . -46.90 -8.34 0.09
C5 NAG CB . -46.99 -8.62 1.59
C6 NAG CB . -47.83 -9.84 1.91
C7 NAG CB . -42.57 -6.39 -0.41
C8 NAG CB . -41.77 -5.12 -0.50
N2 NAG CB . -43.70 -6.33 0.29
O3 NAG CB . -45.77 -7.00 -1.57
O4 NAG CB . -48.20 -8.03 -0.41
O5 NAG CB . -45.69 -8.86 2.12
O6 NAG CB . -47.75 -10.17 3.29
O7 NAG CB . -42.19 -7.42 -0.96
C1 NAG DB . 45.18 -4.64 31.70
C2 NAG DB . 45.14 -3.25 32.30
C3 NAG DB . 46.53 -2.82 32.74
C4 NAG DB . 47.12 -3.86 33.70
C5 NAG DB . 47.07 -5.24 33.06
C6 NAG DB . 47.51 -6.33 34.00
C7 NAG DB . 43.94 -1.18 31.73
C8 NAG DB . 43.44 -0.30 30.63
N2 NAG DB . 44.59 -2.28 31.36
O3 NAG DB . 46.46 -1.55 33.39
O4 NAG DB . 48.48 -3.53 33.99
O5 NAG DB . 45.73 -5.55 32.66
O6 NAG DB . 48.85 -6.14 34.44
O7 NAG DB . 43.75 -0.90 32.91
C1 NAG EB . 12.15 -7.04 -42.70
C2 NAG EB . 11.28 -8.28 -42.88
C3 NAG EB . 11.52 -8.89 -44.25
C4 NAG EB . 11.33 -7.84 -45.34
C5 NAG EB . 12.18 -6.62 -45.05
C6 NAG EB . 11.94 -5.48 -46.02
C7 NAG EB . 10.76 -9.36 -40.74
C8 NAG EB . 11.17 -10.41 -39.75
N2 NAG EB . 11.52 -9.26 -41.83
O3 NAG EB . 10.61 -9.97 -44.45
O4 NAG EB . 11.71 -8.39 -46.60
O5 NAG EB . 11.89 -6.11 -43.74
O6 NAG EB . 11.78 -5.97 -47.36
O7 NAG EB . 9.79 -8.64 -40.55
C1 NAG FB . 24.39 -15.16 -39.87
C2 NAG FB . 23.74 -15.74 -41.12
C3 NAG FB . 23.52 -17.25 -40.96
C4 NAG FB . 24.84 -17.92 -40.61
C5 NAG FB . 25.47 -17.26 -39.39
C6 NAG FB . 26.86 -17.80 -39.10
C7 NAG FB . 22.37 -14.03 -42.24
C8 NAG FB . 20.99 -13.47 -42.41
N2 NAG FB . 22.47 -15.07 -41.41
O3 NAG FB . 23.00 -17.78 -42.17
O4 NAG FB . 24.61 -19.30 -40.31
O5 NAG FB . 25.63 -15.85 -39.62
O6 NAG FB . 26.87 -19.22 -39.06
O7 NAG FB . 23.34 -13.56 -42.82
C1 NAG GB . 21.09 -2.27 -40.70
C2 NAG GB . 21.90 -0.97 -40.58
C3 NAG GB . 21.35 0.11 -41.51
C4 NAG GB . 21.22 -0.40 -42.93
C5 NAG GB . 20.39 -1.67 -42.94
C6 NAG GB . 20.28 -2.29 -44.31
C7 NAG GB . 22.85 -0.83 -38.32
C8 NAG GB . 22.69 -0.24 -36.96
N2 NAG GB . 21.92 -0.50 -39.21
O3 NAG GB . 22.20 1.24 -41.48
O4 NAG GB . 20.60 0.57 -43.76
O5 NAG GB . 20.99 -2.65 -42.09
O6 NAG GB . 19.74 -1.37 -45.25
O7 NAG GB . 23.78 -1.59 -38.60
C1 NAG HB . 46.86 -5.61 18.91
C2 NAG HB . 48.18 -6.08 18.28
C3 NAG HB . 49.22 -4.98 18.39
C4 NAG HB . 48.70 -3.68 17.80
C5 NAG HB . 47.35 -3.32 18.42
C6 NAG HB . 46.72 -2.10 17.78
C7 NAG HB . 48.45 -8.52 18.38
C8 NAG HB . 49.02 -9.66 19.16
N2 NAG HB . 48.65 -7.31 18.91
O3 NAG HB . 50.40 -5.38 17.71
O4 NAG HB . 49.61 -2.62 18.03
O5 NAG HB . 46.42 -4.40 18.27
O6 NAG HB . 47.70 -1.13 17.44
O7 NAG HB . 47.84 -8.69 17.34
C1 NAG IB . 37.11 5.18 -32.33
C2 NAG IB . 38.36 5.82 -31.72
C3 NAG IB . 38.20 7.34 -31.67
C4 NAG IB . 37.85 7.89 -33.04
C5 NAG IB . 36.63 7.16 -33.61
C6 NAG IB . 36.32 7.57 -35.02
C7 NAG IB . 39.44 4.24 -30.18
C8 NAG IB . 39.60 3.82 -28.75
N2 NAG IB . 38.63 5.29 -30.40
O3 NAG IB . 39.41 7.91 -31.19
O4 NAG IB . 37.57 9.28 -32.96
O5 NAG IB . 36.86 5.74 -33.63
O6 NAG IB . 35.95 8.94 -35.10
O7 NAG IB . 40.02 3.67 -31.10
C1 NAG JB . 53.56 -13.04 -14.93
C2 NAG JB . 54.09 -12.65 -16.30
C3 NAG JB . 55.60 -12.89 -16.36
C4 NAG JB . 56.29 -12.16 -15.22
C5 NAG JB . 55.66 -12.54 -13.88
C6 NAG JB . 56.20 -11.75 -12.72
C7 NAG JB . 52.91 -12.85 -18.45
C8 NAG JB . 52.24 -13.78 -19.42
N2 NAG JB . 53.42 -13.41 -17.35
O3 NAG JB . 56.10 -12.42 -17.61
O4 NAG JB . 57.67 -12.50 -15.19
O5 NAG JB . 54.24 -12.30 -13.92
O6 NAG JB . 57.61 -11.92 -12.58
O7 NAG JB . 52.97 -11.63 -18.65
C1 NAG KB . 51.02 -25.44 -12.12
C2 NAG KB . 49.82 -26.21 -12.68
C3 NAG KB . 50.04 -27.70 -12.50
C4 NAG KB . 51.37 -28.12 -13.12
C5 NAG KB . 52.50 -27.27 -12.56
C6 NAG KB . 53.83 -27.53 -13.23
C7 NAG KB . 47.78 -24.84 -12.54
C8 NAG KB . 46.55 -24.54 -11.76
N2 NAG KB . 48.58 -25.79 -12.05
O3 NAG KB . 48.97 -28.42 -13.12
O4 NAG KB . 51.62 -29.49 -12.84
O5 NAG KB . 52.21 -25.87 -12.77
O6 NAG KB . 54.88 -26.87 -12.57
O7 NAG KB . 48.06 -24.24 -13.58
C1 NAG LB . 50.56 -31.55 7.42
C2 NAG LB . 50.42 -32.09 8.85
C3 NAG LB . 50.79 -31.01 9.86
C4 NAG LB . 52.18 -30.47 9.56
C5 NAG LB . 52.28 -30.01 8.11
C6 NAG LB . 53.68 -29.59 7.72
C7 NAG LB . 48.73 -33.87 9.05
C8 NAG LB . 47.29 -34.18 9.32
N2 NAG LB . 49.07 -32.57 9.09
O3 NAG LB . 50.74 -31.56 11.17
O4 NAG LB . 52.48 -29.39 10.42
O5 NAG LB . 51.89 -31.07 7.23
O6 NAG LB . 54.28 -28.77 8.71
O7 NAG LB . 49.55 -34.74 8.79
C1 NAG MB . 40.79 -29.77 -17.84
C2 NAG MB . 39.88 -29.60 -19.05
C3 NAG MB . 39.82 -30.90 -19.84
C4 NAG MB . 41.22 -31.38 -20.19
C5 NAG MB . 42.08 -31.47 -18.94
C6 NAG MB . 43.51 -31.81 -19.24
C7 NAG MB . 38.12 -27.91 -18.74
C8 NAG MB . 36.71 -27.67 -18.28
N2 NAG MB . 38.55 -29.18 -18.65
O3 NAG MB . 39.06 -30.70 -21.02
O4 NAG MB . 41.15 -32.65 -20.82
O5 NAG MB . 42.08 -30.20 -18.26
O6 NAG MB . 44.30 -31.81 -18.05
O7 NAG MB . 38.84 -27.01 -19.17
C1 NAG NB . 46.22 -3.54 -6.67
C2 NAG NB . 45.80 -2.16 -7.15
C3 NAG NB . 47.01 -1.23 -7.23
C4 NAG NB . 47.75 -1.21 -5.90
C5 NAG NB . 48.11 -2.63 -5.48
C6 NAG NB . 48.73 -2.69 -4.11
C7 NAG NB . 43.81 -2.15 -8.60
C8 NAG NB . 43.31 -2.26 -10.00
N2 NAG NB . 45.13 -2.23 -8.44
O3 NAG NB . 46.56 0.08 -7.57
O4 NAG NB . 48.94 -0.44 -6.02
O5 NAG NB . 46.92 -3.43 -5.43
O6 NAG NB . 49.59 -1.58 -3.88
O7 NAG NB . 43.05 -1.98 -7.64
C1 NAG OB . 37.55 -44.57 -5.71
C2 NAG OB . 36.40 -45.43 -6.24
C3 NAG OB . 36.92 -46.81 -6.65
C4 NAG OB . 38.06 -46.67 -7.64
C5 NAG OB . 39.15 -45.76 -7.06
C6 NAG OB . 40.27 -45.48 -8.04
C7 NAG OB . 34.26 -44.77 -5.23
C8 NAG OB . 33.28 -45.05 -4.13
N2 NAG OB . 35.34 -45.56 -5.25
O3 NAG OB . 35.86 -47.57 -7.23
O4 NAG OB . 38.62 -47.95 -7.91
O5 NAG OB . 38.58 -44.49 -6.70
O6 NAG OB . 41.39 -44.89 -7.39
O7 NAG OB . 34.09 -43.86 -6.03
C1 NAG PB . 32.56 -22.43 -21.38
C2 NAG PB . 31.14 -22.80 -20.93
C3 NAG PB . 30.97 -24.31 -20.99
C4 NAG PB . 31.30 -24.80 -22.39
C5 NAG PB . 32.70 -24.36 -22.78
C6 NAG PB . 33.03 -24.78 -24.21
C7 NAG PB . 30.37 -21.13 -19.34
C8 NAG PB . 30.23 -20.77 -17.89
N2 NAG PB . 30.88 -22.33 -19.58
O3 NAG PB . 29.62 -24.65 -20.66
O4 NAG PB . 31.20 -26.22 -22.43
O5 NAG PB . 32.82 -22.94 -22.68
O6 NAG PB . 32.90 -26.20 -24.34
O7 NAG PB . 30.05 -20.36 -20.24
#